data_1BR2
#
_entry.id   1BR2
#
_cell.length_a   134.010
_cell.length_b   107.670
_cell.length_c   188.310
_cell.angle_alpha   90.00
_cell.angle_beta   90.66
_cell.angle_gamma   90.00
#
_symmetry.space_group_name_H-M   'P 1 2 1'
#
loop_
_entity.id
_entity.type
_entity.pdbx_description
1 polymer MYOSIN
2 non-polymer 'MAGNESIUM ION'
3 non-polymer 'TETRAFLUOROALUMINATE ION'
4 non-polymer "ADENOSINE-5'-DIPHOSPHATE"
5 water water
#
_entity_poly.entity_id   1
_entity_poly.type   'polypeptide(L)'
_entity_poly.pdbx_seq_one_letter_code
;AQKPLSDDEKFLFVDKNFVNNPLAQADWSAKKLVWVPSEKHGFEAASIKEEKGDEVTVELQENGKKVTLSKDDIQKMNPP
KFSKVEDMAELTCLNEASVLHNLRERYFSGLIYTYSGLFCVVINPYKQLPIYSEKIIDMYKGKKRHEMPPHIYAIADTAY
RSMLQDREDQSILCTGESGAGKTENTKKVIQYLAVVASSHKGKKDTSITQGPSFSYGELEKQLLQANPILEAFGNAKTVK
NDNSSRFGKFIRINFDVTGYIVGANIETYLLEKSRAIRQAKDERTFHIFYYLIAGASEQMRNDLLLEGFNNYTFLSNGHV
PIPAQQDDEMFQETLEAMTIMGFTEEEQTSILRVVSSVLQLGNIVFKKERNTDQASMPDNTAAQKVCHLMGINVTDFTRS
ILTPRIKVGRDVVQKAQTKEQADFAIEALAKAKFERLFRWILTRVNKALDKTKRQGASFLGILDIAGFEIFEINSFEQLC
INYTNEKLQQLFNHTMFILEQEEYQREGIEWNFIDFGLDLQPCIELIERPTNPPGVLALLDEECWFPKATDTSFVEKLIQ
EQGNHAKFQKSKQLKDKTEFCILHYAGKVTYNASAWLTKNMDPLNDNVTSLLNQSSDKFVADLWKDVDRIVGLDQMAKMT
ESSLPSASKTKKGMFRTVGQLYKEQLTKLMTTLRNTNPNFVRCIIPNHEKRAGKLDAHLVLEQLRCNGVLEGIRICRQGF
PNRIVFQEFRQRYEILAANAIPKGFMDGKQACILMIKALELDPNLYRIGQSKIFFRTGVLAHLEEERDLKI
;
_entity_poly.pdbx_strand_id   A,B,C,D,E,F
#
loop_
_chem_comp.id
_chem_comp.type
_chem_comp.name
_chem_comp.formula
ADP non-polymer ADENOSINE-5'-DIPHOSPHATE 'C10 H15 N5 O10 P2'
ALF non-polymer 'TETRAFLUOROALUMINATE ION' 'Al F4 -1'
MG non-polymer 'MAGNESIUM ION' 'Mg 2'
#
# COMPACT_ATOMS: atom_id res chain seq x y z
N LEU A 33 -3.22 30.93 -18.46
CA LEU A 33 -1.88 31.34 -19.00
C LEU A 33 -1.29 30.33 -19.98
N VAL A 34 -0.74 30.81 -21.08
CA VAL A 34 -0.24 29.90 -22.07
C VAL A 34 0.88 30.47 -22.97
N TRP A 35 1.39 29.65 -23.89
CA TRP A 35 2.43 30.10 -24.79
C TRP A 35 1.86 30.28 -26.17
N VAL A 36 1.92 31.50 -26.70
CA VAL A 36 1.43 31.74 -28.04
C VAL A 36 2.62 32.24 -28.86
N PRO A 37 2.66 31.88 -30.15
CA PRO A 37 3.78 32.32 -30.99
C PRO A 37 3.98 33.83 -30.99
N SER A 38 5.18 34.28 -31.34
CA SER A 38 5.50 35.71 -31.40
C SER A 38 6.68 36.00 -32.34
N GLU A 39 6.75 37.23 -32.84
CA GLU A 39 7.82 37.65 -33.77
C GLU A 39 9.07 38.03 -33.00
N LYS A 40 8.90 38.91 -32.03
CA LYS A 40 10.02 39.38 -31.21
C LYS A 40 10.68 38.21 -30.50
N HIS A 41 9.86 37.35 -29.92
CA HIS A 41 10.35 36.19 -29.21
C HIS A 41 9.60 35.00 -29.77
N GLY A 42 10.28 33.87 -29.92
CA GLY A 42 9.65 32.70 -30.48
C GLY A 42 8.23 32.53 -29.98
N PHE A 43 8.06 32.68 -28.67
CA PHE A 43 6.76 32.55 -28.03
C PHE A 43 6.54 33.60 -26.97
N GLU A 44 5.28 33.83 -26.63
CA GLU A 44 4.89 34.84 -25.66
C GLU A 44 3.85 34.26 -24.73
N ALA A 45 3.84 34.75 -23.49
CA ALA A 45 2.88 34.29 -22.50
C ALA A 45 1.58 35.02 -22.74
N ALA A 46 0.49 34.28 -22.80
CA ALA A 46 -0.82 34.86 -23.04
C ALA A 46 -1.86 34.00 -22.34
N SER A 47 -2.85 34.63 -21.74
CA SER A 47 -3.90 33.90 -21.05
C SER A 47 -5.03 33.64 -22.05
N ILE A 48 -5.58 32.44 -22.00
CA ILE A 48 -6.67 32.06 -22.88
C ILE A 48 -7.87 32.99 -22.61
N GLU A 55 -9.94 27.20 -32.68
CA GLU A 55 -9.25 28.50 -32.49
C GLU A 55 -9.41 29.02 -31.06
N VAL A 56 -8.47 29.85 -30.63
CA VAL A 56 -8.49 30.41 -29.29
C VAL A 56 -8.19 31.90 -29.30
N THR A 57 -8.79 32.63 -28.38
CA THR A 57 -8.57 34.07 -28.29
C THR A 57 -8.00 34.38 -26.94
N VAL A 58 -6.71 34.72 -26.93
CA VAL A 58 -6.00 35.03 -25.72
C VAL A 58 -5.65 36.51 -25.69
N GLU A 59 -4.92 36.92 -24.65
CA GLU A 59 -4.49 38.30 -24.50
C GLU A 59 -3.06 38.31 -24.01
N LEU A 60 -2.14 38.77 -24.87
CA LEU A 60 -0.71 38.82 -24.55
C LEU A 60 -0.46 39.60 -23.27
N GLN A 61 0.42 39.09 -22.42
CA GLN A 61 0.75 39.75 -21.15
C GLN A 61 1.68 40.95 -21.34
N GLU A 62 2.45 40.96 -22.42
CA GLU A 62 3.35 42.07 -22.69
C GLU A 62 2.57 43.20 -23.34
N ASN A 63 2.26 43.03 -24.61
CA ASN A 63 1.51 44.01 -25.38
C ASN A 63 0.16 44.21 -24.71
N GLY A 64 -0.43 43.13 -24.25
CA GLY A 64 -1.73 43.21 -23.62
C GLY A 64 -2.73 42.95 -24.74
N LYS A 65 -2.30 43.27 -25.95
CA LYS A 65 -3.09 43.12 -27.16
C LYS A 65 -3.77 41.76 -27.22
N LYS A 66 -5.10 41.77 -27.19
CA LYS A 66 -5.85 40.52 -27.26
C LYS A 66 -5.72 40.01 -28.69
N VAL A 67 -5.39 38.72 -28.84
CA VAL A 67 -5.25 38.12 -30.15
C VAL A 67 -6.13 36.89 -30.26
N THR A 68 -6.37 36.46 -31.50
CA THR A 68 -7.19 35.28 -31.72
C THR A 68 -6.41 34.33 -32.61
N LEU A 69 -5.83 33.28 -32.04
CA LEU A 69 -5.06 32.33 -32.83
C LEU A 69 -5.57 30.90 -32.74
N SER A 70 -5.18 30.10 -33.73
CA SER A 70 -5.59 28.72 -33.78
C SER A 70 -5.30 28.03 -32.47
N LYS A 71 -5.87 26.85 -32.29
CA LYS A 71 -5.64 26.11 -31.08
C LYS A 71 -4.25 25.54 -31.18
N ASP A 72 -3.97 24.91 -32.33
CA ASP A 72 -2.68 24.28 -32.58
C ASP A 72 -1.48 25.23 -32.44
N ASP A 73 -1.75 26.52 -32.32
CA ASP A 73 -0.67 27.51 -32.17
C ASP A 73 -0.30 27.70 -30.71
N ILE A 74 -1.19 27.30 -29.83
CA ILE A 74 -0.97 27.42 -28.39
C ILE A 74 -0.20 26.23 -27.83
N GLN A 75 0.67 26.53 -26.87
CA GLN A 75 1.50 25.53 -26.22
C GLN A 75 1.41 25.81 -24.73
N LYS A 76 1.24 24.77 -23.94
CA LYS A 76 1.08 24.94 -22.50
C LYS A 76 2.33 25.40 -21.77
N MET A 77 2.12 26.30 -20.82
CA MET A 77 3.18 26.83 -19.99
C MET A 77 3.39 25.80 -18.88
N ASN A 78 4.43 25.99 -18.07
CA ASN A 78 4.71 25.06 -16.98
C ASN A 78 4.63 25.84 -15.67
N PRO A 79 4.42 25.13 -14.56
CA PRO A 79 4.35 25.85 -13.28
C PRO A 79 5.64 26.57 -12.94
N PRO A 80 5.55 27.63 -12.13
CA PRO A 80 6.75 28.39 -11.75
C PRO A 80 7.82 27.51 -11.13
N LYS A 81 7.42 26.34 -10.62
CA LYS A 81 8.35 25.42 -9.98
C LYS A 81 9.43 24.97 -10.93
N PHE A 82 9.18 25.15 -12.21
CA PHE A 82 10.15 24.75 -13.21
C PHE A 82 11.02 25.89 -13.71
N SER A 83 11.19 26.95 -12.92
CA SER A 83 12.04 28.05 -13.36
C SER A 83 13.47 27.53 -13.51
N LYS A 84 13.98 27.57 -14.74
CA LYS A 84 15.33 27.11 -15.06
C LYS A 84 15.65 25.68 -14.65
N VAL A 85 14.87 24.70 -15.09
CA VAL A 85 15.15 23.31 -14.74
C VAL A 85 16.48 22.95 -15.37
N GLU A 86 17.31 22.22 -14.64
CA GLU A 86 18.63 21.81 -15.15
C GLU A 86 18.49 20.72 -16.20
N ASP A 87 17.42 19.94 -16.09
CA ASP A 87 17.16 18.86 -17.03
C ASP A 87 15.74 18.99 -17.55
N MET A 88 15.62 19.43 -18.80
CA MET A 88 14.32 19.66 -19.40
C MET A 88 13.51 18.41 -19.60
N ALA A 89 14.08 17.25 -19.33
CA ALA A 89 13.31 16.02 -19.45
C ALA A 89 12.33 16.06 -18.29
N GLU A 90 12.73 16.79 -17.25
CA GLU A 90 11.93 16.94 -16.04
C GLU A 90 10.62 17.69 -16.28
N LEU A 91 10.66 18.67 -17.17
CA LEU A 91 9.50 19.50 -17.49
C LEU A 91 8.22 18.76 -17.59
N THR A 92 7.19 19.30 -16.95
CA THR A 92 5.86 18.72 -16.95
C THR A 92 5.34 18.81 -18.36
N CYS A 93 5.60 19.94 -19.00
CA CYS A 93 5.18 20.15 -20.38
C CYS A 93 6.41 20.35 -21.21
N LEU A 94 6.55 19.55 -22.26
CA LEU A 94 7.70 19.66 -23.13
C LEU A 94 7.30 20.11 -24.52
N ASN A 95 7.56 21.39 -24.81
CA ASN A 95 7.24 21.96 -26.11
C ASN A 95 8.25 23.07 -26.44
N GLU A 96 8.41 23.36 -27.73
CA GLU A 96 9.35 24.39 -28.18
C GLU A 96 9.30 25.58 -27.23
N ALA A 97 8.10 26.08 -27.01
CA ALA A 97 7.88 27.23 -26.14
C ALA A 97 8.46 27.10 -24.74
N SER A 98 8.35 25.92 -24.14
CA SER A 98 8.85 25.70 -22.78
C SER A 98 10.36 25.51 -22.71
N VAL A 99 10.91 24.85 -23.72
CA VAL A 99 12.34 24.63 -23.81
C VAL A 99 12.97 25.98 -24.06
N LEU A 100 12.51 26.67 -25.10
CA LEU A 100 13.09 27.98 -25.40
C LEU A 100 13.06 28.82 -24.15
N HIS A 101 11.93 28.80 -23.45
CA HIS A 101 11.82 29.61 -22.25
C HIS A 101 12.82 29.20 -21.19
N ASN A 102 12.88 27.91 -20.90
CA ASN A 102 13.78 27.40 -19.88
C ASN A 102 15.21 27.77 -20.19
N LEU A 103 15.57 27.76 -21.47
CA LEU A 103 16.90 28.11 -21.90
C LEU A 103 17.11 29.61 -21.77
N ARG A 104 16.20 30.41 -22.33
CA ARG A 104 16.31 31.85 -22.25
C ARG A 104 16.54 32.32 -20.81
N GLU A 105 15.76 31.80 -19.88
CA GLU A 105 15.87 32.16 -18.48
C GLU A 105 17.24 31.85 -17.90
N ARG A 106 17.62 30.57 -17.94
CA ARG A 106 18.93 30.17 -17.41
C ARG A 106 20.03 31.04 -18.04
N TYR A 107 19.87 31.30 -19.33
CA TYR A 107 20.84 32.08 -20.08
C TYR A 107 21.09 33.43 -19.42
N PHE A 108 20.05 34.26 -19.42
CA PHE A 108 20.17 35.57 -18.83
C PHE A 108 20.46 35.47 -17.34
N SER A 109 20.39 34.27 -16.81
CA SER A 109 20.67 34.04 -15.39
C SER A 109 22.12 33.62 -15.26
N GLY A 110 22.81 33.58 -16.40
CA GLY A 110 24.21 33.22 -16.42
C GLY A 110 24.48 31.74 -16.57
N LEU A 111 23.42 30.94 -16.60
CA LEU A 111 23.57 29.50 -16.76
C LEU A 111 23.49 29.15 -18.23
N ILE A 112 24.60 28.69 -18.80
CA ILE A 112 24.61 28.35 -20.21
C ILE A 112 24.53 26.86 -20.51
N TYR A 113 24.66 26.03 -19.48
CA TYR A 113 24.58 24.58 -19.69
C TYR A 113 23.26 24.04 -19.17
N THR A 114 22.56 23.26 -19.98
CA THR A 114 21.29 22.72 -19.55
C THR A 114 21.15 21.32 -20.09
N TYR A 115 21.03 20.34 -19.21
CA TYR A 115 20.90 18.97 -19.67
C TYR A 115 19.56 18.86 -20.31
N SER A 116 19.49 18.17 -21.44
CA SER A 116 18.22 17.98 -22.13
C SER A 116 18.13 16.51 -22.48
N GLY A 117 17.59 15.74 -21.54
CA GLY A 117 17.48 14.33 -21.78
C GLY A 117 18.86 13.76 -21.54
N LEU A 118 19.33 12.94 -22.46
CA LEU A 118 20.63 12.34 -22.31
C LEU A 118 21.65 13.40 -22.64
N PHE A 119 21.54 13.98 -23.82
CA PHE A 119 22.47 15.02 -24.24
C PHE A 119 22.37 16.32 -23.44
N CYS A 120 23.20 17.29 -23.81
CA CYS A 120 23.30 18.58 -23.15
C CYS A 120 23.31 19.73 -24.16
N VAL A 121 22.81 20.90 -23.75
CA VAL A 121 22.76 22.06 -24.62
C VAL A 121 23.57 23.16 -23.97
N VAL A 122 24.26 23.95 -24.80
CA VAL A 122 25.08 25.07 -24.33
C VAL A 122 24.86 26.27 -25.26
N ILE A 123 24.60 27.44 -24.69
CA ILE A 123 24.38 28.63 -25.49
C ILE A 123 25.56 29.57 -25.29
N ASN A 124 26.18 29.98 -26.39
CA ASN A 124 27.34 30.87 -26.34
C ASN A 124 27.10 32.10 -25.49
N PRO A 125 27.87 32.27 -24.40
CA PRO A 125 27.67 33.46 -23.59
C PRO A 125 28.28 34.70 -24.28
N TYR A 126 29.28 34.45 -25.13
CA TYR A 126 29.97 35.52 -25.84
C TYR A 126 30.55 36.50 -24.84
N LYS A 127 30.74 36.02 -23.61
CA LYS A 127 31.30 36.81 -22.53
C LYS A 127 31.93 35.86 -21.54
N GLN A 128 32.88 36.37 -20.77
CA GLN A 128 33.56 35.56 -19.79
C GLN A 128 32.63 35.32 -18.61
N LEU A 129 32.62 34.08 -18.14
CA LEU A 129 31.79 33.70 -17.02
C LEU A 129 32.66 33.02 -15.97
N PRO A 130 32.43 33.34 -14.70
CA PRO A 130 33.21 32.76 -13.60
C PRO A 130 32.80 31.33 -13.33
N ILE A 131 32.99 30.43 -14.30
CA ILE A 131 32.57 29.05 -14.11
C ILE A 131 33.59 28.01 -14.56
N TYR A 132 34.77 28.43 -14.93
CA TYR A 132 35.75 27.45 -15.39
C TYR A 132 37.03 27.43 -14.56
N SER A 133 36.95 27.85 -13.31
CA SER A 133 38.11 27.85 -12.43
C SER A 133 38.61 26.42 -12.22
N GLU A 134 39.69 26.26 -11.45
CA GLU A 134 40.21 24.94 -11.16
C GLU A 134 39.43 24.46 -9.93
N LYS A 135 39.05 25.43 -9.10
CA LYS A 135 38.28 25.19 -7.90
C LYS A 135 37.01 24.49 -8.28
N ILE A 136 36.37 25.00 -9.33
CA ILE A 136 35.14 24.42 -9.84
C ILE A 136 35.38 23.05 -10.44
N ILE A 137 36.55 22.86 -11.04
CA ILE A 137 36.87 21.57 -11.62
C ILE A 137 36.84 20.60 -10.43
N ASP A 138 37.27 21.08 -9.28
CA ASP A 138 37.29 20.27 -8.07
C ASP A 138 35.86 19.94 -7.67
N MET A 139 35.04 20.98 -7.55
CA MET A 139 33.65 20.83 -7.16
C MET A 139 32.92 19.79 -8.00
N TYR A 140 33.42 19.57 -9.21
CA TYR A 140 32.78 18.63 -10.12
C TYR A 140 33.46 17.27 -10.20
N LYS A 141 34.55 17.11 -9.49
CA LYS A 141 35.27 15.83 -9.51
C LYS A 141 34.40 14.66 -9.04
N GLY A 142 34.35 13.64 -9.89
CA GLY A 142 33.58 12.44 -9.58
C GLY A 142 32.11 12.69 -9.23
N LYS A 143 31.59 13.85 -9.59
CA LYS A 143 30.20 14.17 -9.29
C LYS A 143 29.24 13.53 -10.29
N LYS A 144 28.08 13.11 -9.80
CA LYS A 144 27.07 12.51 -10.66
C LYS A 144 26.29 13.66 -11.27
N ARG A 145 25.84 13.48 -12.49
CA ARG A 145 25.12 14.52 -13.21
C ARG A 145 24.07 15.19 -12.36
N HIS A 146 23.33 14.40 -11.60
CA HIS A 146 22.29 14.94 -10.75
C HIS A 146 22.79 15.64 -9.48
N GLU A 147 24.04 15.40 -9.08
CA GLU A 147 24.59 16.04 -7.88
C GLU A 147 25.15 17.43 -8.13
N MET A 148 25.25 17.83 -9.40
CA MET A 148 25.80 19.13 -9.74
C MET A 148 25.10 19.76 -10.94
N PRO A 149 24.94 21.08 -10.91
CA PRO A 149 24.28 21.81 -12.00
C PRO A 149 24.94 21.41 -13.31
N PRO A 150 24.22 21.58 -14.44
CA PRO A 150 24.82 21.18 -15.71
C PRO A 150 26.10 21.97 -16.02
N HIS A 151 27.14 21.25 -16.43
CA HIS A 151 28.42 21.86 -16.77
C HIS A 151 29.16 20.98 -17.76
N ILE A 152 29.96 21.58 -18.62
CA ILE A 152 30.71 20.80 -19.60
C ILE A 152 31.66 19.90 -18.83
N TYR A 153 31.96 20.29 -17.60
CA TYR A 153 32.86 19.49 -16.77
C TYR A 153 32.16 18.19 -16.44
N ALA A 154 30.89 18.31 -16.06
CA ALA A 154 30.09 17.13 -15.74
C ALA A 154 30.11 16.17 -16.91
N ILE A 155 29.95 16.70 -18.12
CA ILE A 155 29.97 15.87 -19.32
C ILE A 155 31.32 15.17 -19.41
N ALA A 156 32.37 15.96 -19.22
CA ALA A 156 33.71 15.43 -19.27
C ALA A 156 33.86 14.32 -18.24
N ASP A 157 33.57 14.65 -16.98
CA ASP A 157 33.70 13.70 -15.88
C ASP A 157 32.87 12.41 -16.02
N THR A 158 31.56 12.55 -16.24
CA THR A 158 30.68 11.40 -16.37
C THR A 158 31.06 10.54 -17.56
N ALA A 159 31.71 11.14 -18.55
CA ALA A 159 32.16 10.40 -19.71
C ALA A 159 33.35 9.61 -19.23
N TYR A 160 34.20 10.29 -18.47
CA TYR A 160 35.40 9.68 -17.92
C TYR A 160 35.04 8.45 -17.13
N ARG A 161 34.33 8.63 -16.01
CA ARG A 161 33.92 7.52 -15.16
C ARG A 161 33.27 6.41 -15.97
N SER A 162 32.27 6.75 -16.77
CA SER A 162 31.60 5.77 -17.60
C SER A 162 32.59 4.89 -18.36
N MET A 163 33.68 5.50 -18.77
CA MET A 163 34.70 4.78 -19.52
C MET A 163 35.24 3.66 -18.65
N LEU A 164 35.75 4.01 -17.48
CA LEU A 164 36.28 3.02 -16.54
C LEU A 164 35.17 2.07 -16.11
N GLN A 165 34.07 2.65 -15.65
CA GLN A 165 32.90 1.92 -15.20
C GLN A 165 32.44 0.77 -16.11
N ASP A 166 32.23 1.06 -17.39
CA ASP A 166 31.78 0.04 -18.33
C ASP A 166 32.88 -0.44 -19.26
N ARG A 167 34.11 -0.03 -18.98
CA ARG A 167 35.24 -0.42 -19.81
C ARG A 167 34.91 -0.29 -21.30
N GLU A 168 34.27 0.82 -21.66
CA GLU A 168 33.90 1.10 -23.05
C GLU A 168 34.44 2.47 -23.43
N ASP A 169 35.02 2.56 -24.63
CA ASP A 169 35.57 3.82 -25.12
C ASP A 169 34.49 4.88 -25.23
N GLN A 170 34.79 6.08 -24.77
CA GLN A 170 33.82 7.16 -24.81
C GLN A 170 34.18 8.23 -25.82
N SER A 171 33.20 9.06 -26.15
CA SER A 171 33.39 10.15 -27.08
C SER A 171 32.41 11.26 -26.74
N ILE A 172 32.91 12.49 -26.67
CA ILE A 172 32.11 13.66 -26.36
C ILE A 172 32.03 14.41 -27.67
N LEU A 173 30.87 14.49 -28.31
CA LEU A 173 30.74 15.18 -29.58
C LEU A 173 30.05 16.52 -29.53
N CYS A 174 30.79 17.59 -29.80
CA CYS A 174 30.25 18.94 -29.80
C CYS A 174 29.65 19.26 -31.15
N THR A 175 28.40 19.70 -31.15
CA THR A 175 27.72 20.04 -32.38
C THR A 175 27.42 21.53 -32.35
N GLY A 176 27.26 22.14 -33.52
CA GLY A 176 26.97 23.56 -33.54
C GLY A 176 27.36 24.30 -34.80
N GLU A 177 26.54 25.27 -35.18
CA GLU A 177 26.82 26.05 -36.36
C GLU A 177 28.07 26.86 -36.05
N SER A 178 28.75 27.33 -37.07
CA SER A 178 29.96 28.11 -36.88
C SER A 178 29.76 29.21 -35.83
N GLY A 179 30.59 29.17 -34.79
CA GLY A 179 30.51 30.16 -33.74
C GLY A 179 29.81 29.72 -32.45
N ALA A 180 29.02 28.65 -32.54
CA ALA A 180 28.26 28.12 -31.40
C ALA A 180 29.09 27.94 -30.15
N GLY A 181 30.25 27.31 -30.27
CA GLY A 181 31.09 27.14 -29.10
C GLY A 181 31.77 25.79 -29.00
N LYS A 182 31.70 25.02 -30.08
CA LYS A 182 32.30 23.70 -30.10
C LYS A 182 33.72 23.67 -29.53
N THR A 183 34.58 24.60 -29.95
CA THR A 183 35.95 24.62 -29.47
C THR A 183 36.13 25.02 -28.02
N GLU A 184 35.52 26.13 -27.63
CA GLU A 184 35.67 26.58 -26.24
C GLU A 184 35.33 25.41 -25.31
N ASN A 185 34.34 24.62 -25.72
CA ASN A 185 33.88 23.48 -24.93
C ASN A 185 34.73 22.26 -25.08
N THR A 186 35.26 22.02 -26.27
CA THR A 186 36.12 20.88 -26.45
C THR A 186 37.33 21.17 -25.57
N LYS A 187 37.80 22.41 -25.62
CA LYS A 187 38.95 22.83 -24.84
C LYS A 187 38.72 22.65 -23.33
N LYS A 188 37.47 22.81 -22.88
CA LYS A 188 37.14 22.68 -21.46
C LYS A 188 37.16 21.22 -21.04
N VAL A 189 36.75 20.34 -21.94
CA VAL A 189 36.74 18.92 -21.66
C VAL A 189 38.18 18.46 -21.47
N ILE A 190 39.08 18.87 -22.36
CA ILE A 190 40.46 18.47 -22.22
C ILE A 190 41.05 19.11 -20.96
N GLN A 191 40.68 20.36 -20.67
CA GLN A 191 41.21 21.03 -19.50
C GLN A 191 40.88 20.24 -18.23
N TYR A 192 39.64 19.77 -18.17
CA TYR A 192 39.15 19.00 -17.03
C TYR A 192 39.88 17.67 -16.95
N LEU A 193 39.81 16.86 -18.00
CA LEU A 193 40.48 15.57 -18.02
C LEU A 193 41.96 15.64 -17.63
N ALA A 194 42.67 16.64 -18.13
CA ALA A 194 44.08 16.78 -17.82
C ALA A 194 44.29 17.03 -16.31
N VAL A 195 43.33 17.68 -15.68
CA VAL A 195 43.41 18.04 -14.26
C VAL A 195 42.92 16.97 -13.28
N VAL A 196 42.47 15.84 -13.80
CA VAL A 196 41.95 14.80 -12.89
C VAL A 196 42.66 13.43 -13.01
N ALA A 197 43.14 13.09 -14.20
CA ALA A 197 43.72 11.74 -14.42
C ALA A 197 45.24 11.74 -14.62
N SER A 198 45.83 12.93 -14.69
CA SER A 198 47.27 13.01 -14.89
C SER A 198 47.98 12.68 -13.58
N GLY A 217 54.44 15.65 -14.68
CA GLY A 217 53.09 16.05 -15.18
C GLY A 217 53.14 16.73 -16.54
N GLU A 218 54.23 16.48 -17.26
CA GLU A 218 54.46 17.05 -18.59
C GLU A 218 53.30 16.84 -19.54
N LEU A 219 53.03 15.57 -19.87
CA LEU A 219 51.94 15.25 -20.78
C LEU A 219 50.80 16.23 -20.65
N GLU A 220 50.17 16.27 -19.48
CA GLU A 220 49.07 17.19 -19.25
C GLU A 220 49.47 18.60 -19.66
N LYS A 221 50.62 19.04 -19.20
CA LYS A 221 51.10 20.39 -19.54
C LYS A 221 51.18 20.64 -21.04
N GLN A 222 51.62 19.64 -21.78
CA GLN A 222 51.74 19.75 -23.23
C GLN A 222 50.37 19.57 -23.88
N LEU A 223 49.57 18.69 -23.29
CA LEU A 223 48.24 18.40 -23.80
C LEU A 223 47.48 19.70 -23.92
N LEU A 224 47.71 20.59 -22.96
CA LEU A 224 47.03 21.87 -22.93
C LEU A 224 47.63 22.88 -23.88
N GLN A 225 48.65 22.46 -24.63
CA GLN A 225 49.34 23.31 -25.58
C GLN A 225 48.94 22.93 -26.99
N ALA A 226 48.43 21.71 -27.13
CA ALA A 226 48.04 21.21 -28.43
C ALA A 226 47.23 22.25 -29.22
N ASN A 227 46.06 22.61 -28.72
CA ASN A 227 45.22 23.58 -29.42
C ASN A 227 45.87 24.94 -29.57
N PRO A 228 46.38 25.52 -28.48
CA PRO A 228 47.01 26.84 -28.64
C PRO A 228 47.96 26.85 -29.84
N ILE A 229 48.61 25.72 -30.12
CA ILE A 229 49.52 25.62 -31.25
C ILE A 229 48.72 25.42 -32.54
N LEU A 230 47.87 24.39 -32.54
CA LEU A 230 47.04 24.07 -33.71
C LEU A 230 46.20 25.26 -34.14
N GLU A 231 45.50 25.87 -33.19
CA GLU A 231 44.65 27.02 -33.50
C GLU A 231 45.42 28.10 -34.25
N ALA A 232 46.67 28.32 -33.83
CA ALA A 232 47.54 29.33 -34.42
C ALA A 232 47.80 29.14 -35.90
N PHE A 233 47.84 27.88 -36.34
CA PHE A 233 48.10 27.61 -37.75
C PHE A 233 46.86 27.25 -38.55
N GLY A 234 45.82 26.76 -37.86
CA GLY A 234 44.60 26.34 -38.53
C GLY A 234 43.34 27.15 -38.27
N ASN A 235 43.42 28.15 -37.40
CA ASN A 235 42.24 28.97 -37.11
C ASN A 235 42.38 30.30 -37.84
N ALA A 236 41.28 31.01 -38.02
CA ALA A 236 41.32 32.30 -38.69
C ALA A 236 40.03 33.05 -38.44
N LYS A 237 40.06 34.35 -38.62
CA LYS A 237 38.87 35.14 -38.39
C LYS A 237 37.95 35.10 -39.63
N THR A 238 36.75 34.58 -39.45
CA THR A 238 35.75 34.52 -40.51
C THR A 238 34.65 35.46 -40.04
N VAL A 239 33.72 35.78 -40.93
CA VAL A 239 32.65 36.69 -40.57
C VAL A 239 31.81 36.07 -39.47
N LYS A 240 31.80 34.75 -39.43
CA LYS A 240 31.02 34.01 -38.43
C LYS A 240 31.74 33.88 -37.12
N ASN A 241 33.06 33.74 -37.19
CA ASN A 241 33.84 33.58 -35.98
C ASN A 241 35.23 34.17 -36.10
N ASP A 242 35.69 34.82 -35.04
CA ASP A 242 37.01 35.44 -35.04
C ASP A 242 38.13 34.45 -34.85
N ASN A 243 37.86 33.42 -34.08
CA ASN A 243 38.85 32.37 -33.82
C ASN A 243 38.27 31.09 -34.41
N SER A 244 37.94 31.13 -35.69
CA SER A 244 37.33 29.97 -36.34
C SER A 244 38.29 28.88 -36.79
N SER A 245 37.98 27.66 -36.36
CA SER A 245 38.72 26.47 -36.73
C SER A 245 38.41 26.25 -38.18
N ARG A 246 39.43 26.27 -39.01
CA ARG A 246 39.24 26.06 -40.43
C ARG A 246 39.66 24.66 -40.74
N PHE A 247 39.38 23.78 -39.80
CA PHE A 247 39.69 22.36 -39.96
C PHE A 247 39.01 21.59 -38.84
N GLY A 248 38.48 20.42 -39.15
CA GLY A 248 37.85 19.64 -38.10
C GLY A 248 38.93 18.96 -37.28
N LYS A 249 38.58 18.45 -36.10
CA LYS A 249 39.57 17.78 -35.29
C LYS A 249 38.98 16.83 -34.24
N PHE A 250 39.52 15.61 -34.21
CA PHE A 250 39.10 14.60 -33.27
C PHE A 250 40.26 14.36 -32.33
N ILE A 251 40.16 14.85 -31.09
CA ILE A 251 41.24 14.62 -30.11
C ILE A 251 40.91 13.36 -29.33
N ARG A 252 41.83 12.39 -29.36
CA ARG A 252 41.62 11.13 -28.66
C ARG A 252 42.62 10.96 -27.52
N ILE A 253 42.12 11.01 -26.28
CA ILE A 253 42.97 10.88 -25.11
C ILE A 253 43.00 9.45 -24.62
N ASN A 254 44.22 8.91 -24.48
CA ASN A 254 44.44 7.53 -24.04
C ASN A 254 44.73 7.43 -22.55
N PHE A 255 44.05 6.50 -21.88
CA PHE A 255 44.25 6.28 -20.46
C PHE A 255 44.63 4.83 -20.20
N ASP A 256 45.21 4.58 -19.03
CA ASP A 256 45.56 3.21 -18.68
C ASP A 256 44.34 2.62 -17.98
N VAL A 257 44.41 1.34 -17.63
CA VAL A 257 43.32 0.67 -16.96
C VAL A 257 43.04 1.30 -15.61
N THR A 258 44.01 2.05 -15.10
CA THR A 258 43.86 2.72 -13.83
C THR A 258 42.98 3.95 -13.98
N GLY A 259 43.01 4.53 -15.17
CA GLY A 259 42.22 5.72 -15.44
C GLY A 259 43.07 6.94 -15.69
N TYR A 260 44.39 6.81 -15.50
CA TYR A 260 45.31 7.93 -15.71
C TYR A 260 45.66 8.14 -17.19
N ILE A 261 45.75 9.41 -17.60
CA ILE A 261 46.07 9.73 -18.99
C ILE A 261 47.42 9.14 -19.34
N VAL A 262 47.51 8.56 -20.51
CA VAL A 262 48.73 7.93 -20.96
C VAL A 262 49.26 8.52 -22.27
N GLY A 263 48.37 8.70 -23.23
CA GLY A 263 48.76 9.27 -24.50
C GLY A 263 47.75 10.30 -24.92
N ALA A 264 47.77 10.65 -26.21
CA ALA A 264 46.86 11.63 -26.78
C ALA A 264 47.25 11.76 -28.23
N ASN A 265 46.27 11.63 -29.13
CA ASN A 265 46.53 11.72 -30.56
C ASN A 265 45.47 12.57 -31.26
N ILE A 266 45.89 13.67 -31.88
CA ILE A 266 44.98 14.57 -32.57
C ILE A 266 44.91 14.35 -34.07
N GLU A 267 43.69 14.10 -34.56
CA GLU A 267 43.49 13.88 -35.99
C GLU A 267 42.66 15.05 -36.52
N THR A 268 43.15 15.68 -37.59
CA THR A 268 42.46 16.83 -38.15
C THR A 268 41.89 16.55 -39.53
N TYR A 269 40.83 17.27 -39.87
CA TYR A 269 40.15 17.11 -41.15
C TYR A 269 39.90 18.45 -41.87
N LEU A 270 39.91 18.33 -43.20
CA LEU A 270 39.61 19.42 -44.16
C LEU A 270 40.15 20.80 -43.73
N LEU A 271 41.46 21.00 -43.88
CA LEU A 271 42.06 22.32 -43.60
C LEU A 271 41.82 23.18 -44.84
N GLU A 272 41.27 24.36 -44.61
CA GLU A 272 40.96 25.31 -45.68
C GLU A 272 42.23 26.00 -46.22
N LYS A 273 43.03 25.26 -46.99
CA LYS A 273 44.26 25.80 -47.57
C LYS A 273 44.03 27.09 -48.34
N SER A 274 42.93 27.13 -49.07
CA SER A 274 42.56 28.29 -49.87
C SER A 274 42.74 29.60 -49.12
N ARG A 275 42.31 29.61 -47.87
CA ARG A 275 42.39 30.81 -47.04
C ARG A 275 43.82 31.39 -47.00
N ALA A 276 44.81 30.52 -47.23
CA ALA A 276 46.21 30.94 -47.22
C ALA A 276 46.49 32.01 -48.25
N ILE A 277 45.74 32.01 -49.34
CA ILE A 277 46.00 32.99 -50.38
C ILE A 277 44.92 34.04 -50.71
N ARG A 278 43.83 34.04 -49.96
CA ARG A 278 42.75 35.00 -50.21
C ARG A 278 41.68 34.93 -49.14
N GLN A 279 41.11 36.08 -48.80
CA GLN A 279 40.03 36.14 -47.80
C GLN A 279 39.06 37.22 -48.18
N ALA A 280 37.79 36.95 -47.95
CA ALA A 280 36.72 37.90 -48.26
C ALA A 280 36.73 39.04 -47.26
N LYS A 281 35.88 40.02 -47.49
CA LYS A 281 35.81 41.20 -46.64
C LYS A 281 35.80 40.89 -45.16
N ASP A 282 36.43 41.77 -44.39
CA ASP A 282 36.51 41.65 -42.94
C ASP A 282 36.95 40.30 -42.46
N GLU A 283 37.64 39.60 -43.35
CA GLU A 283 38.13 38.29 -43.02
C GLU A 283 39.63 38.35 -43.10
N ARG A 284 40.28 37.50 -42.30
CA ARG A 284 41.72 37.43 -42.33
C ARG A 284 42.14 35.94 -42.40
N THR A 285 43.39 35.70 -42.79
CA THR A 285 43.89 34.35 -42.95
C THR A 285 44.29 33.76 -41.60
N PHE A 286 44.99 32.64 -41.65
CA PHE A 286 45.41 31.95 -40.44
C PHE A 286 46.19 32.87 -39.49
N HIS A 287 45.75 32.91 -38.24
CA HIS A 287 46.38 33.74 -37.20
C HIS A 287 47.91 33.82 -37.25
N ILE A 288 48.56 32.68 -37.38
CA ILE A 288 50.01 32.63 -37.40
C ILE A 288 50.64 33.67 -38.30
N PHE A 289 50.01 33.99 -39.43
CA PHE A 289 50.57 34.98 -40.33
C PHE A 289 50.60 36.33 -39.64
N TYR A 290 49.45 36.74 -39.11
CA TYR A 290 49.36 38.00 -38.42
C TYR A 290 50.22 38.02 -37.17
N TYR A 291 50.38 36.85 -36.55
CA TYR A 291 51.18 36.74 -35.35
C TYR A 291 52.64 37.04 -35.66
N LEU A 292 53.21 36.23 -36.54
CA LEU A 292 54.61 36.39 -36.93
C LEU A 292 54.88 37.79 -37.42
N ILE A 293 54.11 38.24 -38.41
CA ILE A 293 54.31 39.56 -38.97
C ILE A 293 54.23 40.64 -37.90
N ALA A 294 53.40 40.45 -36.90
CA ALA A 294 53.27 41.47 -35.90
C ALA A 294 54.12 41.32 -34.66
N GLY A 295 54.67 40.14 -34.40
CA GLY A 295 55.46 39.98 -33.20
C GLY A 295 56.88 39.45 -33.31
N ALA A 296 57.38 39.32 -34.53
CA ALA A 296 58.71 38.80 -34.74
C ALA A 296 59.75 39.81 -34.29
N SER A 297 60.79 39.30 -33.63
CA SER A 297 61.88 40.15 -33.17
C SER A 297 62.55 40.77 -34.39
N GLU A 298 63.12 41.96 -34.23
CA GLU A 298 63.78 42.64 -35.35
C GLU A 298 64.80 41.76 -36.09
N GLN A 299 65.46 40.88 -35.35
CA GLN A 299 66.46 39.99 -35.94
C GLN A 299 65.81 38.87 -36.75
N MET A 300 64.58 38.53 -36.38
CA MET A 300 63.83 37.49 -37.07
C MET A 300 63.14 38.17 -38.25
N ARG A 301 62.71 39.40 -38.00
CA ARG A 301 62.03 40.22 -39.01
C ARG A 301 62.81 40.20 -40.29
N ASN A 302 64.12 40.42 -40.16
CA ASN A 302 64.97 40.46 -41.34
C ASN A 302 65.69 39.13 -41.59
N ASP A 303 65.49 38.20 -40.68
CA ASP A 303 66.08 36.86 -40.82
C ASP A 303 65.18 36.02 -41.72
N LEU A 304 63.90 36.35 -41.62
CA LEU A 304 62.83 35.70 -42.40
C LEU A 304 62.50 36.55 -43.62
N LEU A 305 63.10 37.73 -43.63
CA LEU A 305 62.91 38.72 -44.71
C LEU A 305 61.42 39.11 -44.79
N LEU A 306 60.85 39.23 -43.60
CA LEU A 306 59.44 39.58 -43.39
C LEU A 306 59.16 41.03 -43.80
N GLU A 307 57.92 41.26 -44.19
CA GLU A 307 57.45 42.58 -44.61
C GLU A 307 56.34 43.07 -43.68
N GLY A 308 55.54 44.01 -44.17
CA GLY A 308 54.45 44.56 -43.40
C GLY A 308 53.15 43.96 -43.85
N PHE A 309 52.11 44.22 -43.09
CA PHE A 309 50.79 43.69 -43.40
C PHE A 309 50.26 44.11 -44.77
N ASN A 310 50.75 45.22 -45.30
CA ASN A 310 50.30 45.67 -46.62
C ASN A 310 51.38 45.51 -47.70
N ASN A 311 52.39 44.69 -47.40
CA ASN A 311 53.47 44.41 -48.33
C ASN A 311 53.24 43.01 -48.87
N TYR A 312 52.24 42.35 -48.29
CA TYR A 312 51.88 40.99 -48.65
C TYR A 312 50.52 40.91 -49.32
N THR A 313 50.48 40.35 -50.53
CA THR A 313 49.23 40.27 -51.26
C THR A 313 48.33 39.11 -50.84
N PHE A 314 48.90 38.15 -50.16
CA PHE A 314 48.11 37.01 -49.69
C PHE A 314 47.28 37.43 -48.48
N LEU A 315 47.64 38.61 -47.99
CA LEU A 315 46.96 39.24 -46.85
C LEU A 315 45.89 40.21 -47.36
N SER A 316 44.98 39.61 -48.12
CA SER A 316 43.86 40.31 -48.75
C SER A 316 43.57 41.64 -48.06
N ASN A 317 42.72 41.55 -47.05
CA ASN A 317 42.29 42.72 -46.25
C ASN A 317 43.37 43.11 -45.24
N GLY A 318 44.52 43.46 -45.76
CA GLY A 318 45.68 43.88 -44.96
C GLY A 318 45.55 43.33 -43.53
N HIS A 319 45.79 44.22 -42.59
CA HIS A 319 45.73 43.90 -41.15
C HIS A 319 44.34 44.19 -40.59
N VAL A 320 43.64 43.12 -40.32
CA VAL A 320 42.28 43.16 -39.75
C VAL A 320 42.36 42.85 -38.25
N PRO A 321 42.34 43.85 -37.37
CA PRO A 321 42.45 43.64 -35.94
C PRO A 321 41.32 42.76 -35.43
N ILE A 322 41.69 41.92 -34.47
CA ILE A 322 40.75 41.01 -33.80
C ILE A 322 40.17 41.71 -32.57
N PRO A 323 39.07 41.22 -31.97
CA PRO A 323 38.47 41.91 -30.84
C PRO A 323 39.44 42.07 -29.69
N ALA A 324 39.47 41.05 -28.83
CA ALA A 324 40.30 41.07 -27.61
C ALA A 324 41.57 40.21 -27.77
N GLN A 325 42.31 40.48 -28.82
CA GLN A 325 43.56 39.76 -29.10
C GLN A 325 44.62 40.74 -29.62
N GLN A 326 45.86 40.43 -29.26
CA GLN A 326 47.04 41.21 -29.64
C GLN A 326 48.08 40.29 -30.29
N ASP A 327 48.06 40.34 -31.61
CA ASP A 327 48.95 39.53 -32.47
C ASP A 327 50.32 39.35 -31.82
N ASP A 328 50.98 40.46 -31.47
CA ASP A 328 52.30 40.40 -30.85
C ASP A 328 52.27 39.52 -29.60
N GLU A 329 51.17 39.61 -28.86
CA GLU A 329 50.99 38.81 -27.66
C GLU A 329 50.84 37.34 -28.01
N MET A 330 49.89 37.07 -28.90
CA MET A 330 49.61 35.72 -29.33
C MET A 330 50.85 35.07 -29.90
N PHE A 331 51.75 35.87 -30.47
CA PHE A 331 52.97 35.30 -31.05
C PHE A 331 53.86 34.71 -29.97
N GLN A 332 54.01 35.43 -28.86
CA GLN A 332 54.84 34.95 -27.76
C GLN A 332 54.09 33.80 -27.09
N GLU A 333 52.77 33.88 -27.14
CA GLU A 333 51.90 32.87 -26.55
C GLU A 333 52.11 31.57 -27.33
N THR A 334 52.20 31.72 -28.64
CA THR A 334 52.37 30.57 -29.53
C THR A 334 53.75 29.97 -29.34
N LEU A 335 54.77 30.83 -29.36
CA LEU A 335 56.12 30.36 -29.19
C LEU A 335 56.28 29.69 -27.83
N GLU A 336 55.55 30.21 -26.84
CA GLU A 336 55.60 29.66 -25.48
C GLU A 336 55.07 28.23 -25.46
N ALA A 337 53.95 28.03 -26.16
CA ALA A 337 53.29 26.74 -26.24
C ALA A 337 54.08 25.76 -27.09
N MET A 338 54.66 26.27 -28.16
CA MET A 338 55.46 25.42 -29.02
C MET A 338 56.62 24.95 -28.16
N THR A 339 57.16 25.90 -27.41
CA THR A 339 58.27 25.62 -26.51
C THR A 339 57.88 24.48 -25.59
N ILE A 340 56.78 24.68 -24.86
CA ILE A 340 56.25 23.69 -23.94
C ILE A 340 55.96 22.38 -24.65
N MET A 341 55.44 22.47 -25.87
CA MET A 341 55.14 21.29 -26.65
C MET A 341 56.43 20.52 -26.94
N GLY A 342 57.56 21.21 -26.81
CA GLY A 342 58.83 20.57 -27.03
C GLY A 342 59.52 20.92 -28.33
N PHE A 343 59.04 21.97 -29.00
CA PHE A 343 59.66 22.36 -30.25
C PHE A 343 60.98 23.06 -29.97
N THR A 344 62.01 22.69 -30.71
CA THR A 344 63.34 23.30 -30.54
C THR A 344 63.31 24.68 -31.19
N GLU A 345 64.17 25.56 -30.72
CA GLU A 345 64.22 26.91 -31.28
C GLU A 345 64.32 26.86 -32.79
N GLU A 346 65.08 25.90 -33.31
CA GLU A 346 65.25 25.78 -34.74
C GLU A 346 64.01 25.20 -35.40
N GLU A 347 63.25 24.38 -34.68
CA GLU A 347 62.03 23.80 -35.22
C GLU A 347 61.07 24.96 -35.39
N GLN A 348 61.05 25.84 -34.39
CA GLN A 348 60.18 27.00 -34.41
C GLN A 348 60.53 28.03 -35.48
N THR A 349 61.82 28.28 -35.65
CA THR A 349 62.23 29.26 -36.65
C THR A 349 62.05 28.67 -38.03
N SER A 350 62.16 27.34 -38.13
CA SER A 350 61.99 26.70 -39.41
C SER A 350 60.52 26.76 -39.81
N ILE A 351 59.64 26.62 -38.82
CA ILE A 351 58.21 26.69 -39.05
C ILE A 351 57.86 28.12 -39.45
N LEU A 352 58.31 29.08 -38.67
CA LEU A 352 58.04 30.49 -38.97
C LEU A 352 58.64 30.87 -40.34
N ARG A 353 59.74 30.23 -40.72
CA ARG A 353 60.36 30.51 -42.00
C ARG A 353 59.45 30.04 -43.12
N VAL A 354 58.83 28.89 -42.95
CA VAL A 354 57.91 28.36 -43.96
C VAL A 354 56.70 29.26 -44.05
N VAL A 355 56.28 29.80 -42.91
CA VAL A 355 55.12 30.67 -42.95
C VAL A 355 55.45 31.87 -43.81
N SER A 356 56.65 32.40 -43.61
CA SER A 356 57.10 33.56 -44.37
C SER A 356 57.16 33.28 -45.87
N SER A 357 57.70 32.13 -46.24
CA SER A 357 57.83 31.77 -47.65
C SER A 357 56.45 31.69 -48.29
N VAL A 358 55.48 31.20 -47.54
CA VAL A 358 54.12 31.12 -48.04
C VAL A 358 53.59 32.53 -48.34
N LEU A 359 54.01 33.52 -47.56
CA LEU A 359 53.55 34.87 -47.80
C LEU A 359 54.29 35.46 -48.99
N GLN A 360 55.59 35.20 -49.06
CA GLN A 360 56.41 35.74 -50.15
C GLN A 360 55.99 35.16 -51.49
N LEU A 361 55.48 33.93 -51.49
CA LEU A 361 55.03 33.30 -52.72
C LEU A 361 53.99 34.21 -53.32
N GLY A 362 53.14 34.73 -52.45
CA GLY A 362 52.09 35.62 -52.90
C GLY A 362 52.58 36.87 -53.59
N ASN A 363 53.78 37.32 -53.22
CA ASN A 363 54.31 38.54 -53.83
C ASN A 363 54.89 38.36 -55.24
N ILE A 364 55.19 37.13 -55.65
CA ILE A 364 55.71 36.89 -56.98
C ILE A 364 54.70 37.45 -57.98
N VAL A 365 55.18 38.05 -59.07
CA VAL A 365 54.27 38.61 -60.09
C VAL A 365 54.67 38.22 -61.51
N PHE A 366 53.68 37.80 -62.29
CA PHE A 366 53.90 37.41 -63.68
C PHE A 366 53.25 38.40 -64.63
N LYS A 367 53.84 38.56 -65.81
CA LYS A 367 53.30 39.48 -66.79
C LYS A 367 52.98 38.77 -68.10
N LYS A 368 52.03 39.32 -68.85
CA LYS A 368 51.62 38.73 -70.11
C LYS A 368 52.52 39.17 -71.26
N GLU A 369 52.09 38.88 -72.48
CA GLU A 369 52.84 39.24 -73.70
C GLU A 369 52.17 38.62 -74.94
N GLN A 374 53.15 34.00 -73.64
CA GLN A 374 53.48 33.41 -72.31
C GLN A 374 53.50 34.46 -71.21
N ALA A 375 54.10 34.11 -70.08
CA ALA A 375 54.18 35.01 -68.96
C ALA A 375 55.59 35.09 -68.50
N SER A 376 55.97 36.27 -68.02
CA SER A 376 57.33 36.49 -67.55
C SER A 376 57.32 37.39 -66.34
N MET A 377 58.06 36.99 -65.31
CA MET A 377 58.14 37.80 -64.10
C MET A 377 59.31 38.75 -64.26
N PRO A 378 59.04 40.02 -64.56
CA PRO A 378 60.12 40.99 -64.72
C PRO A 378 60.86 41.16 -63.41
N ASP A 379 60.10 41.21 -62.31
CA ASP A 379 60.69 41.35 -60.98
C ASP A 379 60.71 39.99 -60.29
N ASN A 380 61.92 39.49 -60.07
CA ASN A 380 62.12 38.19 -59.44
C ASN A 380 62.43 38.30 -57.95
N THR A 381 62.57 39.53 -57.46
CA THR A 381 62.87 39.75 -56.05
C THR A 381 62.15 38.72 -55.18
N ALA A 382 60.83 38.77 -55.21
CA ALA A 382 60.01 37.85 -54.44
C ALA A 382 60.47 36.43 -54.73
N ALA A 383 60.56 36.08 -56.02
CA ALA A 383 61.00 34.75 -56.41
C ALA A 383 62.34 34.45 -55.75
N GLN A 384 63.15 35.49 -55.57
CA GLN A 384 64.45 35.33 -54.95
C GLN A 384 64.29 35.01 -53.48
N LYS A 385 63.53 35.85 -52.78
CA LYS A 385 63.31 35.66 -51.36
C LYS A 385 62.71 34.30 -51.08
N VAL A 386 61.68 33.95 -51.84
CA VAL A 386 61.02 32.67 -51.66
C VAL A 386 62.03 31.54 -51.71
N CYS A 387 62.87 31.54 -52.74
CA CYS A 387 63.87 30.50 -52.88
C CYS A 387 64.88 30.56 -51.75
N HIS A 388 65.22 31.77 -51.31
CA HIS A 388 66.17 31.92 -50.23
C HIS A 388 65.61 31.24 -48.99
N LEU A 389 64.32 31.41 -48.77
CA LEU A 389 63.64 30.83 -47.63
C LEU A 389 63.31 29.36 -47.82
N MET A 390 63.41 28.87 -49.05
CA MET A 390 63.09 27.47 -49.33
C MET A 390 64.28 26.58 -49.64
N GLY A 391 65.45 27.16 -49.77
CA GLY A 391 66.63 26.37 -50.08
C GLY A 391 66.51 25.84 -51.50
N ILE A 392 66.04 26.71 -52.38
CA ILE A 392 65.82 26.38 -53.79
C ILE A 392 66.62 27.35 -54.66
N ASN A 393 66.80 27.01 -55.94
CA ASN A 393 67.55 27.85 -56.87
C ASN A 393 66.64 28.78 -57.66
N VAL A 394 66.81 30.09 -57.47
CA VAL A 394 65.98 31.08 -58.14
C VAL A 394 65.74 30.82 -59.62
N THR A 395 66.77 30.39 -60.35
CA THR A 395 66.62 30.15 -61.77
C THR A 395 65.94 28.84 -62.07
N ASP A 396 66.18 27.84 -61.21
CA ASP A 396 65.55 26.54 -61.39
C ASP A 396 64.07 26.68 -61.05
N PHE A 397 63.80 27.52 -60.05
CA PHE A 397 62.45 27.78 -59.62
C PHE A 397 61.74 28.56 -60.73
N THR A 398 62.27 29.72 -61.07
CA THR A 398 61.68 30.55 -62.11
C THR A 398 61.38 29.73 -63.39
N ARG A 399 62.27 28.81 -63.73
CA ARG A 399 62.11 27.97 -64.92
C ARG A 399 60.95 27.00 -64.77
N SER A 400 60.95 26.27 -63.65
CA SER A 400 59.92 25.28 -63.35
C SER A 400 58.55 25.93 -63.25
N ILE A 401 58.52 27.19 -62.84
CA ILE A 401 57.26 27.91 -62.72
C ILE A 401 56.80 28.45 -64.05
N LEU A 402 57.71 29.12 -64.75
CA LEU A 402 57.39 29.72 -66.04
C LEU A 402 57.36 28.75 -67.21
N THR A 403 58.00 27.60 -67.06
CA THR A 403 58.03 26.62 -68.13
C THR A 403 58.48 25.24 -67.65
N PRO A 404 57.55 24.43 -67.16
CA PRO A 404 57.89 23.09 -66.67
C PRO A 404 58.03 22.09 -67.82
N LYS A 415 56.65 22.98 -71.96
CA LYS A 415 55.25 23.44 -71.65
C LYS A 415 55.25 24.90 -71.20
N ALA A 416 54.68 25.76 -72.04
CA ALA A 416 54.62 27.18 -71.75
C ALA A 416 53.49 27.52 -70.78
N GLN A 417 53.77 28.47 -69.90
CA GLN A 417 52.79 28.92 -68.92
C GLN A 417 52.42 30.36 -69.14
N THR A 418 51.13 30.65 -69.01
CA THR A 418 50.64 32.01 -69.17
C THR A 418 50.49 32.61 -67.79
N LYS A 419 50.32 33.93 -67.70
CA LYS A 419 50.17 34.57 -66.42
C LYS A 419 49.15 33.74 -65.67
N GLU A 420 47.95 33.67 -66.24
CA GLU A 420 46.86 32.92 -65.64
C GLU A 420 47.30 31.59 -65.04
N GLN A 421 48.09 30.82 -65.77
CA GLN A 421 48.53 29.52 -65.27
C GLN A 421 49.78 29.59 -64.39
N ALA A 422 50.52 30.68 -64.51
CA ALA A 422 51.72 30.84 -63.70
C ALA A 422 51.23 31.21 -62.32
N ASP A 423 50.25 32.10 -62.29
CA ASP A 423 49.65 32.55 -61.03
C ASP A 423 49.09 31.34 -60.29
N PHE A 424 48.32 30.52 -61.00
CA PHE A 424 47.72 29.33 -60.41
C PHE A 424 48.76 28.48 -59.70
N ALA A 425 49.76 28.03 -60.45
CA ALA A 425 50.82 27.19 -59.91
C ALA A 425 51.40 27.73 -58.61
N ILE A 426 51.71 29.02 -58.59
CA ILE A 426 52.26 29.64 -57.41
C ILE A 426 51.30 29.52 -56.24
N GLU A 427 50.02 29.83 -56.48
CA GLU A 427 48.99 29.73 -55.44
C GLU A 427 48.94 28.29 -54.95
N ALA A 428 48.77 27.37 -55.90
CA ALA A 428 48.70 25.95 -55.64
C ALA A 428 49.84 25.53 -54.70
N LEU A 429 51.02 26.07 -54.95
CA LEU A 429 52.19 25.75 -54.16
C LEU A 429 51.97 26.34 -52.77
N ALA A 430 51.56 27.59 -52.71
CA ALA A 430 51.33 28.26 -51.44
C ALA A 430 50.47 27.36 -50.56
N LYS A 431 49.26 27.11 -51.03
CA LYS A 431 48.33 26.28 -50.30
C LYS A 431 48.94 24.93 -49.94
N ALA A 432 49.59 24.29 -50.91
CA ALA A 432 50.20 22.99 -50.66
C ALA A 432 51.28 23.08 -49.59
N LYS A 433 52.04 24.16 -49.63
CA LYS A 433 53.13 24.40 -48.67
C LYS A 433 52.56 24.58 -47.29
N PHE A 434 51.45 25.28 -47.21
CA PHE A 434 50.83 25.50 -45.90
C PHE A 434 50.20 24.23 -45.37
N GLU A 435 49.40 23.55 -46.20
CA GLU A 435 48.75 22.32 -45.81
C GLU A 435 49.75 21.33 -45.20
N ARG A 436 50.96 21.29 -45.73
CA ARG A 436 52.01 20.41 -45.23
C ARG A 436 52.63 20.92 -43.95
N LEU A 437 52.82 22.23 -43.86
CA LEU A 437 53.40 22.78 -42.66
C LEU A 437 52.43 22.46 -41.52
N PHE A 438 51.14 22.46 -41.81
CA PHE A 438 50.15 22.15 -40.80
C PHE A 438 50.25 20.66 -40.44
N ARG A 439 50.10 19.81 -41.46
CA ARG A 439 50.18 18.37 -41.27
C ARG A 439 51.43 17.99 -40.48
N TRP A 440 52.50 18.74 -40.70
CA TRP A 440 53.78 18.52 -40.03
C TRP A 440 53.67 18.90 -38.55
N ILE A 441 53.31 20.15 -38.31
CA ILE A 441 53.17 20.65 -36.96
C ILE A 441 52.27 19.67 -36.21
N LEU A 442 51.16 19.29 -36.82
CA LEU A 442 50.25 18.35 -36.18
C LEU A 442 51.03 17.08 -35.84
N THR A 443 51.69 16.51 -36.84
CA THR A 443 52.48 15.29 -36.68
C THR A 443 53.43 15.40 -35.52
N ARG A 444 54.16 16.51 -35.48
CA ARG A 444 55.14 16.76 -34.43
C ARG A 444 54.43 16.82 -33.08
N VAL A 445 53.27 17.47 -33.05
CA VAL A 445 52.50 17.57 -31.83
C VAL A 445 52.11 16.17 -31.37
N ASN A 446 51.76 15.31 -32.30
CA ASN A 446 51.36 13.95 -31.99
C ASN A 446 52.49 13.07 -31.46
N LYS A 447 53.70 13.38 -31.88
CA LYS A 447 54.87 12.64 -31.44
C LYS A 447 55.08 12.99 -29.98
N ALA A 448 54.99 14.28 -29.66
CA ALA A 448 55.18 14.77 -28.31
C ALA A 448 54.07 14.33 -27.36
N LEU A 449 52.87 14.12 -27.90
CA LEU A 449 51.72 13.73 -27.09
C LEU A 449 51.64 12.23 -26.90
N ASP A 450 52.37 11.49 -27.73
CA ASP A 450 52.39 10.04 -27.66
C ASP A 450 53.78 9.53 -27.26
N ALA A 457 44.81 1.46 -23.18
CA ALA A 457 43.71 0.80 -22.41
C ALA A 457 42.33 1.29 -22.83
N SER A 458 42.07 2.57 -22.59
CA SER A 458 40.79 3.19 -22.93
C SER A 458 41.04 4.60 -23.45
N PHE A 459 40.22 5.03 -24.41
CA PHE A 459 40.38 6.35 -24.98
C PHE A 459 39.08 7.12 -24.92
N LEU A 460 39.20 8.45 -24.82
CA LEU A 460 38.05 9.34 -24.76
C LEU A 460 38.14 10.31 -25.94
N GLY A 461 37.45 9.99 -27.03
CA GLY A 461 37.50 10.88 -28.18
C GLY A 461 36.70 12.14 -27.91
N ILE A 462 37.14 13.24 -28.52
CA ILE A 462 36.45 14.51 -28.40
C ILE A 462 36.45 15.04 -29.83
N LEU A 463 35.28 15.37 -30.36
CA LEU A 463 35.17 15.82 -31.74
C LEU A 463 34.70 17.26 -31.97
N ASP A 464 35.64 18.08 -32.40
CA ASP A 464 35.38 19.49 -32.71
C ASP A 464 35.49 19.70 -34.21
N ILE A 465 34.42 19.38 -34.94
CA ILE A 465 34.42 19.55 -36.39
C ILE A 465 34.24 21.02 -36.76
N ALA A 466 34.41 21.33 -38.04
CA ALA A 466 34.22 22.70 -38.49
C ALA A 466 32.71 22.80 -38.57
N GLY A 467 32.19 23.84 -37.95
CA GLY A 467 30.75 24.03 -37.90
C GLY A 467 30.12 24.53 -39.16
N PHE A 468 28.88 24.12 -39.35
CA PHE A 468 28.09 24.49 -40.48
C PHE A 468 28.20 25.98 -40.71
N GLU A 469 28.47 26.35 -41.95
CA GLU A 469 28.57 27.74 -42.29
C GLU A 469 28.00 28.01 -43.66
N ILE A 470 27.43 29.19 -43.79
CA ILE A 470 26.88 29.63 -45.05
C ILE A 470 27.45 31.04 -45.29
N PHE A 471 28.58 31.10 -45.99
CA PHE A 471 29.22 32.37 -46.29
C PHE A 471 28.56 32.95 -47.54
N GLU A 472 28.88 34.21 -47.87
CA GLU A 472 28.32 34.87 -49.05
C GLU A 472 28.57 34.03 -50.31
N ILE A 473 29.77 33.48 -50.38
CA ILE A 473 30.17 32.62 -51.49
C ILE A 473 30.65 31.30 -50.90
N ASN A 474 29.91 30.23 -51.14
CA ASN A 474 30.25 28.94 -50.60
C ASN A 474 30.91 28.02 -51.63
N SER A 475 32.18 27.70 -51.40
CA SER A 475 32.91 26.85 -52.32
C SER A 475 32.92 25.40 -51.88
N PHE A 476 33.77 24.62 -52.55
CA PHE A 476 33.91 23.21 -52.26
C PHE A 476 34.26 22.96 -50.79
N GLU A 477 34.99 23.88 -50.18
CA GLU A 477 35.37 23.71 -48.77
C GLU A 477 34.11 23.66 -47.90
N GLN A 478 33.23 24.63 -48.11
CA GLN A 478 32.00 24.71 -47.36
C GLN A 478 31.14 23.46 -47.60
N LEU A 479 31.12 22.94 -48.81
CA LEU A 479 30.31 21.75 -49.06
C LEU A 479 30.79 20.65 -48.14
N CYS A 480 32.08 20.40 -48.11
CA CYS A 480 32.62 19.34 -47.26
C CYS A 480 32.31 19.58 -45.81
N ILE A 481 32.57 20.81 -45.34
CA ILE A 481 32.34 21.17 -43.95
C ILE A 481 30.87 20.92 -43.56
N ASN A 482 29.95 21.49 -44.34
CA ASN A 482 28.53 21.34 -44.09
C ASN A 482 28.07 19.89 -44.22
N TYR A 483 28.69 19.16 -45.14
CA TYR A 483 28.36 17.76 -45.34
C TYR A 483 28.71 17.01 -44.06
N THR A 484 29.87 17.33 -43.48
CA THR A 484 30.30 16.67 -42.26
C THR A 484 29.35 17.02 -41.13
N ASN A 485 28.85 18.24 -41.13
CA ASN A 485 27.92 18.65 -40.09
C ASN A 485 26.62 17.85 -40.24
N GLU A 486 26.20 17.64 -41.48
CA GLU A 486 24.99 16.87 -41.75
C GLU A 486 25.26 15.44 -41.27
N LYS A 487 26.46 14.93 -41.54
CA LYS A 487 26.81 13.58 -41.14
C LYS A 487 26.79 13.42 -39.63
N LEU A 488 27.23 14.46 -38.91
CA LEU A 488 27.26 14.41 -37.47
C LEU A 488 25.84 14.48 -36.89
N GLN A 489 25.01 15.36 -37.44
CA GLN A 489 23.64 15.49 -36.94
C GLN A 489 22.95 14.17 -37.09
N GLN A 490 23.17 13.52 -38.22
CA GLN A 490 22.59 12.22 -38.50
C GLN A 490 23.04 11.24 -37.41
N LEU A 491 24.33 11.21 -37.10
CA LEU A 491 24.85 10.31 -36.07
C LEU A 491 24.06 10.53 -34.80
N PHE A 492 23.71 11.78 -34.55
CA PHE A 492 22.93 12.07 -33.37
C PHE A 492 21.60 11.37 -33.56
N ASN A 493 20.86 11.76 -34.59
CA ASN A 493 19.56 11.15 -34.87
C ASN A 493 19.58 9.63 -34.70
N HIS A 494 20.54 8.99 -35.35
CA HIS A 494 20.63 7.53 -35.30
C HIS A 494 20.73 7.01 -33.89
N THR A 495 21.74 7.49 -33.18
CA THR A 495 21.96 7.08 -31.82
C THR A 495 20.70 7.40 -30.97
N MET A 496 20.36 8.68 -30.84
CA MET A 496 19.21 9.12 -30.05
C MET A 496 17.91 8.40 -30.28
N PHE A 497 17.58 8.22 -31.54
CA PHE A 497 16.32 7.59 -31.90
C PHE A 497 16.32 6.15 -32.42
N ILE A 498 17.25 5.79 -33.29
CA ILE A 498 17.25 4.43 -33.79
C ILE A 498 17.87 3.49 -32.79
N LEU A 499 19.17 3.64 -32.55
CA LEU A 499 19.87 2.78 -31.61
C LEU A 499 19.14 2.66 -30.29
N GLU A 500 18.56 3.75 -29.81
CA GLU A 500 17.81 3.72 -28.55
C GLU A 500 16.79 2.59 -28.60
N GLN A 501 15.80 2.77 -29.45
CA GLN A 501 14.73 1.79 -29.61
C GLN A 501 15.26 0.40 -29.98
N GLU A 502 16.30 0.31 -30.79
CA GLU A 502 16.86 -0.98 -31.18
C GLU A 502 17.23 -1.80 -29.94
N GLU A 503 17.88 -1.14 -28.99
CA GLU A 503 18.30 -1.79 -27.75
C GLU A 503 17.08 -2.24 -26.91
N TYR A 504 16.00 -1.47 -27.00
CA TYR A 504 14.78 -1.78 -26.27
C TYR A 504 14.36 -3.17 -26.71
N GLN A 505 13.90 -3.28 -27.96
CA GLN A 505 13.45 -4.55 -28.52
C GLN A 505 14.47 -5.65 -28.31
N ARG A 506 15.73 -5.31 -28.52
CA ARG A 506 16.84 -6.25 -28.38
C ARG A 506 16.95 -6.83 -26.98
N GLU A 507 16.53 -6.06 -25.98
CA GLU A 507 16.58 -6.51 -24.59
C GLU A 507 15.22 -7.04 -24.14
N GLY A 508 14.29 -7.09 -25.08
CA GLY A 508 12.96 -7.62 -24.79
C GLY A 508 12.00 -6.73 -24.04
N ILE A 509 12.17 -5.41 -24.13
CA ILE A 509 11.28 -4.49 -23.45
C ILE A 509 9.97 -4.33 -24.22
N GLU A 510 8.88 -4.17 -23.48
CA GLU A 510 7.57 -3.98 -24.11
C GLU A 510 7.67 -2.60 -24.73
N TRP A 511 8.05 -2.56 -26.00
CA TRP A 511 8.20 -1.27 -26.65
C TRP A 511 7.71 -1.23 -28.10
N ASN A 512 6.96 -0.17 -28.42
CA ASN A 512 6.47 0.02 -29.78
C ASN A 512 7.23 1.19 -30.40
N PHE A 513 7.93 0.90 -31.51
CA PHE A 513 8.73 1.88 -32.21
C PHE A 513 8.08 3.23 -32.47
N ILE A 514 8.89 4.27 -32.33
CA ILE A 514 8.43 5.62 -32.55
C ILE A 514 9.26 6.27 -33.65
N ASP A 515 8.63 6.54 -34.78
CA ASP A 515 9.35 7.20 -35.86
C ASP A 515 9.37 8.65 -35.42
N PHE A 516 10.54 9.14 -35.02
CA PHE A 516 10.63 10.53 -34.57
C PHE A 516 10.77 11.51 -35.73
N GLY A 517 10.66 11.01 -36.95
CA GLY A 517 10.77 11.87 -38.11
C GLY A 517 12.02 12.72 -38.17
N LEU A 518 13.18 12.08 -38.15
CA LEU A 518 14.44 12.79 -38.22
C LEU A 518 15.45 11.91 -38.95
N ASP A 519 15.57 12.11 -40.27
CA ASP A 519 16.52 11.34 -41.06
C ASP A 519 17.13 12.22 -42.12
N LEU A 520 18.45 12.23 -42.17
CA LEU A 520 19.16 13.04 -43.13
C LEU A 520 19.75 12.18 -44.22
N GLN A 521 19.53 10.87 -44.14
CA GLN A 521 20.08 9.97 -45.14
C GLN A 521 20.04 10.54 -46.54
N PRO A 522 18.86 11.01 -46.98
CA PRO A 522 18.72 11.58 -48.33
C PRO A 522 19.87 12.50 -48.70
N CYS A 523 19.89 13.68 -48.11
CA CYS A 523 20.95 14.66 -48.39
C CYS A 523 22.34 14.05 -48.34
N ILE A 524 22.61 13.30 -47.27
CA ILE A 524 23.89 12.62 -47.12
C ILE A 524 24.17 11.76 -48.36
N GLU A 525 23.19 11.00 -48.83
CA GLU A 525 23.39 10.17 -50.01
C GLU A 525 23.57 11.05 -51.25
N LEU A 526 22.88 12.18 -51.28
CA LEU A 526 22.95 13.10 -52.41
C LEU A 526 24.37 13.64 -52.57
N ILE A 527 25.23 13.38 -51.59
CA ILE A 527 26.60 13.87 -51.64
C ILE A 527 27.66 12.78 -51.68
N GLU A 528 27.48 11.75 -50.87
CA GLU A 528 28.48 10.66 -50.73
C GLU A 528 28.08 9.35 -51.41
N ARG A 529 27.02 9.37 -52.18
CA ARG A 529 26.57 8.17 -52.88
C ARG A 529 27.62 7.77 -53.93
N PRO A 530 28.62 6.94 -53.58
CA PRO A 530 29.66 6.56 -54.52
C PRO A 530 29.05 5.89 -55.73
N THR A 531 28.63 4.66 -55.51
CA THR A 531 28.02 3.83 -56.54
C THR A 531 26.54 4.17 -56.70
N ASN A 532 25.89 3.40 -57.55
CA ASN A 532 24.45 3.55 -57.85
C ASN A 532 24.16 4.98 -58.28
N PRO A 533 23.11 5.63 -57.74
CA PRO A 533 22.79 6.99 -58.12
C PRO A 533 23.96 7.89 -57.82
N PRO A 534 24.65 8.45 -58.83
CA PRO A 534 25.81 9.32 -58.59
C PRO A 534 25.40 10.50 -57.74
N GLY A 535 26.32 10.87 -56.83
CA GLY A 535 26.14 12.00 -55.88
C GLY A 535 27.12 13.14 -56.21
N VAL A 536 26.88 14.31 -55.61
CA VAL A 536 27.72 15.48 -55.84
C VAL A 536 29.21 15.17 -55.83
N LEU A 537 29.71 14.66 -54.72
CA LEU A 537 31.13 14.36 -54.65
C LEU A 537 31.62 13.44 -55.78
N ALA A 538 30.92 12.31 -55.98
CA ALA A 538 31.32 11.36 -57.02
C ALA A 538 31.12 11.88 -58.43
N LEU A 539 30.08 12.69 -58.63
CA LEU A 539 29.84 13.25 -59.96
C LEU A 539 31.07 14.08 -60.32
N LEU A 540 31.59 14.80 -59.32
CA LEU A 540 32.78 15.63 -59.51
C LEU A 540 33.96 14.75 -59.84
N ASP A 541 34.30 13.85 -58.92
CA ASP A 541 35.42 12.94 -59.13
C ASP A 541 35.36 12.42 -60.56
N GLU A 542 34.15 12.26 -61.07
CA GLU A 542 33.96 11.79 -62.44
C GLU A 542 34.31 12.94 -63.37
N GLU A 543 33.67 14.08 -63.16
CA GLU A 543 33.89 15.26 -63.95
C GLU A 543 35.36 15.45 -64.32
N CYS A 544 36.24 15.42 -63.34
CA CYS A 544 37.67 15.58 -63.63
C CYS A 544 38.23 14.26 -64.13
N ALA A 549 36.21 19.70 -70.05
CA ALA A 549 35.34 19.56 -68.84
C ALA A 549 35.37 20.83 -68.00
N THR A 550 34.40 21.71 -68.20
CA THR A 550 34.33 22.95 -67.44
C THR A 550 33.71 22.68 -66.06
N ASP A 551 34.00 23.57 -65.10
CA ASP A 551 33.46 23.43 -63.74
C ASP A 551 31.96 23.55 -63.93
N THR A 552 31.58 24.40 -64.87
CA THR A 552 30.17 24.62 -65.19
C THR A 552 29.60 23.34 -65.77
N SER A 553 30.43 22.62 -66.53
CA SER A 553 29.99 21.36 -67.11
C SER A 553 29.63 20.45 -65.95
N PHE A 554 30.42 20.51 -64.88
CA PHE A 554 30.17 19.71 -63.70
C PHE A 554 28.76 19.99 -63.20
N VAL A 555 28.46 21.26 -62.96
CA VAL A 555 27.14 21.66 -62.47
C VAL A 555 26.02 21.13 -63.35
N GLU A 556 26.18 21.24 -64.67
CA GLU A 556 25.18 20.75 -65.62
C GLU A 556 24.84 19.28 -65.41
N LYS A 557 25.87 18.44 -65.27
CA LYS A 557 25.68 17.01 -65.06
C LYS A 557 25.10 16.74 -63.67
N LEU A 558 25.57 17.49 -62.68
CA LEU A 558 25.12 17.34 -61.31
C LEU A 558 23.62 17.49 -61.29
N ILE A 559 23.14 18.45 -62.07
CA ILE A 559 21.71 18.72 -62.17
C ILE A 559 20.97 17.55 -62.80
N GLN A 560 21.47 17.11 -63.93
CA GLN A 560 20.84 16.03 -64.71
C GLN A 560 20.76 14.74 -63.87
N GLU A 561 21.72 14.61 -62.98
CA GLU A 561 21.83 13.42 -62.11
C GLU A 561 20.96 13.57 -60.85
N GLN A 562 21.09 14.71 -60.20
CA GLN A 562 20.33 15.03 -58.98
C GLN A 562 19.08 15.85 -59.35
N GLY A 563 19.35 17.10 -59.66
CA GLY A 563 18.33 18.07 -60.08
C GLY A 563 17.10 18.06 -59.16
N ASN A 564 16.28 17.06 -59.38
CA ASN A 564 14.99 16.89 -58.67
C ASN A 564 15.19 16.53 -57.18
N HIS A 565 16.15 15.65 -56.94
CA HIS A 565 16.44 15.17 -55.58
C HIS A 565 16.00 16.19 -54.53
N ALA A 566 15.06 15.73 -53.73
CA ALA A 566 14.43 16.50 -52.64
C ALA A 566 15.34 17.62 -52.12
N LYS A 567 16.51 17.23 -51.65
CA LYS A 567 17.48 18.15 -51.04
C LYS A 567 18.43 18.77 -52.08
N PHE A 568 17.88 19.07 -53.25
CA PHE A 568 18.65 19.69 -54.33
C PHE A 568 17.82 20.81 -54.92
N GLN A 569 18.49 21.77 -55.55
CA GLN A 569 17.81 22.90 -56.17
C GLN A 569 18.69 23.56 -57.21
N LYS A 570 18.22 23.66 -58.44
CA LYS A 570 19.02 24.33 -59.46
C LYS A 570 19.03 25.77 -58.97
N SER A 571 20.05 26.54 -59.33
CA SER A 571 20.13 27.92 -58.86
C SER A 571 19.35 28.87 -59.76
N LYS A 577 25.78 30.58 -62.47
CA LYS A 577 27.26 30.78 -62.35
C LYS A 577 27.94 29.54 -61.79
N THR A 578 27.49 28.37 -62.26
CA THR A 578 28.02 27.09 -61.78
C THR A 578 27.54 26.87 -60.34
N GLU A 579 26.44 27.53 -60.00
CA GLU A 579 25.87 27.44 -58.67
C GLU A 579 24.72 26.44 -58.59
N PHE A 580 24.57 25.87 -57.40
CA PHE A 580 23.47 24.96 -57.11
C PHE A 580 23.16 25.06 -55.64
N CYS A 581 22.05 24.47 -55.21
CA CYS A 581 21.68 24.54 -53.81
C CYS A 581 21.44 23.18 -53.20
N ILE A 582 21.94 23.01 -51.97
CA ILE A 582 21.73 21.78 -51.23
C ILE A 582 20.96 22.22 -50.00
N LEU A 583 19.90 21.50 -49.68
CA LEU A 583 19.09 21.83 -48.51
C LEU A 583 19.61 21.05 -47.31
N HIS A 584 20.62 21.60 -46.66
CA HIS A 584 21.21 20.96 -45.50
C HIS A 584 20.26 21.09 -44.34
N TYR A 585 20.35 20.15 -43.43
CA TYR A 585 19.51 20.16 -42.25
C TYR A 585 19.57 21.55 -41.59
N ALA A 586 20.76 22.12 -41.52
CA ALA A 586 20.92 23.42 -40.90
C ALA A 586 20.44 24.56 -41.78
N GLY A 587 20.21 24.27 -43.06
CA GLY A 587 19.73 25.32 -43.96
C GLY A 587 20.07 25.14 -45.42
N LYS A 588 19.59 26.06 -46.25
CA LYS A 588 19.85 25.98 -47.68
C LYS A 588 21.09 26.75 -48.06
N VAL A 589 22.08 25.99 -48.52
CA VAL A 589 23.35 26.56 -48.93
C VAL A 589 23.40 26.51 -50.46
N THR A 590 23.67 27.65 -51.09
CA THR A 590 23.77 27.67 -52.54
C THR A 590 25.26 27.76 -52.86
N TYR A 591 25.80 26.62 -53.29
CA TYR A 591 27.21 26.50 -53.61
C TYR A 591 27.58 27.09 -54.97
N ASN A 592 28.87 27.32 -55.17
CA ASN A 592 29.41 27.86 -56.42
C ASN A 592 30.55 26.94 -56.85
N ALA A 593 30.28 26.12 -57.84
CA ALA A 593 31.24 25.14 -58.34
C ALA A 593 32.48 25.67 -59.02
N SER A 594 32.67 26.99 -58.97
CA SER A 594 33.84 27.58 -59.60
C SER A 594 35.15 26.99 -59.04
N ALA A 595 35.99 26.49 -59.95
CA ALA A 595 37.28 25.91 -59.60
C ALA A 595 37.19 24.56 -58.88
N TRP A 596 35.97 24.06 -58.70
CA TRP A 596 35.81 22.80 -58.01
C TRP A 596 36.62 21.67 -58.60
N LEU A 597 36.63 21.57 -59.93
CA LEU A 597 37.38 20.52 -60.61
C LEU A 597 38.85 20.55 -60.24
N THR A 598 39.41 21.76 -60.20
CA THR A 598 40.81 21.97 -59.84
C THR A 598 41.02 21.68 -58.37
N LYS A 599 40.08 22.15 -57.54
CA LYS A 599 40.13 21.96 -56.11
C LYS A 599 40.10 20.50 -55.71
N ASN A 600 39.31 19.71 -56.43
CA ASN A 600 39.19 18.29 -56.15
C ASN A 600 40.42 17.50 -56.63
N MET A 601 41.12 18.04 -57.62
CA MET A 601 42.31 17.41 -58.19
C MET A 601 43.57 17.77 -57.41
N ASP A 602 43.64 19.05 -57.01
CA ASP A 602 44.79 19.57 -56.27
C ASP A 602 46.09 19.34 -57.05
N PRO A 603 46.18 19.96 -58.23
CA PRO A 603 47.34 19.85 -59.12
C PRO A 603 48.50 20.75 -58.71
N LEU A 604 49.64 20.13 -58.49
CA LEU A 604 50.85 20.83 -58.11
C LEU A 604 51.83 20.85 -59.29
N ASN A 605 52.87 21.68 -59.19
CA ASN A 605 53.87 21.76 -60.24
C ASN A 605 55.05 20.88 -59.87
N ASP A 606 54.90 19.57 -60.11
CA ASP A 606 55.92 18.56 -59.81
C ASP A 606 57.34 19.06 -60.02
N ASN A 607 57.53 19.97 -60.96
CA ASN A 607 58.85 20.54 -61.22
C ASN A 607 59.36 21.21 -59.96
N VAL A 608 58.76 22.36 -59.64
CA VAL A 608 59.15 23.09 -58.44
C VAL A 608 59.02 22.15 -57.25
N THR A 609 57.97 21.33 -57.29
CA THR A 609 57.72 20.36 -56.24
C THR A 609 58.97 19.54 -55.96
N SER A 610 59.64 19.07 -57.01
CA SER A 610 60.85 18.27 -56.84
C SER A 610 61.99 19.12 -56.27
N LEU A 611 62.13 20.33 -56.80
CA LEU A 611 63.16 21.25 -56.35
C LEU A 611 63.14 21.27 -54.83
N LEU A 612 61.95 21.45 -54.27
CA LEU A 612 61.78 21.50 -52.82
C LEU A 612 62.09 20.15 -52.22
N ASN A 613 61.69 19.10 -52.91
CA ASN A 613 61.94 17.75 -52.43
C ASN A 613 63.41 17.60 -52.04
N GLN A 614 64.27 18.33 -52.75
CA GLN A 614 65.71 18.31 -52.48
C GLN A 614 66.20 19.72 -52.18
N SER A 615 65.58 20.34 -51.19
CA SER A 615 65.94 21.68 -50.80
C SER A 615 67.17 21.64 -49.92
N SER A 616 68.03 22.65 -50.05
CA SER A 616 69.23 22.73 -49.26
C SER A 616 68.77 22.72 -47.81
N ASP A 617 67.51 23.09 -47.61
CA ASP A 617 66.94 23.12 -46.27
C ASP A 617 66.24 21.81 -45.93
N LYS A 618 66.66 21.21 -44.82
CA LYS A 618 66.09 19.95 -44.38
C LYS A 618 64.59 20.03 -44.09
N PHE A 619 64.18 20.99 -43.27
CA PHE A 619 62.77 21.13 -42.93
C PHE A 619 61.93 21.18 -44.19
N VAL A 620 62.35 22.02 -45.14
CA VAL A 620 61.64 22.14 -46.39
C VAL A 620 61.57 20.76 -47.00
N ALA A 621 62.73 20.14 -47.17
CA ALA A 621 62.82 18.81 -47.74
C ALA A 621 61.87 17.85 -47.02
N ASP A 622 61.86 17.95 -45.69
CA ASP A 622 61.00 17.10 -44.90
C ASP A 622 59.57 17.34 -45.37
N LEU A 623 59.14 18.59 -45.26
CA LEU A 623 57.79 18.98 -45.68
C LEU A 623 57.44 18.35 -47.01
N TRP A 624 58.41 18.25 -47.88
CA TRP A 624 58.14 17.68 -49.19
C TRP A 624 58.77 16.32 -49.44
N LYS A 625 58.82 15.46 -48.43
CA LYS A 625 59.40 14.14 -48.60
C LYS A 625 58.44 13.25 -49.41
N ARG A 656 41.86 8.85 -54.45
CA ARG A 656 42.73 9.73 -55.29
C ARG A 656 42.38 11.22 -55.17
N THR A 657 41.19 11.60 -55.61
CA THR A 657 40.80 13.00 -55.52
C THR A 657 40.49 13.39 -54.08
N VAL A 658 40.54 14.70 -53.81
CA VAL A 658 40.28 15.23 -52.49
C VAL A 658 38.97 14.71 -51.90
N GLY A 659 37.88 14.92 -52.65
CA GLY A 659 36.59 14.45 -52.20
C GLY A 659 36.72 13.03 -51.71
N GLN A 660 37.27 12.16 -52.55
CA GLN A 660 37.46 10.75 -52.22
C GLN A 660 38.23 10.55 -50.92
N LEU A 661 39.36 11.23 -50.82
CA LEU A 661 40.21 11.13 -49.63
C LEU A 661 39.44 11.48 -48.37
N TYR A 662 38.61 12.50 -48.45
CA TYR A 662 37.82 12.91 -47.29
C TYR A 662 36.85 11.81 -46.90
N LYS A 663 36.04 11.38 -47.87
CA LYS A 663 35.08 10.32 -47.63
C LYS A 663 35.74 9.23 -46.77
N GLU A 664 36.91 8.77 -47.20
CA GLU A 664 37.62 7.75 -46.46
C GLU A 664 37.83 8.16 -45.00
N GLN A 665 38.54 9.27 -44.80
CA GLN A 665 38.82 9.77 -43.48
C GLN A 665 37.56 9.90 -42.63
N LEU A 666 36.51 10.44 -43.24
CA LEU A 666 35.25 10.64 -42.56
C LEU A 666 34.70 9.32 -42.09
N THR A 667 34.64 8.35 -43.00
CA THR A 667 34.11 7.02 -42.66
C THR A 667 34.92 6.36 -41.56
N LYS A 668 36.24 6.48 -41.63
CA LYS A 668 37.11 5.90 -40.61
C LYS A 668 36.72 6.50 -39.26
N LEU A 669 36.37 7.78 -39.27
CA LEU A 669 35.99 8.50 -38.06
C LEU A 669 34.65 7.97 -37.58
N MET A 670 33.63 8.15 -38.39
CA MET A 670 32.29 7.70 -38.05
C MET A 670 32.36 6.32 -37.42
N THR A 671 33.18 5.44 -38.00
CA THR A 671 33.34 4.07 -37.49
C THR A 671 33.89 4.08 -36.07
N THR A 672 35.02 4.77 -35.88
CA THR A 672 35.63 4.87 -34.57
C THR A 672 34.58 5.32 -33.60
N LEU A 673 33.85 6.35 -34.00
CA LEU A 673 32.79 6.93 -33.19
C LEU A 673 31.74 5.86 -32.93
N ARG A 674 31.45 5.05 -33.95
CA ARG A 674 30.47 3.98 -33.86
C ARG A 674 30.82 2.98 -32.76
N ASN A 675 32.11 2.84 -32.49
CA ASN A 675 32.62 1.93 -31.48
C ASN A 675 32.94 2.61 -30.16
N THR A 676 32.20 3.68 -29.86
CA THR A 676 32.38 4.42 -28.62
C THR A 676 31.03 4.94 -28.12
N ASN A 677 30.90 5.12 -26.81
CA ASN A 677 29.67 5.65 -26.23
C ASN A 677 29.70 7.17 -26.47
N PRO A 678 28.83 7.67 -27.37
CA PRO A 678 28.78 9.10 -27.68
C PRO A 678 28.10 9.94 -26.63
N ASN A 679 28.56 11.18 -26.50
CA ASN A 679 28.01 12.14 -25.56
C ASN A 679 27.96 13.44 -26.36
N PHE A 680 26.76 13.79 -26.82
CA PHE A 680 26.58 14.98 -27.61
C PHE A 680 26.43 16.21 -26.74
N VAL A 681 27.09 17.29 -27.13
CA VAL A 681 26.98 18.55 -26.42
C VAL A 681 26.51 19.40 -27.58
N ARG A 682 25.29 19.91 -27.49
CA ARG A 682 24.71 20.70 -28.55
C ARG A 682 24.93 22.17 -28.30
N CYS A 683 25.81 22.78 -29.08
CA CYS A 683 26.11 24.19 -28.93
C CYS A 683 25.20 25.09 -29.75
N ILE A 684 24.49 25.95 -29.05
CA ILE A 684 23.58 26.89 -29.69
C ILE A 684 24.26 28.25 -29.77
N ILE A 685 24.10 28.92 -30.90
CA ILE A 685 24.65 30.23 -31.10
C ILE A 685 23.43 31.10 -30.77
N PRO A 686 23.61 32.09 -29.88
CA PRO A 686 22.51 32.98 -29.48
C PRO A 686 22.06 34.02 -30.51
N ASN A 687 23.01 34.67 -31.16
CA ASN A 687 22.68 35.68 -32.14
C ASN A 687 23.71 35.61 -33.23
N HIS A 688 23.57 36.46 -34.24
CA HIS A 688 24.55 36.45 -35.30
C HIS A 688 25.42 37.69 -35.29
N GLU A 689 25.34 38.46 -34.19
CA GLU A 689 26.12 39.68 -34.04
C GLU A 689 27.29 39.52 -33.08
N LYS A 690 27.73 38.27 -32.90
CA LYS A 690 28.83 37.98 -31.99
C LYS A 690 28.62 38.80 -30.72
N ARG A 691 27.35 39.01 -30.41
CA ARG A 691 26.94 39.79 -29.25
C ARG A 691 26.58 38.97 -28.03
N ALA A 692 27.02 39.43 -26.88
CA ALA A 692 26.75 38.73 -25.63
C ALA A 692 25.47 39.31 -25.05
N GLY A 693 24.63 38.44 -24.49
CA GLY A 693 23.39 38.92 -23.90
C GLY A 693 22.26 39.17 -24.87
N LYS A 694 22.43 38.74 -26.12
CA LYS A 694 21.37 38.93 -27.09
C LYS A 694 20.93 37.55 -27.56
N LEU A 695 19.84 37.05 -26.99
CA LEU A 695 19.36 35.74 -27.38
C LEU A 695 18.29 35.90 -28.47
N ASP A 696 18.63 35.49 -29.69
CA ASP A 696 17.71 35.57 -30.84
C ASP A 696 16.71 34.42 -30.82
N ALA A 697 15.61 34.64 -30.12
CA ALA A 697 14.57 33.65 -29.95
C ALA A 697 14.35 32.74 -31.15
N HIS A 698 14.34 33.30 -32.35
CA HIS A 698 14.10 32.47 -33.52
C HIS A 698 15.33 31.73 -34.03
N LEU A 699 16.50 32.36 -33.92
CA LEU A 699 17.72 31.72 -34.36
C LEU A 699 17.91 30.51 -33.44
N VAL A 700 17.53 30.69 -32.17
CA VAL A 700 17.64 29.62 -31.19
C VAL A 700 16.64 28.53 -31.50
N LEU A 701 15.39 28.92 -31.74
CA LEU A 701 14.36 27.94 -32.06
C LEU A 701 14.75 27.11 -33.27
N GLU A 702 15.22 27.78 -34.32
CA GLU A 702 15.60 27.05 -35.52
C GLU A 702 16.68 26.04 -35.19
N GLN A 703 17.67 26.44 -34.42
CA GLN A 703 18.76 25.53 -34.08
C GLN A 703 18.19 24.38 -33.30
N LEU A 704 17.35 24.67 -32.32
CA LEU A 704 16.75 23.62 -31.51
C LEU A 704 16.02 22.65 -32.42
N ARG A 705 15.54 23.16 -33.55
CA ARG A 705 14.78 22.32 -34.49
C ARG A 705 15.62 21.28 -35.24
N CYS A 706 16.61 21.74 -36.01
CA CYS A 706 17.44 20.82 -36.80
C CYS A 706 18.38 19.95 -35.97
N ASN A 707 18.51 20.26 -34.68
CA ASN A 707 19.37 19.47 -33.82
C ASN A 707 18.58 18.33 -33.18
N GLY A 708 17.26 18.37 -33.38
CA GLY A 708 16.38 17.36 -32.83
C GLY A 708 16.30 17.42 -31.31
N VAL A 709 16.72 18.53 -30.72
CA VAL A 709 16.72 18.67 -29.27
C VAL A 709 15.38 18.28 -28.63
N LEU A 710 14.26 18.69 -29.21
CA LEU A 710 12.97 18.35 -28.61
C LEU A 710 12.64 16.88 -28.74
N GLU A 711 12.95 16.32 -29.90
CA GLU A 711 12.70 14.91 -30.16
C GLU A 711 13.68 14.12 -29.28
N GLY A 712 14.85 14.71 -29.06
CA GLY A 712 15.85 14.07 -28.24
C GLY A 712 15.42 14.04 -26.79
N ILE A 713 14.52 14.95 -26.42
CA ILE A 713 14.02 15.00 -25.05
C ILE A 713 12.76 14.16 -24.94
N ARG A 714 11.99 14.07 -26.03
CA ARG A 714 10.78 13.26 -26.02
C ARG A 714 11.15 11.80 -25.78
N ILE A 715 12.04 11.28 -26.62
CA ILE A 715 12.45 9.89 -26.50
C ILE A 715 13.01 9.60 -25.11
N CYS A 716 13.68 10.59 -24.50
CA CYS A 716 14.25 10.38 -23.16
C CYS A 716 13.14 10.31 -22.14
N ARG A 717 11.96 10.77 -22.54
CA ARG A 717 10.79 10.77 -21.70
C ARG A 717 9.92 9.57 -22.02
N GLN A 718 9.50 9.46 -23.27
CA GLN A 718 8.67 8.36 -23.74
C GLN A 718 9.33 6.99 -23.59
N GLY A 719 10.65 6.97 -23.44
CA GLY A 719 11.34 5.71 -23.30
C GLY A 719 11.97 5.52 -21.93
N PHE A 720 13.04 4.75 -21.86
CA PHE A 720 13.76 4.48 -20.61
C PHE A 720 15.26 4.71 -20.87
N PRO A 721 15.74 5.95 -20.65
CA PRO A 721 17.13 6.36 -20.86
C PRO A 721 18.17 5.61 -20.05
N ASN A 722 17.98 5.57 -18.74
CA ASN A 722 18.90 4.86 -17.87
C ASN A 722 18.56 3.39 -17.94
N ARG A 723 19.55 2.56 -17.66
CA ARG A 723 19.39 1.13 -17.71
C ARG A 723 20.61 0.47 -17.10
N ILE A 724 20.43 -0.23 -15.98
CA ILE A 724 21.57 -0.91 -15.39
C ILE A 724 21.38 -2.40 -15.30
N VAL A 725 22.49 -3.14 -15.28
CA VAL A 725 22.42 -4.60 -15.20
C VAL A 725 21.97 -5.04 -13.81
N PHE A 726 21.20 -6.13 -13.78
CA PHE A 726 20.69 -6.66 -12.54
C PHE A 726 21.68 -6.53 -11.38
N GLN A 727 22.78 -7.28 -11.44
CA GLN A 727 23.77 -7.23 -10.35
C GLN A 727 24.08 -5.81 -9.85
N GLU A 728 24.43 -4.93 -10.76
CA GLU A 728 24.75 -3.56 -10.42
C GLU A 728 23.61 -2.90 -9.68
N PHE A 729 22.38 -3.12 -10.16
CA PHE A 729 21.23 -2.53 -9.50
C PHE A 729 21.17 -3.11 -8.10
N ARG A 730 21.38 -4.41 -8.03
CA ARG A 730 21.35 -5.12 -6.76
C ARG A 730 22.37 -4.56 -5.77
N GLN A 731 23.63 -4.43 -6.18
CA GLN A 731 24.66 -3.94 -5.27
C GLN A 731 24.52 -2.48 -4.91
N ARG A 732 24.28 -1.63 -5.91
CA ARG A 732 24.14 -0.19 -5.67
C ARG A 732 22.98 0.16 -4.74
N TYR A 733 21.82 -0.46 -4.94
CA TYR A 733 20.66 -0.15 -4.11
C TYR A 733 20.07 -1.24 -3.21
N GLU A 734 20.79 -2.33 -2.97
CA GLU A 734 20.26 -3.36 -2.09
C GLU A 734 20.08 -2.74 -0.70
N ILE A 735 20.93 -1.77 -0.38
CA ILE A 735 20.89 -1.08 0.90
C ILE A 735 19.55 -0.37 1.10
N LEU A 736 18.92 0.04 0.01
CA LEU A 736 17.64 0.73 0.09
C LEU A 736 16.50 -0.25 0.40
N ALA A 737 16.81 -1.53 0.24
CA ALA A 737 15.91 -2.65 0.55
C ALA A 737 16.73 -3.87 0.98
N ALA A 738 17.39 -3.70 2.11
CA ALA A 738 18.27 -4.71 2.72
C ALA A 738 17.57 -6.06 2.90
N ASN A 739 16.33 -6.00 3.36
CA ASN A 739 15.50 -7.19 3.61
C ASN A 739 14.69 -7.54 2.35
N ALA A 740 15.26 -7.16 1.21
CA ALA A 740 14.62 -7.35 -0.10
C ALA A 740 14.92 -8.72 -0.72
N ILE A 741 16.20 -9.06 -0.76
CA ILE A 741 16.65 -10.32 -1.37
C ILE A 741 16.86 -11.41 -0.32
N PRO A 742 16.68 -12.68 -0.70
CA PRO A 742 16.88 -13.79 0.23
C PRO A 742 18.32 -13.81 0.68
N LYS A 743 18.49 -14.28 1.90
CA LYS A 743 19.82 -14.43 2.50
C LYS A 743 20.49 -15.65 1.90
N GLY A 744 21.35 -15.37 0.93
CA GLY A 744 22.09 -16.42 0.21
C GLY A 744 22.13 -16.07 -1.29
N PHE A 745 21.97 -17.10 -2.09
CA PHE A 745 22.00 -16.97 -3.55
C PHE A 745 20.64 -16.51 -4.09
N MET A 746 20.70 -15.37 -4.76
CA MET A 746 19.55 -14.74 -5.40
C MET A 746 19.98 -14.18 -6.76
N ASP A 747 19.49 -14.85 -7.80
CA ASP A 747 19.78 -14.47 -9.19
C ASP A 747 19.53 -12.98 -9.38
N GLY A 748 20.41 -12.38 -10.17
CA GLY A 748 20.39 -10.95 -10.48
C GLY A 748 18.96 -10.45 -10.75
N LYS A 749 18.32 -11.13 -11.70
CA LYS A 749 16.95 -10.79 -12.13
C LYS A 749 15.94 -10.90 -10.97
N GLN A 750 15.76 -12.08 -10.40
CA GLN A 750 14.81 -12.25 -9.32
C GLN A 750 15.14 -11.36 -8.14
N ALA A 751 16.42 -11.08 -7.96
CA ALA A 751 16.85 -10.23 -6.86
C ALA A 751 16.38 -8.80 -7.10
N CYS A 752 16.55 -8.36 -8.34
CA CYS A 752 16.14 -7.02 -8.71
C CYS A 752 14.64 -6.92 -8.57
N ILE A 753 13.96 -7.84 -9.22
CA ILE A 753 12.50 -7.90 -9.17
C ILE A 753 12.01 -7.79 -7.72
N LEU A 754 12.72 -8.44 -6.80
CA LEU A 754 12.36 -8.40 -5.39
C LEU A 754 12.53 -6.98 -4.88
N MET A 755 13.76 -6.46 -4.97
CA MET A 755 14.08 -5.12 -4.50
C MET A 755 13.12 -4.07 -5.02
N ILE A 756 12.87 -4.10 -6.34
CA ILE A 756 11.98 -3.14 -6.95
C ILE A 756 10.66 -3.20 -6.19
N LYS A 757 10.14 -4.41 -6.02
CA LYS A 757 8.88 -4.61 -5.29
C LYS A 757 9.05 -3.99 -3.90
N ALA A 758 10.18 -4.29 -3.26
CA ALA A 758 10.47 -3.77 -1.94
C ALA A 758 10.46 -2.24 -1.97
N LEU A 759 10.88 -1.67 -3.11
CA LEU A 759 10.95 -0.21 -3.23
C LEU A 759 9.62 0.37 -3.59
N GLU A 760 8.68 -0.50 -3.95
CA GLU A 760 7.34 -0.05 -4.34
C GLU A 760 7.45 0.86 -5.57
N LEU A 761 8.27 0.46 -6.53
CA LEU A 761 8.48 1.23 -7.75
C LEU A 761 7.29 1.12 -8.67
N ASP A 762 6.77 2.26 -9.11
CA ASP A 762 5.64 2.23 -10.01
C ASP A 762 6.11 1.54 -11.28
N PRO A 763 5.39 0.49 -11.69
CA PRO A 763 5.71 -0.28 -12.88
C PRO A 763 5.94 0.57 -14.13
N ASN A 764 5.41 1.79 -14.14
CA ASN A 764 5.60 2.65 -15.31
C ASN A 764 7.02 3.17 -15.36
N LEU A 765 7.63 3.24 -14.18
CA LEU A 765 8.98 3.73 -14.03
C LEU A 765 10.07 2.82 -14.56
N TYR A 766 9.76 1.59 -14.91
CA TYR A 766 10.80 0.71 -15.38
C TYR A 766 10.36 -0.45 -16.27
N ARG A 767 11.34 -1.24 -16.68
CA ARG A 767 11.10 -2.41 -17.50
C ARG A 767 12.24 -3.34 -17.17
N ILE A 768 11.95 -4.63 -17.10
CA ILE A 768 12.97 -5.61 -16.82
C ILE A 768 13.30 -6.25 -18.16
N GLY A 769 14.48 -5.97 -18.68
CA GLY A 769 14.88 -6.55 -19.94
C GLY A 769 15.64 -7.83 -19.68
N GLN A 770 16.23 -8.40 -20.73
CA GLN A 770 16.98 -9.65 -20.62
C GLN A 770 18.06 -9.61 -19.56
N SER A 771 18.93 -8.64 -19.69
CA SER A 771 20.08 -8.48 -18.80
C SER A 771 20.10 -7.25 -17.93
N LYS A 772 19.14 -6.37 -18.10
CA LYS A 772 19.13 -5.16 -17.29
C LYS A 772 17.74 -4.55 -17.13
N ILE A 773 17.59 -3.69 -16.14
CA ILE A 773 16.32 -3.02 -15.92
C ILE A 773 16.44 -1.64 -16.56
N PHE A 774 15.44 -1.25 -17.33
CA PHE A 774 15.45 0.05 -17.94
C PHE A 774 14.63 0.99 -17.04
N PHE A 775 15.17 2.16 -16.72
CA PHE A 775 14.48 3.11 -15.88
C PHE A 775 14.11 4.38 -16.62
N ARG A 776 13.04 5.00 -16.16
CA ARG A 776 12.57 6.23 -16.76
C ARG A 776 13.58 7.28 -16.33
N THR A 777 13.54 8.41 -17.00
CA THR A 777 14.45 9.50 -16.71
C THR A 777 14.37 9.90 -15.25
N GLY A 778 15.54 10.11 -14.66
CA GLY A 778 15.60 10.53 -13.27
C GLY A 778 15.10 9.57 -12.20
N VAL A 779 14.92 8.30 -12.52
CA VAL A 779 14.46 7.35 -11.51
C VAL A 779 15.66 6.93 -10.68
N LEU A 780 16.71 6.44 -11.35
CA LEU A 780 17.90 6.02 -10.62
C LEU A 780 18.40 7.23 -9.84
N ALA A 781 18.25 8.42 -10.45
CA ALA A 781 18.68 9.63 -9.80
C ALA A 781 18.13 9.62 -8.38
N HIS A 782 16.81 9.64 -8.27
CA HIS A 782 16.14 9.65 -6.97
C HIS A 782 16.61 8.50 -6.10
N LEU A 783 16.83 7.35 -6.73
CA LEU A 783 17.30 6.19 -6.00
C LEU A 783 18.64 6.53 -5.39
N GLU A 784 19.48 7.21 -6.16
CA GLU A 784 20.81 7.60 -5.68
C GLU A 784 20.68 8.57 -4.51
N GLU A 785 19.91 9.64 -4.71
CA GLU A 785 19.71 10.64 -3.65
C GLU A 785 19.22 9.99 -2.36
N GLU A 786 18.30 9.04 -2.49
CA GLU A 786 17.75 8.33 -1.33
C GLU A 786 18.86 7.50 -0.72
N ARG A 787 19.70 6.96 -1.57
CA ARG A 787 20.82 6.12 -1.16
C ARG A 787 21.79 6.81 -0.21
N ASP A 788 21.84 8.14 -0.28
CA ASP A 788 22.76 8.91 0.57
C ASP A 788 22.06 9.61 1.74
N LEU B 33 -54.10 42.05 41.91
CA LEU B 33 -54.76 40.72 42.16
C LEU B 33 -53.76 39.61 42.42
N VAL B 34 -54.03 38.79 43.41
CA VAL B 34 -53.09 37.74 43.77
C VAL B 34 -53.70 36.51 44.45
N TRP B 35 -52.85 35.54 44.78
CA TRP B 35 -53.32 34.32 45.44
C TRP B 35 -52.86 34.33 46.89
N VAL B 36 -53.81 34.30 47.81
CA VAL B 36 -53.45 34.26 49.21
C VAL B 36 -54.05 32.98 49.75
N PRO B 37 -53.37 32.35 50.73
CA PRO B 37 -53.87 31.11 51.31
C PRO B 37 -55.29 31.25 51.88
N SER B 38 -55.99 30.12 52.01
CA SER B 38 -57.36 30.10 52.54
C SER B 38 -57.72 28.74 53.12
N GLU B 39 -58.70 28.71 54.04
CA GLU B 39 -59.15 27.49 54.69
C GLU B 39 -60.14 26.74 53.82
N LYS B 40 -61.17 27.45 53.37
CA LYS B 40 -62.21 26.86 52.53
C LYS B 40 -61.60 26.31 51.25
N HIS B 41 -60.74 27.11 50.64
CA HIS B 41 -60.06 26.73 49.40
C HIS B 41 -58.58 26.93 49.63
N GLY B 42 -57.76 26.03 49.11
CA GLY B 42 -56.34 26.15 49.31
C GLY B 42 -55.86 27.57 49.24
N PHE B 43 -56.33 28.27 48.20
CA PHE B 43 -55.96 29.66 47.98
C PHE B 43 -57.16 30.48 47.54
N GLU B 44 -57.04 31.80 47.70
CA GLU B 44 -58.09 32.74 47.37
C GLU B 44 -57.51 33.92 46.63
N ALA B 45 -58.32 34.50 45.76
CA ALA B 45 -57.88 35.66 44.99
C ALA B 45 -58.04 36.88 45.88
N ALA B 46 -57.00 37.68 45.94
CA ALA B 46 -57.02 38.87 46.76
C ALA B 46 -56.11 39.90 46.11
N SER B 47 -56.53 41.16 46.12
CA SER B 47 -55.73 42.23 45.54
C SER B 47 -54.82 42.80 46.64
N ILE B 48 -53.58 43.09 46.27
CA ILE B 48 -52.63 43.64 47.21
C ILE B 48 -53.14 45.00 47.69
N GLU B 55 -44.23 41.76 54.71
CA GLU B 55 -45.68 41.48 54.86
C GLU B 55 -46.53 42.29 53.87
N VAL B 56 -47.71 41.76 53.56
CA VAL B 56 -48.61 42.43 52.63
C VAL B 56 -50.03 42.45 53.17
N THR B 57 -50.77 43.50 52.83
CA THR B 57 -52.14 43.62 53.27
C THR B 57 -53.02 43.70 52.04
N VAL B 58 -53.76 42.62 51.80
CA VAL B 58 -54.64 42.50 50.66
C VAL B 58 -56.10 42.50 51.13
N GLU B 59 -57.00 42.34 50.18
CA GLU B 59 -58.42 42.31 50.48
C GLU B 59 -59.05 41.20 49.64
N LEU B 60 -59.50 40.13 50.30
CA LEU B 60 -60.12 39.00 49.63
C LEU B 60 -61.31 39.43 48.76
N GLN B 61 -61.41 38.86 47.57
CA GLN B 61 -62.49 39.20 46.64
C GLN B 61 -63.81 38.55 47.02
N GLU B 62 -63.74 37.44 47.73
CA GLU B 62 -64.95 36.73 48.16
C GLU B 62 -65.51 37.41 49.40
N ASN B 63 -64.87 37.14 50.52
CA ASN B 63 -65.28 37.71 51.80
C ASN B 63 -65.22 39.23 51.69
N GLY B 64 -64.17 39.72 51.04
CA GLY B 64 -63.99 41.15 50.90
C GLY B 64 -63.10 41.55 52.04
N LYS B 65 -63.17 40.76 53.11
CA LYS B 65 -62.40 40.98 54.32
C LYS B 65 -60.94 41.28 54.02
N LYS B 66 -60.52 42.49 54.39
CA LYS B 66 -59.14 42.88 54.17
C LYS B 66 -58.29 42.10 55.17
N VAL B 67 -57.21 41.50 54.69
CA VAL B 67 -56.32 40.74 55.54
C VAL B 67 -54.88 41.22 55.39
N THR B 68 -54.05 40.88 56.35
CA THR B 68 -52.64 41.27 56.32
C THR B 68 -51.79 40.03 56.51
N LEU B 69 -51.22 39.54 55.42
CA LEU B 69 -50.39 38.34 55.49
C LEU B 69 -48.98 38.56 54.99
N SER B 70 -48.09 37.66 55.41
CA SER B 70 -46.70 37.73 55.01
C SER B 70 -46.57 37.84 53.51
N LYS B 71 -45.39 38.19 53.05
CA LYS B 71 -45.16 38.32 51.63
C LYS B 71 -45.08 36.90 51.09
N ASP B 72 -44.27 36.07 51.75
CA ASP B 72 -44.07 34.69 51.35
C ASP B 72 -45.35 33.86 51.26
N ASP B 73 -46.47 34.40 51.75
CA ASP B 73 -47.75 33.69 51.70
C ASP B 73 -48.46 33.95 50.40
N ILE B 74 -48.08 35.03 49.73
CA ILE B 74 -48.68 35.41 48.48
C ILE B 74 -48.05 34.71 47.28
N GLN B 75 -48.90 34.37 46.32
CA GLN B 75 -48.50 33.69 45.10
C GLN B 75 -49.18 34.42 43.95
N LYS B 76 -48.43 34.66 42.89
CA LYS B 76 -48.97 35.40 41.75
C LYS B 76 -50.00 34.66 40.94
N MET B 77 -51.03 35.39 40.56
CA MET B 77 -52.12 34.87 39.73
C MET B 77 -51.60 34.90 38.30
N ASN B 78 -52.35 34.34 37.36
CA ASN B 78 -51.95 34.33 35.96
C ASN B 78 -53.01 35.08 35.16
N PRO B 79 -52.64 35.59 33.97
CA PRO B 79 -53.64 36.32 33.17
C PRO B 79 -54.81 35.42 32.78
N PRO B 80 -55.98 36.01 32.53
CA PRO B 80 -57.18 35.24 32.16
C PRO B 80 -56.95 34.34 30.94
N LYS B 81 -55.92 34.68 30.16
CA LYS B 81 -55.61 33.91 28.95
C LYS B 81 -55.28 32.47 29.29
N PHE B 82 -54.95 32.22 30.56
CA PHE B 82 -54.61 30.88 30.99
C PHE B 82 -55.77 30.13 31.63
N SER B 83 -57.01 30.50 31.32
CA SER B 83 -58.13 29.79 31.91
C SER B 83 -58.12 28.35 31.42
N LYS B 84 -57.93 27.42 32.36
CA LYS B 84 -57.88 26.00 32.04
C LYS B 84 -56.83 25.56 31.00
N VAL B 85 -55.57 25.90 31.22
CA VAL B 85 -54.52 25.50 30.28
C VAL B 85 -54.45 23.98 30.32
N GLU B 86 -54.29 23.38 29.14
CA GLU B 86 -54.21 21.92 29.03
C GLU B 86 -52.88 21.39 29.53
N ASP B 87 -51.85 22.25 29.44
CA ASP B 87 -50.52 21.89 29.90
C ASP B 87 -50.03 23.00 30.81
N MET B 88 -49.98 22.70 32.10
CA MET B 88 -49.58 23.69 33.08
C MET B 88 -48.12 24.10 33.01
N ALA B 89 -47.35 23.44 32.15
CA ALA B 89 -45.97 23.84 31.99
C ALA B 89 -46.04 25.20 31.28
N GLU B 90 -47.13 25.39 30.54
CA GLU B 90 -47.37 26.61 29.78
C GLU B 90 -47.53 27.83 30.68
N LEU B 91 -48.17 27.65 31.82
CA LEU B 91 -48.43 28.73 32.76
C LEU B 91 -47.30 29.70 32.91
N THR B 92 -47.64 30.98 32.89
CA THR B 92 -46.66 32.06 33.03
C THR B 92 -46.13 31.98 34.46
N CYS B 93 -47.03 31.71 35.39
CA CYS B 93 -46.69 31.60 36.80
C CYS B 93 -47.02 30.21 37.24
N LEU B 94 -46.04 29.53 37.80
CA LEU B 94 -46.27 28.17 38.27
C LEU B 94 -46.11 28.08 39.78
N ASN B 95 -47.25 27.97 40.47
CA ASN B 95 -47.25 27.87 41.93
C ASN B 95 -48.48 27.07 42.34
N GLU B 96 -48.41 26.48 43.53
CA GLU B 96 -49.50 25.68 44.06
C GLU B 96 -50.82 26.31 43.72
N ALA B 97 -50.93 27.58 44.08
CA ALA B 97 -52.14 28.34 43.85
C ALA B 97 -52.65 28.35 42.41
N SER B 98 -51.74 28.43 41.45
CA SER B 98 -52.14 28.47 40.06
C SER B 98 -52.50 27.11 39.51
N VAL B 99 -51.78 26.10 39.97
CA VAL B 99 -52.01 24.73 39.53
C VAL B 99 -53.37 24.32 40.08
N LEU B 100 -53.52 24.46 41.39
CA LEU B 100 -54.80 24.10 42.01
C LEU B 100 -55.91 24.80 41.28
N HIS B 101 -55.72 26.07 40.98
CA HIS B 101 -56.77 26.81 40.30
C HIS B 101 -57.06 26.23 38.93
N ASN B 102 -56.01 26.04 38.15
CA ASN B 102 -56.16 25.52 36.80
C ASN B 102 -56.88 24.20 36.79
N LEU B 103 -56.61 23.38 37.81
CA LEU B 103 -57.24 22.08 37.93
C LEU B 103 -58.70 22.25 38.34
N ARG B 104 -58.93 22.99 39.41
CA ARG B 104 -60.28 23.22 39.90
C ARG B 104 -61.20 23.67 38.77
N GLU B 105 -60.73 24.63 37.98
CA GLU B 105 -61.53 25.16 36.88
C GLU B 105 -61.89 24.10 35.85
N ARG B 106 -60.87 23.48 35.26
CA ARG B 106 -61.11 22.45 34.24
C ARG B 106 -62.05 21.38 34.82
N TYR B 107 -61.83 21.06 36.10
CA TYR B 107 -62.62 20.06 36.78
C TYR B 107 -64.09 20.39 36.66
N PHE B 108 -64.50 21.47 37.30
CA PHE B 108 -65.90 21.87 37.28
C PHE B 108 -66.37 22.17 35.88
N SER B 109 -65.44 22.20 34.94
CA SER B 109 -65.77 22.45 33.54
C SER B 109 -65.91 21.12 32.84
N GLY B 110 -65.76 20.05 33.61
CA GLY B 110 -65.89 18.72 33.06
C GLY B 110 -64.61 18.11 32.54
N LEU B 111 -63.52 18.88 32.55
CA LEU B 111 -62.23 18.40 32.07
C LEU B 111 -61.44 17.83 33.23
N ILE B 112 -61.24 16.51 33.22
CA ILE B 112 -60.51 15.88 34.31
C ILE B 112 -59.05 15.54 33.99
N TYR B 113 -58.67 15.65 32.72
CA TYR B 113 -57.29 15.35 32.34
C TYR B 113 -56.53 16.63 32.05
N THR B 114 -55.36 16.79 32.65
CA THR B 114 -54.57 18.01 32.45
C THR B 114 -53.10 17.64 32.39
N TYR B 115 -52.46 17.89 31.26
CA TYR B 115 -51.06 17.53 31.15
C TYR B 115 -50.33 18.47 32.06
N SER B 116 -49.35 17.95 32.77
CA SER B 116 -48.55 18.77 33.67
C SER B 116 -47.09 18.43 33.41
N GLY B 117 -46.51 19.12 32.45
CA GLY B 117 -45.13 18.85 32.10
C GLY B 117 -45.16 17.61 31.27
N LEU B 118 -44.29 16.67 31.60
CA LEU B 118 -44.26 15.43 30.85
C LEU B 118 -45.46 14.59 31.24
N PHE B 119 -45.59 14.33 32.56
CA PHE B 119 -46.69 13.53 33.06
C PHE B 119 -48.05 14.20 32.92
N CYS B 120 -49.07 13.50 33.40
CA CYS B 120 -50.45 13.94 33.31
C CYS B 120 -51.17 13.78 34.65
N VAL B 121 -52.18 14.61 34.91
CA VAL B 121 -52.93 14.54 36.16
C VAL B 121 -54.39 14.30 35.81
N VAL B 122 -55.08 13.50 36.64
CA VAL B 122 -56.49 13.18 36.45
C VAL B 122 -57.21 13.24 37.77
N ILE B 123 -58.34 13.94 37.82
CA ILE B 123 -59.09 14.06 39.06
C ILE B 123 -60.38 13.25 38.92
N ASN B 124 -60.62 12.35 39.87
CA ASN B 124 -61.81 11.53 39.83
C ASN B 124 -63.12 12.31 39.68
N PRO B 125 -63.85 12.08 38.59
CA PRO B 125 -65.10 12.83 38.43
C PRO B 125 -66.18 12.26 39.34
N TYR B 126 -66.04 10.99 39.67
CA TYR B 126 -67.01 10.31 40.52
C TYR B 126 -68.37 10.38 39.87
N LYS B 127 -68.37 10.60 38.57
CA LYS B 127 -69.60 10.67 37.78
C LYS B 127 -69.26 10.30 36.34
N GLN B 128 -70.27 9.85 35.62
CA GLN B 128 -70.07 9.45 34.24
C GLN B 128 -69.88 10.70 33.39
N LEU B 129 -68.91 10.65 32.48
CA LEU B 129 -68.64 11.76 31.59
C LEU B 129 -68.65 11.25 30.16
N PRO B 130 -69.23 12.02 29.25
CA PRO B 130 -69.31 11.63 27.83
C PRO B 130 -67.96 11.83 27.13
N ILE B 131 -66.94 11.11 27.57
CA ILE B 131 -65.62 11.27 26.99
C ILE B 131 -64.89 10.00 26.67
N TYR B 132 -65.54 8.85 26.81
CA TYR B 132 -64.86 7.60 26.52
C TYR B 132 -65.51 6.78 25.42
N SER B 133 -66.23 7.43 24.51
CA SER B 133 -66.89 6.73 23.40
C SER B 133 -65.86 6.09 22.49
N GLU B 134 -66.31 5.38 21.47
CA GLU B 134 -65.38 4.76 20.54
C GLU B 134 -65.06 5.84 19.51
N LYS B 135 -66.05 6.70 19.30
CA LYS B 135 -65.95 7.81 18.36
C LYS B 135 -64.78 8.67 18.80
N ILE B 136 -64.71 8.92 20.10
CA ILE B 136 -63.64 9.71 20.68
C ILE B 136 -62.33 8.96 20.58
N ILE B 137 -62.37 7.64 20.67
CA ILE B 137 -61.14 6.88 20.54
C ILE B 137 -60.61 7.18 19.15
N ASP B 138 -61.53 7.35 18.21
CA ASP B 138 -61.17 7.66 16.82
C ASP B 138 -60.52 9.03 16.76
N MET B 139 -61.22 10.02 17.31
CA MET B 139 -60.74 11.38 17.32
C MET B 139 -59.32 11.48 17.85
N TYR B 140 -58.93 10.52 18.68
CA TYR B 140 -57.61 10.55 19.26
C TYR B 140 -56.60 9.68 18.59
N LYS B 141 -57.02 8.92 17.58
CA LYS B 141 -56.11 8.02 16.88
C LYS B 141 -54.92 8.73 16.27
N GLY B 142 -53.73 8.25 16.61
CA GLY B 142 -52.50 8.82 16.08
C GLY B 142 -52.34 10.32 16.28
N LYS B 143 -53.08 10.89 17.22
CA LYS B 143 -53.00 12.32 17.50
C LYS B 143 -51.80 12.66 18.40
N LYS B 144 -51.18 13.80 18.12
CA LYS B 144 -50.05 14.25 18.93
C LYS B 144 -50.64 14.94 20.15
N ARG B 145 -49.96 14.81 21.28
CA ARG B 145 -50.44 15.39 22.51
C ARG B 145 -50.95 16.80 22.34
N HIS B 146 -50.22 17.61 21.58
CA HIS B 146 -50.62 18.99 21.38
C HIS B 146 -51.80 19.19 20.42
N GLU B 147 -52.11 18.17 19.62
CA GLU B 147 -53.23 18.29 18.67
C GLU B 147 -54.59 17.95 19.29
N MET B 148 -54.59 17.45 20.52
CA MET B 148 -55.83 17.09 21.18
C MET B 148 -55.80 17.35 22.66
N PRO B 149 -56.94 17.78 23.22
CA PRO B 149 -57.04 18.08 24.65
C PRO B 149 -56.50 16.90 25.43
N PRO B 150 -56.08 17.13 26.68
CA PRO B 150 -55.55 16.02 27.47
C PRO B 150 -56.58 14.91 27.68
N HIS B 151 -56.16 13.67 27.42
CA HIS B 151 -57.04 12.52 27.61
C HIS B 151 -56.19 11.29 27.90
N ILE B 152 -56.73 10.35 28.66
CA ILE B 152 -55.99 9.15 28.98
C ILE B 152 -55.71 8.40 27.68
N TYR B 153 -56.55 8.66 26.67
CA TYR B 153 -56.39 8.03 25.36
C TYR B 153 -55.09 8.54 24.77
N ALA B 154 -54.89 9.85 24.85
CA ALA B 154 -53.67 10.46 24.32
C ALA B 154 -52.47 9.77 24.95
N ILE B 155 -52.52 9.56 26.27
CA ILE B 155 -51.41 8.91 26.96
C ILE B 155 -51.20 7.54 26.37
N ALA B 156 -52.30 6.82 26.20
CA ALA B 156 -52.26 5.48 25.63
C ALA B 156 -51.65 5.53 24.26
N ASP B 157 -52.21 6.35 23.38
CA ASP B 157 -51.74 6.49 22.01
C ASP B 157 -50.28 6.91 21.86
N THR B 158 -49.91 8.03 22.49
CA THR B 158 -48.55 8.54 22.40
C THR B 158 -47.54 7.54 22.96
N ALA B 159 -48.00 6.70 23.88
CA ALA B 159 -47.11 5.69 24.45
C ALA B 159 -46.96 4.65 23.37
N TYR B 160 -48.08 4.34 22.74
CA TYR B 160 -48.12 3.37 21.66
C TYR B 160 -47.12 3.75 20.58
N ARG B 161 -47.40 4.86 19.90
CA ARG B 161 -46.53 5.33 18.85
C ARG B 161 -45.06 5.38 19.28
N SER B 162 -44.79 6.01 20.41
CA SER B 162 -43.44 6.11 20.92
C SER B 162 -42.77 4.75 20.94
N MET B 163 -43.55 3.72 21.23
CA MET B 163 -43.02 2.37 21.30
C MET B 163 -42.47 1.98 19.94
N LEU B 164 -43.30 2.07 18.91
CA LEU B 164 -42.88 1.75 17.55
C LEU B 164 -41.78 2.73 17.12
N GLN B 165 -42.08 4.02 17.28
CA GLN B 165 -41.17 5.11 16.92
C GLN B 165 -39.72 4.92 17.39
N ASP B 166 -39.52 4.67 18.68
CA ASP B 166 -38.17 4.51 19.21
C ASP B 166 -37.82 3.06 19.51
N ARG B 167 -38.68 2.13 19.08
CA ARG B 167 -38.45 0.71 19.31
C ARG B 167 -38.02 0.45 20.76
N GLU B 168 -38.68 1.11 21.69
CA GLU B 168 -38.40 0.95 23.12
C GLU B 168 -39.69 0.61 23.85
N ASP B 169 -39.61 -0.37 24.74
CA ASP B 169 -40.77 -0.81 25.52
C ASP B 169 -41.30 0.34 26.35
N GLN B 170 -42.62 0.48 26.36
CA GLN B 170 -43.26 1.56 27.11
C GLN B 170 -44.03 1.06 28.30
N SER B 171 -44.34 1.98 29.21
CA SER B 171 -45.10 1.65 30.40
C SER B 171 -45.86 2.90 30.83
N ILE B 172 -47.15 2.71 31.12
CA ILE B 172 -48.02 3.79 31.56
C ILE B 172 -48.29 3.50 33.03
N LEU B 173 -47.76 4.31 33.94
CA LEU B 173 -47.96 4.06 35.36
C LEU B 173 -48.94 4.98 36.05
N CYS B 174 -50.05 4.41 36.50
CA CYS B 174 -51.07 5.17 37.20
C CYS B 174 -50.74 5.22 38.68
N THR B 175 -50.72 6.43 39.22
CA THR B 175 -50.44 6.64 40.62
C THR B 175 -51.68 7.21 41.29
N GLY B 176 -51.81 7.01 42.60
CA GLY B 176 -52.96 7.56 43.30
C GLY B 176 -53.37 6.86 44.57
N GLU B 177 -53.85 7.65 45.53
CA GLU B 177 -54.30 7.07 46.78
C GLU B 177 -55.53 6.25 46.45
N SER B 178 -55.88 5.35 47.34
CA SER B 178 -57.03 4.50 47.13
C SER B 178 -58.25 5.31 46.71
N GLY B 179 -58.81 4.96 45.56
CA GLY B 179 -60.00 5.64 45.06
C GLY B 179 -59.76 6.67 43.98
N ALA B 180 -58.52 7.14 43.87
CA ALA B 180 -58.13 8.16 42.88
C ALA B 180 -58.63 7.86 41.48
N GLY B 181 -58.41 6.65 40.97
CA GLY B 181 -58.88 6.34 39.64
C GLY B 181 -57.95 5.47 38.83
N LYS B 182 -56.91 4.97 39.48
CA LYS B 182 -55.93 4.15 38.80
C LYS B 182 -56.53 3.09 37.87
N THR B 183 -57.53 2.36 38.35
CA THR B 183 -58.15 1.32 37.53
C THR B 183 -59.02 1.82 36.40
N GLU B 184 -59.91 2.74 36.69
CA GLU B 184 -60.76 3.22 35.63
C GLU B 184 -59.90 3.63 34.46
N ASN B 185 -58.75 4.24 34.79
CA ASN B 185 -57.83 4.73 33.78
C ASN B 185 -56.97 3.66 33.15
N THR B 186 -56.54 2.68 33.93
CA THR B 186 -55.75 1.61 33.36
C THR B 186 -56.69 0.93 32.35
N LYS B 187 -57.94 0.73 32.77
CA LYS B 187 -58.95 0.10 31.93
C LYS B 187 -59.19 0.86 30.63
N LYS B 188 -59.03 2.18 30.66
CA LYS B 188 -59.22 3.00 29.46
C LYS B 188 -58.07 2.87 28.49
N VAL B 189 -56.87 2.70 29.05
CA VAL B 189 -55.68 2.54 28.23
C VAL B 189 -55.79 1.23 27.46
N ILE B 190 -56.20 0.16 28.14
CA ILE B 190 -56.35 -1.11 27.47
C ILE B 190 -57.48 -1.03 26.46
N GLN B 191 -58.55 -0.34 26.81
CA GLN B 191 -59.69 -0.21 25.90
C GLN B 191 -59.26 0.43 24.59
N TYR B 192 -58.44 1.48 24.71
CA TYR B 192 -57.95 2.20 23.56
C TYR B 192 -57.04 1.31 22.73
N LEU B 193 -55.97 0.80 23.35
CA LEU B 193 -55.03 -0.05 22.65
C LEU B 193 -55.71 -1.21 21.90
N ALA B 194 -56.68 -1.85 22.54
CA ALA B 194 -57.36 -2.96 21.91
C ALA B 194 -58.12 -2.52 20.65
N VAL B 195 -58.56 -1.26 20.64
CA VAL B 195 -59.33 -0.71 19.53
C VAL B 195 -58.51 -0.10 18.39
N VAL B 196 -57.19 -0.14 18.50
CA VAL B 196 -56.35 0.47 17.45
C VAL B 196 -55.33 -0.49 16.79
N ALA B 197 -54.83 -1.45 17.55
CA ALA B 197 -53.76 -2.33 17.04
C ALA B 197 -54.19 -3.78 16.77
N SER B 198 -55.43 -4.09 17.14
CA SER B 198 -55.93 -5.44 16.93
C SER B 198 -56.27 -5.62 15.46
N GLY B 217 -60.74 -11.26 15.73
CA GLY B 217 -60.50 -10.16 16.72
C GLY B 217 -60.72 -10.61 18.15
N GLU B 218 -60.65 -11.92 18.37
CA GLU B 218 -60.83 -12.52 19.67
C GLU B 218 -59.96 -11.90 20.76
N LEU B 219 -58.64 -12.04 20.60
CA LEU B 219 -57.72 -11.50 21.60
C LEU B 219 -58.26 -10.23 22.22
N GLU B 220 -58.44 -9.20 21.39
CA GLU B 220 -58.96 -7.94 21.89
C GLU B 220 -60.22 -8.18 22.69
N LYS B 221 -61.15 -8.94 22.14
CA LYS B 221 -62.42 -9.22 22.81
C LYS B 221 -62.22 -9.84 24.19
N GLN B 222 -61.23 -10.74 24.30
CA GLN B 222 -60.92 -11.38 25.58
C GLN B 222 -60.11 -10.45 26.47
N LEU B 223 -59.25 -9.66 25.84
CA LEU B 223 -58.39 -8.73 26.55
C LEU B 223 -59.25 -7.83 27.40
N LEU B 224 -60.42 -7.49 26.86
CA LEU B 224 -61.35 -6.61 27.55
C LEU B 224 -62.18 -7.34 28.59
N GLN B 225 -61.90 -8.63 28.79
CA GLN B 225 -62.63 -9.42 29.77
C GLN B 225 -61.73 -9.70 30.95
N ALA B 226 -60.42 -9.56 30.73
CA ALA B 226 -59.46 -9.81 31.77
C ALA B 226 -59.87 -9.20 33.11
N ASN B 227 -59.95 -7.88 33.17
CA ASN B 227 -60.31 -7.19 34.40
C ASN B 227 -61.69 -7.56 34.89
N PRO B 228 -62.72 -7.47 34.03
CA PRO B 228 -64.04 -7.84 34.51
C PRO B 228 -64.02 -9.16 35.29
N ILE B 229 -63.14 -10.07 34.88
CA ILE B 229 -63.01 -11.36 35.57
C ILE B 229 -62.17 -11.16 36.82
N LEU B 230 -60.97 -10.62 36.65
CA LEU B 230 -60.08 -10.42 37.77
C LEU B 230 -60.73 -9.60 38.88
N GLU B 231 -61.33 -8.47 38.50
CA GLU B 231 -61.99 -7.60 39.48
C GLU B 231 -62.97 -8.38 40.34
N ALA B 232 -63.71 -9.27 39.72
CA ALA B 232 -64.73 -10.08 40.40
C ALA B 232 -64.18 -10.94 41.53
N PHE B 233 -62.94 -11.40 41.40
CA PHE B 233 -62.36 -12.23 42.43
C PHE B 233 -61.37 -11.50 43.33
N GLY B 234 -60.80 -10.41 42.82
CA GLY B 234 -59.83 -9.66 43.59
C GLY B 234 -60.20 -8.26 44.06
N ASN B 235 -61.37 -7.79 43.67
CA ASN B 235 -61.83 -6.47 44.09
C ASN B 235 -62.86 -6.60 45.23
N ALA B 236 -63.05 -5.55 46.02
CA ALA B 236 -64.00 -5.60 47.12
C ALA B 236 -64.29 -4.20 47.57
N LYS B 237 -65.43 -4.04 48.22
CA LYS B 237 -65.82 -2.74 48.70
C LYS B 237 -65.13 -2.39 50.02
N THR B 238 -64.29 -1.35 50.00
CA THR B 238 -63.59 -0.86 51.18
C THR B 238 -64.20 0.50 51.47
N VAL B 239 -63.91 1.03 52.65
CA VAL B 239 -64.47 2.33 52.99
C VAL B 239 -63.99 3.38 52.03
N LYS B 240 -62.81 3.16 51.47
CA LYS B 240 -62.20 4.11 50.55
C LYS B 240 -62.72 3.94 49.14
N ASN B 241 -63.01 2.70 48.76
CA ASN B 241 -63.48 2.46 47.41
C ASN B 241 -64.43 1.27 47.35
N ASP B 242 -65.49 1.41 46.57
CA ASP B 242 -66.48 0.36 46.44
C ASP B 242 -66.02 -0.77 45.52
N ASN B 243 -65.23 -0.44 44.53
CA ASN B 243 -64.72 -1.44 43.60
C ASN B 243 -63.20 -1.39 43.77
N SER B 244 -62.74 -1.59 45.01
CA SER B 244 -61.31 -1.53 45.27
C SER B 244 -60.51 -2.78 44.94
N SER B 245 -59.45 -2.59 44.17
CA SER B 245 -58.55 -3.65 43.79
C SER B 245 -57.82 -3.98 45.06
N ARG B 246 -57.91 -5.23 45.49
CA ARG B 246 -57.23 -5.65 46.70
C ARG B 246 -56.01 -6.43 46.28
N PHE B 247 -55.42 -5.99 45.18
CA PHE B 247 -54.21 -6.61 44.66
C PHE B 247 -53.64 -5.72 43.59
N GLY B 248 -52.32 -5.61 43.54
CA GLY B 248 -51.71 -4.80 42.50
C GLY B 248 -51.71 -5.57 41.20
N LYS B 249 -51.51 -4.89 40.07
CA LYS B 249 -51.49 -5.59 38.81
C LYS B 249 -50.75 -4.86 37.68
N PHE B 250 -49.86 -5.57 37.02
CA PHE B 250 -49.10 -5.01 35.91
C PHE B 250 -49.55 -5.74 34.64
N ILE B 251 -50.32 -5.07 33.79
CA ILE B 251 -50.77 -5.68 32.56
C ILE B 251 -49.77 -5.34 31.47
N ARG B 252 -49.21 -6.37 30.83
CA ARG B 252 -48.23 -6.17 29.78
C ARG B 252 -48.75 -6.65 28.43
N ILE B 253 -49.00 -5.70 27.54
CA ILE B 253 -49.52 -6.01 26.19
C ILE B 253 -48.41 -6.15 25.15
N ASN B 254 -48.37 -7.29 24.48
CA ASN B 254 -47.35 -7.59 23.49
C ASN B 254 -47.81 -7.28 22.07
N PHE B 255 -46.97 -6.60 21.32
CA PHE B 255 -47.27 -6.25 19.92
C PHE B 255 -46.17 -6.80 19.02
N ASP B 256 -46.48 -6.91 17.73
CA ASP B 256 -45.48 -7.36 16.79
C ASP B 256 -44.76 -6.11 16.29
N VAL B 257 -43.75 -6.30 15.46
CA VAL B 257 -42.98 -5.18 14.92
C VAL B 257 -43.85 -4.26 14.08
N THR B 258 -45.00 -4.78 13.66
CA THR B 258 -45.93 -4.01 12.86
C THR B 258 -46.71 -3.05 13.75
N GLY B 259 -46.87 -3.43 15.01
CA GLY B 259 -47.60 -2.59 15.94
C GLY B 259 -48.89 -3.21 16.42
N TYR B 260 -49.27 -4.34 15.81
CA TYR B 260 -50.51 -5.03 16.16
C TYR B 260 -50.38 -5.88 17.43
N ILE B 261 -51.43 -5.88 18.26
CA ILE B 261 -51.39 -6.65 19.49
C ILE B 261 -51.20 -8.11 19.17
N VAL B 262 -50.37 -8.77 19.96
CA VAL B 262 -50.07 -10.16 19.75
C VAL B 262 -50.39 -11.01 20.97
N GLY B 263 -49.96 -10.56 22.13
CA GLY B 263 -50.22 -11.30 23.33
C GLY B 263 -50.67 -10.36 24.42
N ALA B 264 -50.59 -10.82 25.66
CA ALA B 264 -50.98 -10.02 26.81
C ALA B 264 -50.78 -10.93 28.03
N ASN B 265 -50.07 -10.42 29.03
CA ASN B 265 -49.82 -11.19 30.23
C ASN B 265 -50.01 -10.32 31.49
N ILE B 266 -50.94 -10.73 32.36
CA ILE B 266 -51.23 -10.01 33.59
C ILE B 266 -50.54 -10.59 34.83
N GLU B 267 -49.78 -9.76 35.51
CA GLU B 267 -49.09 -10.18 36.71
C GLU B 267 -49.70 -9.41 37.88
N THR B 268 -50.11 -10.12 38.91
CA THR B 268 -50.73 -9.49 40.07
C THR B 268 -49.87 -9.59 41.33
N TYR B 269 -50.06 -8.63 42.21
CA TYR B 269 -49.30 -8.55 43.46
C TYR B 269 -50.19 -8.34 44.70
N LEU B 270 -49.70 -8.89 45.79
CA LEU B 270 -50.28 -8.80 47.16
C LEU B 270 -51.81 -8.83 47.18
N LEU B 271 -52.37 -10.02 47.02
CA LEU B 271 -53.83 -10.21 47.13
C LEU B 271 -54.17 -10.30 48.62
N GLU B 272 -55.10 -9.48 49.04
CA GLU B 272 -55.53 -9.41 50.45
C GLU B 272 -56.40 -10.62 50.81
N LYS B 273 -55.78 -11.79 50.98
CA LYS B 273 -56.49 -13.02 51.34
C LYS B 273 -57.35 -12.84 52.58
N SER B 274 -56.77 -12.14 53.55
CA SER B 274 -57.45 -11.89 54.81
C SER B 274 -58.89 -11.50 54.65
N ARG B 275 -59.17 -10.64 53.68
CA ARG B 275 -60.50 -10.16 53.40
C ARG B 275 -61.51 -11.29 53.18
N ALA B 276 -61.00 -12.43 52.75
CA ALA B 276 -61.84 -13.59 52.51
C ALA B 276 -62.60 -14.03 53.75
N ILE B 277 -62.02 -13.81 54.92
CA ILE B 277 -62.66 -14.26 56.16
C ILE B 277 -63.13 -13.19 57.17
N ARG B 278 -62.99 -11.92 56.84
CA ARG B 278 -63.41 -10.86 57.76
C ARG B 278 -63.32 -9.49 57.10
N GLN B 279 -64.26 -8.62 57.43
CA GLN B 279 -64.26 -7.26 56.90
C GLN B 279 -64.79 -6.30 57.95
N ALA B 280 -64.19 -5.12 58.01
CA ALA B 280 -64.59 -4.10 58.97
C ALA B 280 -65.92 -3.48 58.57
N LYS B 281 -66.44 -2.59 59.41
CA LYS B 281 -67.72 -1.96 59.15
C LYS B 281 -67.89 -1.44 57.74
N ASP B 282 -69.12 -1.53 57.26
CA ASP B 282 -69.50 -1.05 55.93
C ASP B 282 -68.56 -1.54 54.85
N GLU B 283 -67.89 -2.64 55.13
CA GLU B 283 -66.98 -3.22 54.19
C GLU B 283 -67.49 -4.59 53.83
N ARG B 284 -67.20 -5.03 52.62
CA ARG B 284 -67.61 -6.34 52.21
C ARG B 284 -66.42 -7.07 51.58
N THR B 285 -66.51 -8.38 51.43
CA THR B 285 -65.42 -9.16 50.88
C THR B 285 -65.40 -9.12 49.35
N PHE B 286 -64.65 -10.02 48.74
CA PHE B 286 -64.55 -10.03 47.29
C PHE B 286 -65.90 -10.17 46.58
N HIS B 287 -66.17 -9.26 45.65
CA HIS B 287 -67.43 -9.26 44.91
C HIS B 287 -67.98 -10.63 44.55
N ILE B 288 -67.13 -11.49 44.02
CA ILE B 288 -67.57 -12.81 43.60
C ILE B 288 -68.44 -13.51 44.61
N PHE B 289 -68.16 -13.33 45.89
CA PHE B 289 -68.98 -13.99 46.90
C PHE B 289 -70.40 -13.49 46.84
N TYR B 290 -70.55 -12.18 46.87
CA TYR B 290 -71.86 -11.55 46.81
C TYR B 290 -72.54 -11.82 45.47
N TYR B 291 -71.74 -11.95 44.41
CA TYR B 291 -72.27 -12.23 43.08
C TYR B 291 -72.91 -13.60 43.05
N LEU B 292 -72.14 -14.62 43.34
CA LEU B 292 -72.61 -16.01 43.34
C LEU B 292 -73.81 -16.18 44.25
N ILE B 293 -73.65 -15.80 45.50
CA ILE B 293 -74.73 -15.93 46.46
C ILE B 293 -76.00 -15.21 45.99
N ALA B 294 -75.83 -14.09 45.30
CA ALA B 294 -77.01 -13.36 44.87
C ALA B 294 -77.55 -13.69 43.48
N GLY B 295 -76.76 -14.33 42.63
CA GLY B 295 -77.28 -14.59 41.30
C GLY B 295 -77.22 -16.01 40.77
N ALA B 296 -76.87 -16.96 41.64
CA ALA B 296 -76.79 -18.35 41.23
C ALA B 296 -78.17 -18.91 40.92
N SER B 297 -78.26 -19.68 39.84
CA SER B 297 -79.52 -20.30 39.47
C SER B 297 -79.93 -21.26 40.58
N GLU B 298 -81.22 -21.48 40.75
CA GLU B 298 -81.70 -22.36 41.80
C GLU B 298 -81.03 -23.72 41.80
N GLN B 299 -80.70 -24.21 40.61
CA GLN B 299 -80.05 -25.52 40.48
C GLN B 299 -78.61 -25.48 40.93
N MET B 300 -78.00 -24.30 40.83
CA MET B 300 -76.61 -24.13 41.22
C MET B 300 -76.64 -23.83 42.71
N ARG B 301 -77.66 -23.09 43.11
CA ARG B 301 -77.86 -22.71 44.50
C ARG B 301 -77.72 -23.93 45.37
N ASN B 302 -78.39 -24.99 44.98
CA ASN B 302 -78.35 -26.21 45.76
C ASN B 302 -77.33 -27.22 45.24
N ASP B 303 -76.70 -26.88 44.13
CA ASP B 303 -75.66 -27.73 43.54
C ASP B 303 -74.33 -27.44 44.26
N LEU B 304 -74.23 -26.19 44.66
CA LEU B 304 -73.07 -25.67 45.40
C LEU B 304 -73.35 -25.68 46.90
N LEU B 305 -74.60 -25.98 47.21
CA LEU B 305 -75.09 -26.04 48.60
C LEU B 305 -74.93 -24.66 49.25
N LEU B 306 -75.21 -23.65 48.43
CA LEU B 306 -75.10 -22.23 48.80
C LEU B 306 -76.19 -21.85 49.81
N GLU B 307 -75.86 -20.84 50.60
CA GLU B 307 -76.77 -20.32 51.64
C GLU B 307 -77.11 -18.86 51.35
N GLY B 308 -77.52 -18.17 52.41
CA GLY B 308 -77.90 -16.77 52.28
C GLY B 308 -76.79 -15.90 52.81
N PHE B 309 -76.91 -14.60 52.56
CA PHE B 309 -75.90 -13.65 53.00
C PHE B 309 -75.69 -13.63 54.51
N ASN B 310 -76.69 -14.04 55.28
CA ASN B 310 -76.54 -14.06 56.73
C ASN B 310 -76.43 -15.49 57.29
N ASN B 311 -76.13 -16.45 56.40
CA ASN B 311 -75.96 -17.84 56.79
C ASN B 311 -74.46 -18.13 56.78
N TYR B 312 -73.71 -17.16 56.29
CA TYR B 312 -72.27 -17.25 56.15
C TYR B 312 -71.55 -16.30 57.09
N THR B 313 -70.68 -16.83 57.91
CA THR B 313 -69.97 -16.03 58.88
C THR B 313 -68.76 -15.28 58.31
N PHE B 314 -68.30 -15.72 57.17
CA PHE B 314 -67.15 -15.05 56.54
C PHE B 314 -67.63 -13.74 55.89
N LEU B 315 -68.94 -13.64 55.83
CA LEU B 315 -69.64 -12.46 55.29
C LEU B 315 -69.98 -11.51 56.43
N SER B 316 -68.92 -11.11 57.12
CA SER B 316 -68.97 -10.20 58.28
C SER B 316 -70.28 -9.41 58.29
N ASN B 317 -70.23 -8.27 57.62
CA ASN B 317 -71.37 -7.33 57.52
C ASN B 317 -72.38 -7.82 56.48
N GLY B 318 -72.92 -8.99 56.75
CA GLY B 318 -73.92 -9.63 55.88
C GLY B 318 -73.81 -9.08 54.46
N HIS B 319 -74.98 -8.73 53.92
CA HIS B 319 -75.10 -8.17 52.57
C HIS B 319 -75.07 -6.65 52.60
N VAL B 320 -73.95 -6.12 52.13
CA VAL B 320 -73.72 -4.68 52.05
C VAL B 320 -73.92 -4.23 50.60
N PRO B 321 -75.08 -3.66 50.25
CA PRO B 321 -75.35 -3.24 48.89
C PRO B 321 -74.35 -2.22 48.41
N ILE B 322 -74.00 -2.33 47.13
CA ILE B 322 -73.08 -1.41 46.46
C ILE B 322 -73.89 -0.26 45.85
N PRO B 323 -73.28 0.85 45.45
CA PRO B 323 -74.02 1.99 44.91
C PRO B 323 -74.84 1.60 43.70
N ALA B 324 -74.21 1.71 42.54
CA ALA B 324 -74.85 1.44 41.25
C ALA B 324 -74.46 0.07 40.67
N GLN B 325 -74.62 -0.95 41.48
CA GLN B 325 -74.31 -2.34 41.07
C GLN B 325 -75.38 -3.29 41.60
N GLN B 326 -75.62 -4.32 40.80
CA GLN B 326 -76.60 -5.38 41.10
C GLN B 326 -75.93 -6.75 41.01
N ASP B 327 -75.57 -7.24 42.18
CA ASP B 327 -74.89 -8.53 42.34
C ASP B 327 -75.37 -9.56 41.30
N ASP B 328 -76.69 -9.80 41.29
CA ASP B 328 -77.28 -10.75 40.34
C ASP B 328 -76.85 -10.40 38.90
N GLU B 329 -76.78 -9.10 38.62
CA GLU B 329 -76.37 -8.62 37.30
C GLU B 329 -74.90 -8.93 37.07
N MET B 330 -74.09 -8.46 38.01
CA MET B 330 -72.66 -8.65 37.92
C MET B 330 -72.31 -10.13 37.78
N PHE B 331 -73.15 -11.00 38.34
CA PHE B 331 -72.88 -12.43 38.26
C PHE B 331 -72.97 -12.93 36.84
N GLN B 332 -73.99 -12.47 36.11
CA GLN B 332 -74.17 -12.87 34.72
C GLN B 332 -73.10 -12.18 33.89
N GLU B 333 -72.72 -10.99 34.35
CA GLU B 333 -71.69 -10.20 33.70
C GLU B 333 -70.36 -10.95 33.79
N THR B 334 -70.13 -11.52 34.96
CA THR B 334 -68.90 -12.25 35.23
C THR B 334 -68.87 -13.52 34.42
N LEU B 335 -69.97 -14.28 34.49
CA LEU B 335 -70.07 -15.52 33.75
C LEU B 335 -69.93 -15.25 32.25
N GLU B 336 -70.45 -14.11 31.81
CA GLU B 336 -70.39 -13.72 30.40
C GLU B 336 -68.94 -13.53 29.97
N ALA B 337 -68.19 -12.85 30.81
CA ALA B 337 -66.78 -12.56 30.56
C ALA B 337 -65.92 -13.80 30.67
N MET B 338 -66.24 -14.63 31.63
CA MET B 338 -65.49 -15.86 31.82
C MET B 338 -65.71 -16.65 30.55
N THR B 339 -66.96 -16.65 30.11
CA THR B 339 -67.37 -17.35 28.89
C THR B 339 -66.49 -16.86 27.75
N ILE B 340 -66.52 -15.55 27.52
CA ILE B 340 -65.73 -14.92 26.47
C ILE B 340 -64.25 -15.20 26.65
N MET B 341 -63.79 -15.21 27.89
CA MET B 341 -62.39 -15.47 28.18
C MET B 341 -62.04 -16.88 27.75
N GLY B 342 -63.07 -17.71 27.57
CA GLY B 342 -62.86 -19.08 27.14
C GLY B 342 -63.03 -20.14 28.21
N PHE B 343 -63.59 -19.76 29.35
CA PHE B 343 -63.78 -20.72 30.44
C PHE B 343 -64.93 -21.65 30.08
N THR B 344 -64.72 -22.95 30.29
CA THR B 344 -65.74 -23.94 29.99
C THR B 344 -66.75 -23.89 31.11
N GLU B 345 -67.98 -24.31 30.81
CA GLU B 345 -69.03 -24.30 31.81
C GLU B 345 -68.58 -25.01 33.09
N GLU B 346 -67.81 -26.09 32.94
CA GLU B 346 -67.33 -26.83 34.08
C GLU B 346 -66.20 -26.08 34.78
N GLU B 347 -65.43 -25.29 34.03
CA GLU B 347 -64.35 -24.52 34.63
C GLU B 347 -65.01 -23.49 35.53
N GLN B 348 -66.09 -22.90 35.02
CA GLN B 348 -66.83 -21.89 35.76
C GLN B 348 -67.55 -22.43 36.99
N THR B 349 -68.16 -23.60 36.87
CA THR B 349 -68.87 -24.17 38.01
C THR B 349 -67.85 -24.67 39.02
N SER B 350 -66.68 -25.07 38.54
CA SER B 350 -65.65 -25.56 39.45
C SER B 350 -65.11 -24.38 40.25
N ILE B 351 -64.99 -23.23 39.59
CA ILE B 351 -64.50 -22.00 40.23
C ILE B 351 -65.54 -21.56 41.27
N LEU B 352 -66.79 -21.48 40.85
CA LEU B 352 -67.87 -21.08 41.74
C LEU B 352 -67.99 -22.07 42.90
N ARG B 353 -67.67 -23.33 42.66
CA ARG B 353 -67.74 -24.34 43.71
C ARG B 353 -66.68 -24.05 44.76
N VAL B 354 -65.49 -23.66 44.31
CA VAL B 354 -64.42 -23.34 45.24
C VAL B 354 -64.79 -22.10 46.05
N VAL B 355 -65.46 -21.16 45.41
CA VAL B 355 -65.85 -19.96 46.12
C VAL B 355 -66.76 -20.37 47.25
N SER B 356 -67.70 -21.27 46.93
CA SER B 356 -68.66 -21.73 47.94
C SER B 356 -67.99 -22.43 49.09
N SER B 357 -67.03 -23.30 48.80
CA SER B 357 -66.32 -24.03 49.85
C SER B 357 -65.62 -23.06 50.80
N VAL B 358 -65.06 -21.99 50.23
CA VAL B 358 -64.37 -20.99 51.03
C VAL B 358 -65.35 -20.34 52.00
N LEU B 359 -66.62 -20.22 51.60
CA LEU B 359 -67.60 -19.62 52.48
C LEU B 359 -68.03 -20.63 53.54
N GLN B 360 -68.22 -21.88 53.11
CA GLN B 360 -68.63 -22.93 54.03
C GLN B 360 -67.58 -23.20 55.09
N LEU B 361 -66.31 -23.01 54.74
CA LEU B 361 -65.23 -23.22 55.69
C LEU B 361 -65.50 -22.32 56.86
N GLY B 362 -65.95 -21.12 56.57
CA GLY B 362 -66.25 -20.18 57.63
C GLY B 362 -67.33 -20.65 58.59
N ASN B 363 -68.24 -21.47 58.10
CA ASN B 363 -69.33 -21.96 58.95
C ASN B 363 -68.95 -23.07 59.94
N ILE B 364 -67.81 -23.73 59.73
CA ILE B 364 -67.36 -24.77 60.65
C ILE B 364 -67.21 -24.15 62.04
N VAL B 365 -67.59 -24.88 63.08
CA VAL B 365 -67.47 -24.35 64.44
C VAL B 365 -66.83 -25.33 65.41
N PHE B 366 -65.89 -24.84 66.20
CA PHE B 366 -65.22 -25.68 67.17
C PHE B 366 -65.59 -25.26 68.58
N LYS B 367 -65.57 -26.22 69.50
CA LYS B 367 -65.92 -25.94 70.89
C LYS B 367 -64.78 -26.31 71.83
N LYS B 368 -64.74 -25.65 72.98
CA LYS B 368 -63.70 -25.90 73.95
C LYS B 368 -64.05 -27.08 74.87
N GLU B 369 -63.28 -27.22 75.95
CA GLU B 369 -63.47 -28.29 76.93
C GLU B 369 -62.32 -28.31 77.95
N GLN B 374 -58.90 -29.60 74.67
CA GLN B 374 -58.87 -29.48 73.18
C GLN B 374 -60.15 -28.86 72.65
N ALA B 375 -60.37 -29.03 71.34
CA ALA B 375 -61.55 -28.48 70.70
C ALA B 375 -62.23 -29.56 69.92
N SER B 376 -63.56 -29.48 69.87
CA SER B 376 -64.34 -30.47 69.16
C SER B 376 -65.52 -29.80 68.48
N MET B 377 -65.72 -30.12 67.21
CA MET B 377 -66.83 -29.55 66.48
C MET B 377 -68.02 -30.49 66.64
N PRO B 378 -68.97 -30.10 67.50
CA PRO B 378 -70.15 -30.95 67.72
C PRO B 378 -70.94 -31.06 66.41
N ASP B 379 -71.08 -29.95 65.70
CA ASP B 379 -71.79 -29.92 64.43
C ASP B 379 -70.80 -29.95 63.29
N ASN B 380 -70.83 -31.05 62.54
CA ASN B 380 -69.93 -31.24 61.42
C ASN B 380 -70.57 -30.89 60.08
N THR B 381 -71.86 -30.58 60.10
CA THR B 381 -72.57 -30.25 58.89
C THR B 381 -71.69 -29.47 57.94
N ALA B 382 -71.29 -28.29 58.37
CA ALA B 382 -70.41 -27.44 57.56
C ALA B 382 -69.19 -28.24 57.10
N ALA B 383 -68.54 -28.90 58.04
CA ALA B 383 -67.37 -29.72 57.73
C ALA B 383 -67.75 -30.72 56.65
N GLN B 384 -69.00 -31.17 56.67
CA GLN B 384 -69.48 -32.13 55.70
C GLN B 384 -69.59 -31.47 54.34
N LYS B 385 -70.30 -30.35 54.29
CA LYS B 385 -70.49 -29.62 53.05
C LYS B 385 -69.17 -29.24 52.40
N VAL B 386 -68.28 -28.68 53.22
CA VAL B 386 -66.96 -28.28 52.77
C VAL B 386 -66.27 -29.43 52.05
N CYS B 387 -66.25 -30.59 52.71
CA CYS B 387 -65.61 -31.76 52.12
C CYS B 387 -66.33 -32.20 50.86
N HIS B 388 -67.65 -32.08 50.88
CA HIS B 388 -68.44 -32.48 49.73
C HIS B 388 -68.01 -31.64 48.54
N LEU B 389 -67.80 -30.36 48.80
CA LEU B 389 -67.40 -29.43 47.76
C LEU B 389 -65.92 -29.50 47.45
N MET B 390 -65.15 -30.16 48.29
CA MET B 390 -63.72 -30.26 48.06
C MET B 390 -63.22 -31.63 47.59
N GLY B 391 -64.08 -32.64 47.61
CA GLY B 391 -63.66 -33.98 47.22
C GLY B 391 -62.74 -34.53 48.28
N ILE B 392 -63.09 -34.27 49.53
CA ILE B 392 -62.30 -34.70 50.68
C ILE B 392 -63.16 -35.56 51.60
N ASN B 393 -62.54 -36.28 52.53
CA ASN B 393 -63.25 -37.15 53.46
C ASN B 393 -63.55 -36.46 54.77
N VAL B 394 -64.82 -36.29 55.09
CA VAL B 394 -65.23 -35.63 56.32
C VAL B 394 -64.46 -36.03 57.57
N THR B 395 -64.21 -37.32 57.73
CA THR B 395 -63.52 -37.80 58.91
C THR B 395 -62.03 -37.56 58.83
N ASP B 396 -61.47 -37.64 57.63
CA ASP B 396 -60.05 -37.41 57.45
C ASP B 396 -59.79 -35.93 57.64
N PHE B 397 -60.75 -35.12 57.18
CA PHE B 397 -60.66 -33.68 57.30
C PHE B 397 -60.79 -33.32 58.78
N THR B 398 -61.91 -33.69 59.39
CA THR B 398 -62.12 -33.40 60.80
C THR B 398 -60.91 -33.80 61.66
N ARG B 399 -60.27 -34.92 61.33
CA ARG B 399 -59.12 -35.41 62.09
C ARG B 399 -57.91 -34.52 61.90
N SER B 400 -57.60 -34.23 60.64
CA SER B 400 -56.46 -33.39 60.29
C SER B 400 -56.61 -31.98 60.85
N ILE B 401 -57.86 -31.54 61.01
CA ILE B 401 -58.12 -30.22 61.55
C ILE B 401 -58.05 -30.23 63.07
N LEU B 402 -58.75 -31.18 63.67
CA LEU B 402 -58.79 -31.29 65.11
C LEU B 402 -57.56 -31.91 65.75
N THR B 403 -56.79 -32.65 64.97
CA THR B 403 -55.58 -33.30 65.50
C THR B 403 -54.67 -33.80 64.40
N PRO B 404 -53.77 -32.94 63.93
CA PRO B 404 -52.82 -33.32 62.87
C PRO B 404 -51.61 -34.08 63.43
N LYS B 415 -50.72 -34.29 67.76
CA LYS B 415 -50.78 -32.84 68.10
C LYS B 415 -52.20 -32.35 68.30
N ALA B 416 -52.52 -32.01 69.54
CA ALA B 416 -53.86 -31.53 69.88
C ALA B 416 -54.07 -30.07 69.51
N GLN B 417 -55.28 -29.78 69.03
CA GLN B 417 -55.64 -28.43 68.63
C GLN B 417 -56.75 -27.90 69.52
N THR B 418 -56.63 -26.64 69.90
CA THR B 418 -57.63 -25.99 70.74
C THR B 418 -58.54 -25.19 69.81
N LYS B 419 -59.69 -24.74 70.33
CA LYS B 419 -60.60 -23.97 69.51
C LYS B 419 -59.76 -22.92 68.82
N GLU B 420 -59.12 -22.09 69.62
CA GLU B 420 -58.26 -21.02 69.12
C GLU B 420 -57.40 -21.44 67.93
N GLN B 421 -56.77 -22.60 68.02
CA GLN B 421 -55.90 -23.06 66.93
C GLN B 421 -56.64 -23.80 65.84
N ALA B 422 -57.82 -24.31 66.17
CA ALA B 422 -58.60 -25.04 65.20
C ALA B 422 -59.19 -23.99 64.29
N ASP B 423 -59.66 -22.91 64.90
CA ASP B 423 -60.25 -21.78 64.17
C ASP B 423 -59.21 -21.24 63.20
N PHE B 424 -58.00 -20.99 63.71
CA PHE B 424 -56.92 -20.46 62.90
C PHE B 424 -56.73 -21.29 61.62
N ALA B 425 -56.43 -22.57 61.80
CA ALA B 425 -56.19 -23.48 60.69
C ALA B 425 -57.24 -23.37 59.61
N ILE B 426 -58.50 -23.38 60.03
CA ILE B 426 -59.61 -23.29 59.10
C ILE B 426 -59.52 -21.99 58.30
N GLU B 427 -59.30 -20.87 59.01
CA GLU B 427 -59.18 -19.56 58.37
C GLU B 427 -58.03 -19.61 57.38
N ALA B 428 -56.88 -20.02 57.90
CA ALA B 428 -55.66 -20.14 57.10
C ALA B 428 -55.95 -20.87 55.79
N LEU B 429 -56.74 -21.93 55.89
CA LEU B 429 -57.09 -22.73 54.72
C LEU B 429 -57.97 -21.88 53.80
N ALA B 430 -58.97 -21.23 54.39
CA ALA B 430 -59.88 -20.38 53.64
C ALA B 430 -59.07 -19.45 52.77
N LYS B 431 -58.27 -18.60 53.42
CA LYS B 431 -57.44 -17.65 52.69
C LYS B 431 -56.53 -18.32 51.67
N ALA B 432 -55.89 -19.40 52.06
CA ALA B 432 -55.00 -20.10 51.14
C ALA B 432 -55.77 -20.63 49.93
N LYS B 433 -56.97 -21.15 50.17
CA LYS B 433 -57.82 -21.69 49.12
C LYS B 433 -58.22 -20.59 48.16
N PHE B 434 -58.51 -19.42 48.69
CA PHE B 434 -58.90 -18.33 47.85
C PHE B 434 -57.71 -17.82 47.05
N GLU B 435 -56.61 -17.56 47.74
CA GLU B 435 -55.41 -17.07 47.09
C GLU B 435 -55.06 -17.91 45.87
N ARG B 436 -55.27 -19.23 45.97
CA ARG B 436 -54.95 -20.13 44.87
C ARG B 436 -56.01 -20.10 43.78
N LEU B 437 -57.27 -19.95 44.17
CA LEU B 437 -58.32 -19.90 43.18
C LEU B 437 -58.05 -18.66 42.34
N PHE B 438 -57.54 -17.61 42.98
CA PHE B 438 -57.24 -16.38 42.26
C PHE B 438 -56.07 -16.63 41.31
N ARG B 439 -54.94 -17.05 41.90
CA ARG B 439 -53.72 -17.34 41.14
C ARG B 439 -54.04 -18.21 39.93
N TRP B 440 -55.00 -19.13 40.12
CA TRP B 440 -55.42 -20.05 39.07
C TRP B 440 -56.19 -19.31 37.99
N ILE B 441 -57.26 -18.63 38.40
CA ILE B 441 -58.06 -17.88 37.46
C ILE B 441 -57.11 -16.97 36.68
N LEU B 442 -56.20 -16.30 37.38
CA LEU B 442 -55.27 -15.43 36.70
C LEU B 442 -54.51 -16.24 35.67
N THR B 443 -53.89 -17.32 36.12
CA THR B 443 -53.11 -18.21 35.25
C THR B 443 -53.88 -18.59 34.00
N ARG B 444 -55.11 -19.02 34.20
CA ARG B 444 -55.99 -19.43 33.11
C ARG B 444 -56.22 -18.25 32.17
N VAL B 445 -56.43 -17.08 32.74
CA VAL B 445 -56.64 -15.88 31.95
C VAL B 445 -55.39 -15.62 31.10
N ASN B 446 -54.22 -15.85 31.68
CA ASN B 446 -52.96 -15.63 30.98
C ASN B 446 -52.73 -16.61 29.83
N LYS B 447 -53.27 -17.82 29.98
CA LYS B 447 -53.15 -18.85 28.95
C LYS B 447 -53.96 -18.40 27.76
N ALA B 448 -55.16 -17.92 28.03
CA ALA B 448 -56.08 -17.46 26.99
C ALA B 448 -55.62 -16.17 26.32
N LEU B 449 -54.87 -15.36 27.06
CA LEU B 449 -54.38 -14.08 26.52
C LEU B 449 -53.07 -14.24 25.77
N ASP B 450 -52.41 -15.36 25.99
CA ASP B 450 -51.12 -15.65 25.33
C ASP B 450 -51.26 -16.85 24.39
N ALA B 457 -42.30 -8.81 20.19
CA ALA B 457 -41.57 -7.65 19.59
C ALA B 457 -41.42 -6.49 20.56
N SER B 458 -42.55 -5.90 20.94
CA SER B 458 -42.58 -4.76 21.85
C SER B 458 -43.76 -4.90 22.81
N PHE B 459 -43.58 -4.46 24.04
CA PHE B 459 -44.66 -4.55 25.03
C PHE B 459 -44.95 -3.21 25.64
N LEU B 460 -46.19 -3.01 26.06
CA LEU B 460 -46.63 -1.78 26.71
C LEU B 460 -47.15 -2.11 28.10
N GLY B 461 -46.32 -1.99 29.11
CA GLY B 461 -46.76 -2.29 30.47
C GLY B 461 -47.71 -1.23 30.98
N ILE B 462 -48.66 -1.63 31.81
CA ILE B 462 -49.61 -0.72 32.43
C ILE B 462 -49.66 -1.17 33.87
N LEU B 463 -49.40 -0.26 34.80
CA LEU B 463 -49.35 -0.63 36.20
C LEU B 463 -50.40 -0.01 37.11
N ASP B 464 -51.33 -0.85 37.55
CA ASP B 464 -52.41 -0.46 38.46
C ASP B 464 -52.17 -1.12 39.83
N ILE B 465 -51.32 -0.52 40.64
CA ILE B 465 -51.03 -1.05 41.96
C ILE B 465 -52.16 -0.73 42.93
N ALA B 466 -52.11 -1.33 44.11
CA ALA B 466 -53.12 -1.06 45.10
C ALA B 466 -52.67 0.30 45.65
N GLY B 467 -53.61 1.23 45.68
CA GLY B 467 -53.31 2.57 46.13
C GLY B 467 -53.18 2.72 47.61
N PHE B 468 -52.37 3.70 47.98
CA PHE B 468 -52.10 4.03 49.35
C PHE B 468 -53.39 4.13 50.12
N GLU B 469 -53.43 3.46 51.26
CA GLU B 469 -54.61 3.52 52.09
C GLU B 469 -54.25 3.54 53.55
N ILE B 470 -55.08 4.24 54.31
CA ILE B 470 -54.91 4.34 55.74
C ILE B 470 -56.27 4.01 56.34
N PHE B 471 -56.49 2.73 56.64
CA PHE B 471 -57.74 2.30 57.24
C PHE B 471 -57.66 2.50 58.75
N GLU B 472 -58.80 2.36 59.44
CA GLU B 472 -58.84 2.52 60.89
C GLU B 472 -57.80 1.63 61.56
N ILE B 473 -57.70 0.41 61.05
CA ILE B 473 -56.73 -0.56 61.55
C ILE B 473 -55.89 -1.03 60.37
N ASN B 474 -54.62 -0.67 60.39
CA ASN B 474 -53.72 -1.02 59.30
C ASN B 474 -52.83 -2.20 59.64
N SER B 475 -53.04 -3.30 58.94
CA SER B 475 -52.25 -4.50 59.16
C SER B 475 -51.09 -4.64 58.18
N PHE B 476 -50.46 -5.82 58.22
CA PHE B 476 -49.33 -6.12 57.37
C PHE B 476 -49.66 -5.90 55.90
N GLU B 477 -50.92 -6.11 55.53
CA GLU B 477 -51.32 -5.91 54.13
C GLU B 477 -51.12 -4.48 53.72
N GLN B 478 -51.63 -3.57 54.55
CA GLN B 478 -51.51 -2.15 54.29
C GLN B 478 -50.05 -1.71 54.24
N LEU B 479 -49.20 -2.28 55.09
CA LEU B 479 -47.80 -1.89 55.06
C LEU B 479 -47.23 -2.16 53.66
N CYS B 480 -47.46 -3.36 53.16
CA CYS B 480 -46.95 -3.73 51.83
C CYS B 480 -47.53 -2.85 50.74
N ILE B 481 -48.84 -2.66 50.78
CA ILE B 481 -49.50 -1.82 49.78
C ILE B 481 -48.90 -0.43 49.77
N ASN B 482 -48.88 0.23 50.93
CA ASN B 482 -48.35 1.57 51.07
C ASN B 482 -46.87 1.62 50.75
N TYR B 483 -46.15 0.56 51.08
CA TYR B 483 -44.72 0.50 50.80
C TYR B 483 -44.53 0.53 49.27
N THR B 484 -45.36 -0.20 48.57
CA THR B 484 -45.29 -0.24 47.12
C THR B 484 -45.62 1.14 46.54
N ASN B 485 -46.55 1.83 47.18
CA ASN B 485 -46.93 3.14 46.71
C ASN B 485 -45.74 4.09 46.88
N GLU B 486 -45.03 3.94 47.99
CA GLU B 486 -43.86 4.76 48.28
C GLU B 486 -42.83 4.43 47.20
N LYS B 487 -42.69 3.15 46.90
CA LYS B 487 -41.73 2.71 45.91
C LYS B 487 -42.05 3.31 44.54
N LEU B 488 -43.33 3.39 44.20
CA LEU B 488 -43.73 3.94 42.92
C LEU B 488 -43.50 5.44 42.84
N GLN B 489 -43.82 6.16 43.93
CA GLN B 489 -43.64 7.61 43.96
C GLN B 489 -42.18 7.90 43.76
N GLN B 490 -41.35 7.10 44.41
CA GLN B 490 -39.92 7.25 44.30
C GLN B 490 -39.50 7.09 42.83
N LEU B 491 -39.99 6.03 42.18
CA LEU B 491 -39.67 5.79 40.77
C LEU B 491 -39.98 7.05 39.98
N PHE B 492 -41.06 7.73 40.36
CA PHE B 492 -41.43 8.96 39.68
C PHE B 492 -40.31 9.97 39.95
N ASN B 493 -40.10 10.28 41.22
CA ASN B 493 -39.04 11.21 41.58
C ASN B 493 -37.73 10.95 40.83
N HIS B 494 -37.27 9.71 40.87
CA HIS B 494 -36.02 9.34 40.21
C HIS B 494 -36.01 9.70 38.73
N THR B 495 -37.00 9.17 38.02
CA THR B 495 -37.13 9.43 36.61
C THR B 495 -37.23 10.94 36.37
N MET B 496 -38.31 11.56 36.87
CA MET B 496 -38.56 12.97 36.68
C MET B 496 -37.41 13.88 36.98
N PHE B 497 -36.77 13.66 38.12
CA PHE B 497 -35.68 14.54 38.54
C PHE B 497 -34.24 14.06 38.40
N ILE B 498 -33.96 12.82 38.76
CA ILE B 498 -32.58 12.34 38.64
C ILE B 498 -32.24 11.99 37.21
N LEU B 499 -32.86 10.94 36.70
CA LEU B 499 -32.62 10.51 35.32
C LEU B 499 -32.67 11.68 34.33
N GLU B 500 -33.60 12.60 34.52
CA GLU B 500 -33.73 13.76 33.63
C GLU B 500 -32.36 14.44 33.51
N GLN B 501 -31.92 15.01 34.62
CA GLN B 501 -30.65 15.70 34.69
C GLN B 501 -29.47 14.82 34.28
N GLU B 502 -29.49 13.56 34.66
CA GLU B 502 -28.39 12.65 34.30
C GLU B 502 -28.16 12.64 32.79
N GLU B 503 -29.25 12.57 32.04
CA GLU B 503 -29.18 12.55 30.58
C GLU B 503 -28.65 13.88 30.04
N TYR B 504 -28.94 14.96 30.76
CA TYR B 504 -28.49 16.29 30.35
C TYR B 504 -26.97 16.25 30.29
N GLN B 505 -26.35 16.10 31.46
CA GLN B 505 -24.90 16.03 31.57
C GLN B 505 -24.32 14.96 30.64
N ARG B 506 -24.99 13.82 30.60
CA ARG B 506 -24.55 12.71 29.77
C ARG B 506 -24.48 13.06 28.29
N GLU B 507 -25.34 13.97 27.85
CA GLU B 507 -25.37 14.36 26.44
C GLU B 507 -24.58 15.66 26.25
N GLY B 508 -23.93 16.11 27.32
CA GLY B 508 -23.09 17.30 27.27
C GLY B 508 -23.79 18.66 27.25
N ILE B 509 -25.00 18.73 27.78
CA ILE B 509 -25.75 19.98 27.80
C ILE B 509 -25.23 20.89 28.91
N GLU B 510 -25.23 22.20 28.65
CA GLU B 510 -24.80 23.15 29.66
C GLU B 510 -25.88 23.09 30.73
N TRP B 511 -25.66 22.26 31.73
CA TRP B 511 -26.66 22.12 32.78
C TRP B 511 -26.11 22.00 34.20
N ASN B 512 -26.68 22.76 35.12
CA ASN B 512 -26.28 22.71 36.52
C ASN B 512 -27.38 22.03 37.32
N PHE B 513 -27.01 20.93 37.96
CA PHE B 513 -27.96 20.13 38.72
C PHE B 513 -28.86 20.88 39.66
N ILE B 514 -30.10 20.40 39.74
CA ILE B 514 -31.09 20.99 40.61
C ILE B 514 -31.61 19.94 41.56
N ASP B 515 -31.31 20.10 42.84
CA ASP B 515 -31.81 19.18 43.84
C ASP B 515 -33.26 19.62 44.06
N PHE B 516 -34.20 18.83 43.55
CA PHE B 516 -35.60 19.19 43.69
C PHE B 516 -36.19 18.80 45.04
N GLY B 517 -35.34 18.33 45.94
CA GLY B 517 -35.77 17.95 47.27
C GLY B 517 -36.94 16.98 47.31
N LEU B 518 -36.75 15.83 46.68
CA LEU B 518 -37.79 14.81 46.65
C LEU B 518 -37.12 13.44 46.64
N ASP B 519 -36.95 12.86 47.82
CA ASP B 519 -36.33 11.54 47.94
C ASP B 519 -37.00 10.75 49.03
N LEU B 520 -37.43 9.54 48.68
CA LEU B 520 -38.10 8.68 49.63
C LEU B 520 -37.20 7.53 50.05
N GLN B 521 -35.98 7.51 49.54
CA GLN B 521 -35.04 6.44 49.87
C GLN B 521 -35.11 6.04 51.35
N PRO B 522 -35.01 7.02 52.25
CA PRO B 522 -35.07 6.74 53.69
C PRO B 522 -36.16 5.75 54.06
N CYS B 523 -37.41 6.19 54.01
CA CYS B 523 -38.55 5.34 54.34
C CYS B 523 -38.45 3.99 53.65
N ILE B 524 -38.19 4.01 52.34
CA ILE B 524 -38.06 2.79 51.57
C ILE B 524 -37.03 1.88 52.22
N GLU B 525 -35.88 2.42 52.60
CA GLU B 525 -34.86 1.61 53.24
C GLU B 525 -35.34 1.13 54.61
N LEU B 526 -36.11 1.97 55.29
CA LEU B 526 -36.61 1.63 56.61
C LEU B 526 -37.52 0.42 56.57
N ILE B 527 -37.86 -0.02 55.36
CA ILE B 527 -38.74 -1.17 55.22
C ILE B 527 -38.10 -2.34 54.50
N GLU B 528 -37.39 -2.06 53.42
CA GLU B 528 -36.78 -3.12 52.58
C GLU B 528 -35.27 -3.29 52.75
N ARG B 529 -34.71 -2.64 53.74
CA ARG B 529 -33.26 -2.75 54.00
C ARG B 529 -32.95 -4.18 54.45
N PRO B 530 -32.65 -5.11 53.53
CA PRO B 530 -32.36 -6.49 53.88
C PRO B 530 -31.20 -6.56 54.83
N THR B 531 -30.03 -6.34 54.28
CA THR B 531 -28.76 -6.36 55.03
C THR B 531 -28.53 -5.02 55.73
N ASN B 532 -27.37 -4.93 56.35
CA ASN B 532 -26.94 -3.73 57.08
C ASN B 532 -28.00 -3.34 58.12
N PRO B 533 -28.38 -2.07 58.21
CA PRO B 533 -29.39 -1.65 59.17
C PRO B 533 -30.66 -2.40 58.93
N PRO B 534 -31.09 -3.31 59.84
CA PRO B 534 -32.33 -4.07 59.64
C PRO B 534 -33.51 -3.14 59.49
N GLY B 535 -34.41 -3.53 58.58
CA GLY B 535 -35.65 -2.76 58.26
C GLY B 535 -36.89 -3.55 58.72
N VAL B 536 -38.04 -2.88 58.74
CA VAL B 536 -39.28 -3.50 59.17
C VAL B 536 -39.49 -4.90 58.61
N LEU B 537 -39.55 -5.01 57.29
CA LEU B 537 -39.77 -6.33 56.69
C LEU B 537 -38.76 -7.37 57.16
N ALA B 538 -37.47 -7.07 57.08
CA ALA B 538 -36.45 -8.02 57.49
C ALA B 538 -36.41 -8.29 58.98
N LEU B 539 -36.72 -7.28 59.78
CA LEU B 539 -36.75 -7.47 61.23
C LEU B 539 -37.80 -8.55 61.51
N LEU B 540 -38.91 -8.48 60.79
CA LEU B 540 -39.99 -9.44 60.93
C LEU B 540 -39.50 -10.83 60.53
N ASP B 541 -39.08 -10.96 59.28
CA ASP B 541 -38.58 -12.23 58.77
C ASP B 541 -37.67 -12.84 59.82
N GLU B 542 -36.96 -11.98 60.55
CA GLU B 542 -36.06 -12.43 61.61
C GLU B 542 -36.92 -12.89 62.78
N GLU B 543 -37.79 -12.00 63.24
CA GLU B 543 -38.69 -12.29 64.35
C GLU B 543 -39.22 -13.71 64.32
N CYS B 544 -39.79 -14.12 63.20
CA CYS B 544 -40.31 -15.47 63.09
C CYS B 544 -39.16 -16.44 62.83
N ALA B 549 -41.60 -15.87 70.74
CA ALA B 549 -41.55 -14.64 69.88
C ALA B 549 -42.94 -14.08 69.66
N THR B 550 -43.34 -13.11 70.46
CA THR B 550 -44.66 -12.52 70.30
C THR B 550 -44.63 -11.48 69.17
N ASP B 551 -45.81 -11.17 68.62
CA ASP B 551 -45.91 -10.18 67.56
C ASP B 551 -45.45 -8.88 68.20
N THR B 552 -45.81 -8.73 69.48
CA THR B 552 -45.44 -7.56 70.26
C THR B 552 -43.93 -7.51 70.42
N SER B 553 -43.33 -8.68 70.55
CA SER B 553 -41.88 -8.78 70.67
C SER B 553 -41.30 -8.19 69.40
N PHE B 554 -41.95 -8.47 68.27
CA PHE B 554 -41.51 -7.94 66.99
C PHE B 554 -41.43 -6.41 67.07
N VAL B 555 -42.54 -5.80 67.45
CA VAL B 555 -42.61 -4.36 67.58
C VAL B 555 -41.47 -3.81 68.45
N GLU B 556 -41.25 -4.46 69.60
CA GLU B 556 -40.21 -4.02 70.52
C GLU B 556 -38.84 -3.94 69.84
N LYS B 557 -38.49 -4.97 69.08
CA LYS B 557 -37.21 -5.00 68.37
C LYS B 557 -37.19 -3.99 67.23
N LEU B 558 -38.32 -3.88 66.53
CA LEU B 558 -38.43 -2.96 65.42
C LEU B 558 -38.07 -1.56 65.91
N ILE B 559 -38.52 -1.24 67.12
CA ILE B 559 -38.28 0.06 67.70
C ILE B 559 -36.80 0.27 67.99
N GLN B 560 -36.24 -0.71 68.67
CA GLN B 560 -34.82 -0.67 69.09
C GLN B 560 -33.90 -0.54 67.87
N GLU B 561 -34.37 -1.06 66.76
CA GLU B 561 -33.61 -1.06 65.50
C GLU B 561 -33.84 0.24 64.71
N GLN B 562 -35.10 0.61 64.58
CA GLN B 562 -35.49 1.84 63.86
C GLN B 562 -35.70 2.98 64.87
N GLY B 563 -36.81 2.86 65.56
CA GLY B 563 -37.23 3.80 66.62
C GLY B 563 -37.08 5.27 66.17
N ASN B 564 -35.84 5.72 66.21
CA ASN B 564 -35.49 7.12 65.88
C ASN B 564 -35.67 7.45 64.39
N HIS B 565 -35.29 6.51 63.55
CA HIS B 565 -35.36 6.68 62.10
C HIS B 565 -36.44 7.71 61.72
N ALA B 566 -35.96 8.77 61.10
CA ALA B 566 -36.76 9.91 60.66
C ALA B 566 -38.23 9.53 60.38
N LYS B 567 -38.40 8.58 59.48
CA LYS B 567 -39.73 8.13 59.04
C LYS B 567 -40.29 7.00 59.91
N PHE B 568 -40.01 7.07 61.21
CA PHE B 568 -40.49 6.08 62.18
C PHE B 568 -41.04 6.82 63.38
N GLN B 569 -41.93 6.15 64.13
CA GLN B 569 -42.53 6.76 65.31
C GLN B 569 -43.10 5.68 66.23
N LYS B 570 -42.64 5.64 67.48
CA LYS B 570 -43.20 4.66 68.41
C LYS B 570 -44.64 5.12 68.54
N SER B 571 -45.56 4.22 68.88
CA SER B 571 -46.95 4.62 69.00
C SER B 571 -47.30 5.15 70.39
N LYS B 577 -50.12 -1.35 71.56
CA LYS B 577 -50.83 -2.59 71.13
C LYS B 577 -50.12 -3.21 69.93
N THR B 578 -48.79 -3.23 69.99
CA THR B 578 -47.97 -3.77 68.91
C THR B 578 -48.05 -2.83 67.71
N GLU B 579 -48.37 -1.57 68.00
CA GLU B 579 -48.49 -0.57 66.96
C GLU B 579 -47.26 0.30 66.83
N PHE B 580 -47.04 0.80 65.62
CA PHE B 580 -45.95 1.71 65.34
C PHE B 580 -46.39 2.59 64.17
N CYS B 581 -45.63 3.64 63.90
CA CYS B 581 -45.98 4.54 62.81
C CYS B 581 -44.87 4.70 61.79
N ILE B 582 -45.26 4.71 60.52
CA ILE B 582 -44.32 4.93 59.44
C ILE B 582 -44.83 6.20 58.77
N LEU B 583 -43.92 7.14 58.52
CA LEU B 583 -44.29 8.39 57.86
C LEU B 583 -44.14 8.23 56.35
N HIS B 584 -45.18 7.71 55.72
CA HIS B 584 -45.14 7.51 54.29
C HIS B 584 -45.30 8.83 53.61
N TYR B 585 -44.75 8.93 52.41
CA TYR B 585 -44.84 10.15 51.64
C TYR B 585 -46.30 10.64 51.61
N ALA B 586 -47.23 9.71 51.43
CA ALA B 586 -48.63 10.04 51.36
C ALA B 586 -49.22 10.36 52.72
N GLY B 587 -48.49 10.01 53.78
CA GLY B 587 -49.00 10.29 55.10
C GLY B 587 -48.52 9.38 56.22
N LYS B 588 -48.94 9.67 57.44
CA LYS B 588 -48.53 8.88 58.59
C LYS B 588 -49.52 7.76 58.86
N VAL B 589 -49.02 6.54 58.68
CA VAL B 589 -49.82 5.36 58.90
C VAL B 589 -49.33 4.69 60.18
N THR B 590 -50.24 4.44 61.10
CA THR B 590 -49.87 3.78 62.34
C THR B 590 -50.34 2.34 62.24
N TYR B 591 -49.38 1.45 62.00
CA TYR B 591 -49.63 0.04 61.83
C TYR B 591 -49.88 -0.70 63.13
N ASN B 592 -50.44 -1.91 63.00
CA ASN B 592 -50.72 -2.76 64.15
C ASN B 592 -50.15 -4.13 63.81
N ALA B 593 -49.02 -4.46 64.42
CA ALA B 593 -48.31 -5.70 64.20
C ALA B 593 -49.01 -6.98 64.65
N SER B 594 -50.25 -6.86 65.09
CA SER B 594 -50.99 -8.05 65.53
C SER B 594 -51.05 -9.12 64.43
N ALA B 595 -50.62 -10.33 64.77
CA ALA B 595 -50.62 -11.47 63.86
C ALA B 595 -49.63 -11.36 62.72
N TRP B 596 -48.83 -10.32 62.73
CA TRP B 596 -47.86 -10.14 61.67
C TRP B 596 -46.93 -11.35 61.48
N LEU B 597 -46.44 -11.89 62.58
CA LEU B 597 -45.54 -13.02 62.54
C LEU B 597 -46.18 -14.20 61.78
N THR B 598 -47.45 -14.45 62.07
CA THR B 598 -48.22 -15.53 61.44
C THR B 598 -48.47 -15.19 59.98
N LYS B 599 -48.84 -13.94 59.74
CA LYS B 599 -49.12 -13.46 58.40
C LYS B 599 -47.91 -13.56 57.48
N ASN B 600 -46.72 -13.31 58.02
CA ASN B 600 -45.50 -13.37 57.24
C ASN B 600 -45.07 -14.81 56.99
N MET B 601 -45.48 -15.72 57.87
CA MET B 601 -45.13 -17.13 57.73
C MET B 601 -46.13 -17.86 56.83
N ASP B 602 -47.41 -17.52 56.98
CA ASP B 602 -48.48 -18.15 56.22
C ASP B 602 -48.49 -19.67 56.43
N PRO B 603 -48.70 -20.10 57.69
CA PRO B 603 -48.73 -21.51 58.08
C PRO B 603 -50.04 -22.22 57.75
N LEU B 604 -49.93 -23.27 56.96
CA LEU B 604 -51.08 -24.07 56.57
C LEU B 604 -51.05 -25.41 57.31
N ASN B 605 -52.16 -26.13 57.25
CA ASN B 605 -52.25 -27.42 57.91
C ASN B 605 -51.97 -28.52 56.89
N ASP B 606 -50.68 -28.75 56.62
CA ASP B 606 -50.20 -29.75 55.67
C ASP B 606 -51.06 -31.02 55.62
N ASN B 607 -51.65 -31.37 56.75
CA ASN B 607 -52.51 -32.54 56.83
C ASN B 607 -53.66 -32.36 55.85
N VAL B 608 -54.59 -31.49 56.21
CA VAL B 608 -55.74 -31.21 55.35
C VAL B 608 -55.20 -30.82 53.99
N THR B 609 -54.12 -30.06 53.99
CA THR B 609 -53.49 -29.61 52.76
C THR B 609 -53.26 -30.78 51.82
N SER B 610 -52.75 -31.88 52.35
CA SER B 610 -52.49 -33.06 51.54
C SER B 610 -53.79 -33.68 51.05
N LEU B 611 -54.76 -33.78 51.96
CA LEU B 611 -56.07 -34.34 51.63
C LEU B 611 -56.54 -33.73 50.33
N LEU B 612 -56.46 -32.40 50.25
CA LEU B 612 -56.88 -31.67 49.07
C LEU B 612 -55.96 -32.01 47.92
N ASN B 613 -54.67 -32.10 48.22
CA ASN B 613 -53.71 -32.40 47.18
C ASN B 613 -54.19 -33.60 46.35
N GLN B 614 -54.91 -34.51 47.00
CA GLN B 614 -55.44 -35.70 46.35
C GLN B 614 -56.96 -35.74 46.51
N SER B 615 -57.60 -34.67 46.08
CA SER B 615 -59.04 -34.57 46.18
C SER B 615 -59.67 -35.35 45.05
N SER B 616 -60.82 -35.96 45.32
CA SER B 616 -61.53 -36.71 44.30
C SER B 616 -61.81 -35.73 43.17
N ASP B 617 -61.78 -34.45 43.50
CA ASP B 617 -62.01 -33.40 42.53
C ASP B 617 -60.72 -32.91 41.91
N LYS B 618 -60.66 -32.96 40.59
CA LYS B 618 -59.48 -32.53 39.86
C LYS B 618 -59.15 -31.05 40.08
N PHE B 619 -60.12 -30.17 39.87
CA PHE B 619 -59.88 -28.73 40.05
C PHE B 619 -59.27 -28.46 41.40
N VAL B 620 -59.87 -29.05 42.43
CA VAL B 620 -59.36 -28.87 43.78
C VAL B 620 -57.91 -29.34 43.78
N ALA B 621 -57.70 -30.57 43.33
CA ALA B 621 -56.36 -31.15 43.27
C ALA B 621 -55.41 -30.20 42.54
N ASP B 622 -55.89 -29.65 41.42
CA ASP B 622 -55.08 -28.73 40.64
C ASP B 622 -54.70 -27.59 41.55
N LEU B 623 -55.70 -26.92 42.10
CA LEU B 623 -55.48 -25.80 43.02
C LEU B 623 -54.38 -26.12 44.03
N TRP B 624 -54.36 -27.37 44.47
CA TRP B 624 -53.37 -27.75 45.44
C TRP B 624 -52.29 -28.71 44.93
N LYS B 625 -51.84 -28.52 43.69
CA LYS B 625 -50.79 -29.36 43.14
C LYS B 625 -49.43 -28.99 43.76
N ARG B 656 -38.47 -16.97 51.19
CA ARG B 656 -39.29 -17.90 52.01
C ARG B 656 -40.53 -17.22 52.60
N THR B 657 -40.36 -16.27 53.50
CA THR B 657 -41.50 -15.58 54.10
C THR B 657 -42.19 -14.66 53.10
N VAL B 658 -43.46 -14.36 53.37
CA VAL B 658 -44.25 -13.50 52.50
C VAL B 658 -43.52 -12.20 52.17
N GLY B 659 -43.12 -11.49 53.21
CA GLY B 659 -42.42 -10.24 53.02
C GLY B 659 -41.33 -10.45 51.99
N GLN B 660 -40.49 -11.45 52.22
CA GLN B 660 -39.40 -11.76 51.30
C GLN B 660 -39.86 -11.97 49.87
N LEU B 661 -40.86 -12.82 49.71
CA LEU B 661 -41.41 -13.14 48.40
C LEU B 661 -41.85 -11.89 47.66
N TYR B 662 -42.47 -10.96 48.39
CA TYR B 662 -42.93 -9.73 47.76
C TYR B 662 -41.75 -8.92 47.27
N LYS B 663 -40.80 -8.66 48.17
CA LYS B 663 -39.60 -7.90 47.82
C LYS B 663 -39.10 -8.37 46.45
N GLU B 664 -38.96 -9.69 46.29
CA GLU B 664 -38.49 -10.26 45.03
C GLU B 664 -39.36 -9.79 43.87
N GLN B 665 -40.65 -10.11 43.95
CA GLN B 665 -41.61 -9.74 42.91
C GLN B 665 -41.56 -8.26 42.59
N LEU B 666 -41.52 -7.44 43.63
CA LEU B 666 -41.48 -6.00 43.48
C LEU B 666 -40.23 -5.57 42.69
N THR B 667 -39.08 -6.07 43.12
CA THR B 667 -37.83 -5.74 42.47
C THR B 667 -37.84 -6.17 41.01
N LYS B 668 -38.37 -7.36 40.75
CA LYS B 668 -38.44 -7.85 39.37
C LYS B 668 -39.26 -6.87 38.55
N LEU B 669 -40.29 -6.30 39.17
CA LEU B 669 -41.17 -5.33 38.50
C LEU B 669 -40.41 -4.04 38.27
N MET B 670 -39.98 -3.41 39.36
CA MET B 670 -39.23 -2.17 39.26
C MET B 670 -38.20 -2.25 38.13
N THR B 671 -37.51 -3.38 38.05
CA THR B 671 -36.51 -3.60 37.01
C THR B 671 -37.14 -3.55 35.63
N THR B 672 -38.17 -4.35 35.42
CA THR B 672 -38.87 -4.37 34.14
C THR B 672 -39.22 -2.95 33.77
N LEU B 673 -39.77 -2.25 34.75
CA LEU B 673 -40.16 -0.86 34.57
C LEU B 673 -38.95 -0.01 34.24
N ARG B 674 -37.82 -0.32 34.88
CA ARG B 674 -36.56 0.40 34.67
C ARG B 674 -36.11 0.31 33.20
N ASN B 675 -36.50 -0.77 32.53
CA ASN B 675 -36.14 -1.02 31.14
C ASN B 675 -37.25 -0.66 30.17
N THR B 676 -38.07 0.33 30.55
CA THR B 676 -39.17 0.81 29.72
C THR B 676 -39.34 2.31 29.90
N ASN B 677 -39.86 2.97 28.87
CA ASN B 677 -40.10 4.40 28.94
C ASN B 677 -41.39 4.58 29.76
N PRO B 678 -41.28 5.13 30.98
CA PRO B 678 -42.45 5.34 31.84
C PRO B 678 -43.29 6.55 31.47
N ASN B 679 -44.58 6.43 31.72
CA ASN B 679 -45.55 7.47 31.46
C ASN B 679 -46.43 7.45 32.66
N PHE B 680 -46.22 8.41 33.55
CA PHE B 680 -46.99 8.50 34.78
C PHE B 680 -48.29 9.24 34.56
N VAL B 681 -49.37 8.71 35.14
CA VAL B 681 -50.67 9.32 35.08
C VAL B 681 -50.91 9.47 36.56
N ARG B 682 -50.98 10.70 37.05
CA ARG B 682 -51.18 10.96 38.46
C ARG B 682 -52.65 11.18 38.76
N CYS B 683 -53.25 10.20 39.42
CA CYS B 683 -54.65 10.26 39.77
C CYS B 683 -54.92 10.93 41.12
N ILE B 684 -55.66 12.01 41.07
CA ILE B 684 -56.02 12.77 42.26
C ILE B 684 -57.43 12.43 42.67
N ILE B 685 -57.60 12.26 43.97
CA ILE B 685 -58.92 11.95 44.52
C ILE B 685 -59.38 13.34 44.95
N PRO B 686 -60.60 13.74 44.51
CA PRO B 686 -61.15 15.06 44.84
C PRO B 686 -61.60 15.26 46.27
N ASN B 687 -62.32 14.29 46.81
CA ASN B 687 -62.82 14.39 48.17
C ASN B 687 -62.79 13.02 48.78
N HIS B 688 -63.18 12.92 50.04
CA HIS B 688 -63.18 11.63 50.69
C HIS B 688 -64.58 11.10 50.92
N GLU B 689 -65.56 11.74 50.29
CA GLU B 689 -66.96 11.36 50.40
C GLU B 689 -67.49 10.68 49.17
N LYS B 690 -66.58 10.08 48.40
CA LYS B 690 -66.96 9.39 47.16
C LYS B 690 -67.99 10.23 46.45
N ARG B 691 -67.85 11.54 46.63
CA ARG B 691 -68.76 12.52 46.06
C ARG B 691 -68.27 13.16 44.77
N ALA B 692 -69.18 13.31 43.84
CA ALA B 692 -68.87 13.92 42.56
C ALA B 692 -69.14 15.42 42.65
N GLY B 693 -68.25 16.22 42.05
CA GLY B 693 -68.45 17.65 42.10
C GLY B 693 -68.00 18.31 43.38
N LYS B 694 -67.29 17.59 44.23
CA LYS B 694 -66.81 18.18 45.47
C LYS B 694 -65.30 18.12 45.46
N LEU B 695 -64.65 19.22 45.08
CA LEU B 695 -63.20 19.24 45.04
C LEU B 695 -62.66 19.82 46.34
N ASP B 696 -62.05 18.96 47.15
CA ASP B 696 -61.48 19.35 48.44
C ASP B 696 -60.11 20.02 48.23
N ALA B 697 -60.15 21.32 48.05
CA ALA B 697 -58.96 22.13 47.81
C ALA B 697 -57.72 21.68 48.55
N HIS B 698 -57.86 21.31 49.82
CA HIS B 698 -56.68 20.90 50.58
C HIS B 698 -56.28 19.45 50.35
N LEU B 699 -57.26 18.57 50.17
CA LEU B 699 -56.95 17.17 49.93
C LEU B 699 -56.21 17.12 48.61
N VAL B 700 -56.62 17.99 47.69
CA VAL B 700 -56.00 18.05 46.38
C VAL B 700 -54.61 18.63 46.50
N LEU B 701 -54.48 19.74 47.22
CA LEU B 701 -53.17 20.34 47.39
C LEU B 701 -52.19 19.34 48.00
N GLU B 702 -52.62 18.64 49.04
CA GLU B 702 -51.73 17.68 49.69
C GLU B 702 -51.28 16.63 48.70
N GLN B 703 -52.21 16.14 47.88
CA GLN B 703 -51.87 15.12 46.91
C GLN B 703 -50.88 15.70 45.93
N LEU B 704 -51.17 16.89 45.42
CA LEU B 704 -50.26 17.54 44.48
C LEU B 704 -48.86 17.65 45.10
N ARG B 705 -48.83 17.74 46.43
CA ARG B 705 -47.56 17.86 47.13
C ARG B 705 -46.68 16.61 47.13
N CYS B 706 -47.18 15.52 47.70
CA CYS B 706 -46.39 14.29 47.76
C CYS B 706 -46.20 13.58 46.43
N ASN B 707 -46.89 14.04 45.39
CA ASN B 707 -46.74 13.44 44.09
C ASN B 707 -45.65 14.16 43.30
N GLY B 708 -45.19 15.29 43.86
CA GLY B 708 -44.15 16.11 43.23
C GLY B 708 -44.63 16.77 41.96
N VAL B 709 -45.94 16.86 41.78
CA VAL B 709 -46.53 17.46 40.58
C VAL B 709 -45.93 18.82 40.23
N LEU B 710 -45.74 19.69 41.23
CA LEU B 710 -45.18 21.01 40.95
C LEU B 710 -43.72 20.94 40.58
N GLU B 711 -42.97 20.09 41.29
CA GLU B 711 -41.54 19.92 41.01
C GLU B 711 -41.43 19.24 39.65
N GLY B 712 -42.41 18.41 39.35
CA GLY B 712 -42.42 17.72 38.08
C GLY B 712 -42.67 18.67 36.94
N ILE B 713 -43.31 19.81 37.25
CA ILE B 713 -43.60 20.80 36.23
C ILE B 713 -42.46 21.81 36.15
N ARG B 714 -41.80 22.06 37.28
CA ARG B 714 -40.68 22.99 37.30
C ARG B 714 -39.58 22.46 36.40
N ILE B 715 -39.14 21.23 36.67
CA ILE B 715 -38.08 20.62 35.87
C ILE B 715 -38.43 20.58 34.39
N CYS B 716 -39.71 20.44 34.05
CA CYS B 716 -40.13 20.39 32.65
C CYS B 716 -40.00 21.79 32.08
N ARG B 717 -39.89 22.77 32.97
CA ARG B 717 -39.76 24.15 32.56
C ARG B 717 -38.30 24.56 32.59
N GLN B 718 -37.69 24.46 33.77
CA GLN B 718 -36.29 24.80 33.98
C GLN B 718 -35.31 23.99 33.10
N GLY B 719 -35.79 22.87 32.58
CA GLY B 719 -34.96 22.02 31.74
C GLY B 719 -35.42 21.97 30.31
N PHE B 720 -35.11 20.87 29.62
CA PHE B 720 -35.48 20.66 28.22
C PHE B 720 -36.09 19.26 28.11
N PRO B 721 -37.41 19.16 28.26
CA PRO B 721 -38.18 17.91 28.22
C PRO B 721 -38.09 17.15 26.91
N ASN B 722 -38.39 17.83 25.81
CA ASN B 722 -38.32 17.20 24.51
C ASN B 722 -36.88 17.16 24.09
N ARG B 723 -36.56 16.22 23.22
CA ARG B 723 -35.22 16.05 22.72
C ARG B 723 -35.21 15.06 21.57
N ILE B 724 -34.85 15.53 20.37
CA ILE B 724 -34.80 14.62 19.25
C ILE B 724 -33.41 14.55 18.62
N VAL B 725 -33.12 13.42 17.99
CA VAL B 725 -31.84 13.22 17.36
C VAL B 725 -31.73 14.06 16.09
N PHE B 726 -30.52 14.55 15.85
CA PHE B 726 -30.25 15.39 14.72
C PHE B 726 -31.03 14.98 13.47
N GLN B 727 -30.73 13.80 12.92
CA GLN B 727 -31.43 13.35 11.71
C GLN B 727 -32.92 13.57 11.75
N GLU B 728 -33.56 13.08 12.81
CA GLU B 728 -35.00 13.21 12.98
C GLU B 728 -35.44 14.65 12.93
N PHE B 729 -34.70 15.52 13.61
CA PHE B 729 -35.05 16.93 13.61
C PHE B 729 -34.94 17.40 12.17
N ARG B 730 -33.87 16.98 11.52
CA ARG B 730 -33.60 17.36 10.14
C ARG B 730 -34.72 16.96 9.19
N GLN B 731 -35.13 15.69 9.24
CA GLN B 731 -36.18 15.22 8.35
C GLN B 731 -37.56 15.77 8.67
N ARG B 732 -37.93 15.78 9.94
CA ARG B 732 -39.24 16.27 10.35
C ARG B 732 -39.45 17.76 10.00
N TYR B 733 -38.45 18.60 10.28
CA TYR B 733 -38.59 20.02 10.02
C TYR B 733 -37.71 20.69 8.97
N GLU B 734 -37.05 19.92 8.12
CA GLU B 734 -36.21 20.53 7.08
C GLU B 734 -37.13 21.35 6.18
N ILE B 735 -38.38 20.92 6.06
CA ILE B 735 -39.37 21.60 5.25
C ILE B 735 -39.61 23.03 5.75
N LEU B 736 -39.43 23.24 7.05
CA LEU B 736 -39.64 24.57 7.61
C LEU B 736 -38.48 25.50 7.26
N ALA B 737 -37.39 24.92 6.79
CA ALA B 737 -36.17 25.62 6.33
C ALA B 737 -35.49 24.81 5.23
N ALA B 738 -36.20 24.70 4.12
CA ALA B 738 -35.77 23.93 2.94
C ALA B 738 -34.39 24.38 2.44
N ASN B 739 -34.17 25.68 2.42
CA ASN B 739 -32.90 26.27 1.97
C ASN B 739 -31.94 26.44 3.17
N ALA B 740 -32.12 25.55 4.14
CA ALA B 740 -31.35 25.58 5.40
C ALA B 740 -30.04 24.80 5.29
N ILE B 741 -30.15 23.57 4.82
CA ILE B 741 -28.99 22.66 4.71
C ILE B 741 -28.40 22.66 3.30
N PRO B 742 -27.09 22.43 3.17
CA PRO B 742 -26.45 22.39 1.86
C PRO B 742 -27.03 21.28 1.05
N LYS B 743 -27.05 21.50 -0.26
CA LYS B 743 -27.54 20.52 -1.21
C LYS B 743 -26.49 19.43 -1.38
N GLY B 744 -26.72 18.34 -0.68
CA GLY B 744 -25.81 17.18 -0.68
C GLY B 744 -25.70 16.62 0.73
N PHE B 745 -24.47 16.26 1.07
CA PHE B 745 -24.16 15.67 2.38
C PHE B 745 -23.96 16.76 3.44
N MET B 746 -24.80 16.68 4.45
CA MET B 746 -24.79 17.60 5.61
C MET B 746 -25.02 16.79 6.88
N ASP B 747 -23.95 16.68 7.65
CA ASP B 747 -23.96 15.95 8.92
C ASP B 747 -25.15 16.41 9.78
N GLY B 748 -25.73 15.42 10.45
CA GLY B 748 -26.91 15.60 11.30
C GLY B 748 -26.80 16.88 12.14
N LYS B 749 -25.71 16.96 12.88
CA LYS B 749 -25.42 18.09 13.79
C LYS B 749 -25.34 19.42 13.03
N GLN B 750 -24.40 19.56 12.12
CA GLN B 750 -24.26 20.80 11.38
C GLN B 750 -25.53 21.16 10.62
N ALA B 751 -26.26 20.14 10.19
CA ALA B 751 -27.49 20.34 9.45
C ALA B 751 -28.53 20.96 10.37
N CYS B 752 -28.62 20.42 11.58
CA CYS B 752 -29.58 20.91 12.57
C CYS B 752 -29.21 22.32 12.90
N ILE B 753 -27.96 22.50 13.31
CA ILE B 753 -27.43 23.80 13.67
C ILE B 753 -27.81 24.83 12.61
N LEU B 754 -27.75 24.43 11.34
CA LEU B 754 -28.10 25.32 10.23
C LEU B 754 -29.57 25.65 10.29
N MET B 755 -30.40 24.62 10.23
CA MET B 755 -31.86 24.79 10.27
C MET B 755 -32.32 25.66 11.43
N ILE B 756 -31.83 25.36 12.64
CA ILE B 756 -32.21 26.12 13.83
C ILE B 756 -31.94 27.56 13.51
N LYS B 757 -30.73 27.85 13.03
CA LYS B 757 -30.37 29.24 12.67
C LYS B 757 -31.39 29.75 11.67
N ALA B 758 -31.68 28.94 10.67
CA ALA B 758 -32.64 29.29 9.64
C ALA B 758 -34.00 29.58 10.27
N LEU B 759 -34.31 28.89 11.36
CA LEU B 759 -35.59 29.09 12.04
C LEU B 759 -35.54 30.25 13.00
N GLU B 760 -34.34 30.78 13.24
CA GLU B 760 -34.19 31.90 14.15
C GLU B 760 -34.68 31.52 15.54
N LEU B 761 -34.31 30.32 15.96
CA LEU B 761 -34.71 29.82 17.27
C LEU B 761 -33.92 30.49 18.38
N ASP B 762 -34.64 31.00 19.37
CA ASP B 762 -33.95 31.65 20.47
C ASP B 762 -33.11 30.60 21.16
N PRO B 763 -31.82 30.87 21.31
CA PRO B 763 -30.86 29.97 21.95
C PRO B 763 -31.34 29.44 23.30
N ASN B 764 -32.24 30.16 23.94
CA ASN B 764 -32.73 29.72 25.24
C ASN B 764 -33.65 28.52 25.07
N LEU B 765 -34.27 28.47 23.91
CA LEU B 765 -35.19 27.40 23.57
C LEU B 765 -34.58 26.04 23.34
N TYR B 766 -33.27 25.92 23.26
CA TYR B 766 -32.69 24.60 23.02
C TYR B 766 -31.24 24.42 23.48
N ARG B 767 -30.73 23.23 23.22
CA ARG B 767 -29.36 22.90 23.53
C ARG B 767 -29.00 21.81 22.54
N ILE B 768 -27.78 21.86 22.04
CA ILE B 768 -27.32 20.85 21.12
C ILE B 768 -26.46 19.91 21.93
N GLY B 769 -26.93 18.69 22.15
CA GLY B 769 -26.16 17.73 22.90
C GLY B 769 -25.34 16.89 21.94
N GLN B 770 -24.71 15.84 22.45
CA GLN B 770 -23.88 14.96 21.63
C GLN B 770 -24.60 14.41 20.39
N SER B 771 -25.72 13.75 20.65
CA SER B 771 -26.50 13.11 19.60
C SER B 771 -27.86 13.69 19.33
N LYS B 772 -28.30 14.64 20.13
CA LYS B 772 -29.63 15.21 19.92
C LYS B 772 -29.75 16.64 20.43
N ILE B 773 -30.78 17.35 19.95
CA ILE B 773 -31.01 18.70 20.39
C ILE B 773 -32.09 18.63 21.46
N PHE B 774 -31.88 19.30 22.59
CA PHE B 774 -32.86 19.32 23.65
C PHE B 774 -33.70 20.60 23.49
N PHE B 775 -35.02 20.46 23.51
CA PHE B 775 -35.90 21.61 23.36
C PHE B 775 -36.69 21.90 24.61
N ARG B 776 -37.04 23.17 24.75
CA ARG B 776 -37.80 23.61 25.90
C ARG B 776 -39.20 23.09 25.66
N THR B 777 -39.99 23.07 26.73
CA THR B 777 -41.35 22.59 26.65
C THR B 777 -42.12 23.31 25.55
N GLY B 778 -42.88 22.53 24.79
CA GLY B 778 -43.69 23.10 23.74
C GLY B 778 -42.99 23.77 22.58
N VAL B 779 -41.68 23.56 22.40
CA VAL B 779 -40.99 24.18 21.28
C VAL B 779 -41.26 23.35 20.03
N LEU B 780 -40.98 22.05 20.10
CA LEU B 780 -41.23 21.19 18.95
C LEU B 780 -42.72 21.26 18.63
N ALA B 781 -43.53 21.41 19.67
CA ALA B 781 -44.97 21.53 19.47
C ALA B 781 -45.22 22.58 18.39
N HIS B 782 -44.83 23.82 18.68
CA HIS B 782 -45.00 24.92 17.75
C HIS B 782 -44.39 24.60 16.39
N LEU B 783 -43.23 23.94 16.41
CA LEU B 783 -42.56 23.57 15.19
C LEU B 783 -43.50 22.67 14.40
N GLU B 784 -44.16 21.75 15.10
CA GLU B 784 -45.09 20.84 14.45
C GLU B 784 -46.27 21.61 13.86
N GLU B 785 -46.92 22.44 14.68
CA GLU B 785 -48.06 23.25 14.24
C GLU B 785 -47.70 24.05 13.00
N GLU B 786 -46.51 24.64 13.01
CA GLU B 786 -46.06 25.45 11.88
C GLU B 786 -45.88 24.53 10.69
N ARG B 787 -45.40 23.32 10.97
CA ARG B 787 -45.14 22.31 9.94
C ARG B 787 -46.38 21.95 9.11
N ASP B 788 -47.56 22.14 9.69
CA ASP B 788 -48.81 21.82 8.99
C ASP B 788 -49.56 23.04 8.45
N LEU C 33 20.86 -40.74 -30.14
CA LEU C 33 20.27 -39.54 -29.46
C LEU C 33 18.99 -39.85 -28.68
N VAL C 34 18.86 -39.29 -27.49
CA VAL C 34 17.71 -39.62 -26.68
C VAL C 34 17.33 -38.55 -25.66
N TRP C 35 16.27 -38.82 -24.88
CA TRP C 35 15.84 -37.88 -23.87
C TRP C 35 16.16 -38.42 -22.49
N VAL C 36 16.98 -37.71 -21.73
CA VAL C 36 17.31 -38.14 -20.40
C VAL C 36 16.84 -37.04 -19.46
N PRO C 37 16.38 -37.40 -18.26
CA PRO C 37 15.91 -36.39 -17.30
C PRO C 37 16.95 -35.31 -16.99
N SER C 38 16.48 -34.15 -16.51
CA SER C 38 17.36 -33.04 -16.16
C SER C 38 16.71 -32.10 -15.13
N GLU C 39 17.54 -31.36 -14.40
CA GLU C 39 17.06 -30.43 -13.39
C GLU C 39 16.66 -29.09 -14.02
N LYS C 40 17.57 -28.52 -14.80
CA LYS C 40 17.32 -27.24 -15.46
C LYS C 40 16.09 -27.33 -16.35
N HIS C 41 16.04 -28.41 -17.12
CA HIS C 41 14.94 -28.65 -18.05
C HIS C 41 14.45 -30.05 -17.76
N GLY C 42 13.14 -30.24 -17.80
CA GLY C 42 12.56 -31.53 -17.51
C GLY C 42 13.38 -32.67 -18.07
N PHE C 43 13.79 -32.52 -19.33
CA PHE C 43 14.58 -33.51 -20.02
C PHE C 43 15.65 -32.85 -20.87
N GLU C 44 16.66 -33.63 -21.20
CA GLU C 44 17.82 -33.18 -21.98
C GLU C 44 18.15 -34.20 -23.05
N ALA C 45 18.67 -33.72 -24.17
CA ALA C 45 19.04 -34.59 -25.27
C ALA C 45 20.40 -35.17 -24.94
N ALA C 46 20.51 -36.48 -25.08
CA ALA C 46 21.75 -37.16 -24.77
C ALA C 46 21.84 -38.37 -25.66
N SER C 47 23.03 -38.66 -26.17
CA SER C 47 23.23 -39.83 -27.02
C SER C 47 23.61 -41.01 -26.15
N ILE C 48 23.07 -42.17 -26.46
CA ILE C 48 23.36 -43.38 -25.72
C ILE C 48 24.84 -43.71 -25.87
N GLU C 55 20.48 -50.41 -17.20
CA GLU C 55 21.06 -49.04 -17.11
C GLU C 55 21.74 -48.64 -18.42
N VAL C 56 21.82 -47.34 -18.65
CA VAL C 56 22.44 -46.80 -19.86
C VAL C 56 23.40 -45.67 -19.52
N THR C 57 24.46 -45.53 -20.32
CA THR C 57 25.42 -44.46 -20.11
C THR C 57 25.46 -43.60 -21.36
N VAL C 58 24.90 -42.41 -21.24
CA VAL C 58 24.84 -41.47 -22.35
C VAL C 58 25.77 -40.30 -22.09
N GLU C 59 25.73 -39.32 -22.99
CA GLU C 59 26.54 -38.12 -22.85
C GLU C 59 25.67 -36.92 -23.24
N LEU C 60 25.36 -36.07 -22.27
CA LEU C 60 24.55 -34.89 -22.54
C LEU C 60 25.15 -34.01 -23.63
N GLN C 61 24.30 -33.50 -24.53
CA GLN C 61 24.76 -32.65 -25.63
C GLN C 61 25.06 -31.22 -25.16
N GLU C 62 24.44 -30.78 -24.07
CA GLU C 62 24.66 -29.45 -23.56
C GLU C 62 25.94 -29.46 -22.76
N ASN C 63 25.84 -29.99 -21.54
CA ASN C 63 26.97 -30.09 -20.63
C ASN C 63 28.07 -30.89 -21.30
N GLY C 64 27.68 -31.95 -21.98
CA GLY C 64 28.65 -32.81 -22.63
C GLY C 64 28.94 -33.90 -21.64
N LYS C 65 28.75 -33.57 -20.36
CA LYS C 65 28.98 -34.47 -19.24
C LYS C 65 28.36 -35.84 -19.47
N LYS C 66 29.21 -36.84 -19.55
CA LYS C 66 28.75 -38.19 -19.75
C LYS C 66 28.10 -38.65 -18.44
N VAL C 67 26.89 -39.20 -18.53
CA VAL C 67 26.17 -39.67 -17.36
C VAL C 67 25.75 -41.12 -17.54
N THR C 68 25.43 -41.77 -16.43
CA THR C 68 25.01 -43.17 -16.48
C THR C 68 23.69 -43.29 -15.74
N LEU C 69 22.60 -43.40 -16.48
CA LEU C 69 21.30 -43.51 -15.86
C LEU C 69 20.55 -44.77 -16.24
N SER C 70 19.57 -45.11 -15.42
CA SER C 70 18.77 -46.30 -15.65
C SER C 70 18.21 -46.29 -17.05
N LYS C 71 17.69 -47.42 -17.49
CA LYS C 71 17.12 -47.53 -18.81
C LYS C 71 15.78 -46.82 -18.76
N ASP C 72 14.99 -47.15 -17.75
CA ASP C 72 13.66 -46.57 -17.56
C ASP C 72 13.64 -45.04 -17.47
N ASP C 73 14.81 -44.43 -17.34
CA ASP C 73 14.89 -42.96 -17.25
C ASP C 73 14.95 -42.34 -18.63
N ILE C 74 15.34 -43.15 -19.61
CA ILE C 74 15.47 -42.69 -20.98
C ILE C 74 14.15 -42.73 -21.74
N GLN C 75 13.95 -41.74 -22.59
CA GLN C 75 12.76 -41.62 -23.39
C GLN C 75 13.24 -41.27 -24.79
N LYS C 76 12.65 -41.91 -25.78
CA LYS C 76 13.05 -41.71 -27.16
C LYS C 76 12.68 -40.34 -27.75
N MET C 77 13.64 -39.79 -28.49
CA MET C 77 13.47 -38.51 -29.17
C MET C 77 12.69 -38.82 -30.44
N ASN C 78 12.28 -37.78 -31.15
CA ASN C 78 11.55 -37.96 -32.39
C ASN C 78 12.35 -37.35 -33.54
N PRO C 79 12.10 -37.80 -34.78
CA PRO C 79 12.86 -37.23 -35.90
C PRO C 79 12.63 -35.72 -36.04
N PRO C 80 13.58 -35.00 -36.63
CA PRO C 80 13.45 -33.55 -36.80
C PRO C 80 12.18 -33.17 -37.56
N LYS C 81 11.62 -34.11 -38.30
CA LYS C 81 10.41 -33.86 -39.08
C LYS C 81 9.25 -33.44 -38.17
N PHE C 82 9.38 -33.73 -36.89
CA PHE C 82 8.33 -33.38 -35.94
C PHE C 82 8.59 -32.10 -35.19
N SER C 83 9.39 -31.20 -35.76
CA SER C 83 9.64 -29.95 -35.07
C SER C 83 8.32 -29.17 -34.97
N LYS C 84 7.87 -28.95 -33.73
CA LYS C 84 6.64 -28.23 -33.47
C LYS C 84 5.37 -28.78 -34.14
N VAL C 85 5.07 -30.07 -33.93
CA VAL C 85 3.88 -30.64 -34.52
C VAL C 85 2.69 -29.92 -33.92
N GLU C 86 1.68 -29.63 -34.74
CA GLU C 86 0.48 -28.95 -34.27
C GLU C 86 -0.42 -29.89 -33.46
N ASP C 87 -0.32 -31.18 -33.75
CA ASP C 87 -1.09 -32.18 -33.05
C ASP C 87 -0.14 -33.26 -32.57
N MET C 88 0.10 -33.28 -31.27
CA MET C 88 1.02 -34.24 -30.71
C MET C 88 0.57 -35.68 -30.78
N ALA C 89 -0.66 -35.92 -31.23
CA ALA C 89 -1.14 -37.28 -31.38
C ALA C 89 -0.34 -37.83 -32.57
N GLU C 90 0.10 -36.92 -33.43
CA GLU C 90 0.87 -37.27 -34.62
C GLU C 90 2.26 -37.84 -34.28
N LEU C 91 2.87 -37.31 -33.23
CA LEU C 91 4.20 -37.75 -32.82
C LEU C 91 4.42 -39.24 -32.93
N THR C 92 5.59 -39.60 -33.47
CA THR C 92 5.98 -40.99 -33.63
C THR C 92 6.20 -41.56 -32.25
N CYS C 93 6.81 -40.75 -31.40
CA CYS C 93 7.07 -41.15 -30.03
C CYS C 93 6.32 -40.20 -29.12
N LEU C 94 5.50 -40.75 -28.24
CA LEU C 94 4.74 -39.91 -27.32
C LEU C 94 5.18 -40.14 -25.88
N ASN C 95 5.96 -39.21 -25.34
CA ASN C 95 6.42 -39.34 -23.97
C ASN C 95 6.57 -37.93 -23.39
N GLU C 96 6.54 -37.81 -22.06
CA GLU C 96 6.68 -36.53 -21.38
C GLU C 96 7.72 -35.70 -22.09
N ALA C 97 8.90 -36.29 -22.26
CA ALA C 97 10.02 -35.60 -22.88
C ALA C 97 9.74 -35.00 -24.26
N SER C 98 9.00 -35.73 -25.08
CA SER C 98 8.68 -35.27 -26.43
C SER C 98 7.60 -34.22 -26.44
N VAL C 99 6.61 -34.36 -25.56
CA VAL C 99 5.52 -33.41 -25.48
C VAL C 99 6.11 -32.12 -24.96
N LEU C 100 6.80 -32.19 -23.82
CA LEU C 100 7.42 -31.00 -23.25
C LEU C 100 8.25 -30.31 -24.30
N HIS C 101 9.02 -31.09 -25.04
CA HIS C 101 9.85 -30.49 -26.07
C HIS C 101 9.04 -29.80 -27.15
N ASN C 102 8.05 -30.51 -27.68
CA ASN C 102 7.21 -29.97 -28.74
C ASN C 102 6.55 -28.69 -28.32
N LEU C 103 6.17 -28.63 -27.05
CA LEU C 103 5.53 -27.44 -26.52
C LEU C 103 6.57 -26.32 -26.36
N ARG C 104 7.68 -26.62 -25.68
CA ARG C 104 8.72 -25.63 -25.46
C ARG C 104 9.11 -24.95 -26.77
N GLU C 105 9.34 -25.74 -27.82
CA GLU C 105 9.72 -25.20 -29.12
C GLU C 105 8.68 -24.24 -29.71
N ARG C 106 7.45 -24.72 -29.90
CA ARG C 106 6.38 -23.90 -30.45
C ARG C 106 6.28 -22.64 -29.61
N TYR C 107 6.41 -22.80 -28.29
CA TYR C 107 6.30 -21.68 -27.35
C TYR C 107 7.24 -20.56 -27.71
N PHE C 108 8.53 -20.84 -27.60
CA PHE C 108 9.53 -19.84 -27.93
C PHE C 108 9.48 -19.45 -29.41
N SER C 109 8.66 -20.15 -30.17
CA SER C 109 8.49 -19.86 -31.59
C SER C 109 7.27 -18.98 -31.75
N GLY C 110 6.67 -18.65 -30.61
CA GLY C 110 5.50 -17.81 -30.60
C GLY C 110 4.17 -18.53 -30.72
N LEU C 111 4.22 -19.85 -30.90
CA LEU C 111 3.00 -20.65 -31.01
C LEU C 111 2.60 -21.16 -29.64
N ILE C 112 1.47 -20.66 -29.11
CA ILE C 112 1.05 -21.08 -27.79
C ILE C 112 -0.07 -22.12 -27.79
N TYR C 113 -0.67 -22.34 -28.95
CA TYR C 113 -1.74 -23.33 -29.05
C TYR C 113 -1.23 -24.61 -29.71
N THR C 114 -1.50 -25.76 -29.10
CA THR C 114 -1.05 -27.03 -29.67
C THR C 114 -2.11 -28.07 -29.42
N TYR C 115 -2.68 -28.61 -30.48
CA TYR C 115 -3.71 -29.62 -30.30
C TYR C 115 -3.02 -30.84 -29.76
N SER C 116 -3.64 -31.50 -28.79
CA SER C 116 -3.07 -32.70 -28.20
C SER C 116 -4.18 -33.73 -28.15
N GLY C 117 -4.31 -34.48 -29.23
CA GLY C 117 -5.34 -35.48 -29.30
C GLY C 117 -6.61 -34.73 -29.58
N LEU C 118 -7.66 -35.02 -28.83
CA LEU C 118 -8.93 -34.34 -29.01
C LEU C 118 -8.79 -32.93 -28.45
N PHE C 119 -8.42 -32.84 -27.18
CA PHE C 119 -8.29 -31.54 -26.54
C PHE C 119 -7.14 -30.70 -27.10
N CYS C 120 -6.96 -29.52 -26.50
CA CYS C 120 -5.94 -28.56 -26.89
C CYS C 120 -5.20 -27.99 -25.67
N VAL C 121 -3.95 -27.61 -25.86
CA VAL C 121 -3.14 -27.07 -24.78
C VAL C 121 -2.73 -25.66 -25.15
N VAL C 122 -2.67 -24.77 -24.16
CA VAL C 122 -2.28 -23.38 -24.36
C VAL C 122 -1.34 -22.93 -23.25
N ILE C 123 -0.20 -22.34 -23.61
CA ILE C 123 0.74 -21.89 -22.59
C ILE C 123 0.73 -20.38 -22.54
N ASN C 124 0.51 -19.82 -21.37
CA ASN C 124 0.47 -18.37 -21.20
C ASN C 124 1.68 -17.64 -21.81
N PRO C 125 1.47 -16.77 -22.80
CA PRO C 125 2.61 -16.06 -23.39
C PRO C 125 3.06 -14.94 -22.45
N TYR C 126 2.13 -14.46 -21.63
CA TYR C 126 2.42 -13.38 -20.70
C TYR C 126 2.92 -12.18 -21.47
N LYS C 127 2.62 -12.14 -22.76
CA LYS C 127 2.99 -11.04 -23.63
C LYS C 127 2.01 -10.99 -24.76
N GLN C 128 1.89 -9.81 -25.37
CA GLN C 128 0.96 -9.63 -26.48
C GLN C 128 1.50 -10.33 -27.70
N LEU C 129 0.62 -11.03 -28.41
CA LEU C 129 1.00 -11.74 -29.62
C LEU C 129 0.05 -11.32 -30.74
N PRO C 130 0.59 -11.10 -31.92
CA PRO C 130 -0.20 -10.69 -33.07
C PRO C 130 -1.01 -11.88 -33.66
N ILE C 131 -1.93 -12.42 -32.86
CA ILE C 131 -2.70 -13.57 -33.34
C ILE C 131 -4.18 -13.50 -33.06
N TYR C 132 -4.67 -12.37 -32.55
CA TYR C 132 -6.09 -12.26 -32.25
C TYR C 132 -6.82 -11.18 -33.02
N SER C 133 -6.29 -10.80 -34.18
CA SER C 133 -6.92 -9.76 -35.00
C SER C 133 -8.30 -10.22 -35.47
N GLU C 134 -9.01 -9.37 -36.19
CA GLU C 134 -10.31 -9.74 -36.74
C GLU C 134 -10.04 -10.44 -38.06
N LYS C 135 -8.95 -10.01 -38.69
CA LYS C 135 -8.49 -10.56 -39.95
C LYS C 135 -8.27 -12.05 -39.75
N ILE C 136 -7.61 -12.38 -38.65
CA ILE C 136 -7.32 -13.75 -38.29
C ILE C 136 -8.60 -14.51 -37.96
N ILE C 137 -9.57 -13.82 -37.36
CA ILE C 137 -10.84 -14.46 -37.05
C ILE C 137 -11.40 -14.89 -38.40
N ASP C 138 -11.17 -14.07 -39.42
CA ASP C 138 -11.65 -14.39 -40.75
C ASP C 138 -10.93 -15.65 -41.28
N MET C 139 -9.59 -15.61 -41.23
CA MET C 139 -8.79 -16.72 -41.71
C MET C 139 -9.23 -18.04 -41.10
N TYR C 140 -9.86 -17.97 -39.93
CA TYR C 140 -10.30 -19.18 -39.25
C TYR C 140 -11.75 -19.51 -39.41
N LYS C 141 -12.49 -18.65 -40.09
CA LYS C 141 -13.93 -18.88 -40.30
C LYS C 141 -14.23 -20.22 -41.01
N GLY C 142 -15.07 -21.03 -40.39
CA GLY C 142 -15.45 -22.31 -40.95
C GLY C 142 -14.30 -23.22 -41.33
N LYS C 143 -13.13 -22.99 -40.74
CA LYS C 143 -11.96 -23.82 -41.02
C LYS C 143 -11.96 -25.10 -40.21
N LYS C 144 -11.50 -26.18 -40.83
CA LYS C 144 -11.43 -27.47 -40.15
C LYS C 144 -10.13 -27.47 -39.36
N ARG C 145 -10.15 -28.10 -38.20
CA ARG C 145 -8.99 -28.11 -37.34
C ARG C 145 -7.70 -28.38 -38.09
N HIS C 146 -7.74 -29.33 -39.02
CA HIS C 146 -6.54 -29.68 -39.79
C HIS C 146 -6.18 -28.67 -40.85
N GLU C 147 -7.10 -27.78 -41.23
CA GLU C 147 -6.80 -26.79 -42.25
C GLU C 147 -6.13 -25.53 -41.73
N MET C 148 -6.05 -25.41 -40.40
CA MET C 148 -5.44 -24.23 -39.80
C MET C 148 -4.68 -24.56 -38.54
N PRO C 149 -3.55 -23.88 -38.32
CA PRO C 149 -2.72 -24.10 -37.13
C PRO C 149 -3.59 -24.04 -35.89
N PRO C 150 -3.15 -24.67 -34.79
CA PRO C 150 -4.00 -24.63 -33.60
C PRO C 150 -4.24 -23.22 -33.10
N HIS C 151 -5.50 -22.91 -32.79
CA HIS C 151 -5.88 -21.60 -32.28
C HIS C 151 -7.14 -21.71 -31.44
N ILE C 152 -7.30 -20.85 -30.45
CA ILE C 152 -8.50 -20.90 -29.63
C ILE C 152 -9.71 -20.62 -30.51
N TYR C 153 -9.46 -19.93 -31.64
CA TYR C 153 -10.53 -19.60 -32.59
C TYR C 153 -11.02 -20.89 -33.18
N ALA C 154 -10.09 -21.76 -33.58
CA ALA C 154 -10.45 -23.05 -34.15
C ALA C 154 -11.36 -23.79 -33.17
N ILE C 155 -10.99 -23.78 -31.90
CA ILE C 155 -11.76 -24.45 -30.88
C ILE C 155 -13.17 -23.87 -30.88
N ALA C 156 -13.23 -22.54 -30.89
CA ALA C 156 -14.50 -21.84 -30.89
C ALA C 156 -15.30 -22.25 -32.12
N ASP C 157 -14.70 -22.09 -33.29
CA ASP C 157 -15.37 -22.42 -34.55
C ASP C 157 -15.83 -23.85 -34.68
N THR C 158 -14.93 -24.81 -34.48
CA THR C 158 -15.26 -26.23 -34.61
C THR C 158 -16.32 -26.64 -33.61
N ALA C 159 -16.40 -25.94 -32.48
CA ALA C 159 -17.41 -26.24 -31.48
C ALA C 159 -18.70 -25.71 -32.06
N TYR C 160 -18.63 -24.52 -32.63
CA TYR C 160 -19.76 -23.87 -33.26
C TYR C 160 -20.39 -24.78 -34.30
N ARG C 161 -19.64 -25.04 -35.36
CA ARG C 161 -20.13 -25.92 -36.43
C ARG C 161 -20.67 -27.25 -35.87
N SER C 162 -19.88 -27.93 -35.06
CA SER C 162 -20.30 -29.20 -34.48
C SER C 162 -21.69 -29.07 -33.86
N MET C 163 -21.98 -27.92 -33.29
CA MET C 163 -23.26 -27.68 -32.65
C MET C 163 -24.35 -27.81 -33.69
N LEU C 164 -24.24 -27.04 -34.76
CA LEU C 164 -25.22 -27.08 -35.84
C LEU C 164 -25.19 -28.46 -36.49
N GLN C 165 -23.99 -28.88 -36.88
CA GLN C 165 -23.75 -30.18 -37.51
C GLN C 165 -24.46 -31.37 -36.85
N ASP C 166 -24.25 -31.57 -35.55
CA ASP C 166 -24.87 -32.68 -34.85
C ASP C 166 -26.05 -32.27 -33.98
N ARG C 167 -26.50 -31.03 -34.13
CA ARG C 167 -27.63 -30.52 -33.35
C ARG C 167 -27.50 -30.92 -31.87
N GLU C 168 -26.28 -30.80 -31.33
CA GLU C 168 -26.00 -31.12 -29.94
C GLU C 168 -25.33 -29.91 -29.28
N ASP C 169 -25.79 -29.57 -28.08
CA ASP C 169 -25.24 -28.44 -27.32
C ASP C 169 -23.77 -28.69 -27.06
N GLN C 170 -22.98 -27.64 -27.25
CA GLN C 170 -21.55 -27.73 -27.04
C GLN C 170 -21.08 -26.94 -25.83
N SER C 171 -19.88 -27.23 -25.38
CA SER C 171 -19.28 -26.54 -24.25
C SER C 171 -17.77 -26.57 -24.43
N ILE C 172 -17.14 -25.42 -24.22
CA ILE C 172 -15.69 -25.26 -24.33
C ILE C 172 -15.23 -25.05 -22.91
N LEU C 173 -14.50 -26.01 -22.34
CA LEU C 173 -14.07 -25.87 -20.96
C LEU C 173 -12.59 -25.58 -20.77
N CYS C 174 -12.29 -24.40 -20.25
CA CYS C 174 -10.90 -23.99 -20.01
C CYS C 174 -10.46 -24.45 -18.65
N THR C 175 -9.34 -25.14 -18.61
CA THR C 175 -8.78 -25.65 -17.37
C THR C 175 -7.46 -24.97 -17.12
N GLY C 176 -7.05 -24.90 -15.86
CA GLY C 176 -5.77 -24.27 -15.56
C GLY C 176 -5.62 -23.70 -14.17
N GLU C 177 -4.40 -23.78 -13.65
CA GLU C 177 -4.14 -23.25 -12.32
C GLU C 177 -4.27 -21.74 -12.45
N SER C 178 -4.46 -21.07 -11.32
CA SER C 178 -4.62 -19.64 -11.31
C SER C 178 -3.53 -18.96 -12.12
N GLY C 179 -3.96 -18.17 -13.11
CA GLY C 179 -3.02 -17.45 -13.97
C GLY C 179 -2.76 -18.08 -15.32
N ALA C 180 -3.07 -19.37 -15.48
CA ALA C 180 -2.86 -20.11 -16.73
C ALA C 180 -3.37 -19.39 -17.96
N GLY C 181 -4.59 -18.88 -17.92
CA GLY C 181 -5.10 -18.16 -19.08
C GLY C 181 -6.54 -18.44 -19.41
N LYS C 182 -7.23 -19.14 -18.50
CA LYS C 182 -8.64 -19.49 -18.71
C LYS C 182 -9.49 -18.33 -19.23
N THR C 183 -9.37 -17.18 -18.59
CA THR C 183 -10.16 -16.03 -19.02
C THR C 183 -9.77 -15.40 -20.33
N GLU C 184 -8.48 -15.14 -20.54
CA GLU C 184 -8.07 -14.54 -21.78
C GLU C 184 -8.63 -15.39 -22.93
N ASN C 185 -8.65 -16.70 -22.72
CA ASN C 185 -9.13 -17.63 -23.72
C ASN C 185 -10.62 -17.74 -23.80
N THR C 186 -11.29 -17.69 -22.66
CA THR C 186 -12.73 -17.74 -22.67
C THR C 186 -13.16 -16.50 -23.45
N LYS C 187 -12.53 -15.38 -23.14
CA LYS C 187 -12.82 -14.10 -23.78
C LYS C 187 -12.62 -14.15 -25.29
N LYS C 188 -11.66 -14.96 -25.75
CA LYS C 188 -11.39 -15.07 -27.19
C LYS C 188 -12.47 -15.89 -27.88
N VAL C 189 -13.00 -16.89 -27.17
CA VAL C 189 -14.04 -17.73 -27.73
C VAL C 189 -15.27 -16.87 -27.95
N ILE C 190 -15.62 -16.06 -26.96
CA ILE C 190 -16.78 -15.20 -27.11
C ILE C 190 -16.53 -14.16 -28.20
N GLN C 191 -15.31 -13.65 -28.27
CA GLN C 191 -14.98 -12.65 -29.28
C GLN C 191 -15.20 -13.20 -30.68
N TYR C 192 -14.77 -14.44 -30.88
CA TYR C 192 -14.91 -15.11 -32.14
C TYR C 192 -16.38 -15.35 -32.46
N LEU C 193 -17.07 -16.07 -31.58
CA LEU C 193 -18.48 -16.34 -31.78
C LEU C 193 -19.33 -15.09 -32.11
N ALA C 194 -19.09 -14.01 -31.40
CA ALA C 194 -19.84 -12.79 -31.64
C ALA C 194 -19.57 -12.22 -33.06
N VAL C 195 -18.39 -12.48 -33.59
CA VAL C 195 -18.00 -11.98 -34.90
C VAL C 195 -18.38 -12.88 -36.08
N VAL C 196 -19.02 -14.01 -35.82
CA VAL C 196 -19.38 -14.90 -36.93
C VAL C 196 -20.88 -15.22 -37.04
N ALA C 197 -21.60 -15.24 -35.93
CA ALA C 197 -23.02 -15.65 -35.95
C ALA C 197 -24.02 -14.51 -35.69
N SER C 198 -23.49 -13.34 -35.35
CA SER C 198 -24.35 -12.20 -35.09
C SER C 198 -24.89 -11.66 -36.41
N GLY C 217 -26.86 -4.99 -34.50
CA GLY C 217 -25.74 -5.86 -34.00
C GLY C 217 -25.44 -5.61 -32.54
N GLU C 218 -26.41 -5.03 -31.83
CA GLU C 218 -26.28 -4.71 -30.40
C GLU C 218 -25.83 -5.90 -29.55
N LEU C 219 -26.67 -6.92 -29.47
CA LEU C 219 -26.34 -8.10 -28.68
C LEU C 219 -24.84 -8.36 -28.67
N GLU C 220 -24.28 -8.64 -29.83
CA GLU C 220 -22.86 -8.90 -29.92
C GLU C 220 -22.11 -7.78 -29.22
N LYS C 221 -22.44 -6.54 -29.55
CA LYS C 221 -21.76 -5.40 -28.94
C LYS C 221 -21.81 -5.43 -27.42
N GLN C 222 -22.96 -5.82 -26.89
CA GLN C 222 -23.11 -5.89 -25.44
C GLN C 222 -22.48 -7.16 -24.90
N LEU C 223 -22.56 -8.22 -25.68
CA LEU C 223 -21.99 -9.50 -25.28
C LEU C 223 -20.52 -9.31 -24.94
N LEU C 224 -19.87 -8.42 -25.70
CA LEU C 224 -18.45 -8.15 -25.50
C LEU C 224 -18.20 -7.19 -24.35
N GLN C 225 -19.25 -6.79 -23.65
CA GLN C 225 -19.14 -5.88 -22.52
C GLN C 225 -19.38 -6.62 -21.25
N ALA C 226 -19.98 -7.80 -21.38
CA ALA C 226 -20.27 -8.63 -20.20
C ALA C 226 -19.08 -8.74 -19.24
N ASN C 227 -18.00 -9.35 -19.71
CA ASN C 227 -16.81 -9.52 -18.88
C ASN C 227 -16.20 -8.19 -18.44
N PRO C 228 -15.94 -7.28 -19.39
CA PRO C 228 -15.36 -6.01 -18.94
C PRO C 228 -16.10 -5.45 -17.72
N ILE C 229 -17.41 -5.68 -17.64
CA ILE C 229 -18.22 -5.22 -16.51
C ILE C 229 -18.03 -6.15 -15.33
N LEU C 230 -18.26 -7.44 -15.57
CA LEU C 230 -18.12 -8.45 -14.53
C LEU C 230 -16.73 -8.45 -13.92
N GLU C 231 -15.70 -8.46 -14.75
CA GLU C 231 -14.32 -8.44 -14.26
C GLU C 231 -14.08 -7.29 -13.30
N ALA C 232 -14.65 -6.13 -13.61
CA ALA C 232 -14.51 -4.93 -12.78
C ALA C 232 -14.99 -5.08 -11.35
N PHE C 233 -16.03 -5.88 -11.14
CA PHE C 233 -16.59 -6.07 -9.81
C PHE C 233 -16.20 -7.38 -9.17
N GLY C 234 -15.81 -8.37 -9.98
CA GLY C 234 -15.44 -9.67 -9.44
C GLY C 234 -13.99 -10.12 -9.57
N ASN C 235 -13.17 -9.31 -10.23
CA ASN C 235 -11.76 -9.65 -10.41
C ASN C 235 -10.91 -8.82 -9.46
N ALA C 236 -9.71 -9.29 -9.16
CA ALA C 236 -8.84 -8.56 -8.26
C ALA C 236 -7.44 -9.08 -8.42
N LYS C 237 -6.47 -8.28 -8.00
CA LYS C 237 -5.07 -8.66 -8.10
C LYS C 237 -4.66 -9.56 -6.93
N THR C 238 -4.31 -10.80 -7.25
CA THR C 238 -3.85 -11.77 -6.26
C THR C 238 -2.37 -11.97 -6.58
N VAL C 239 -1.66 -12.62 -5.68
CA VAL C 239 -0.24 -12.84 -5.91
C VAL C 239 -0.03 -13.69 -7.14
N LYS C 240 -1.02 -14.52 -7.44
CA LYS C 240 -0.96 -15.41 -8.59
C LYS C 240 -1.35 -14.73 -9.88
N ASN C 241 -2.30 -13.82 -9.79
CA ASN C 241 -2.78 -13.14 -10.99
C ASN C 241 -3.23 -11.72 -10.69
N ASP C 242 -2.89 -10.80 -11.59
CA ASP C 242 -3.25 -9.40 -11.40
C ASP C 242 -4.70 -9.11 -11.73
N ASN C 243 -5.24 -9.84 -12.70
CA ASN C 243 -6.62 -9.67 -13.10
C ASN C 243 -7.29 -10.99 -12.81
N SER C 244 -7.21 -11.42 -11.55
CA SER C 244 -7.79 -12.69 -11.17
C SER C 244 -9.28 -12.70 -10.90
N SER C 245 -9.96 -13.63 -11.58
CA SER C 245 -11.38 -13.84 -11.41
C SER C 245 -11.52 -14.45 -10.03
N ARG C 246 -12.27 -13.77 -9.17
CA ARG C 246 -12.47 -14.26 -7.85
C ARG C 246 -13.86 -14.84 -7.81
N PHE C 247 -14.25 -15.46 -8.92
CA PHE C 247 -15.55 -16.12 -9.03
C PHE C 247 -15.56 -16.96 -10.29
N GLY C 248 -16.15 -18.15 -10.24
CA GLY C 248 -16.22 -18.97 -11.42
C GLY C 248 -17.32 -18.42 -12.31
N LYS C 249 -17.36 -18.84 -13.57
CA LYS C 249 -18.41 -18.34 -14.46
C LYS C 249 -18.64 -19.22 -15.68
N PHE C 250 -19.91 -19.53 -15.94
CA PHE C 250 -20.28 -20.35 -17.09
C PHE C 250 -21.08 -19.45 -18.01
N ILE C 251 -20.50 -19.05 -19.14
CA ILE C 251 -21.23 -18.21 -20.10
C ILE C 251 -21.88 -19.11 -21.13
N ARG C 252 -23.19 -19.00 -21.26
CA ARG C 252 -23.94 -19.83 -22.19
C ARG C 252 -24.55 -18.98 -23.30
N ILE C 253 -24.05 -19.16 -24.52
CA ILE C 253 -24.53 -18.40 -25.67
C ILE C 253 -25.60 -19.17 -26.42
N ASN C 254 -26.76 -18.53 -26.62
CA ASN C 254 -27.90 -19.15 -27.30
C ASN C 254 -27.97 -18.77 -28.77
N PHE C 255 -28.17 -19.76 -29.63
CA PHE C 255 -28.27 -19.53 -31.06
C PHE C 255 -29.60 -20.08 -31.57
N ASP C 256 -30.02 -19.63 -32.75
CA ASP C 256 -31.24 -20.14 -33.34
C ASP C 256 -30.83 -21.33 -34.20
N VAL C 257 -31.82 -22.00 -34.78
CA VAL C 257 -31.55 -23.16 -35.62
C VAL C 257 -30.71 -22.79 -36.84
N THR C 258 -30.68 -21.51 -37.14
CA THR C 258 -29.91 -21.01 -38.27
C THR C 258 -28.45 -20.95 -37.92
N GLY C 259 -28.17 -20.75 -36.64
CA GLY C 259 -26.79 -20.66 -36.18
C GLY C 259 -26.43 -19.28 -35.65
N TYR C 260 -27.34 -18.33 -35.81
CA TYR C 260 -27.11 -16.96 -35.35
C TYR C 260 -27.33 -16.78 -33.84
N ILE C 261 -26.49 -15.98 -33.20
CA ILE C 261 -26.64 -15.76 -31.77
C ILE C 261 -27.98 -15.14 -31.49
N VAL C 262 -28.62 -15.60 -30.43
CA VAL C 262 -29.94 -15.12 -30.06
C VAL C 262 -29.99 -14.55 -28.64
N GLY C 263 -29.38 -15.27 -27.71
CA GLY C 263 -29.36 -14.80 -26.33
C GLY C 263 -27.99 -15.02 -25.76
N ALA C 264 -27.90 -14.99 -24.43
CA ALA C 264 -26.65 -15.20 -23.73
C ALA C 264 -27.00 -15.04 -22.24
N ASN C 265 -26.56 -16.00 -21.44
CA ASN C 265 -26.84 -15.95 -20.01
C ASN C 265 -25.59 -16.37 -19.22
N ILE C 266 -25.10 -15.47 -18.38
CA ILE C 266 -23.92 -15.74 -17.57
C ILE C 266 -24.28 -16.17 -16.14
N GLU C 267 -23.75 -17.33 -15.73
CA GLU C 267 -23.98 -17.83 -14.38
C GLU C 267 -22.62 -17.81 -13.68
N THR C 268 -22.58 -17.19 -12.51
CA THR C 268 -21.33 -17.10 -11.74
C THR C 268 -21.36 -17.93 -10.45
N TYR C 269 -20.17 -18.36 -10.03
CA TYR C 269 -20.00 -19.19 -8.84
C TYR C 269 -18.91 -18.65 -7.88
N LEU C 270 -19.17 -18.94 -6.61
CA LEU C 270 -18.28 -18.65 -5.47
C LEU C 270 -17.51 -17.32 -5.60
N LEU C 271 -18.21 -16.21 -5.36
CA LEU C 271 -17.55 -14.89 -5.35
C LEU C 271 -16.87 -14.73 -3.98
N GLU C 272 -15.59 -14.41 -3.99
CA GLU C 272 -14.80 -14.21 -2.77
C GLU C 272 -15.16 -12.91 -2.03
N LYS C 273 -16.33 -12.85 -1.40
CA LYS C 273 -16.77 -11.66 -0.69
C LYS C 273 -15.73 -11.15 0.28
N SER C 274 -15.09 -12.10 0.95
CA SER C 274 -14.08 -11.79 1.95
C SER C 274 -13.11 -10.71 1.51
N ARG C 275 -12.66 -10.82 0.26
CA ARG C 275 -11.71 -9.89 -0.30
C ARG C 275 -12.17 -8.46 -0.19
N ALA C 276 -13.47 -8.27 -0.11
CA ALA C 276 -14.03 -6.93 0.00
C ALA C 276 -13.49 -6.20 1.23
N ILE C 277 -13.16 -6.94 2.29
CA ILE C 277 -12.71 -6.29 3.52
C ILE C 277 -11.28 -6.51 4.00
N ARG C 278 -10.51 -7.27 3.24
CA ARG C 278 -9.13 -7.55 3.63
C ARG C 278 -8.36 -8.26 2.51
N GLN C 279 -7.09 -7.91 2.37
CA GLN C 279 -6.23 -8.55 1.36
C GLN C 279 -4.83 -8.72 1.91
N ALA C 280 -4.20 -9.84 1.56
CA ALA C 280 -2.85 -10.12 2.02
C ALA C 280 -1.86 -9.25 1.27
N LYS C 281 -0.60 -9.35 1.65
CA LYS C 281 0.45 -8.56 1.03
C LYS C 281 0.42 -8.52 -0.49
N ASP C 282 0.78 -7.36 -1.03
CA ASP C 282 0.83 -7.12 -2.47
C ASP C 282 -0.44 -7.54 -3.17
N GLU C 283 -1.53 -7.60 -2.42
CA GLU C 283 -2.78 -7.99 -2.98
C GLU C 283 -3.69 -6.82 -2.84
N ARG C 284 -4.65 -6.72 -3.75
CA ARG C 284 -5.63 -5.64 -3.67
C ARG C 284 -7.03 -6.21 -3.85
N THR C 285 -8.04 -5.44 -3.48
CA THR C 285 -9.42 -5.93 -3.58
C THR C 285 -9.97 -5.81 -4.99
N PHE C 286 -11.28 -5.94 -5.13
CA PHE C 286 -11.91 -5.87 -6.44
C PHE C 286 -11.61 -4.57 -7.18
N HIS C 287 -11.14 -4.69 -8.42
CA HIS C 287 -10.79 -3.55 -9.23
C HIS C 287 -11.69 -2.35 -9.08
N ILE C 288 -12.99 -2.56 -9.17
CA ILE C 288 -13.93 -1.46 -9.10
C ILE C 288 -13.65 -0.48 -7.98
N PHE C 289 -13.15 -0.95 -6.86
CA PHE C 289 -12.86 -0.02 -5.77
C PHE C 289 -11.79 0.94 -6.17
N TYR C 290 -10.67 0.39 -6.66
CA TYR C 290 -9.54 1.22 -7.09
C TYR C 290 -9.92 2.09 -8.29
N TYR C 291 -10.83 1.60 -9.12
CA TYR C 291 -11.28 2.32 -10.30
C TYR C 291 -12.02 3.57 -9.88
N LEU C 292 -13.11 3.39 -9.15
CA LEU C 292 -13.92 4.51 -8.68
C LEU C 292 -13.09 5.52 -7.89
N ILE C 293 -12.40 5.05 -6.86
CA ILE C 293 -11.59 5.93 -6.05
C ILE C 293 -10.56 6.70 -6.89
N ALA C 294 -10.06 6.09 -7.94
CA ALA C 294 -9.07 6.75 -8.74
C ALA C 294 -9.58 7.51 -9.95
N GLY C 295 -10.80 7.23 -10.39
CA GLY C 295 -11.28 7.91 -11.58
C GLY C 295 -12.57 8.67 -11.54
N ALA C 296 -13.16 8.80 -10.35
CA ALA C 296 -14.42 9.49 -10.18
C ALA C 296 -14.25 10.98 -10.38
N SER C 297 -15.20 11.58 -11.07
CA SER C 297 -15.19 13.02 -11.31
C SER C 297 -15.30 13.73 -9.98
N GLU C 298 -14.73 14.92 -9.89
CA GLU C 298 -14.77 15.67 -8.64
C GLU C 298 -16.17 15.79 -8.05
N GLN C 299 -17.17 15.88 -8.91
CA GLN C 299 -18.55 16.01 -8.46
C GLN C 299 -19.08 14.71 -7.92
N MET C 300 -18.52 13.60 -8.39
CA MET C 300 -18.95 12.28 -7.94
C MET C 300 -18.15 12.00 -6.69
N ARG C 301 -16.89 12.44 -6.71
CA ARG C 301 -15.97 12.27 -5.61
C ARG C 301 -16.65 12.67 -4.32
N ASN C 302 -17.27 13.83 -4.35
CA ASN C 302 -17.93 14.34 -3.15
C ASN C 302 -19.42 14.04 -3.14
N ASP C 303 -19.90 13.45 -4.22
CA ASP C 303 -21.31 13.05 -4.32
C ASP C 303 -21.50 11.70 -3.63
N LEU C 304 -20.44 10.93 -3.72
CA LEU C 304 -20.34 9.59 -3.13
C LEU C 304 -19.65 9.67 -1.77
N LEU C 305 -19.11 10.85 -1.51
CA LEU C 305 -18.38 11.15 -0.27
C LEU C 305 -17.15 10.23 -0.18
N LEU C 306 -16.55 10.05 -1.34
CA LEU C 306 -15.36 9.20 -1.53
C LEU C 306 -14.12 9.83 -0.86
N GLU C 307 -13.21 8.95 -0.49
CA GLU C 307 -11.95 9.33 0.16
C GLU C 307 -10.77 8.92 -0.70
N GLY C 308 -9.61 8.81 -0.05
CA GLY C 308 -8.40 8.43 -0.74
C GLY C 308 -8.08 6.98 -0.46
N PHE C 309 -7.12 6.44 -1.21
CA PHE C 309 -6.73 5.05 -1.06
C PHE C 309 -6.25 4.70 0.34
N ASN C 310 -5.78 5.68 1.09
CA ASN C 310 -5.32 5.42 2.46
C ASN C 310 -6.25 6.00 3.53
N ASN C 311 -7.48 6.31 3.12
CA ASN C 311 -8.48 6.83 4.04
C ASN C 311 -9.48 5.70 4.29
N TYR C 312 -9.30 4.61 3.53
CA TYR C 312 -10.16 3.44 3.61
C TYR C 312 -9.43 2.24 4.19
N THR C 313 -9.99 1.67 5.26
CA THR C 313 -9.34 0.54 5.92
C THR C 313 -9.61 -0.80 5.24
N PHE C 314 -10.62 -0.85 4.40
CA PHE C 314 -10.94 -2.10 3.69
C PHE C 314 -9.93 -2.29 2.55
N LEU C 315 -9.20 -1.21 2.31
CA LEU C 315 -8.15 -1.16 1.29
C LEU C 315 -6.79 -1.49 1.94
N SER C 316 -6.77 -2.67 2.53
CA SER C 316 -5.60 -3.21 3.24
C SER C 316 -4.32 -2.50 2.80
N ASN C 317 -3.72 -3.06 1.76
CA ASN C 317 -2.45 -2.55 1.20
C ASN C 317 -2.71 -1.33 0.31
N GLY C 318 -3.23 -0.29 0.95
CA GLY C 318 -3.55 0.99 0.28
C GLY C 318 -3.71 0.77 -1.22
N HIS C 319 -3.06 1.64 -1.96
CA HIS C 319 -3.10 1.61 -3.43
C HIS C 319 -1.92 0.81 -3.99
N VAL C 320 -2.26 -0.36 -4.49
CA VAL C 320 -1.30 -1.29 -5.10
C VAL C 320 -1.40 -1.20 -6.62
N PRO C 321 -0.50 -0.45 -7.28
CA PRO C 321 -0.56 -0.28 -8.73
C PRO C 321 -0.46 -1.61 -9.44
N ILE C 322 -1.22 -1.69 -10.53
CA ILE C 322 -1.24 -2.89 -11.41
C ILE C 322 -0.17 -2.71 -12.50
N PRO C 323 0.23 -3.76 -13.22
CA PRO C 323 1.28 -3.64 -14.23
C PRO C 323 0.93 -2.62 -15.28
N ALA C 324 0.25 -3.09 -16.31
CA ALA C 324 -0.12 -2.25 -17.47
C ALA C 324 -1.59 -1.83 -17.44
N GLN C 325 -1.99 -1.25 -16.32
CA GLN C 325 -3.37 -0.76 -16.13
C GLN C 325 -3.36 0.58 -15.40
N GLN C 326 -4.34 1.40 -15.77
CA GLN C 326 -4.54 2.73 -15.20
C GLN C 326 -5.98 2.87 -14.69
N ASP C 327 -6.09 2.69 -13.39
CA ASP C 327 -7.37 2.75 -12.67
C ASP C 327 -8.31 3.80 -13.28
N ASP C 328 -7.84 5.04 -13.37
CA ASP C 328 -8.64 6.12 -13.94
C ASP C 328 -9.13 5.74 -15.33
N GLU C 329 -8.27 5.06 -16.08
CA GLU C 329 -8.62 4.62 -17.43
C GLU C 329 -9.69 3.53 -17.38
N MET C 330 -9.41 2.50 -16.60
CA MET C 330 -10.32 1.38 -16.44
C MET C 330 -11.68 1.84 -15.96
N PHE C 331 -11.71 2.94 -15.21
CA PHE C 331 -12.96 3.46 -14.70
C PHE C 331 -13.84 3.96 -15.84
N GLN C 332 -13.25 4.68 -16.78
CA GLN C 332 -14.00 5.19 -17.94
C GLN C 332 -14.33 4.02 -18.83
N GLU C 333 -13.43 3.04 -18.82
CA GLU C 333 -13.61 1.83 -19.62
C GLU C 333 -14.82 1.05 -19.11
N THR C 334 -14.93 1.01 -17.80
CA THR C 334 -16.02 0.31 -17.13
C THR C 334 -17.32 1.05 -17.37
N LEU C 335 -17.32 2.35 -17.12
CA LEU C 335 -18.52 3.14 -17.34
C LEU C 335 -18.94 3.06 -18.82
N GLU C 336 -17.97 2.97 -19.72
CA GLU C 336 -18.25 2.87 -21.16
C GLU C 336 -19.00 1.57 -21.47
N ALA C 337 -18.53 0.49 -20.87
CA ALA C 337 -19.12 -0.83 -21.07
C ALA C 337 -20.46 -0.95 -20.41
N MET C 338 -20.59 -0.36 -19.22
CA MET C 338 -21.85 -0.41 -18.50
C MET C 338 -22.82 0.34 -19.39
N THR C 339 -22.36 1.46 -19.92
CA THR C 339 -23.16 2.30 -20.81
C THR C 339 -23.67 1.42 -21.97
N ILE C 340 -22.73 0.82 -22.69
CA ILE C 340 -23.05 -0.05 -23.81
C ILE C 340 -23.97 -1.19 -23.37
N MET C 341 -23.71 -1.74 -22.18
CA MET C 341 -24.51 -2.83 -21.66
C MET C 341 -25.94 -2.34 -21.49
N GLY C 342 -26.11 -1.03 -21.44
CA GLY C 342 -27.44 -0.46 -21.28
C GLY C 342 -27.76 0.09 -19.90
N PHE C 343 -26.75 0.26 -19.07
CA PHE C 343 -26.99 0.79 -17.73
C PHE C 343 -27.28 2.29 -17.83
N THR C 344 -28.29 2.75 -17.10
CA THR C 344 -28.64 4.15 -17.10
C THR C 344 -27.66 4.88 -16.20
N GLU C 345 -27.47 6.17 -16.46
CA GLU C 345 -26.54 6.95 -15.66
C GLU C 345 -26.85 6.79 -14.18
N GLU C 346 -28.13 6.68 -13.84
CA GLU C 346 -28.51 6.53 -12.45
C GLU C 346 -28.23 5.12 -11.96
N GLU C 347 -28.30 4.14 -12.87
CA GLU C 347 -28.01 2.76 -12.50
C GLU C 347 -26.54 2.69 -12.14
N GLN C 348 -25.73 3.37 -12.95
CA GLN C 348 -24.30 3.40 -12.72
C GLN C 348 -23.89 4.15 -11.47
N THR C 349 -24.54 5.28 -11.20
CA THR C 349 -24.17 6.05 -10.02
C THR C 349 -24.68 5.34 -8.79
N SER C 350 -25.76 4.58 -8.95
CA SER C 350 -26.31 3.84 -7.82
C SER C 350 -25.38 2.69 -7.48
N ILE C 351 -24.82 2.08 -8.51
CA ILE C 351 -23.87 0.98 -8.32
C ILE C 351 -22.63 1.53 -7.65
N LEU C 352 -22.06 2.60 -8.22
CA LEU C 352 -20.87 3.21 -7.66
C LEU C 352 -21.12 3.70 -6.24
N ARG C 353 -22.36 4.09 -5.96
CA ARG C 353 -22.70 4.55 -4.62
C ARG C 353 -22.61 3.39 -3.64
N VAL C 354 -23.07 2.22 -4.08
CA VAL C 354 -23.02 1.03 -3.23
C VAL C 354 -21.58 0.63 -2.99
N VAL C 355 -20.75 0.79 -4.02
CA VAL C 355 -19.35 0.45 -3.86
C VAL C 355 -18.76 1.32 -2.76
N SER C 356 -19.11 2.60 -2.81
CA SER C 356 -18.60 3.55 -1.83
C SER C 356 -19.03 3.21 -0.42
N SER C 357 -20.30 2.83 -0.26
CA SER C 357 -20.83 2.49 1.05
C SER C 357 -20.10 1.29 1.63
N VAL C 358 -19.77 0.34 0.77
CA VAL C 358 -19.04 -0.83 1.20
C VAL C 358 -17.67 -0.42 1.75
N LEU C 359 -17.08 0.64 1.18
CA LEU C 359 -15.78 1.08 1.67
C LEU C 359 -15.93 1.82 2.97
N GLN C 360 -16.95 2.67 3.05
CA GLN C 360 -17.20 3.47 4.24
C GLN C 360 -17.55 2.59 5.43
N LEU C 361 -18.18 1.44 5.16
CA LEU C 361 -18.51 0.52 6.23
C LEU C 361 -17.23 0.17 6.95
N GLY C 362 -16.18 -0.06 6.18
CA GLY C 362 -14.91 -0.40 6.78
C GLY C 362 -14.36 0.67 7.71
N ASN C 363 -14.71 1.93 7.47
CA ASN C 363 -14.22 3.01 8.31
C ASN C 363 -14.90 3.17 9.67
N ILE C 364 -16.05 2.54 9.85
CA ILE C 364 -16.75 2.60 11.15
C ILE C 364 -15.81 2.00 12.19
N VAL C 365 -15.78 2.58 13.40
CA VAL C 365 -14.90 2.07 14.46
C VAL C 365 -15.62 1.91 15.79
N PHE C 366 -15.41 0.77 16.43
CA PHE C 366 -16.03 0.50 17.71
C PHE C 366 -14.98 0.47 18.81
N LYS C 367 -15.38 0.83 20.02
CA LYS C 367 -14.46 0.83 21.15
C LYS C 367 -14.97 -0.05 22.28
N LYS C 368 -14.04 -0.56 23.08
CA LYS C 368 -14.38 -1.43 24.19
C LYS C 368 -14.75 -0.64 25.44
N GLU C 369 -14.87 -1.34 26.57
CA GLU C 369 -15.21 -0.75 27.86
C GLU C 369 -15.43 -1.83 28.94
N GLN C 374 -19.40 -3.73 26.79
CA GLN C 374 -19.88 -3.65 25.38
C GLN C 374 -18.97 -2.82 24.51
N ALA C 375 -19.47 -2.40 23.36
CA ALA C 375 -18.69 -1.61 22.44
C ALA C 375 -19.48 -0.37 22.06
N SER C 376 -18.77 0.73 21.86
CA SER C 376 -19.41 1.98 21.49
C SER C 376 -18.56 2.72 20.47
N MET C 377 -19.19 3.20 19.40
CA MET C 377 -18.46 3.94 18.38
C MET C 377 -18.50 5.41 18.75
N PRO C 378 -17.40 5.94 19.29
CA PRO C 378 -17.35 7.34 19.68
C PRO C 378 -17.53 8.23 18.45
N ASP C 379 -16.89 7.84 17.36
CA ASP C 379 -16.99 8.60 16.11
C ASP C 379 -17.95 7.88 15.17
N ASN C 380 -19.07 8.54 14.90
CA ASN C 380 -20.11 7.99 14.04
C ASN C 380 -20.03 8.52 12.62
N THR C 381 -19.11 9.46 12.38
CA THR C 381 -18.97 10.04 11.05
C THR C 381 -19.19 9.00 9.98
N ALA C 382 -18.31 7.99 9.97
CA ALA C 382 -18.41 6.90 9.00
C ALA C 382 -19.82 6.33 9.03
N ALA C 383 -20.30 6.02 10.23
CA ALA C 383 -21.65 5.46 10.38
C ALA C 383 -22.64 6.39 9.72
N GLN C 384 -22.34 7.68 9.78
CA GLN C 384 -23.22 8.69 9.19
C GLN C 384 -23.18 8.60 7.67
N LYS C 385 -21.98 8.65 7.11
CA LYS C 385 -21.80 8.57 5.67
C LYS C 385 -22.42 7.30 5.09
N VAL C 386 -22.13 6.18 5.74
CA VAL C 386 -22.65 4.90 5.30
C VAL C 386 -24.17 4.97 5.16
N CYS C 387 -24.83 5.47 6.21
CA CYS C 387 -26.29 5.58 6.18
C CYS C 387 -26.74 6.58 5.14
N HIS C 388 -25.97 7.64 4.96
CA HIS C 388 -26.31 8.64 3.97
C HIS C 388 -26.34 7.97 2.61
N LEU C 389 -25.35 7.11 2.37
CA LEU C 389 -25.24 6.40 1.11
C LEU C 389 -26.17 5.21 1.00
N MET C 390 -26.74 4.80 2.12
CA MET C 390 -27.63 3.66 2.11
C MET C 390 -29.12 3.96 2.27
N GLY C 391 -29.45 5.22 2.57
CA GLY C 391 -30.84 5.58 2.76
C GLY C 391 -31.35 4.96 4.04
N ILE C 392 -30.50 4.99 5.07
CA ILE C 392 -30.79 4.41 6.37
C ILE C 392 -30.66 5.49 7.44
N ASN C 393 -31.18 5.23 8.64
CA ASN C 393 -31.11 6.19 9.73
C ASN C 393 -29.92 5.92 10.65
N VAL C 394 -29.01 6.90 10.72
CA VAL C 394 -27.82 6.77 11.55
C VAL C 394 -28.06 6.19 12.92
N THR C 395 -29.12 6.62 13.59
CA THR C 395 -29.39 6.14 14.94
C THR C 395 -30.01 4.75 14.95
N ASP C 396 -30.81 4.45 13.92
CA ASP C 396 -31.42 3.15 13.83
C ASP C 396 -30.33 2.13 13.47
N PHE C 397 -29.40 2.59 12.66
CA PHE C 397 -28.28 1.76 12.23
C PHE C 397 -27.39 1.55 13.44
N THR C 398 -26.87 2.62 14.01
CA THR C 398 -26.00 2.52 15.17
C THR C 398 -26.60 1.59 16.24
N ARG C 399 -27.92 1.66 16.44
CA ARG C 399 -28.59 0.82 17.45
C ARG C 399 -28.58 -0.65 17.05
N SER C 400 -28.99 -0.92 15.82
CA SER C 400 -29.06 -2.28 15.30
C SER C 400 -27.68 -2.94 15.28
N ILE C 401 -26.65 -2.11 15.13
CA ILE C 401 -25.29 -2.63 15.09
C ILE C 401 -24.74 -2.85 16.48
N LEU C 402 -24.88 -1.84 17.32
CA LEU C 402 -24.39 -1.90 18.68
C LEU C 402 -25.27 -2.69 19.65
N THR C 403 -26.53 -2.91 19.30
CA THR C 403 -27.45 -3.65 20.17
C THR C 403 -28.73 -4.07 19.46
N PRO C 404 -28.70 -5.22 18.78
CA PRO C 404 -29.88 -5.72 18.06
C PRO C 404 -30.88 -6.41 19.00
N LYS C 415 -29.83 -7.56 23.16
CA LYS C 415 -28.56 -8.29 22.90
C LYS C 415 -27.38 -7.33 22.74
N ALA C 416 -26.47 -7.36 23.70
CA ALA C 416 -25.31 -6.49 23.69
C ALA C 416 -24.21 -7.01 22.77
N GLN C 417 -23.54 -6.09 22.09
CA GLN C 417 -22.47 -6.41 21.17
C GLN C 417 -21.16 -5.84 21.66
N THR C 418 -20.10 -6.63 21.54
CA THR C 418 -18.78 -6.20 21.94
C THR C 418 -18.06 -5.73 20.70
N LYS C 419 -16.94 -5.04 20.85
CA LYS C 419 -16.18 -4.57 19.70
C LYS C 419 -16.06 -5.75 18.76
N GLU C 420 -15.43 -6.81 19.26
CA GLU C 420 -15.23 -8.02 18.48
C GLU C 420 -16.46 -8.40 17.65
N GLN C 421 -17.65 -8.38 18.24
CA GLN C 421 -18.85 -8.77 17.51
C GLN C 421 -19.46 -7.63 16.72
N ALA C 422 -19.13 -6.41 17.09
CA ALA C 422 -19.67 -5.25 16.38
C ALA C 422 -18.90 -5.19 15.08
N ASP C 423 -17.60 -5.43 15.19
CA ASP C 423 -16.71 -5.40 14.03
C ASP C 423 -17.18 -6.46 13.05
N PHE C 424 -17.42 -7.67 13.56
CA PHE C 424 -17.88 -8.77 12.72
C PHE C 424 -19.09 -8.38 11.89
N ALA C 425 -20.16 -7.99 12.57
CA ALA C 425 -21.41 -7.60 11.93
C ALA C 425 -21.20 -6.64 10.77
N ILE C 426 -20.41 -5.59 11.02
CA ILE C 426 -20.13 -4.59 10.00
C ILE C 426 -19.46 -5.24 8.80
N GLU C 427 -18.45 -6.07 9.03
CA GLU C 427 -17.75 -6.78 7.96
C GLU C 427 -18.77 -7.65 7.20
N ALA C 428 -19.47 -8.47 7.95
CA ALA C 428 -20.48 -9.36 7.42
C ALA C 428 -21.39 -8.60 6.47
N LEU C 429 -21.76 -7.39 6.88
CA LEU C 429 -22.65 -6.57 6.07
C LEU C 429 -21.90 -6.16 4.80
N ALA C 430 -20.66 -5.70 4.97
CA ALA C 430 -19.84 -5.27 3.85
C ALA C 430 -19.86 -6.35 2.79
N LYS C 431 -19.36 -7.52 3.15
CA LYS C 431 -19.33 -8.64 2.22
C LYS C 431 -20.70 -8.95 1.63
N ALA C 432 -21.72 -8.99 2.47
CA ALA C 432 -23.07 -9.28 2.00
C ALA C 432 -23.55 -8.23 1.00
N LYS C 433 -23.24 -6.97 1.29
CA LYS C 433 -23.63 -5.85 0.45
C LYS C 433 -22.95 -5.97 -0.89
N PHE C 434 -21.70 -6.38 -0.88
CA PHE C 434 -20.97 -6.51 -2.11
C PHE C 434 -21.47 -7.71 -2.92
N GLU C 435 -21.57 -8.87 -2.27
CA GLU C 435 -22.05 -10.07 -2.93
C GLU C 435 -23.37 -9.81 -3.69
N ARG C 436 -24.24 -8.97 -3.12
CA ARG C 436 -25.51 -8.65 -3.74
C ARG C 436 -25.36 -7.65 -4.86
N LEU C 437 -24.47 -6.68 -4.70
CA LEU C 437 -24.27 -5.70 -5.76
C LEU C 437 -23.76 -6.45 -6.97
N PHE C 438 -22.97 -7.50 -6.72
CA PHE C 438 -22.44 -8.30 -7.82
C PHE C 438 -23.59 -9.08 -8.45
N ARG C 439 -24.29 -9.88 -7.63
CA ARG C 439 -25.41 -10.69 -8.08
C ARG C 439 -26.39 -9.84 -8.89
N TRP C 440 -26.53 -8.58 -8.48
CA TRP C 440 -27.42 -7.62 -9.13
C TRP C 440 -26.86 -7.25 -10.48
N ILE C 441 -25.65 -6.72 -10.50
CA ILE C 441 -25.01 -6.33 -11.73
C ILE C 441 -25.09 -7.50 -12.69
N LEU C 442 -24.78 -8.70 -12.19
CA LEU C 442 -24.85 -9.87 -13.04
C LEU C 442 -26.27 -10.03 -13.61
N THR C 443 -27.25 -10.02 -12.71
CA THR C 443 -28.66 -10.13 -13.08
C THR C 443 -29.05 -9.11 -14.18
N ARG C 444 -28.68 -7.86 -13.98
CA ARG C 444 -28.97 -6.80 -14.91
C ARG C 444 -28.28 -7.11 -16.25
N VAL C 445 -27.05 -7.59 -16.19
CA VAL C 445 -26.32 -7.93 -17.39
C VAL C 445 -27.08 -9.04 -18.13
N ASN C 446 -27.63 -9.97 -17.39
CA ASN C 446 -28.37 -11.07 -17.99
C ASN C 446 -29.68 -10.64 -18.66
N LYS C 447 -30.29 -9.59 -18.10
CA LYS C 447 -31.54 -9.06 -18.64
C LYS C 447 -31.23 -8.47 -19.99
N ALA C 448 -30.15 -7.71 -20.07
CA ALA C 448 -29.72 -7.07 -21.29
C ALA C 448 -29.24 -8.05 -22.34
N LEU C 449 -28.70 -9.18 -21.90
CA LEU C 449 -28.17 -10.18 -22.81
C LEU C 449 -29.24 -11.14 -23.29
N ASP C 450 -30.36 -11.16 -22.60
CA ASP C 450 -31.49 -12.02 -22.94
C ASP C 450 -32.71 -11.19 -23.36
N ALA C 457 -32.68 -22.48 -29.32
CA ALA C 457 -32.39 -23.62 -30.24
C ALA C 457 -31.18 -24.44 -29.78
N SER C 458 -30.01 -23.81 -29.75
CA SER C 458 -28.78 -24.48 -29.36
C SER C 458 -27.93 -23.51 -28.57
N PHE C 459 -27.21 -24.02 -27.58
CA PHE C 459 -26.35 -23.17 -26.77
C PHE C 459 -24.92 -23.67 -26.73
N LEU C 460 -23.98 -22.76 -26.55
CA LEU C 460 -22.56 -23.10 -26.50
C LEU C 460 -22.02 -22.63 -25.16
N GLY C 461 -21.95 -23.52 -24.18
CA GLY C 461 -21.44 -23.13 -22.88
C GLY C 461 -19.95 -22.93 -22.91
N ILE C 462 -19.45 -22.00 -22.09
CA ILE C 462 -18.03 -21.72 -21.99
C ILE C 462 -17.82 -21.62 -20.49
N LEU C 463 -16.88 -22.40 -19.97
CA LEU C 463 -16.65 -22.42 -18.53
C LEU C 463 -15.29 -21.91 -18.04
N ASP C 464 -15.32 -20.74 -17.40
CA ASP C 464 -14.12 -20.13 -16.85
C ASP C 464 -14.23 -20.14 -15.32
N ILE C 465 -13.88 -21.26 -14.72
CA ILE C 465 -13.92 -21.38 -13.27
C ILE C 465 -12.73 -20.67 -12.62
N ALA C 466 -12.75 -20.52 -11.31
CA ALA C 466 -11.63 -19.90 -10.62
C ALA C 466 -10.63 -21.04 -10.58
N GLY C 467 -9.42 -20.73 -11.01
CA GLY C 467 -8.37 -21.71 -11.09
C GLY C 467 -7.75 -22.07 -9.76
N PHE C 468 -7.29 -23.31 -9.71
CA PHE C 468 -6.64 -23.87 -8.53
C PHE C 468 -5.59 -22.91 -8.03
N GLU C 469 -5.65 -22.64 -6.73
CA GLU C 469 -4.69 -21.76 -6.11
C GLU C 469 -4.31 -22.24 -4.74
N ILE C 470 -3.06 -21.98 -4.41
CA ILE C 470 -2.52 -22.32 -3.11
C ILE C 470 -1.84 -21.07 -2.58
N PHE C 471 -2.60 -20.26 -1.84
CA PHE C 471 -2.07 -19.03 -1.27
C PHE C 471 -1.38 -19.38 0.05
N GLU C 472 -0.64 -18.41 0.61
CA GLU C 472 0.06 -18.62 1.88
C GLU C 472 -0.90 -19.13 2.93
N ILE C 473 -2.09 -18.55 2.96
CA ILE C 473 -3.15 -18.92 3.89
C ILE C 473 -4.37 -19.28 3.06
N ASN C 474 -4.74 -20.55 3.06
CA ASN C 474 -5.90 -21.00 2.31
C ASN C 474 -7.14 -21.21 3.16
N SER C 475 -8.15 -20.38 2.93
CA SER C 475 -9.39 -20.46 3.68
C SER C 475 -10.46 -21.26 2.97
N PHE C 476 -11.67 -21.20 3.54
CA PHE C 476 -12.80 -21.93 2.99
C PHE C 476 -13.02 -21.61 1.53
N GLU C 477 -12.69 -20.39 1.12
CA GLU C 477 -12.87 -19.98 -0.28
C GLU C 477 -12.01 -20.85 -1.19
N GLN C 478 -10.74 -20.96 -0.83
CA GLN C 478 -9.79 -21.77 -1.60
C GLN C 478 -10.25 -23.22 -1.64
N LEU C 479 -10.78 -23.75 -0.54
CA LEU C 479 -11.22 -25.13 -0.56
C LEU C 479 -12.25 -25.32 -1.67
N CYS C 480 -13.26 -24.45 -1.70
CA CYS C 480 -14.30 -24.57 -2.72
C CYS C 480 -13.72 -24.42 -4.12
N ILE C 481 -12.89 -23.41 -4.30
CA ILE C 481 -12.29 -23.16 -5.59
C ILE C 481 -11.55 -24.40 -6.08
N ASN C 482 -10.61 -24.86 -5.25
CA ASN C 482 -9.78 -26.03 -5.61
C ASN C 482 -10.62 -27.28 -5.78
N TYR C 483 -11.69 -27.39 -4.99
CA TYR C 483 -12.57 -28.54 -5.07
C TYR C 483 -13.20 -28.55 -6.46
N THR C 484 -13.62 -27.38 -6.93
CA THR C 484 -14.23 -27.26 -8.24
C THR C 484 -13.23 -27.59 -9.32
N ASN C 485 -11.98 -27.24 -9.09
CA ASN C 485 -10.95 -27.54 -10.07
C ASN C 485 -10.76 -29.05 -10.14
N GLU C 486 -10.81 -29.71 -8.98
CA GLU C 486 -10.68 -31.16 -8.90
C GLU C 486 -11.86 -31.77 -9.63
N LYS C 487 -13.04 -31.18 -9.43
CA LYS C 487 -14.25 -31.67 -10.07
C LYS C 487 -14.17 -31.55 -11.59
N LEU C 488 -13.56 -30.47 -12.08
CA LEU C 488 -13.43 -30.26 -13.51
C LEU C 488 -12.40 -31.20 -14.11
N GLN C 489 -11.28 -31.40 -13.43
CA GLN C 489 -10.24 -32.30 -13.96
C GLN C 489 -10.84 -33.68 -14.09
N GLN C 490 -11.63 -34.07 -13.09
CA GLN C 490 -12.29 -35.37 -13.10
C GLN C 490 -13.19 -35.47 -14.33
N LEU C 491 -14.01 -34.44 -14.57
CA LEU C 491 -14.89 -34.43 -15.73
C LEU C 491 -14.06 -34.73 -16.97
N PHE C 492 -12.85 -34.19 -17.01
CA PHE C 492 -11.97 -34.42 -18.13
C PHE C 492 -11.66 -35.90 -18.14
N ASN C 493 -11.04 -36.40 -17.08
CA ASN C 493 -10.72 -37.82 -16.99
C ASN C 493 -11.87 -38.72 -17.43
N HIS C 494 -13.06 -38.48 -16.88
CA HIS C 494 -14.24 -39.28 -17.20
C HIS C 494 -14.52 -39.31 -18.69
N THR C 495 -14.71 -38.13 -19.24
CA THR C 495 -14.97 -37.99 -20.67
C THR C 495 -13.85 -38.65 -21.48
N MET C 496 -12.64 -38.10 -21.36
CA MET C 496 -11.48 -38.59 -22.10
C MET C 496 -11.25 -40.09 -22.07
N PHE C 497 -11.32 -40.65 -20.87
CA PHE C 497 -11.03 -42.07 -20.71
C PHE C 497 -12.20 -43.03 -20.49
N ILE C 498 -13.15 -42.68 -19.64
CA ILE C 498 -14.27 -43.58 -19.40
C ILE C 498 -15.27 -43.54 -20.55
N LEU C 499 -15.95 -42.42 -20.71
CA LEU C 499 -16.92 -42.26 -21.76
C LEU C 499 -16.38 -42.70 -23.12
N GLU C 500 -15.11 -42.39 -23.40
CA GLU C 500 -14.51 -42.77 -24.67
C GLU C 500 -14.73 -44.26 -24.87
N GLN C 501 -14.08 -45.06 -24.04
CA GLN C 501 -14.17 -46.51 -24.11
C GLN C 501 -15.61 -47.01 -24.02
N GLU C 502 -16.44 -46.40 -23.19
CA GLU C 502 -17.84 -46.82 -23.05
C GLU C 502 -18.53 -46.85 -24.40
N GLU C 503 -18.33 -45.81 -25.19
CA GLU C 503 -18.93 -45.69 -26.52
C GLU C 503 -18.38 -46.77 -27.47
N TYR C 504 -17.12 -47.15 -27.27
CA TYR C 504 -16.50 -48.17 -28.09
C TYR C 504 -17.34 -49.41 -27.95
N GLN C 505 -17.30 -50.02 -26.76
CA GLN C 505 -18.04 -51.24 -26.47
C GLN C 505 -19.51 -51.09 -26.85
N ARG C 506 -20.07 -49.94 -26.52
CA ARG C 506 -21.47 -49.67 -26.80
C ARG C 506 -21.80 -49.74 -28.29
N GLU C 507 -20.82 -49.41 -29.14
CA GLU C 507 -21.05 -49.44 -30.58
C GLU C 507 -20.55 -50.75 -31.16
N GLY C 508 -20.11 -51.64 -30.28
CA GLY C 508 -19.62 -52.94 -30.72
C GLY C 508 -18.23 -53.04 -31.34
N ILE C 509 -17.35 -52.11 -31.00
CA ILE C 509 -16.01 -52.11 -31.54
C ILE C 509 -15.14 -53.13 -30.82
N GLU C 510 -14.23 -53.76 -31.56
CA GLU C 510 -13.34 -54.74 -30.95
C GLU C 510 -12.41 -53.90 -30.06
N TRP C 511 -12.77 -53.78 -28.79
CA TRP C 511 -11.96 -52.97 -27.89
C TRP C 511 -11.80 -53.52 -26.48
N ASN C 512 -10.57 -53.52 -25.99
CA ASN C 512 -10.29 -53.99 -24.64
C ASN C 512 -9.97 -52.80 -23.77
N PHE C 513 -10.76 -52.63 -22.72
CA PHE C 513 -10.61 -51.50 -21.81
C PHE C 513 -9.20 -51.22 -21.31
N ILE C 514 -8.90 -49.93 -21.21
CA ILE C 514 -7.61 -49.46 -20.75
C ILE C 514 -7.77 -48.60 -19.52
N ASP C 515 -7.31 -49.10 -18.38
CA ASP C 515 -7.39 -48.31 -17.17
C ASP C 515 -6.23 -47.32 -17.32
N PHE C 516 -6.55 -46.06 -17.57
CA PHE C 516 -5.51 -45.06 -17.74
C PHE C 516 -5.00 -44.51 -16.41
N GLY C 517 -5.45 -45.10 -15.31
CA GLY C 517 -5.02 -44.66 -14.00
C GLY C 517 -5.15 -43.18 -13.71
N LEU C 518 -6.37 -42.67 -13.83
CA LEU C 518 -6.65 -41.27 -13.57
C LEU C 518 -8.06 -41.16 -12.99
N ASP C 519 -8.15 -41.14 -11.66
CA ASP C 519 -9.43 -41.01 -10.99
C ASP C 519 -9.27 -40.14 -9.76
N LEU C 520 -10.12 -39.12 -9.67
CA LEU C 520 -10.08 -38.21 -8.54
C LEU C 520 -11.26 -38.44 -7.60
N GLN C 521 -12.09 -39.43 -7.93
CA GLN C 521 -13.26 -39.72 -7.12
C GLN C 521 -12.97 -39.62 -5.62
N PRO C 522 -11.94 -40.31 -5.15
CA PRO C 522 -11.57 -40.27 -3.73
C PRO C 522 -11.63 -38.86 -3.14
N CYS C 523 -10.66 -38.03 -3.50
CA CYS C 523 -10.62 -36.66 -3.01
C CYS C 523 -11.99 -35.98 -3.11
N ILE C 524 -12.58 -36.08 -4.30
CA ILE C 524 -13.89 -35.47 -4.52
C ILE C 524 -14.88 -35.96 -3.44
N GLU C 525 -14.89 -37.26 -3.17
CA GLU C 525 -15.79 -37.79 -2.16
C GLU C 525 -15.39 -37.29 -0.77
N LEU C 526 -14.09 -37.13 -0.55
CA LEU C 526 -13.58 -36.67 0.73
C LEU C 526 -14.09 -35.27 1.05
N ILE C 527 -14.70 -34.62 0.07
CA ILE C 527 -15.21 -33.27 0.27
C ILE C 527 -16.72 -33.13 0.14
N GLU C 528 -17.29 -33.77 -0.86
CA GLU C 528 -18.74 -33.65 -1.17
C GLU C 528 -19.58 -34.88 -0.78
N ARG C 529 -18.99 -35.80 -0.06
CA ARG C 529 -19.71 -37.00 0.38
C ARG C 529 -20.80 -36.59 1.37
N PRO C 530 -22.03 -36.27 0.90
CA PRO C 530 -23.09 -35.85 1.79
C PRO C 530 -23.37 -36.91 2.82
N THR C 531 -24.02 -37.96 2.35
CA THR C 531 -24.40 -39.11 3.19
C THR C 531 -23.21 -40.07 3.34
N ASN C 532 -23.50 -41.18 4.01
CA ASN C 532 -22.51 -42.23 4.26
C ASN C 532 -21.29 -41.65 4.95
N PRO C 533 -20.07 -41.98 4.50
CA PRO C 533 -18.86 -41.45 5.13
C PRO C 533 -18.88 -39.94 5.05
N PRO C 534 -19.02 -39.21 6.19
CA PRO C 534 -19.05 -37.76 6.16
C PRO C 534 -17.78 -37.20 5.54
N GLY C 535 -17.98 -36.13 4.75
CA GLY C 535 -16.88 -35.43 4.04
C GLY C 535 -16.67 -34.01 4.62
N VAL C 536 -15.55 -33.39 4.25
CA VAL C 536 -15.22 -32.06 4.76
C VAL C 536 -16.39 -31.10 4.75
N LEU C 537 -16.98 -30.86 3.58
CA LEU C 537 -18.10 -29.93 3.50
C LEU C 537 -19.24 -30.30 4.44
N ALA C 538 -19.68 -31.55 4.40
CA ALA C 538 -20.80 -31.99 5.25
C ALA C 538 -20.44 -32.03 6.73
N LEU C 539 -19.21 -32.38 7.04
CA LEU C 539 -18.79 -32.42 8.44
C LEU C 539 -18.99 -31.01 8.99
N LEU C 540 -18.63 -30.02 8.17
CA LEU C 540 -18.78 -28.63 8.56
C LEU C 540 -20.24 -28.30 8.77
N ASP C 541 -21.03 -28.46 7.72
CA ASP C 541 -22.46 -28.18 7.79
C ASP C 541 -23.00 -28.75 9.09
N GLU C 542 -22.41 -29.88 9.51
CA GLU C 542 -22.82 -30.51 10.75
C GLU C 542 -22.28 -29.68 11.90
N GLU C 543 -20.97 -29.44 11.89
CA GLU C 543 -20.30 -28.64 12.92
C GLU C 543 -21.13 -27.45 13.38
N CYS C 544 -21.59 -26.64 12.44
CA CYS C 544 -22.41 -25.49 12.81
C CYS C 544 -23.84 -25.94 13.05
N ALA C 549 -19.14 -25.05 19.85
CA ALA C 549 -18.54 -25.61 18.61
C ALA C 549 -17.49 -24.67 18.02
N THR C 550 -16.24 -24.92 18.35
CA THR C 550 -15.16 -24.09 17.83
C THR C 550 -14.80 -24.53 16.40
N ASP C 551 -14.18 -23.63 15.64
CA ASP C 551 -13.76 -23.92 14.27
C ASP C 551 -12.74 -25.04 14.41
N THR C 552 -11.97 -24.97 15.49
CA THR C 552 -10.96 -25.95 15.79
C THR C 552 -11.64 -27.28 16.09
N SER C 553 -12.79 -27.21 16.73
CA SER C 553 -13.55 -28.40 17.04
C SER C 553 -13.87 -29.05 15.69
N PHE C 554 -14.20 -28.24 14.70
CA PHE C 554 -14.53 -28.76 13.38
C PHE C 554 -13.36 -29.59 12.89
N VAL C 555 -12.17 -28.99 12.88
CA VAL C 555 -10.97 -29.70 12.44
C VAL C 555 -10.78 -31.05 13.14
N GLU C 556 -10.97 -31.04 14.46
CA GLU C 556 -10.81 -32.27 15.25
C GLU C 556 -11.70 -33.39 14.75
N LYS C 557 -12.97 -33.08 14.47
CA LYS C 557 -13.92 -34.08 13.99
C LYS C 557 -13.59 -34.48 12.55
N LEU C 558 -13.19 -33.50 11.76
CA LEU C 558 -12.84 -33.75 10.37
C LEU C 558 -11.76 -34.82 10.32
N ILE C 559 -10.82 -34.72 11.26
CA ILE C 559 -9.73 -35.67 11.34
C ILE C 559 -10.22 -37.06 11.67
N GLN C 560 -11.03 -37.12 12.73
CA GLN C 560 -11.56 -38.40 13.26
C GLN C 560 -12.39 -39.12 12.20
N GLU C 561 -12.97 -38.32 11.32
CA GLU C 561 -13.84 -38.83 10.24
C GLU C 561 -13.02 -39.22 9.01
N GLN C 562 -12.15 -38.31 8.60
CA GLN C 562 -11.27 -38.52 7.43
C GLN C 562 -9.90 -39.04 7.89
N GLY C 563 -9.15 -38.11 8.46
CA GLY C 563 -7.82 -38.36 9.03
C GLY C 563 -6.94 -39.18 8.08
N ASN C 564 -7.21 -40.47 8.06
CA ASN C 564 -6.43 -41.46 7.27
C ASN C 564 -6.65 -41.29 5.77
N HIS C 565 -7.90 -41.05 5.40
CA HIS C 565 -8.28 -40.92 3.97
C HIS C 565 -7.09 -40.48 3.12
N ALA C 566 -6.74 -41.36 2.20
CA ALA C 566 -5.62 -41.21 1.26
C ALA C 566 -5.27 -39.73 1.00
N LYS C 567 -6.27 -39.00 0.52
CA LYS C 567 -6.10 -37.58 0.14
C LYS C 567 -6.36 -36.63 1.32
N PHE C 568 -5.92 -37.04 2.50
CA PHE C 568 -6.08 -36.24 3.71
C PHE C 568 -4.76 -36.26 4.49
N GLN C 569 -4.53 -35.26 5.32
CA GLN C 569 -3.31 -35.19 6.11
C GLN C 569 -3.49 -34.26 7.29
N LYS C 570 -3.28 -34.76 8.51
CA LYS C 570 -3.39 -33.89 9.67
C LYS C 570 -2.24 -32.90 9.44
N SER C 571 -2.35 -31.70 10.01
CA SER C 571 -1.29 -30.73 9.81
C SER C 571 -0.17 -30.87 10.84
N LYS C 577 -3.29 -25.27 14.09
CA LYS C 577 -4.06 -23.98 14.10
C LYS C 577 -5.35 -24.13 13.32
N THR C 578 -6.03 -25.27 13.52
CA THR C 578 -7.28 -25.58 12.83
C THR C 578 -6.95 -25.87 11.37
N GLU C 579 -5.72 -26.27 11.12
CA GLU C 579 -5.26 -26.56 9.77
C GLU C 579 -5.27 -28.03 9.44
N PHE C 580 -5.48 -28.32 8.17
CA PHE C 580 -5.46 -29.69 7.67
C PHE C 580 -5.00 -29.64 6.21
N CYS C 581 -4.69 -30.80 5.64
CA CYS C 581 -4.22 -30.83 4.27
C CYS C 581 -5.04 -31.75 3.40
N ILE C 582 -5.31 -31.29 2.19
CA ILE C 582 -6.04 -32.08 1.21
C ILE C 582 -5.06 -32.23 0.05
N LEU C 583 -4.90 -33.45 -0.44
CA LEU C 583 -3.99 -33.69 -1.54
C LEU C 583 -4.77 -33.58 -2.85
N HIS C 584 -4.89 -32.35 -3.34
CA HIS C 584 -5.61 -32.13 -4.57
C HIS C 584 -4.77 -32.58 -5.73
N TYR C 585 -5.44 -32.95 -6.81
CA TYR C 585 -4.73 -33.42 -7.99
C TYR C 585 -3.63 -32.43 -8.38
N ALA C 586 -3.94 -31.15 -8.28
CA ALA C 586 -2.97 -30.11 -8.63
C ALA C 586 -1.93 -29.93 -7.56
N GLY C 587 -2.17 -30.50 -6.39
CA GLY C 587 -1.19 -30.36 -5.31
C GLY C 587 -1.71 -30.43 -3.89
N LYS C 588 -0.80 -30.34 -2.93
CA LYS C 588 -1.19 -30.40 -1.54
C LYS C 588 -1.44 -29.03 -0.98
N VAL C 589 -2.70 -28.81 -0.63
CA VAL C 589 -3.12 -27.55 -0.06
C VAL C 589 -3.39 -27.77 1.44
N THR C 590 -2.76 -26.96 2.28
CA THR C 590 -2.99 -27.08 3.71
C THR C 590 -3.90 -25.92 4.10
N TYR C 591 -5.17 -26.27 4.33
CA TYR C 591 -6.19 -25.30 4.69
C TYR C 591 -6.15 -24.86 6.14
N ASN C 592 -6.83 -23.76 6.44
CA ASN C 592 -6.91 -23.21 7.77
C ASN C 592 -8.38 -22.95 8.05
N ALA C 593 -8.97 -23.83 8.85
CA ALA C 593 -10.39 -23.77 9.20
C ALA C 593 -10.85 -22.57 10.00
N SER C 594 -9.96 -21.63 10.24
CA SER C 594 -10.33 -20.44 11.02
C SER C 594 -11.54 -19.73 10.42
N ALA C 595 -12.56 -19.52 11.25
CA ALA C 595 -13.78 -18.83 10.84
C ALA C 595 -14.65 -19.62 9.87
N TRP C 596 -14.24 -20.83 9.55
CA TRP C 596 -15.01 -21.63 8.62
C TRP C 596 -16.48 -21.79 9.00
N LEU C 597 -16.72 -22.04 10.28
CA LEU C 597 -18.08 -22.24 10.77
C LEU C 597 -18.94 -21.00 10.46
N THR C 598 -18.37 -19.82 10.69
CA THR C 598 -19.05 -18.55 10.44
C THR C 598 -19.23 -18.33 8.94
N LYS C 599 -18.18 -18.65 8.21
CA LYS C 599 -18.16 -18.52 6.75
C LYS C 599 -19.20 -19.38 6.09
N ASN C 600 -19.41 -20.58 6.63
CA ASN C 600 -20.39 -21.51 6.07
C ASN C 600 -21.82 -21.13 6.45
N MET C 601 -21.97 -20.40 7.55
CA MET C 601 -23.29 -19.95 8.01
C MET C 601 -23.69 -18.63 7.37
N ASP C 602 -22.73 -17.73 7.22
CA ASP C 602 -22.95 -16.41 6.64
C ASP C 602 -24.04 -15.68 7.42
N PRO C 603 -23.77 -15.40 8.70
CA PRO C 603 -24.69 -14.70 9.60
C PRO C 603 -24.70 -13.19 9.42
N LEU C 604 -25.87 -12.65 9.11
CA LEU C 604 -26.05 -11.22 8.93
C LEU C 604 -26.81 -10.65 10.13
N ASN C 605 -26.83 -9.33 10.25
CA ASN C 605 -27.54 -8.66 11.34
C ASN C 605 -28.92 -8.24 10.84
N ASP C 606 -29.84 -9.20 10.81
CA ASP C 606 -31.22 -8.98 10.36
C ASP C 606 -31.76 -7.60 10.71
N ASN C 607 -31.30 -7.04 11.83
CA ASN C 607 -31.72 -5.71 12.26
C ASN C 607 -31.38 -4.71 11.18
N VAL C 608 -30.09 -4.41 11.05
CA VAL C 608 -29.63 -3.48 10.03
C VAL C 608 -30.11 -3.99 8.70
N THR C 609 -30.10 -5.31 8.53
CA THR C 609 -30.55 -5.95 7.30
C THR C 609 -31.94 -5.44 6.91
N SER C 610 -32.84 -5.36 7.88
CA SER C 610 -34.19 -4.88 7.61
C SER C 610 -34.19 -3.40 7.25
N LEU C 611 -33.42 -2.62 8.01
CA LEU C 611 -33.31 -1.19 7.78
C LEU C 611 -33.09 -0.95 6.28
N LEU C 612 -32.14 -1.67 5.72
CA LEU C 612 -31.80 -1.57 4.31
C LEU C 612 -32.96 -2.07 3.49
N ASN C 613 -33.59 -3.15 3.95
CA ASN C 613 -34.72 -3.69 3.22
C ASN C 613 -35.73 -2.58 2.87
N GLN C 614 -35.80 -1.58 3.75
CA GLN C 614 -36.70 -0.44 3.53
C GLN C 614 -35.89 0.85 3.52
N SER C 615 -34.91 0.90 2.64
CA SER C 615 -34.05 2.08 2.52
C SER C 615 -34.76 3.13 1.71
N SER C 616 -34.56 4.39 2.08
CA SER C 616 -35.17 5.49 1.36
C SER C 616 -34.71 5.34 -0.09
N ASP C 617 -33.60 4.63 -0.27
CA ASP C 617 -33.03 4.39 -1.58
C ASP C 617 -33.53 3.12 -2.19
N LYS C 618 -34.10 3.24 -3.38
CA LYS C 618 -34.66 2.09 -4.08
C LYS C 618 -33.62 1.03 -4.41
N PHE C 619 -32.52 1.43 -5.04
CA PHE C 619 -31.48 0.48 -5.40
C PHE C 619 -31.06 -0.32 -4.21
N VAL C 620 -30.81 0.37 -3.10
CA VAL C 620 -30.41 -0.31 -1.88
C VAL C 620 -31.51 -1.32 -1.54
N ALA C 621 -32.74 -0.82 -1.43
CA ALA C 621 -33.89 -1.66 -1.12
C ALA C 621 -33.94 -2.85 -2.07
N ASP C 622 -33.69 -2.61 -3.36
CA ASP C 622 -33.69 -3.68 -4.34
C ASP C 622 -32.66 -4.70 -3.91
N LEU C 623 -31.42 -4.25 -3.77
CA LEU C 623 -30.33 -5.10 -3.35
C LEU C 623 -30.75 -5.98 -2.18
N TRP C 624 -31.55 -5.41 -1.28
CA TRP C 624 -31.97 -6.18 -0.12
C TRP C 624 -33.45 -6.55 -0.11
N LYS C 625 -34.00 -6.89 -1.26
CA LYS C 625 -35.40 -7.29 -1.34
C LYS C 625 -35.58 -8.71 -0.77
N ARG C 656 -29.07 -24.98 2.65
CA ARG C 656 -29.05 -23.90 3.69
C ARG C 656 -27.68 -23.25 3.83
N THR C 657 -26.68 -24.00 4.31
CA THR C 657 -25.33 -23.45 4.48
C THR C 657 -24.64 -23.22 3.14
N VAL C 658 -23.68 -22.31 3.13
CA VAL C 658 -22.94 -21.98 1.91
C VAL C 658 -22.41 -23.21 1.18
N GLY C 659 -21.68 -24.05 1.91
CA GLY C 659 -21.16 -25.26 1.32
C GLY C 659 -22.29 -25.97 0.57
N GLN C 660 -23.41 -26.20 1.26
CA GLN C 660 -24.54 -26.88 0.66
C GLN C 660 -25.01 -26.21 -0.61
N LEU C 661 -25.22 -24.91 -0.53
CA LEU C 661 -25.67 -24.13 -1.67
C LEU C 661 -24.76 -24.31 -2.88
N TYR C 662 -23.46 -24.34 -2.63
CA TYR C 662 -22.51 -24.51 -3.72
C TYR C 662 -22.68 -25.89 -4.36
N LYS C 663 -22.63 -26.92 -3.54
CA LYS C 663 -22.79 -28.29 -4.02
C LYS C 663 -23.92 -28.33 -5.04
N GLU C 664 -25.07 -27.76 -4.67
CA GLU C 664 -26.23 -27.73 -5.55
C GLU C 664 -25.87 -27.09 -6.89
N GLN C 665 -25.42 -25.84 -6.83
CA GLN C 665 -25.04 -25.08 -8.03
C GLN C 665 -24.05 -25.85 -8.89
N LEU C 666 -23.04 -26.42 -8.23
CA LEU C 666 -22.01 -27.19 -8.92
C LEU C 666 -22.63 -28.37 -9.67
N THR C 667 -23.44 -29.15 -8.97
CA THR C 667 -24.07 -30.30 -9.57
C THR C 667 -24.95 -29.92 -10.73
N LYS C 668 -25.69 -28.83 -10.58
CA LYS C 668 -26.56 -28.36 -11.66
C LYS C 668 -25.70 -28.08 -12.89
N LEU C 669 -24.50 -27.56 -12.65
CA LEU C 669 -23.57 -27.23 -13.72
C LEU C 669 -23.06 -28.51 -14.33
N MET C 670 -22.38 -29.33 -13.53
CA MET C 670 -21.84 -30.59 -14.00
C MET C 670 -22.86 -31.30 -14.91
N THR C 671 -24.12 -31.30 -14.47
CA THR C 671 -25.20 -31.92 -15.23
C THR C 671 -25.37 -31.26 -16.59
N THR C 672 -25.55 -29.95 -16.60
CA THR C 672 -25.69 -29.22 -17.84
C THR C 672 -24.54 -29.62 -18.76
N LEU C 673 -23.34 -29.62 -18.18
CA LEU C 673 -22.13 -29.96 -18.90
C LEU C 673 -22.22 -31.38 -19.39
N ARG C 674 -22.80 -32.24 -18.57
CA ARG C 674 -22.96 -33.65 -18.92
C ARG C 674 -23.81 -33.81 -20.19
N ASN C 675 -24.72 -32.87 -20.41
CA ASN C 675 -25.61 -32.89 -21.57
C ASN C 675 -25.13 -32.04 -22.73
N THR C 676 -23.81 -31.87 -22.84
CA THR C 676 -23.21 -31.10 -23.91
C THR C 676 -21.89 -31.73 -24.35
N ASN C 677 -21.50 -31.52 -25.59
CA ASN C 677 -20.25 -32.06 -26.09
C ASN C 677 -19.15 -31.14 -25.56
N PRO C 678 -18.30 -31.64 -24.65
CA PRO C 678 -17.22 -30.85 -24.07
C PRO C 678 -16.01 -30.71 -24.97
N ASN C 679 -15.33 -29.58 -24.83
CA ASN C 679 -14.14 -29.25 -25.59
C ASN C 679 -13.24 -28.61 -24.56
N PHE C 680 -12.27 -29.37 -24.10
CA PHE C 680 -11.35 -28.91 -23.08
C PHE C 680 -10.21 -28.14 -23.70
N VAL C 681 -9.85 -27.03 -23.06
CA VAL C 681 -8.73 -26.22 -23.52
C VAL C 681 -7.93 -26.23 -22.25
N ARG C 682 -6.76 -26.86 -22.30
CA ARG C 682 -5.91 -26.98 -21.12
C ARG C 682 -4.87 -25.87 -21.06
N CYS C 683 -5.08 -24.94 -20.14
CA CYS C 683 -4.19 -23.81 -20.00
C CYS C 683 -3.04 -24.07 -19.05
N ILE C 684 -1.82 -24.00 -19.59
CA ILE C 684 -0.60 -24.22 -18.83
C ILE C 684 -0.01 -22.88 -18.47
N ILE C 685 0.46 -22.76 -17.24
CA ILE C 685 1.11 -21.55 -16.76
C ILE C 685 2.58 -21.90 -16.97
N PRO C 686 3.35 -21.02 -17.63
CA PRO C 686 4.77 -21.27 -17.91
C PRO C 686 5.70 -21.15 -16.73
N ASN C 687 5.52 -20.12 -15.91
CA ASN C 687 6.36 -19.91 -14.76
C ASN C 687 5.52 -19.31 -13.67
N HIS C 688 6.12 -19.05 -12.52
CA HIS C 688 5.37 -18.46 -11.44
C HIS C 688 5.77 -16.99 -11.18
N GLU C 689 6.53 -16.41 -12.10
CA GLU C 689 6.99 -15.02 -11.98
C GLU C 689 6.25 -14.09 -12.93
N LYS C 690 5.05 -14.48 -13.32
CA LYS C 690 4.24 -13.68 -14.24
C LYS C 690 5.15 -13.15 -15.33
N ARG C 691 6.16 -13.96 -15.65
CA ARG C 691 7.16 -13.63 -16.64
C ARG C 691 6.92 -14.24 -18.00
N ALA C 692 7.15 -13.42 -19.02
CA ALA C 692 6.96 -13.86 -20.39
C ALA C 692 8.27 -14.42 -20.89
N GLY C 693 8.21 -15.51 -21.65
CA GLY C 693 9.42 -16.08 -22.19
C GLY C 693 10.19 -16.94 -21.20
N LYS C 694 9.61 -17.26 -20.07
CA LYS C 694 10.30 -18.11 -19.13
C LYS C 694 9.48 -19.38 -18.96
N LEU C 695 9.86 -20.44 -19.67
CA LEU C 695 9.13 -21.68 -19.56
C LEU C 695 9.78 -22.59 -18.51
N ASP C 696 9.12 -22.74 -17.36
CA ASP C 696 9.61 -23.57 -16.25
C ASP C 696 9.35 -25.06 -16.54
N ALA C 697 10.29 -25.69 -17.23
CA ALA C 697 10.22 -27.09 -17.62
C ALA C 697 9.52 -28.00 -16.64
N HIS C 698 9.80 -27.85 -15.36
CA HIS C 698 9.17 -28.73 -14.38
C HIS C 698 7.76 -28.30 -13.97
N LEU C 699 7.52 -27.00 -13.92
CA LEU C 699 6.19 -26.50 -13.57
C LEU C 699 5.27 -26.95 -14.69
N VAL C 700 5.80 -26.94 -15.90
CA VAL C 700 5.04 -27.36 -17.07
C VAL C 700 4.81 -28.86 -17.01
N LEU C 701 5.87 -29.62 -16.76
CA LEU C 701 5.73 -31.07 -16.69
C LEU C 701 4.71 -31.47 -15.64
N GLU C 702 4.77 -30.85 -14.47
CA GLU C 702 3.83 -31.20 -13.42
C GLU C 702 2.42 -30.92 -13.88
N GLN C 703 2.21 -29.80 -14.54
CA GLN C 703 0.88 -29.45 -15.01
C GLN C 703 0.43 -30.48 -16.03
N LEU C 704 1.32 -30.80 -16.96
CA LEU C 704 1.01 -31.80 -17.98
C LEU C 704 0.60 -33.13 -17.30
N ARG C 705 1.15 -33.37 -16.11
CA ARG C 705 0.85 -34.60 -15.39
C ARG C 705 -0.55 -34.68 -14.81
N CYS C 706 -0.92 -33.76 -13.94
CA CYS C 706 -2.23 -33.80 -13.30
C CYS C 706 -3.38 -33.48 -14.25
N ASN C 707 -3.07 -33.00 -15.44
CA ASN C 707 -4.12 -32.68 -16.40
C ASN C 707 -4.41 -33.88 -17.27
N GLY C 708 -3.59 -34.91 -17.12
CA GLY C 708 -3.76 -36.12 -17.91
C GLY C 708 -3.46 -35.92 -19.38
N VAL C 709 -2.79 -34.82 -19.73
CA VAL C 709 -2.49 -34.51 -21.11
C VAL C 709 -1.87 -35.66 -21.89
N LEU C 710 -0.92 -36.36 -21.29
CA LEU C 710 -0.29 -37.49 -21.99
C LEU C 710 -1.24 -38.69 -22.15
N GLU C 711 -2.00 -38.98 -21.11
CA GLU C 711 -2.96 -40.07 -21.12
C GLU C 711 -4.06 -39.68 -22.09
N GLY C 712 -4.31 -38.38 -22.17
CA GLY C 712 -5.34 -37.88 -23.06
C GLY C 712 -4.91 -38.00 -24.51
N ILE C 713 -3.60 -38.08 -24.72
CA ILE C 713 -3.09 -38.21 -26.07
C ILE C 713 -2.95 -39.69 -26.39
N ARG C 714 -2.63 -40.49 -25.38
CA ARG C 714 -2.47 -41.94 -25.59
C ARG C 714 -3.77 -42.53 -26.10
N ILE C 715 -4.84 -42.29 -25.34
CA ILE C 715 -6.14 -42.79 -25.73
C ILE C 715 -6.55 -42.32 -27.12
N CYS C 716 -6.15 -41.12 -27.49
CA CYS C 716 -6.49 -40.58 -28.81
C CYS C 716 -5.72 -41.34 -29.88
N ARG C 717 -4.67 -42.02 -29.42
CA ARG C 717 -3.82 -42.81 -30.30
C ARG C 717 -4.26 -44.27 -30.26
N GLN C 718 -4.20 -44.86 -29.06
CA GLN C 718 -4.56 -46.25 -28.85
C GLN C 718 -6.01 -46.55 -29.24
N GLY C 719 -6.83 -45.51 -29.34
CA GLY C 719 -8.23 -45.69 -29.67
C GLY C 719 -8.60 -45.12 -31.03
N PHE C 720 -9.87 -44.77 -31.19
CA PHE C 720 -10.36 -44.21 -32.46
C PHE C 720 -11.17 -42.95 -32.09
N PRO C 721 -10.51 -41.79 -32.07
CA PRO C 721 -11.10 -40.49 -31.73
C PRO C 721 -12.24 -40.04 -32.62
N ASN C 722 -11.98 -40.01 -33.93
CA ASN C 722 -13.01 -39.58 -34.88
C ASN C 722 -13.92 -40.77 -35.09
N ARG C 723 -15.16 -40.48 -35.49
CA ARG C 723 -16.14 -41.51 -35.73
C ARG C 723 -17.35 -40.89 -36.42
N ILE C 724 -17.63 -41.29 -37.65
CA ILE C 724 -18.79 -40.74 -38.33
C ILE C 724 -19.81 -41.81 -38.72
N VAL C 725 -21.07 -41.40 -38.81
CA VAL C 725 -22.12 -42.35 -39.17
C VAL C 725 -22.02 -42.73 -40.64
N PHE C 726 -22.36 -43.97 -40.92
CA PHE C 726 -22.30 -44.50 -42.26
C PHE C 726 -22.68 -43.52 -43.35
N GLN C 727 -23.94 -43.10 -43.38
CA GLN C 727 -24.38 -42.14 -44.39
C GLN C 727 -23.43 -40.96 -44.60
N GLU C 728 -23.08 -40.28 -43.51
CA GLU C 728 -22.18 -39.13 -43.57
C GLU C 728 -20.86 -39.49 -44.22
N PHE C 729 -20.31 -40.63 -43.85
CA PHE C 729 -19.05 -41.06 -44.43
C PHE C 729 -19.28 -41.24 -45.91
N ARG C 730 -20.42 -41.87 -46.22
CA ARG C 730 -20.77 -42.14 -47.61
C ARG C 730 -20.89 -40.88 -48.44
N GLN C 731 -21.62 -39.88 -47.97
CA GLN C 731 -21.80 -38.64 -48.71
C GLN C 731 -20.54 -37.80 -48.78
N ARG C 732 -19.86 -37.62 -47.64
CA ARG C 732 -18.64 -36.81 -47.60
C ARG C 732 -17.52 -37.33 -48.49
N TYR C 733 -17.30 -38.64 -48.47
CA TYR C 733 -16.22 -39.22 -49.25
C TYR C 733 -16.56 -40.20 -50.38
N GLU C 734 -17.81 -40.28 -50.80
CA GLU C 734 -18.16 -41.18 -51.90
C GLU C 734 -17.41 -40.72 -53.14
N ILE C 735 -17.16 -39.42 -53.22
CA ILE C 735 -16.43 -38.84 -54.35
C ILE C 735 -15.02 -39.42 -54.46
N LEU C 736 -14.44 -39.80 -53.34
CA LEU C 736 -13.10 -40.37 -53.34
C LEU C 736 -13.09 -41.79 -53.89
N ALA C 737 -14.28 -42.37 -53.96
CA ALA C 737 -14.53 -43.72 -54.52
C ALA C 737 -15.92 -43.77 -55.15
N ALA C 738 -16.06 -42.98 -56.20
CA ALA C 738 -17.32 -42.83 -56.96
C ALA C 738 -17.88 -44.18 -57.41
N ASN C 739 -16.99 -45.03 -57.91
CA ASN C 739 -17.35 -46.37 -58.41
C ASN C 739 -17.27 -47.39 -57.28
N ALA C 740 -17.47 -46.90 -56.07
CA ALA C 740 -17.37 -47.70 -54.84
C ALA C 740 -18.69 -48.42 -54.49
N ILE C 741 -19.76 -47.65 -54.47
CA ILE C 741 -21.09 -48.16 -54.10
C ILE C 741 -21.92 -48.51 -55.33
N PRO C 742 -22.83 -49.49 -55.21
CA PRO C 742 -23.68 -49.87 -56.32
C PRO C 742 -24.55 -48.72 -56.72
N LYS C 743 -24.86 -48.68 -57.99
CA LYS C 743 -25.74 -47.64 -58.56
C LYS C 743 -27.18 -47.98 -58.17
N GLY C 744 -27.64 -47.29 -57.15
CA GLY C 744 -28.99 -47.48 -56.61
C GLY C 744 -28.94 -47.46 -55.08
N PHE C 745 -29.72 -48.34 -54.50
CA PHE C 745 -29.82 -48.45 -53.03
C PHE C 745 -28.68 -49.31 -52.46
N MET C 746 -27.93 -48.66 -51.59
CA MET C 746 -26.79 -49.26 -50.89
C MET C 746 -26.82 -48.80 -49.43
N ASP C 747 -27.15 -49.74 -48.56
CA ASP C 747 -27.23 -49.50 -47.11
C ASP C 747 -25.94 -48.81 -46.65
N GLY C 748 -26.15 -47.88 -45.72
CA GLY C 748 -25.07 -47.06 -45.14
C GLY C 748 -23.82 -47.90 -44.84
N LYS C 749 -24.05 -48.96 -44.06
CA LYS C 749 -22.98 -49.88 -43.63
C LYS C 749 -22.28 -50.55 -44.82
N GLN C 750 -23.01 -51.31 -45.62
CA GLN C 750 -22.39 -52.00 -46.75
C GLN C 750 -21.77 -51.02 -47.74
N ALA C 751 -22.35 -49.83 -47.81
CA ALA C 751 -21.84 -48.80 -48.72
C ALA C 751 -20.48 -48.34 -48.20
N CYS C 752 -20.40 -48.09 -46.89
CA CYS C 752 -19.16 -47.65 -46.28
C CYS C 752 -18.13 -48.73 -46.49
N ILE C 753 -18.47 -49.92 -46.04
CA ILE C 753 -17.61 -51.07 -46.15
C ILE C 753 -17.03 -51.19 -47.56
N LEU C 754 -17.85 -50.86 -48.55
CA LEU C 754 -17.41 -50.91 -49.95
C LEU C 754 -16.37 -49.83 -50.18
N MET C 755 -16.76 -48.57 -49.94
CA MET C 755 -15.88 -47.42 -50.12
C MET C 755 -14.54 -47.61 -49.44
N ILE C 756 -14.57 -48.00 -48.17
CA ILE C 756 -13.34 -48.22 -47.41
C ILE C 756 -12.47 -49.15 -48.22
N LYS C 757 -13.03 -50.27 -48.63
CA LYS C 757 -12.29 -51.23 -49.44
C LYS C 757 -11.75 -50.50 -50.68
N ALA C 758 -12.62 -49.72 -51.31
CA ALA C 758 -12.25 -48.97 -52.49
C ALA C 758 -11.08 -48.04 -52.18
N LEU C 759 -11.04 -47.53 -50.95
CA LEU C 759 -9.98 -46.61 -50.55
C LEU C 759 -8.74 -47.36 -50.14
N GLU C 760 -8.87 -48.67 -49.98
CA GLU C 760 -7.72 -49.48 -49.56
C GLU C 760 -7.24 -49.03 -48.17
N LEU C 761 -8.20 -48.78 -47.28
CA LEU C 761 -7.90 -48.34 -45.93
C LEU C 761 -7.34 -49.47 -45.11
N ASP C 762 -6.20 -49.24 -44.47
CA ASP C 762 -5.62 -50.27 -43.61
C ASP C 762 -6.59 -50.51 -42.47
N PRO C 763 -6.99 -51.77 -42.29
CA PRO C 763 -7.93 -52.20 -41.26
C PRO C 763 -7.58 -51.68 -39.87
N ASN C 764 -6.32 -51.34 -39.65
CA ASN C 764 -5.93 -50.86 -38.35
C ASN C 764 -6.46 -49.43 -38.17
N LEU C 765 -6.63 -48.76 -39.29
CA LEU C 765 -7.11 -47.38 -39.29
C LEU C 765 -8.54 -47.18 -38.90
N TYR C 766 -9.32 -48.24 -38.79
CA TYR C 766 -10.73 -48.03 -38.45
C TYR C 766 -11.43 -49.23 -37.83
N ARG C 767 -12.71 -49.04 -37.54
CA ARG C 767 -13.55 -50.08 -36.97
C ARG C 767 -14.95 -49.70 -37.41
N ILE C 768 -15.74 -50.71 -37.76
CA ILE C 768 -17.11 -50.48 -38.18
C ILE C 768 -17.98 -50.81 -36.98
N GLY C 769 -18.57 -49.80 -36.36
CA GLY C 769 -19.41 -50.04 -35.21
C GLY C 769 -20.84 -50.22 -35.69
N GLN C 770 -21.77 -50.30 -34.74
CA GLN C 770 -23.19 -50.48 -35.07
C GLN C 770 -23.71 -49.43 -36.06
N SER C 771 -23.55 -48.17 -35.70
CA SER C 771 -24.04 -47.05 -36.49
C SER C 771 -23.00 -46.16 -37.11
N LYS C 772 -21.74 -46.38 -36.80
CA LYS C 772 -20.72 -45.51 -37.37
C LYS C 772 -19.36 -46.18 -37.44
N ILE C 773 -18.48 -45.64 -38.27
CA ILE C 773 -17.13 -46.16 -38.42
C ILE C 773 -16.23 -45.34 -37.52
N PHE C 774 -15.40 -45.99 -36.73
CA PHE C 774 -14.49 -45.26 -35.89
C PHE C 774 -13.14 -45.17 -36.61
N PHE C 775 -12.56 -43.97 -36.67
CA PHE C 775 -11.29 -43.80 -37.33
C PHE C 775 -10.18 -43.44 -36.38
N ARG C 776 -8.96 -43.78 -36.78
CA ARG C 776 -7.80 -43.48 -35.98
C ARG C 776 -7.58 -41.99 -36.16
N THR C 777 -6.79 -41.42 -35.25
CA THR C 777 -6.50 -40.00 -35.29
C THR C 777 -5.96 -39.59 -36.66
N GLY C 778 -6.45 -38.46 -37.15
CA GLY C 778 -6.01 -37.95 -38.43
C GLY C 778 -6.28 -38.77 -39.67
N VAL C 779 -7.18 -39.75 -39.61
CA VAL C 779 -7.48 -40.53 -40.81
C VAL C 779 -8.46 -39.73 -41.67
N LEU C 780 -9.57 -39.33 -41.07
CA LEU C 780 -10.56 -38.54 -41.81
C LEU C 780 -9.88 -37.28 -42.30
N ALA C 781 -8.94 -36.77 -41.50
CA ALA C 781 -8.21 -35.59 -41.88
C ALA C 781 -7.69 -35.81 -43.30
N HIS C 782 -6.83 -36.82 -43.44
CA HIS C 782 -6.24 -37.13 -44.75
C HIS C 782 -7.31 -37.33 -45.80
N LEU C 783 -8.39 -37.96 -45.40
CA LEU C 783 -9.49 -38.20 -46.32
C LEU C 783 -10.00 -36.85 -46.81
N GLU C 784 -10.10 -35.90 -45.88
CA GLU C 784 -10.58 -34.56 -46.23
C GLU C 784 -9.60 -33.91 -47.20
N GLU C 785 -8.33 -33.86 -46.83
CA GLU C 785 -7.31 -33.25 -47.66
C GLU C 785 -7.34 -33.82 -49.07
N GLU C 786 -7.49 -35.14 -49.17
CA GLU C 786 -7.53 -35.79 -50.46
C GLU C 786 -8.78 -35.36 -51.17
N ARG C 787 -9.85 -35.18 -50.40
CA ARG C 787 -11.13 -34.78 -50.92
C ARG C 787 -11.11 -33.45 -51.69
N ASP C 788 -10.15 -32.60 -51.37
CA ASP C 788 -10.02 -31.30 -52.03
C ASP C 788 -8.90 -31.21 -53.09
N LEU D 33 -0.49 -46.14 -70.49
CA LEU D 33 1.02 -46.12 -70.43
C LEU D 33 1.60 -44.82 -69.89
N VAL D 34 2.58 -44.94 -69.01
CA VAL D 34 3.12 -43.76 -68.40
C VAL D 34 4.57 -43.86 -67.93
N TRP D 35 5.09 -42.76 -67.37
CA TRP D 35 6.45 -42.76 -66.86
C TRP D 35 6.43 -42.74 -65.37
N VAL D 36 7.01 -43.77 -64.74
CA VAL D 36 7.07 -43.82 -63.29
C VAL D 36 8.54 -43.85 -62.91
N PRO D 37 8.90 -43.22 -61.78
CA PRO D 37 10.30 -43.22 -61.34
C PRO D 37 10.89 -44.62 -61.22
N SER D 38 12.22 -44.71 -61.29
CA SER D 38 12.92 -46.00 -61.18
C SER D 38 14.37 -45.82 -60.72
N GLU D 39 14.95 -46.87 -60.14
CA GLU D 39 16.32 -46.82 -59.63
C GLU D 39 17.32 -47.08 -60.74
N LYS D 40 17.09 -48.18 -61.47
CA LYS D 40 17.98 -48.56 -62.57
C LYS D 40 18.02 -47.46 -63.61
N HIS D 41 16.85 -46.95 -63.97
CA HIS D 41 16.73 -45.89 -64.95
C HIS D 41 15.90 -44.79 -64.32
N GLY D 42 16.26 -43.55 -64.57
CA GLY D 42 15.53 -42.46 -63.96
C GLY D 42 14.05 -42.71 -63.91
N PHE D 43 13.50 -43.17 -65.03
CA PHE D 43 12.09 -43.44 -65.13
C PHE D 43 11.86 -44.72 -65.92
N GLU D 44 10.67 -45.28 -65.76
CA GLU D 44 10.27 -46.53 -66.38
C GLU D 44 8.87 -46.39 -66.92
N ALA D 45 8.59 -47.13 -67.98
CA ALA D 45 7.28 -47.12 -68.61
C ALA D 45 6.38 -48.07 -67.80
N ALA D 46 5.20 -47.59 -67.44
CA ALA D 46 4.27 -48.37 -66.67
C ALA D 46 2.89 -47.92 -67.04
N SER D 47 1.96 -48.87 -67.15
CA SER D 47 0.57 -48.55 -67.48
C SER D 47 -0.20 -48.32 -66.19
N ILE D 48 -1.05 -47.29 -66.19
CA ILE D 48 -1.85 -46.98 -65.00
C ILE D 48 -2.76 -48.18 -64.71
N GLU D 55 -3.01 -40.92 -55.40
CA GLU D 55 -2.08 -42.06 -55.66
C GLU D 55 -2.55 -42.90 -56.85
N VAL D 56 -1.60 -43.58 -57.49
CA VAL D 56 -1.90 -44.41 -58.64
C VAL D 56 -1.21 -45.75 -58.54
N THR D 57 -1.85 -46.79 -59.09
CA THR D 57 -1.27 -48.12 -59.06
C THR D 57 -1.11 -48.59 -60.50
N VAL D 58 0.15 -48.64 -60.93
CA VAL D 58 0.51 -49.05 -62.28
C VAL D 58 1.22 -50.40 -62.24
N GLU D 59 1.66 -50.84 -63.41
CA GLU D 59 2.38 -52.11 -63.52
C GLU D 59 3.53 -51.91 -64.50
N LEU D 60 4.75 -51.97 -63.99
CA LEU D 60 5.95 -51.78 -64.81
C LEU D 60 5.99 -52.75 -65.99
N GLN D 61 6.37 -52.26 -67.16
CA GLN D 61 6.44 -53.09 -68.36
C GLN D 61 7.68 -53.98 -68.38
N GLU D 62 8.72 -53.59 -67.66
CA GLU D 62 9.94 -54.40 -67.61
C GLU D 62 9.76 -55.50 -66.59
N ASN D 63 9.85 -55.12 -65.31
CA ASN D 63 9.69 -56.06 -64.21
C ASN D 63 8.31 -56.69 -64.32
N GLY D 64 7.31 -55.88 -64.64
CA GLY D 64 5.95 -56.38 -64.73
C GLY D 64 5.34 -56.10 -63.37
N LYS D 65 6.21 -56.05 -62.36
CA LYS D 65 5.84 -55.81 -60.99
C LYS D 65 4.87 -54.65 -60.86
N LYS D 66 3.67 -54.95 -60.38
CA LYS D 66 2.66 -53.92 -60.21
C LYS D 66 3.10 -53.08 -59.00
N VAL D 67 3.07 -51.77 -59.15
CA VAL D 67 3.46 -50.87 -58.08
C VAL D 67 2.36 -49.86 -57.79
N THR D 68 2.43 -49.24 -56.63
CA THR D 68 1.44 -48.24 -56.27
C THR D 68 2.17 -46.97 -55.85
N LEU D 69 2.19 -45.98 -56.74
CA LEU D 69 2.88 -44.74 -56.41
C LEU D 69 1.99 -43.51 -56.48
N SER D 70 2.44 -42.44 -55.82
CA SER D 70 1.69 -41.20 -55.79
C SER D 70 1.35 -40.76 -57.19
N LYS D 71 0.44 -39.81 -57.30
CA LYS D 71 0.05 -39.32 -58.61
C LYS D 71 1.20 -38.45 -59.09
N ASP D 72 1.64 -37.54 -58.22
CA ASP D 72 2.73 -36.61 -58.54
C ASP D 72 4.03 -37.29 -58.99
N ASP D 73 4.12 -38.61 -58.84
CA ASP D 73 5.32 -39.34 -59.24
C ASP D 73 5.24 -39.74 -60.71
N ILE D 74 4.02 -39.75 -61.23
CA ILE D 74 3.79 -40.13 -62.62
C ILE D 74 3.97 -38.96 -63.58
N GLN D 75 4.54 -39.29 -64.75
CA GLN D 75 4.81 -38.31 -65.79
C GLN D 75 4.32 -38.92 -67.08
N LYS D 76 3.61 -38.14 -67.86
CA LYS D 76 3.05 -38.62 -69.11
C LYS D 76 4.10 -38.95 -70.18
N MET D 77 3.85 -40.07 -70.87
CA MET D 77 4.68 -40.52 -71.97
C MET D 77 4.24 -39.74 -73.19
N ASN D 78 4.95 -39.88 -74.30
CA ASN D 78 4.59 -39.17 -75.52
C ASN D 78 4.29 -40.21 -76.59
N PRO D 79 3.53 -39.85 -77.64
CA PRO D 79 3.22 -40.82 -78.70
C PRO D 79 4.50 -41.28 -79.40
N PRO D 80 4.47 -42.49 -80.00
CA PRO D 80 5.64 -43.03 -80.69
C PRO D 80 6.17 -42.10 -81.78
N LYS D 81 5.31 -41.19 -82.24
CA LYS D 81 5.69 -40.25 -83.28
C LYS D 81 6.87 -39.38 -82.85
N PHE D 82 7.10 -39.32 -81.55
CA PHE D 82 8.19 -38.51 -81.04
C PHE D 82 9.45 -39.31 -80.77
N SER D 83 9.63 -40.46 -81.42
CA SER D 83 10.84 -41.22 -81.18
C SER D 83 12.05 -40.40 -81.63
N LYS D 84 12.91 -40.04 -80.68
CA LYS D 84 14.11 -39.25 -80.95
C LYS D 84 13.87 -37.90 -81.64
N VAL D 85 13.04 -37.05 -81.06
CA VAL D 85 12.80 -35.74 -81.66
C VAL D 85 14.11 -34.98 -81.62
N GLU D 86 14.43 -34.26 -82.69
CA GLU D 86 15.66 -33.49 -82.76
C GLU D 86 15.58 -32.24 -81.89
N ASP D 87 14.37 -31.74 -81.69
CA ASP D 87 14.14 -30.56 -80.86
C ASP D 87 13.06 -30.88 -79.84
N MET D 88 13.48 -31.05 -78.59
CA MET D 88 12.56 -31.41 -77.54
C MET D 88 11.53 -30.36 -77.22
N ALA D 89 11.65 -29.18 -77.81
CA ALA D 89 10.64 -28.16 -77.56
C ALA D 89 9.39 -28.66 -78.28
N GLU D 90 9.61 -29.50 -79.29
CA GLU D 90 8.54 -30.07 -80.08
C GLU D 90 7.65 -31.02 -79.29
N LEU D 91 8.26 -31.78 -78.37
CA LEU D 91 7.53 -32.74 -77.55
C LEU D 91 6.18 -32.28 -77.08
N THR D 92 5.20 -33.17 -77.22
CA THR D 92 3.83 -32.90 -76.80
C THR D 92 3.83 -32.79 -75.29
N CYS D 93 4.61 -33.65 -74.64
CA CYS D 93 4.74 -33.65 -73.20
C CYS D 93 6.18 -33.39 -72.86
N LEU D 94 6.41 -32.37 -72.05
CA LEU D 94 7.78 -32.05 -71.67
C LEU D 94 7.99 -32.28 -70.18
N ASN D 95 8.67 -33.37 -69.85
CA ASN D 95 8.95 -33.69 -68.46
C ASN D 95 10.28 -34.45 -68.38
N GLU D 96 10.92 -34.42 -67.22
CA GLU D 96 12.20 -35.10 -67.03
C GLU D 96 12.18 -36.44 -67.71
N ALA D 97 11.15 -37.21 -67.41
CA ALA D 97 11.01 -38.54 -67.99
C ALA D 97 11.08 -38.60 -69.51
N SER D 98 10.44 -37.65 -70.18
CA SER D 98 10.39 -37.64 -71.64
C SER D 98 11.69 -37.16 -72.25
N VAL D 99 12.30 -36.17 -71.62
CA VAL D 99 13.56 -35.62 -72.10
C VAL D 99 14.61 -36.70 -71.94
N LEU D 100 14.74 -37.24 -70.73
CA LEU D 100 15.71 -38.29 -70.50
C LEU D 100 15.49 -39.38 -71.52
N HIS D 101 14.24 -39.75 -71.75
CA HIS D 101 14.00 -40.81 -72.72
C HIS D 101 14.45 -40.44 -74.12
N ASN D 102 14.05 -39.27 -74.58
CA ASN D 102 14.39 -38.82 -75.91
C ASN D 102 15.88 -38.80 -76.12
N LEU D 103 16.60 -38.43 -75.06
CA LEU D 103 18.06 -38.37 -75.12
C LEU D 103 18.64 -39.77 -75.13
N ARG D 104 18.23 -40.62 -74.18
CA ARG D 104 18.72 -42.00 -74.10
C ARG D 104 18.56 -42.71 -75.44
N GLU D 105 17.39 -42.59 -76.07
CA GLU D 105 17.13 -43.21 -77.36
C GLU D 105 18.10 -42.73 -78.45
N ARG D 106 18.11 -41.43 -78.72
CA ARG D 106 19.01 -40.89 -79.74
C ARG D 106 20.42 -41.34 -79.43
N TYR D 107 20.76 -41.33 -78.15
CA TYR D 107 22.11 -41.70 -77.73
C TYR D 107 22.49 -43.06 -78.24
N PHE D 108 21.81 -44.08 -77.76
CA PHE D 108 22.12 -45.43 -78.20
C PHE D 108 21.88 -45.60 -79.69
N SER D 109 21.28 -44.60 -80.33
CA SER D 109 21.00 -44.63 -81.76
C SER D 109 22.14 -43.96 -82.47
N GLY D 110 23.12 -43.52 -81.67
CA GLY D 110 24.29 -42.87 -82.23
C GLY D 110 24.17 -41.36 -82.36
N LEU D 111 23.00 -40.81 -82.06
CA LEU D 111 22.79 -39.36 -82.15
C LEU D 111 23.10 -38.71 -80.80
N ILE D 112 24.18 -37.93 -80.73
CA ILE D 112 24.54 -37.30 -79.47
C ILE D 112 24.17 -35.81 -79.37
N TYR D 113 23.70 -35.23 -80.46
CA TYR D 113 23.28 -33.84 -80.44
C TYR D 113 21.77 -33.72 -80.51
N THR D 114 21.19 -32.95 -79.60
CA THR D 114 19.74 -32.80 -79.60
C THR D 114 19.42 -31.37 -79.23
N TYR D 115 18.75 -30.67 -80.12
CA TYR D 115 18.39 -29.29 -79.83
C TYR D 115 17.36 -29.34 -78.73
N SER D 116 17.45 -28.44 -77.75
CA SER D 116 16.48 -28.40 -76.67
C SER D 116 16.11 -26.95 -76.51
N GLY D 117 15.11 -26.53 -77.27
CA GLY D 117 14.68 -25.15 -77.21
C GLY D 117 15.68 -24.36 -78.00
N LEU D 118 16.17 -23.28 -77.41
CA LEU D 118 17.15 -22.48 -78.11
C LEU D 118 18.47 -23.22 -78.05
N PHE D 119 18.91 -23.54 -76.84
CA PHE D 119 20.19 -24.22 -76.68
C PHE D 119 20.19 -25.64 -77.21
N CYS D 120 21.34 -26.29 -77.05
CA CYS D 120 21.56 -27.66 -77.53
C CYS D 120 22.24 -28.53 -76.46
N VAL D 121 21.98 -29.84 -76.53
CA VAL D 121 22.53 -30.77 -75.56
C VAL D 121 23.36 -31.78 -76.30
N VAL D 122 24.46 -32.21 -75.68
CA VAL D 122 25.35 -33.20 -76.27
C VAL D 122 25.80 -34.18 -75.20
N ILE D 123 25.69 -35.48 -75.48
CA ILE D 123 26.10 -36.48 -74.51
C ILE D 123 27.39 -37.15 -75.00
N ASN D 124 28.42 -37.17 -74.17
CA ASN D 124 29.70 -37.77 -74.53
C ASN D 124 29.57 -39.20 -75.07
N PRO D 125 29.97 -39.43 -76.33
CA PRO D 125 29.85 -40.79 -76.84
C PRO D 125 30.95 -41.66 -76.29
N TYR D 126 32.05 -41.03 -75.91
CA TYR D 126 33.20 -41.75 -75.36
C TYR D 126 33.66 -42.77 -76.38
N LYS D 127 33.29 -42.55 -77.64
CA LYS D 127 33.68 -43.42 -78.73
C LYS D 127 33.66 -42.59 -80.01
N GLN D 128 34.43 -43.04 -80.99
CA GLN D 128 34.51 -42.34 -82.27
C GLN D 128 33.22 -42.56 -83.04
N LEU D 129 32.71 -41.48 -83.63
CA LEU D 129 31.48 -41.55 -84.40
C LEU D 129 31.75 -40.95 -85.77
N PRO D 130 31.22 -41.58 -86.82
CA PRO D 130 31.40 -41.09 -88.19
C PRO D 130 30.53 -39.89 -88.46
N ILE D 131 30.77 -38.79 -87.76
CA ILE D 131 29.95 -37.59 -87.94
C ILE D 131 30.70 -36.28 -88.04
N TYR D 132 32.02 -36.35 -88.09
CA TYR D 132 32.79 -35.12 -88.15
C TYR D 132 33.68 -34.99 -89.37
N SER D 133 33.30 -35.67 -90.45
CA SER D 133 34.07 -35.61 -91.71
C SER D 133 34.03 -34.20 -92.27
N GLU D 134 34.73 -33.99 -93.38
CA GLU D 134 34.74 -32.68 -94.01
C GLU D 134 33.51 -32.66 -94.90
N LYS D 135 33.17 -33.84 -95.40
CA LYS D 135 32.02 -34.05 -96.27
C LYS D 135 30.80 -33.56 -95.52
N ILE D 136 30.71 -33.95 -94.26
CA ILE D 136 29.60 -33.56 -93.41
C ILE D 136 29.65 -32.06 -93.12
N ILE D 137 30.85 -31.51 -93.04
CA ILE D 137 30.96 -30.09 -92.80
C ILE D 137 30.29 -29.42 -93.98
N ASP D 138 30.43 -30.05 -95.16
CA ASP D 138 29.81 -29.52 -96.36
C ASP D 138 28.30 -29.61 -96.24
N MET D 139 27.82 -30.80 -95.92
CA MET D 139 26.38 -31.04 -95.78
C MET D 139 25.72 -30.03 -94.86
N TYR D 140 26.50 -29.46 -93.96
CA TYR D 140 25.95 -28.51 -93.02
C TYR D 140 26.19 -27.05 -93.39
N LYS D 141 26.92 -26.80 -94.47
CA LYS D 141 27.20 -25.44 -94.87
C LYS D 141 25.94 -24.62 -95.12
N GLY D 142 25.88 -23.47 -94.44
CA GLY D 142 24.76 -22.57 -94.59
C GLY D 142 23.41 -23.18 -94.36
N LYS D 143 23.36 -24.31 -93.67
CA LYS D 143 22.10 -24.98 -93.39
C LYS D 143 21.38 -24.37 -92.20
N LYS D 144 20.05 -24.31 -92.28
CA LYS D 144 19.23 -23.78 -91.19
C LYS D 144 19.06 -24.92 -90.20
N ARG D 145 19.02 -24.56 -88.94
CA ARG D 145 18.89 -25.56 -87.89
C ARG D 145 17.85 -26.61 -88.20
N HIS D 146 16.71 -26.17 -88.71
CA HIS D 146 15.63 -27.09 -89.05
C HIS D 146 15.87 -27.93 -90.30
N GLU D 147 16.81 -27.52 -91.16
CA GLU D 147 17.10 -28.27 -92.38
C GLU D 147 18.07 -29.42 -92.19
N MET D 148 18.67 -29.51 -91.01
CA MET D 148 19.65 -30.56 -90.73
C MET D 148 19.58 -31.04 -89.30
N PRO D 149 19.79 -32.35 -89.09
CA PRO D 149 19.76 -32.95 -87.75
C PRO D 149 20.66 -32.15 -86.82
N PRO D 150 20.41 -32.21 -85.51
CA PRO D 150 21.26 -31.43 -84.62
C PRO D 150 22.74 -31.83 -84.72
N HIS D 151 23.62 -30.83 -84.82
CA HIS D 151 25.06 -31.08 -84.90
C HIS D 151 25.78 -29.86 -84.36
N ILE D 152 26.96 -30.06 -83.78
CA ILE D 152 27.74 -28.95 -83.26
C ILE D 152 28.09 -28.06 -84.42
N TYR D 153 28.11 -28.62 -85.63
CA TYR D 153 28.42 -27.86 -86.84
C TYR D 153 27.30 -26.85 -87.03
N ALA D 154 26.07 -27.31 -86.88
CA ALA D 154 24.92 -26.41 -87.04
C ALA D 154 25.07 -25.23 -86.10
N ILE D 155 25.45 -25.52 -84.86
CA ILE D 155 25.63 -24.47 -83.87
C ILE D 155 26.66 -23.48 -84.38
N ALA D 156 27.78 -24.03 -84.84
CA ALA D 156 28.87 -23.23 -85.36
C ALA D 156 28.34 -22.38 -86.51
N ASP D 157 27.74 -23.03 -87.50
CA ASP D 157 27.22 -22.36 -88.68
C ASP D 157 26.19 -21.29 -88.41
N THR D 158 25.13 -21.66 -87.70
CA THR D 158 24.05 -20.71 -87.38
C THR D 158 24.53 -19.53 -86.56
N ALA D 159 25.61 -19.75 -85.81
CA ALA D 159 26.18 -18.68 -85.01
C ALA D 159 26.90 -17.78 -86.00
N TYR D 160 27.61 -18.41 -86.93
CA TYR D 160 28.35 -17.71 -87.95
C TYR D 160 27.40 -16.79 -88.70
N ARG D 161 26.47 -17.36 -89.44
CA ARG D 161 25.52 -16.58 -90.21
C ARG D 161 24.88 -15.48 -89.37
N SER D 162 24.33 -15.85 -88.22
CA SER D 162 23.70 -14.86 -87.35
C SER D 162 24.61 -13.65 -87.12
N MET D 163 25.91 -13.91 -87.06
CA MET D 163 26.88 -12.85 -86.85
C MET D 163 26.76 -11.86 -87.98
N LEU D 164 26.93 -12.35 -89.20
CA LEU D 164 26.84 -11.48 -90.38
C LEU D 164 25.44 -10.90 -90.47
N GLN D 165 24.46 -11.79 -90.42
CA GLN D 165 23.05 -11.46 -90.50
C GLN D 165 22.63 -10.26 -89.65
N ASP D 166 22.92 -10.31 -88.35
CA ASP D 166 22.53 -9.22 -87.45
C ASP D 166 23.69 -8.33 -87.04
N ARG D 167 24.83 -8.51 -87.72
CA ARG D 167 26.01 -7.71 -87.41
C ARG D 167 26.22 -7.58 -85.91
N GLU D 168 26.06 -8.70 -85.20
CA GLU D 168 26.26 -8.75 -83.76
C GLU D 168 27.24 -9.88 -83.42
N ASP D 169 28.19 -9.57 -82.53
CA ASP D 169 29.20 -10.54 -82.12
C ASP D 169 28.53 -11.74 -81.49
N GLN D 170 29.01 -12.92 -81.85
CA GLN D 170 28.44 -14.15 -81.33
C GLN D 170 29.41 -14.87 -80.40
N SER D 171 28.85 -15.79 -79.62
CA SER D 171 29.63 -16.59 -78.70
C SER D 171 28.95 -17.94 -78.53
N ILE D 172 29.73 -19.02 -78.62
CA ILE D 172 29.22 -20.35 -78.45
C ILE D 172 29.80 -20.81 -77.13
N LEU D 173 28.95 -21.02 -76.11
CA LEU D 173 29.45 -21.42 -74.79
C LEU D 173 29.17 -22.85 -74.43
N CYS D 174 30.21 -23.66 -74.32
CA CYS D 174 30.07 -25.06 -73.96
C CYS D 174 30.09 -25.18 -72.46
N THR D 175 29.08 -25.87 -71.91
CA THR D 175 28.97 -26.08 -70.48
C THR D 175 29.13 -27.55 -70.21
N GLY D 176 29.53 -27.89 -68.98
CA GLY D 176 29.67 -29.30 -68.66
C GLY D 176 30.63 -29.67 -67.56
N GLU D 177 30.29 -30.70 -66.79
CA GLU D 177 31.16 -31.14 -65.72
C GLU D 177 32.37 -31.72 -66.39
N SER D 178 33.45 -31.81 -65.62
CA SER D 178 34.70 -32.31 -66.15
C SER D 178 34.49 -33.62 -66.91
N GLY D 179 34.90 -33.64 -68.17
CA GLY D 179 34.76 -34.83 -68.98
C GLY D 179 33.58 -34.82 -69.96
N ALA D 180 32.60 -33.95 -69.70
CA ALA D 180 31.41 -33.86 -70.54
C ALA D 180 31.70 -33.80 -72.03
N GLY D 181 32.61 -32.92 -72.44
CA GLY D 181 32.93 -32.84 -73.85
C GLY D 181 33.14 -31.42 -74.37
N LYS D 182 33.21 -30.46 -73.45
CA LYS D 182 33.40 -29.07 -73.81
C LYS D 182 34.45 -28.86 -74.88
N THR D 183 35.63 -29.45 -74.69
CA THR D 183 36.73 -29.28 -75.64
C THR D 183 36.53 -29.96 -76.97
N GLU D 184 36.16 -31.23 -76.97
CA GLU D 184 35.97 -31.93 -78.24
C GLU D 184 35.06 -31.09 -79.12
N ASN D 185 34.09 -30.47 -78.46
CA ASN D 185 33.11 -29.65 -79.15
C ASN D 185 33.57 -28.26 -79.50
N THR D 186 34.36 -27.66 -78.62
CA THR D 186 34.87 -26.35 -78.94
C THR D 186 35.76 -26.56 -80.16
N LYS D 187 36.57 -27.62 -80.13
CA LYS D 187 37.46 -27.96 -81.23
C LYS D 187 36.72 -28.19 -82.55
N LYS D 188 35.48 -28.68 -82.49
CA LYS D 188 34.70 -28.93 -83.70
C LYS D 188 34.16 -27.62 -84.28
N VAL D 189 33.84 -26.68 -83.40
CA VAL D 189 33.33 -25.40 -83.84
C VAL D 189 34.44 -24.70 -84.60
N ILE D 190 35.65 -24.70 -84.06
CA ILE D 190 36.75 -24.06 -84.73
C ILE D 190 37.05 -24.80 -86.05
N GLN D 191 36.98 -26.13 -86.01
CA GLN D 191 37.28 -26.91 -87.22
C GLN D 191 36.35 -26.52 -88.35
N TYR D 192 35.08 -26.35 -88.02
CA TYR D 192 34.05 -25.96 -88.97
C TYR D 192 34.31 -24.56 -89.49
N LEU D 193 34.37 -23.59 -88.59
CA LEU D 193 34.60 -22.22 -88.99
C LEU D 193 35.83 -22.04 -89.88
N ALA D 194 36.91 -22.74 -89.55
CA ALA D 194 38.13 -22.63 -90.36
C ALA D 194 37.92 -23.14 -91.78
N VAL D 195 37.02 -24.10 -91.93
CA VAL D 195 36.72 -24.74 -93.22
C VAL D 195 35.66 -24.03 -94.06
N VAL D 196 35.11 -22.93 -93.58
CA VAL D 196 34.07 -22.25 -94.35
C VAL D 196 34.37 -20.77 -94.67
N ALA D 197 35.09 -20.09 -93.80
CA ALA D 197 35.31 -18.64 -93.99
C ALA D 197 36.76 -18.26 -94.36
N SER D 198 37.64 -19.25 -94.36
CA SER D 198 39.03 -18.98 -94.68
C SER D 198 39.13 -18.80 -96.19
N GLY D 217 46.17 -20.01 -97.19
CA GLY D 217 45.22 -20.57 -96.19
C GLY D 217 45.89 -20.91 -94.87
N GLU D 218 47.05 -20.29 -94.63
CA GLU D 218 47.85 -20.50 -93.42
C GLU D 218 47.05 -20.32 -92.16
N LEU D 219 46.55 -19.11 -91.92
CA LEU D 219 45.78 -18.83 -90.72
C LEU D 219 44.98 -20.05 -90.28
N GLU D 220 44.05 -20.47 -91.12
CA GLU D 220 43.22 -21.62 -90.81
C GLU D 220 44.11 -22.79 -90.38
N LYS D 221 45.13 -23.07 -91.19
CA LYS D 221 46.04 -24.18 -90.90
C LYS D 221 46.67 -24.07 -89.51
N GLN D 222 47.04 -22.86 -89.12
CA GLN D 222 47.64 -22.63 -87.81
C GLN D 222 46.56 -22.59 -86.73
N LEU D 223 45.40 -22.07 -87.09
CA LEU D 223 44.29 -21.98 -86.16
C LEU D 223 44.00 -23.35 -85.61
N LEU D 224 44.15 -24.35 -86.47
CA LEU D 224 43.89 -25.73 -86.08
C LEU D 224 45.04 -26.35 -85.31
N GLN D 225 46.08 -25.56 -85.04
CA GLN D 225 47.23 -26.04 -84.30
C GLN D 225 47.24 -25.43 -82.90
N ALA D 226 46.49 -24.36 -82.74
CA ALA D 226 46.41 -23.68 -81.46
C ALA D 226 46.23 -24.68 -80.32
N ASN D 227 45.09 -25.38 -80.29
CA ASN D 227 44.82 -26.33 -79.23
C ASN D 227 45.83 -27.45 -79.14
N PRO D 228 46.10 -28.13 -80.27
CA PRO D 228 47.08 -29.22 -80.18
C PRO D 228 48.33 -28.75 -79.42
N ILE D 229 48.69 -27.48 -79.55
CA ILE D 229 49.86 -26.94 -78.85
C ILE D 229 49.49 -26.65 -77.40
N LEU D 230 48.44 -25.85 -77.22
CA LEU D 230 47.99 -25.47 -75.90
C LEU D 230 47.68 -26.69 -75.03
N GLU D 231 46.92 -27.64 -75.57
CA GLU D 231 46.58 -28.85 -74.84
C GLU D 231 47.83 -29.55 -74.29
N ALA D 232 48.88 -29.59 -75.11
CA ALA D 232 50.14 -30.23 -74.73
C ALA D 232 50.80 -29.67 -73.49
N PHE D 233 50.63 -28.38 -73.24
CA PHE D 233 51.24 -27.77 -72.09
C PHE D 233 50.26 -27.51 -70.95
N GLY D 234 48.98 -27.41 -71.27
CA GLY D 234 47.98 -27.13 -70.26
C GLY D 234 46.98 -28.21 -69.92
N ASN D 235 47.04 -29.33 -70.61
CA ASN D 235 46.13 -30.44 -70.34
C ASN D 235 46.88 -31.52 -69.58
N ALA D 236 46.14 -32.37 -68.88
CA ALA D 236 46.76 -33.46 -68.12
C ALA D 236 45.69 -34.49 -67.80
N LYS D 237 46.13 -35.69 -67.47
CA LYS D 237 45.21 -36.74 -67.14
C LYS D 237 44.79 -36.64 -65.70
N THR D 238 43.48 -36.42 -65.47
CA THR D 238 42.91 -36.37 -64.13
C THR D 238 42.03 -37.61 -64.02
N VAL D 239 41.59 -37.94 -62.82
CA VAL D 239 40.74 -39.12 -62.64
C VAL D 239 39.45 -38.93 -63.41
N LYS D 240 39.06 -37.68 -63.63
CA LYS D 240 37.83 -37.36 -64.34
C LYS D 240 38.01 -37.38 -65.84
N ASN D 241 39.18 -36.95 -66.29
CA ASN D 241 39.44 -36.88 -67.72
C ASN D 241 40.89 -37.14 -68.03
N ASP D 242 41.14 -37.88 -69.10
CA ASP D 242 42.50 -38.18 -69.50
C ASP D 242 43.19 -37.02 -70.22
N ASN D 243 42.40 -36.25 -70.95
CA ASN D 243 42.94 -35.11 -71.69
C ASN D 243 42.25 -33.88 -71.11
N SER D 244 42.40 -33.72 -69.80
CA SER D 244 41.75 -32.61 -69.13
C SER D 244 42.44 -31.28 -69.21
N SER D 245 41.66 -30.29 -69.63
CA SER D 245 42.11 -28.91 -69.72
C SER D 245 42.24 -28.45 -68.28
N ARG D 246 43.45 -28.07 -67.90
CA ARG D 246 43.68 -27.61 -66.56
C ARG D 246 43.75 -26.12 -66.61
N PHE D 247 42.95 -25.53 -67.48
CA PHE D 247 42.89 -24.08 -67.61
C PHE D 247 41.70 -23.74 -68.48
N GLY D 248 41.00 -22.66 -68.15
CA GLY D 248 39.87 -22.26 -68.98
C GLY D 248 40.40 -21.56 -70.23
N LYS D 249 39.56 -21.40 -71.25
CA LYS D 249 40.01 -20.74 -72.46
C LYS D 249 38.89 -20.18 -73.32
N PHE D 250 39.02 -18.91 -73.70
CA PHE D 250 38.05 -18.25 -74.55
C PHE D 250 38.71 -17.98 -75.89
N ILE D 251 38.35 -18.74 -76.94
CA ILE D 251 38.94 -18.53 -78.26
C ILE D 251 38.06 -17.58 -79.01
N ARG D 252 38.62 -16.44 -79.44
CA ARG D 252 37.86 -15.42 -80.17
C ARG D 252 38.33 -15.31 -81.61
N ILE D 253 37.48 -15.71 -82.55
CA ILE D 253 37.82 -15.67 -83.97
C ILE D 253 37.31 -14.39 -84.62
N ASN D 254 38.23 -13.65 -85.26
CA ASN D 254 37.91 -12.39 -85.92
C ASN D 254 37.66 -12.55 -87.41
N PHE D 255 36.57 -11.96 -87.90
CA PHE D 255 36.22 -12.02 -89.31
C PHE D 255 36.07 -10.63 -89.86
N ASP D 256 36.14 -10.49 -91.18
CA ASP D 256 35.98 -9.19 -91.81
C ASP D 256 34.48 -9.04 -92.08
N VAL D 257 34.09 -7.89 -92.58
CA VAL D 257 32.68 -7.63 -92.89
C VAL D 257 32.16 -8.60 -93.96
N THR D 258 33.08 -9.21 -94.69
CA THR D 258 32.71 -10.15 -95.73
C THR D 258 32.33 -11.47 -95.10
N GLY D 259 32.90 -11.77 -93.94
CA GLY D 259 32.61 -13.02 -93.27
C GLY D 259 33.81 -13.94 -93.18
N TYR D 260 34.89 -13.57 -93.85
CA TYR D 260 36.10 -14.38 -93.86
C TYR D 260 36.96 -14.20 -92.60
N ILE D 261 37.54 -15.29 -92.10
CA ILE D 261 38.35 -15.21 -90.90
C ILE D 261 39.52 -14.28 -91.18
N VAL D 262 39.84 -13.48 -90.18
CA VAL D 262 40.90 -12.51 -90.29
C VAL D 262 41.97 -12.69 -89.21
N GLY D 263 41.53 -12.85 -87.97
CA GLY D 263 42.47 -13.03 -86.87
C GLY D 263 41.96 -14.13 -85.98
N ALA D 264 42.48 -14.17 -84.76
CA ALA D 264 42.11 -15.17 -83.77
C ALA D 264 42.99 -14.91 -82.55
N ASN D 265 42.36 -14.80 -81.38
CA ASN D 265 43.09 -14.53 -80.16
C ASN D 265 42.57 -15.42 -79.03
N ILE D 266 43.45 -16.23 -78.47
CA ILE D 266 43.09 -17.13 -77.37
C ILE D 266 43.47 -16.59 -76.00
N GLU D 267 42.48 -16.50 -75.12
CA GLU D 267 42.69 -16.04 -73.75
C GLU D 267 42.43 -17.23 -72.82
N THR D 268 43.40 -17.50 -71.96
CA THR D 268 43.29 -18.60 -71.02
C THR D 268 43.14 -18.16 -69.56
N TYR D 269 42.49 -19.00 -68.76
CA TYR D 269 42.24 -18.71 -67.37
C TYR D 269 42.62 -19.88 -66.44
N LEU D 270 43.03 -19.47 -65.24
CA LEU D 270 43.38 -20.35 -64.11
C LEU D 270 44.11 -21.65 -64.53
N LEU D 271 45.39 -21.53 -64.86
CA LEU D 271 46.22 -22.71 -65.16
C LEU D 271 46.64 -23.33 -63.82
N GLU D 272 46.39 -24.63 -63.67
CA GLU D 272 46.72 -25.36 -62.46
C GLU D 272 48.25 -25.63 -62.35
N LYS D 273 49.00 -24.60 -62.01
CA LYS D 273 50.47 -24.71 -61.89
C LYS D 273 50.86 -25.83 -60.94
N SER D 274 50.11 -25.93 -59.85
CA SER D 274 50.36 -26.94 -58.83
C SER D 274 50.66 -28.30 -59.41
N ARG D 275 49.90 -28.68 -60.43
CA ARG D 275 50.04 -29.97 -61.08
C ARG D 275 51.43 -30.23 -61.58
N ALA D 276 52.15 -29.15 -61.83
CA ALA D 276 53.52 -29.26 -62.30
C ALA D 276 54.42 -30.02 -61.32
N ILE D 277 54.12 -29.95 -60.02
CA ILE D 277 54.97 -30.59 -59.02
C ILE D 277 54.39 -31.75 -58.19
N ARG D 278 53.14 -32.13 -58.46
CA ARG D 278 52.53 -33.22 -57.71
C ARG D 278 51.17 -33.62 -58.31
N GLN D 279 50.88 -34.92 -58.28
CA GLN D 279 49.61 -35.40 -58.79
C GLN D 279 49.14 -36.55 -57.92
N ALA D 280 47.83 -36.64 -57.71
CA ALA D 280 47.27 -37.70 -56.91
C ALA D 280 47.28 -39.01 -57.70
N LYS D 281 46.84 -40.08 -57.05
CA LYS D 281 46.82 -41.40 -57.66
C LYS D 281 46.24 -41.41 -59.06
N ASP D 282 46.81 -42.29 -59.89
CA ASP D 282 46.39 -42.49 -61.27
C ASP D 282 46.25 -41.20 -62.04
N GLU D 283 46.95 -40.19 -61.55
CA GLU D 283 46.92 -38.90 -62.18
C GLU D 283 48.31 -38.60 -62.68
N ARG D 284 48.39 -37.85 -63.76
CA ARG D 284 49.68 -37.45 -64.28
C ARG D 284 49.70 -35.96 -64.56
N THR D 285 50.90 -35.40 -64.69
CA THR D 285 51.03 -33.97 -64.92
C THR D 285 50.78 -33.57 -66.37
N PHE D 286 51.15 -32.36 -66.73
CA PHE D 286 50.94 -31.87 -68.08
C PHE D 286 51.56 -32.75 -69.16
N HIS D 287 50.75 -33.17 -70.12
CA HIS D 287 51.21 -34.04 -71.19
C HIS D 287 52.63 -33.78 -71.70
N ILE D 288 52.96 -32.52 -71.95
CA ILE D 288 54.26 -32.19 -72.47
C ILE D 288 55.42 -32.83 -71.76
N PHE D 289 55.30 -33.01 -70.45
CA PHE D 289 56.38 -33.64 -69.71
C PHE D 289 56.56 -35.07 -70.19
N TYR D 290 55.47 -35.83 -70.18
CA TYR D 290 55.50 -37.22 -70.62
C TYR D 290 55.87 -37.34 -72.10
N TYR D 291 55.49 -36.34 -72.89
CA TYR D 291 55.79 -36.30 -74.31
C TYR D 291 57.29 -36.20 -74.50
N LEU D 292 57.88 -35.11 -73.99
CA LEU D 292 59.32 -34.87 -74.12
C LEU D 292 60.14 -36.03 -73.59
N ILE D 293 59.89 -36.41 -72.35
CA ILE D 293 60.62 -37.51 -71.76
C ILE D 293 60.49 -38.81 -72.56
N ALA D 294 59.36 -39.01 -73.21
CA ALA D 294 59.18 -40.23 -73.95
C ALA D 294 59.54 -40.16 -75.42
N GLY D 295 59.60 -38.97 -76.01
CA GLY D 295 59.89 -38.94 -77.44
C GLY D 295 61.04 -38.10 -77.94
N ALA D 296 61.85 -37.59 -77.01
CA ALA D 296 62.98 -36.76 -77.37
C ALA D 296 64.06 -37.60 -78.03
N SER D 297 64.64 -37.04 -79.09
CA SER D 297 65.72 -37.70 -79.81
C SER D 297 66.90 -37.88 -78.85
N GLU D 298 67.69 -38.93 -79.07
CA GLU D 298 68.84 -39.19 -78.20
C GLU D 298 69.75 -37.97 -78.00
N GLN D 299 69.87 -37.16 -79.04
CA GLN D 299 70.71 -35.97 -78.97
C GLN D 299 70.08 -34.90 -78.11
N MET D 300 68.74 -34.90 -78.05
CA MET D 300 68.00 -33.92 -77.27
C MET D 300 67.93 -34.46 -75.85
N ARG D 301 67.79 -35.77 -75.77
CA ARG D 301 67.73 -36.46 -74.49
C ARG D 301 68.87 -35.99 -73.60
N ASN D 302 70.07 -35.99 -74.18
CA ASN D 302 71.23 -35.59 -73.40
C ASN D 302 71.60 -34.11 -73.61
N ASP D 303 70.86 -33.47 -74.48
CA ASP D 303 71.07 -32.03 -74.74
C ASP D 303 70.31 -31.23 -73.69
N LEU D 304 69.21 -31.83 -73.27
CA LEU D 304 68.32 -31.28 -72.24
C LEU D 304 68.66 -31.90 -70.88
N LEU D 305 69.52 -32.90 -70.94
CA LEU D 305 69.97 -33.65 -69.76
C LEU D 305 68.77 -34.31 -69.09
N LEU D 306 67.91 -34.81 -69.95
CA LEU D 306 66.66 -35.49 -69.58
C LEU D 306 66.93 -36.85 -68.93
N GLU D 307 66.00 -37.25 -68.08
CA GLU D 307 66.08 -38.52 -67.35
C GLU D 307 64.92 -39.42 -67.73
N GLY D 308 64.63 -40.35 -66.86
CA GLY D 308 63.56 -41.29 -67.09
C GLY D 308 62.36 -40.90 -66.26
N PHE D 309 61.23 -41.54 -66.54
CA PHE D 309 59.99 -41.25 -65.85
C PHE D 309 60.08 -41.45 -64.34
N ASN D 310 61.01 -42.29 -63.90
CA ASN D 310 61.15 -42.53 -62.46
C ASN D 310 62.42 -41.92 -61.89
N ASN D 311 63.00 -41.00 -62.64
CA ASN D 311 64.21 -40.29 -62.20
C ASN D 311 63.78 -38.88 -61.78
N TYR D 312 62.52 -38.57 -62.03
CA TYR D 312 61.92 -37.28 -61.76
C TYR D 312 60.89 -37.38 -60.66
N THR D 313 61.08 -36.60 -59.61
CA THR D 313 60.16 -36.64 -58.48
C THR D 313 58.89 -35.82 -58.69
N PHE D 314 58.91 -34.92 -59.65
CA PHE D 314 57.73 -34.10 -59.93
C PHE D 314 56.71 -34.95 -60.68
N LEU D 315 57.20 -36.11 -61.12
CA LEU D 315 56.40 -37.10 -61.85
C LEU D 315 55.86 -38.13 -60.85
N SER D 316 55.12 -37.60 -59.89
CA SER D 316 54.50 -38.37 -58.80
C SER D 316 54.39 -39.85 -59.17
N ASN D 317 53.27 -40.17 -59.80
CA ASN D 317 52.95 -41.54 -60.23
C ASN D 317 53.69 -41.90 -61.51
N GLY D 318 55.00 -41.88 -61.41
CA GLY D 318 55.91 -42.20 -62.52
C GLY D 318 55.18 -42.01 -63.86
N HIS D 319 55.34 -43.02 -64.70
CA HIS D 319 54.72 -43.03 -66.04
C HIS D 319 53.37 -43.73 -66.01
N VAL D 320 52.34 -42.91 -66.14
CA VAL D 320 50.95 -43.37 -66.16
C VAL D 320 50.45 -43.37 -67.60
N PRO D 321 50.43 -44.54 -68.28
CA PRO D 321 50.00 -44.61 -69.66
C PRO D 321 48.58 -44.13 -69.83
N ILE D 322 48.36 -43.46 -70.95
CA ILE D 322 47.04 -42.93 -71.34
C ILE D 322 46.31 -44.00 -72.17
N PRO D 323 44.99 -43.91 -72.38
CA PRO D 323 44.26 -44.93 -73.12
C PRO D 323 44.80 -45.12 -74.51
N ALA D 324 44.28 -44.34 -75.43
CA ALA D 324 44.64 -44.43 -76.86
C ALA D 324 45.59 -43.32 -77.29
N GLN D 325 46.68 -43.18 -76.56
CA GLN D 325 47.71 -42.17 -76.86
C GLN D 325 49.11 -42.75 -76.65
N GLN D 326 50.02 -42.27 -77.48
CA GLN D 326 51.43 -42.68 -77.46
C GLN D 326 52.33 -41.44 -77.36
N ASP D 327 52.76 -41.22 -76.13
CA ASP D 327 53.62 -40.07 -75.78
C ASP D 327 54.60 -39.74 -76.90
N ASP D 328 55.39 -40.72 -77.31
CA ASP D 328 56.36 -40.52 -78.39
C ASP D 328 55.67 -39.97 -79.63
N GLU D 329 54.47 -40.44 -79.88
CA GLU D 329 53.70 -39.99 -81.04
C GLU D 329 53.26 -38.55 -80.84
N MET D 330 52.61 -38.31 -79.71
CA MET D 330 52.14 -36.98 -79.38
C MET D 330 53.27 -35.95 -79.39
N PHE D 331 54.49 -36.40 -79.10
CA PHE D 331 55.62 -35.49 -79.10
C PHE D 331 55.92 -34.96 -80.50
N GLN D 332 55.88 -35.85 -81.48
CA GLN D 332 56.13 -35.46 -82.87
C GLN D 332 54.94 -34.67 -83.35
N GLU D 333 53.78 -35.01 -82.80
CA GLU D 333 52.53 -34.34 -83.14
C GLU D 333 52.59 -32.90 -82.65
N THR D 334 53.14 -32.74 -81.47
CA THR D 334 53.27 -31.43 -80.87
C THR D 334 54.29 -30.62 -81.62
N LEU D 335 55.46 -31.19 -81.85
CA LEU D 335 56.50 -30.49 -82.58
C LEU D 335 55.99 -30.11 -83.98
N GLU D 336 55.16 -30.97 -84.56
CA GLU D 336 54.61 -30.74 -85.90
C GLU D 336 53.74 -29.49 -85.90
N ALA D 337 52.89 -29.39 -84.87
CA ALA D 337 51.96 -28.28 -84.72
C ALA D 337 52.69 -27.01 -84.37
N MET D 338 53.70 -27.13 -83.53
CA MET D 338 54.48 -25.97 -83.13
C MET D 338 55.10 -25.47 -84.41
N THR D 339 55.61 -26.41 -85.19
CA THR D 339 56.26 -26.10 -86.46
C THR D 339 55.27 -25.29 -87.31
N ILE D 340 54.10 -25.88 -87.54
CA ILE D 340 53.04 -25.25 -88.33
C ILE D 340 52.66 -23.91 -87.73
N MET D 341 52.61 -23.86 -86.40
CA MET D 341 52.24 -22.62 -85.73
C MET D 341 53.29 -21.54 -86.06
N GLY D 342 54.45 -21.99 -86.52
CA GLY D 342 55.53 -21.07 -86.86
C GLY D 342 56.67 -20.97 -85.87
N PHE D 343 56.75 -21.92 -84.93
CA PHE D 343 57.82 -21.89 -83.94
C PHE D 343 59.11 -22.31 -84.59
N THR D 344 60.18 -21.57 -84.32
CA THR D 344 61.48 -21.91 -84.89
C THR D 344 62.05 -23.10 -84.12
N GLU D 345 62.93 -23.88 -84.75
CA GLU D 345 63.53 -25.03 -84.10
C GLU D 345 64.11 -24.63 -82.76
N GLU D 346 64.68 -23.42 -82.68
CA GLU D 346 65.27 -22.95 -81.44
C GLU D 346 64.21 -22.51 -80.43
N GLU D 347 63.07 -22.05 -80.93
CA GLU D 347 61.97 -21.65 -80.05
C GLU D 347 61.48 -22.94 -79.39
N GLN D 348 61.36 -24.00 -80.19
CA GLN D 348 60.91 -25.29 -79.70
C GLN D 348 61.87 -25.97 -78.72
N THR D 349 63.16 -25.89 -79.01
CA THR D 349 64.13 -26.52 -78.12
C THR D 349 64.26 -25.69 -76.85
N SER D 350 64.02 -24.39 -76.97
CA SER D 350 64.11 -23.53 -75.82
C SER D 350 62.93 -23.83 -74.89
N ILE D 351 61.78 -24.09 -75.51
CA ILE D 351 60.56 -24.41 -74.76
C ILE D 351 60.77 -25.74 -74.06
N LEU D 352 61.21 -26.74 -74.83
CA LEU D 352 61.46 -28.06 -74.28
C LEU D 352 62.54 -28.00 -73.20
N ARG D 353 63.47 -27.08 -73.35
CA ARG D 353 64.52 -26.93 -72.36
C ARG D 353 63.94 -26.44 -71.04
N VAL D 354 62.98 -25.51 -71.11
CA VAL D 354 62.35 -24.99 -69.91
C VAL D 354 61.52 -26.09 -69.27
N VAL D 355 60.93 -26.95 -70.08
CA VAL D 355 60.13 -28.01 -69.52
C VAL D 355 61.06 -28.89 -68.70
N SER D 356 62.24 -29.17 -69.27
CA SER D 356 63.21 -30.02 -68.59
C SER D 356 63.68 -29.43 -67.28
N SER D 357 63.94 -28.13 -67.28
CA SER D 357 64.40 -27.45 -66.07
C SER D 357 63.36 -27.55 -64.96
N VAL D 358 62.09 -27.45 -65.36
CA VAL D 358 61.01 -27.55 -64.40
C VAL D 358 61.02 -28.93 -63.75
N LEU D 359 61.42 -29.95 -64.50
CA LEU D 359 61.46 -31.29 -63.92
C LEU D 359 62.68 -31.44 -63.03
N GLN D 360 63.80 -30.88 -63.47
CA GLN D 360 65.04 -30.96 -62.72
C GLN D 360 64.94 -30.22 -61.41
N LEU D 361 64.15 -29.17 -61.39
CA LEU D 361 63.97 -28.41 -60.16
C LEU D 361 63.48 -29.36 -59.11
N GLY D 362 62.55 -30.23 -59.51
CA GLY D 362 61.99 -31.20 -58.58
C GLY D 362 63.03 -32.12 -57.96
N ASN D 363 64.10 -32.41 -58.68
CA ASN D 363 65.12 -33.31 -58.17
C ASN D 363 66.05 -32.72 -57.12
N ILE D 364 66.07 -31.40 -57.01
CA ILE D 364 66.91 -30.75 -56.01
C ILE D 364 66.49 -31.27 -54.64
N VAL D 365 67.45 -31.52 -53.75
CA VAL D 365 67.14 -32.03 -52.40
C VAL D 365 67.85 -31.29 -51.29
N PHE D 366 67.10 -30.90 -50.27
CA PHE D 366 67.65 -30.17 -49.13
C PHE D 366 67.62 -31.03 -47.88
N LYS D 367 68.57 -30.82 -47.00
CA LYS D 367 68.64 -31.61 -45.77
C LYS D 367 68.59 -30.71 -44.56
N LYS D 368 68.14 -31.29 -43.44
CA LYS D 368 68.03 -30.54 -42.20
C LYS D 368 69.34 -30.52 -41.41
N GLU D 369 69.26 -30.08 -40.16
CA GLU D 369 70.41 -30.00 -39.28
C GLU D 369 70.06 -29.29 -37.97
N GLN D 374 69.22 -24.93 -40.12
CA GLN D 374 68.91 -24.58 -41.54
C GLN D 374 68.87 -25.81 -42.43
N ALA D 375 68.95 -25.57 -43.73
CA ALA D 375 68.92 -26.66 -44.69
C ALA D 375 70.08 -26.55 -45.62
N SER D 376 70.60 -27.70 -46.05
CA SER D 376 71.73 -27.72 -46.95
C SER D 376 71.59 -28.84 -47.95
N MET D 377 71.81 -28.53 -49.23
CA MET D 377 71.71 -29.54 -50.26
C MET D 377 73.08 -30.16 -50.42
N PRO D 378 73.26 -31.37 -49.88
CA PRO D 378 74.58 -32.02 -50.01
C PRO D 378 74.88 -32.32 -51.49
N ASP D 379 73.86 -32.77 -52.20
CA ASP D 379 74.00 -33.06 -53.63
C ASP D 379 73.42 -31.91 -54.44
N ASN D 380 74.30 -31.21 -55.14
CA ASN D 380 73.90 -30.08 -55.95
C ASN D 380 73.71 -30.45 -57.43
N THR D 381 74.01 -31.70 -57.79
CA THR D 381 73.89 -32.14 -59.17
C THR D 381 72.69 -31.51 -59.83
N ALA D 382 71.51 -31.83 -59.31
CA ALA D 382 70.27 -31.28 -59.85
C ALA D 382 70.38 -29.78 -59.92
N ALA D 383 70.79 -29.15 -58.82
CA ALA D 383 70.95 -27.71 -58.77
C ALA D 383 71.85 -27.29 -59.90
N GLN D 384 72.81 -28.15 -60.24
CA GLN D 384 73.75 -27.85 -61.32
C GLN D 384 73.05 -27.88 -62.65
N LYS D 385 72.36 -28.99 -62.92
CA LYS D 385 71.65 -29.18 -64.16
C LYS D 385 70.64 -28.06 -64.39
N VAL D 386 69.86 -27.79 -63.35
CA VAL D 386 68.85 -26.75 -63.42
C VAL D 386 69.46 -25.44 -63.91
N CYS D 387 70.55 -25.03 -63.27
CA CYS D 387 71.23 -23.80 -63.64
C CYS D 387 71.80 -23.89 -65.04
N HIS D 388 72.28 -25.07 -65.41
CA HIS D 388 72.83 -25.27 -66.74
C HIS D 388 71.75 -25.01 -67.76
N LEU D 389 70.55 -25.47 -67.45
CA LEU D 389 69.42 -25.31 -68.34
C LEU D 389 68.78 -23.94 -68.22
N MET D 390 69.10 -23.19 -67.16
CA MET D 390 68.50 -21.88 -66.98
C MET D 390 69.42 -20.70 -67.25
N GLY D 391 70.70 -20.96 -67.50
CA GLY D 391 71.64 -19.87 -67.74
C GLY D 391 71.85 -19.08 -66.46
N ILE D 392 71.96 -19.82 -65.36
CA ILE D 392 72.13 -19.25 -64.05
C ILE D 392 73.42 -19.81 -63.42
N ASN D 393 73.89 -19.18 -62.35
CA ASN D 393 75.10 -19.63 -61.65
C ASN D 393 74.78 -20.55 -60.47
N VAL D 394 75.24 -21.78 -60.54
CA VAL D 394 74.99 -22.76 -59.48
C VAL D 394 75.18 -22.23 -58.06
N THR D 395 76.23 -21.45 -57.84
CA THR D 395 76.49 -20.94 -56.51
C THR D 395 75.61 -19.77 -56.16
N ASP D 396 75.27 -18.96 -57.16
CA ASP D 396 74.40 -17.82 -56.90
C ASP D 396 73.00 -18.35 -56.66
N PHE D 397 72.66 -19.43 -57.37
CA PHE D 397 71.37 -20.07 -57.24
C PHE D 397 71.31 -20.72 -55.86
N THR D 398 72.23 -21.64 -55.60
CA THR D 398 72.27 -22.31 -54.32
C THR D 398 72.16 -21.33 -53.14
N ARG D 399 72.83 -20.18 -53.27
CA ARG D 399 72.83 -19.15 -52.21
C ARG D 399 71.47 -18.49 -52.04
N SER D 400 70.91 -18.06 -53.17
CA SER D 400 69.60 -17.41 -53.19
C SER D 400 68.49 -18.34 -52.69
N ILE D 401 68.68 -19.64 -52.89
CA ILE D 401 67.70 -20.63 -52.46
C ILE D 401 67.89 -20.94 -50.98
N LEU D 402 69.12 -21.26 -50.60
CA LEU D 402 69.42 -21.62 -49.22
C LEU D 402 69.50 -20.46 -48.25
N THR D 403 69.70 -19.24 -48.77
CA THR D 403 69.81 -18.05 -47.92
C THR D 403 69.68 -16.76 -48.71
N PRO D 404 68.45 -16.28 -48.92
CA PRO D 404 68.23 -15.04 -49.65
C PRO D 404 68.45 -13.80 -48.78
N LYS D 415 68.77 -14.05 -44.36
CA LYS D 415 67.54 -14.88 -44.07
C LYS D 415 67.79 -16.36 -44.28
N ALA D 416 67.81 -17.11 -43.19
CA ALA D 416 68.04 -18.54 -43.25
C ALA D 416 66.79 -19.30 -43.68
N GLN D 417 67.00 -20.34 -44.48
CA GLN D 417 65.93 -21.18 -44.97
C GLN D 417 66.08 -22.61 -44.45
N THR D 418 64.97 -23.19 -44.06
CA THR D 418 64.95 -24.55 -43.56
C THR D 418 64.53 -25.46 -44.69
N LYS D 419 64.73 -26.76 -44.53
CA LYS D 419 64.34 -27.70 -45.56
C LYS D 419 62.95 -27.29 -45.99
N GLU D 420 62.03 -27.35 -45.04
CA GLU D 420 60.65 -27.01 -45.29
C GLU D 420 60.48 -25.77 -46.17
N GLN D 421 61.22 -24.70 -45.90
CA GLN D 421 61.09 -23.48 -46.68
C GLN D 421 61.94 -23.47 -47.95
N ALA D 422 62.96 -24.31 -47.98
CA ALA D 422 63.83 -24.37 -49.15
C ALA D 422 63.03 -25.13 -50.18
N ASP D 423 62.38 -26.20 -49.74
CA ASP D 423 61.57 -27.04 -50.60
C ASP D 423 60.51 -26.17 -51.23
N PHE D 424 59.81 -25.41 -50.39
CA PHE D 424 58.75 -24.53 -50.87
C PHE D 424 59.23 -23.65 -52.04
N ALA D 425 60.24 -22.85 -51.77
CA ALA D 425 60.79 -21.93 -52.75
C ALA D 425 61.02 -22.60 -54.09
N ILE D 426 61.66 -23.76 -54.06
CA ILE D 426 61.95 -24.51 -55.27
C ILE D 426 60.65 -24.84 -56.01
N GLU D 427 59.66 -25.38 -55.29
CA GLU D 427 58.35 -25.71 -55.87
C GLU D 427 57.75 -24.46 -56.47
N ALA D 428 57.66 -23.43 -55.65
CA ALA D 428 57.14 -22.13 -56.05
C ALA D 428 57.74 -21.69 -57.37
N LEU D 429 59.04 -21.89 -57.52
CA LEU D 429 59.74 -21.52 -58.75
C LEU D 429 59.27 -22.41 -59.88
N ALA D 430 59.22 -23.71 -59.62
CA ALA D 430 58.78 -24.68 -60.61
C ALA D 430 57.47 -24.22 -61.20
N LYS D 431 56.47 -24.12 -60.35
CA LYS D 431 55.15 -23.69 -60.80
C LYS D 431 55.21 -22.36 -61.54
N ALA D 432 55.92 -21.39 -60.97
CA ALA D 432 56.03 -20.08 -61.59
C ALA D 432 56.67 -20.18 -62.97
N LYS D 433 57.71 -21.01 -63.07
CA LYS D 433 58.44 -21.19 -64.33
C LYS D 433 57.53 -21.80 -65.35
N PHE D 434 56.68 -22.73 -64.93
CA PHE D 434 55.76 -23.36 -65.86
C PHE D 434 54.65 -22.40 -66.28
N GLU D 435 54.02 -21.75 -65.31
CA GLU D 435 52.96 -20.81 -65.60
C GLU D 435 53.40 -19.79 -66.66
N ARG D 436 54.67 -19.37 -66.61
CA ARG D 436 55.20 -18.41 -67.58
C ARG D 436 55.49 -19.04 -68.92
N LEU D 437 56.01 -20.27 -68.91
CA LEU D 437 56.29 -20.93 -70.17
C LEU D 437 54.98 -21.09 -70.90
N PHE D 438 53.88 -21.31 -70.15
CA PHE D 438 52.57 -21.46 -70.75
C PHE D 438 52.14 -20.09 -71.30
N ARG D 439 52.10 -19.09 -70.42
CA ARG D 439 51.70 -17.73 -70.81
C ARG D 439 52.47 -17.28 -72.05
N TRP D 440 53.72 -17.70 -72.14
CA TRP D 440 54.60 -17.37 -73.27
C TRP D 440 54.14 -18.07 -74.52
N ILE D 441 54.08 -19.40 -74.45
CA ILE D 441 53.65 -20.18 -75.58
C ILE D 441 52.31 -19.62 -76.07
N LEU D 442 51.41 -19.35 -75.13
CA LEU D 442 50.11 -18.79 -75.52
C LEU D 442 50.34 -17.50 -76.30
N THR D 443 51.09 -16.59 -75.68
CA THR D 443 51.41 -15.29 -76.29
C THR D 443 51.95 -15.44 -77.70
N ARG D 444 52.91 -16.34 -77.87
CA ARG D 444 53.52 -16.60 -79.15
C ARG D 444 52.46 -17.10 -80.12
N VAL D 445 51.58 -17.97 -79.63
CA VAL D 445 50.51 -18.51 -80.46
C VAL D 445 49.59 -17.38 -80.92
N ASN D 446 49.35 -16.44 -80.02
CA ASN D 446 48.50 -15.29 -80.34
C ASN D 446 49.12 -14.33 -81.35
N LYS D 447 50.45 -14.25 -81.38
CA LYS D 447 51.18 -13.41 -82.31
C LYS D 447 50.99 -14.00 -83.70
N ALA D 448 51.16 -15.30 -83.79
CA ALA D 448 51.02 -16.02 -85.06
C ALA D 448 49.58 -16.06 -85.57
N LEU D 449 48.62 -16.02 -84.65
CA LEU D 449 47.20 -16.06 -85.01
C LEU D 449 46.65 -14.70 -85.35
N ASP D 450 47.37 -13.65 -84.96
CA ASP D 450 46.96 -12.27 -85.21
C ASP D 450 47.95 -11.59 -86.14
N ALA D 457 36.28 -6.70 -87.63
CA ALA D 457 34.85 -6.49 -88.01
C ALA D 457 33.87 -7.16 -87.04
N SER D 458 33.91 -8.50 -87.01
CA SER D 458 33.04 -9.27 -86.14
C SER D 458 33.82 -10.44 -85.58
N PHE D 459 33.51 -10.83 -84.34
CA PHE D 459 34.20 -11.95 -83.70
C PHE D 459 33.23 -12.98 -83.20
N LEU D 460 33.67 -14.23 -83.14
CA LEU D 460 32.85 -15.33 -82.67
C LEU D 460 33.58 -15.97 -81.51
N GLY D 461 33.22 -15.59 -80.29
CA GLY D 461 33.88 -16.18 -79.12
C GLY D 461 33.44 -17.60 -78.89
N ILE D 462 34.34 -18.43 -78.36
CA ILE D 462 34.03 -19.82 -78.05
C ILE D 462 34.63 -20.01 -76.67
N LEU D 463 33.83 -20.47 -75.72
CA LEU D 463 34.31 -20.61 -74.36
C LEU D 463 34.37 -22.03 -73.79
N ASP D 464 35.59 -22.53 -73.63
CA ASP D 464 35.83 -23.86 -73.08
C ASP D 464 36.49 -23.69 -71.70
N ILE D 465 35.67 -23.47 -70.68
CA ILE D 465 36.19 -23.32 -69.33
C ILE D 465 36.54 -24.68 -68.72
N ALA D 466 37.22 -24.66 -67.57
CA ALA D 466 37.57 -25.90 -66.91
C ALA D 466 36.26 -26.28 -66.29
N GLY D 467 35.87 -27.52 -66.52
CA GLY D 467 34.60 -28.01 -66.04
C GLY D 467 34.58 -28.35 -64.57
N PHE D 468 33.39 -28.19 -63.99
CA PHE D 468 33.17 -28.47 -62.60
C PHE D 468 33.75 -29.82 -62.22
N GLU D 469 34.52 -29.84 -61.14
CA GLU D 469 35.11 -31.08 -60.70
C GLU D 469 35.12 -31.17 -59.19
N ILE D 470 34.97 -32.39 -58.70
CA ILE D 470 35.01 -32.64 -57.28
C ILE D 470 35.99 -33.77 -57.10
N PHE D 471 37.25 -33.44 -56.85
CA PHE D 471 38.28 -34.45 -56.65
C PHE D 471 38.25 -34.88 -55.19
N GLU D 472 38.97 -35.95 -54.85
CA GLU D 472 39.02 -36.45 -53.46
C GLU D 472 39.44 -35.31 -52.52
N ILE D 473 40.41 -34.52 -52.97
CA ILE D 473 40.90 -33.38 -52.21
C ILE D 473 40.77 -32.15 -53.10
N ASN D 474 39.88 -31.24 -52.72
CA ASN D 474 39.66 -30.05 -53.52
C ASN D 474 40.34 -28.83 -52.93
N SER D 475 41.31 -28.29 -53.66
CA SER D 475 42.05 -27.12 -53.22
C SER D 475 41.54 -25.84 -53.81
N PHE D 476 42.30 -24.78 -53.59
CA PHE D 476 41.94 -23.46 -54.07
C PHE D 476 41.68 -23.45 -55.58
N GLU D 477 42.40 -24.31 -56.29
CA GLU D 477 42.23 -24.38 -57.74
C GLU D 477 40.79 -24.79 -58.08
N GLN D 478 40.34 -25.87 -57.46
CA GLN D 478 39.01 -26.36 -57.69
C GLN D 478 37.97 -25.30 -57.31
N LEU D 479 38.21 -24.54 -56.24
CA LEU D 479 37.23 -23.52 -55.87
C LEU D 479 37.02 -22.56 -57.01
N CYS D 480 38.11 -22.05 -57.56
CA CYS D 480 38.02 -21.11 -58.68
C CYS D 480 37.35 -21.75 -59.90
N ILE D 481 37.78 -22.97 -60.25
CA ILE D 481 37.22 -23.67 -61.40
C ILE D 481 35.71 -23.82 -61.26
N ASN D 482 35.27 -24.41 -60.14
CA ASN D 482 33.84 -24.61 -59.87
C ASN D 482 33.09 -23.29 -59.75
N TYR D 483 33.74 -22.27 -59.23
CA TYR D 483 33.12 -20.95 -59.10
C TYR D 483 32.81 -20.43 -60.48
N THR D 484 33.75 -20.61 -61.40
CA THR D 484 33.56 -20.16 -62.76
C THR D 484 32.44 -20.93 -63.41
N ASN D 485 32.33 -22.20 -63.07
CA ASN D 485 31.27 -23.02 -63.63
C ASN D 485 29.92 -22.51 -63.12
N GLU D 486 29.88 -22.13 -61.85
CA GLU D 486 28.68 -21.60 -61.25
C GLU D 486 28.36 -20.31 -61.97
N LYS D 487 29.39 -19.51 -62.24
CA LYS D 487 29.22 -18.23 -62.92
C LYS D 487 28.66 -18.41 -64.32
N LEU D 488 29.09 -19.47 -64.99
CA LEU D 488 28.63 -19.73 -66.34
C LEU D 488 27.20 -20.23 -66.35
N GLN D 489 26.85 -21.12 -65.42
CA GLN D 489 25.49 -21.65 -65.35
C GLN D 489 24.55 -20.50 -65.12
N GLN D 490 24.96 -19.58 -64.25
CA GLN D 490 24.16 -18.41 -63.95
C GLN D 490 23.93 -17.61 -65.24
N LEU D 491 24.99 -17.38 -65.99
CA LEU D 491 24.87 -16.62 -67.25
C LEU D 491 23.80 -17.26 -68.10
N PHE D 492 23.74 -18.59 -68.05
CA PHE D 492 22.73 -19.31 -68.81
C PHE D 492 21.38 -18.91 -68.23
N ASN D 493 21.17 -19.21 -66.96
CA ASN D 493 19.92 -18.85 -66.31
C ASN D 493 19.46 -17.44 -66.65
N HIS D 494 20.36 -16.46 -66.50
CA HIS D 494 20.04 -15.06 -66.76
C HIS D 494 19.52 -14.84 -68.17
N THR D 495 20.34 -15.25 -69.13
CA THR D 495 19.98 -15.14 -70.53
C THR D 495 18.66 -15.86 -70.80
N MET D 496 18.67 -17.18 -70.64
CA MET D 496 17.51 -18.01 -70.87
C MET D 496 16.21 -17.54 -70.26
N PHE D 497 16.26 -17.17 -68.99
CA PHE D 497 15.05 -16.78 -68.29
C PHE D 497 14.84 -15.33 -68.00
N ILE D 498 15.85 -14.60 -67.57
CA ILE D 498 15.63 -13.19 -67.28
C ILE D 498 15.60 -12.36 -68.57
N LEU D 499 16.74 -12.27 -69.22
CA LEU D 499 16.83 -11.52 -70.45
C LEU D 499 15.68 -11.83 -71.41
N GLU D 500 15.33 -13.11 -71.51
CA GLU D 500 14.23 -13.52 -72.40
C GLU D 500 13.00 -12.66 -72.13
N GLN D 501 12.42 -12.85 -70.94
CA GLN D 501 11.25 -12.11 -70.53
C GLN D 501 11.45 -10.58 -70.58
N GLU D 502 12.62 -10.09 -70.20
CA GLU D 502 12.89 -8.64 -70.23
C GLU D 502 12.59 -8.08 -71.62
N GLU D 503 13.06 -8.77 -72.64
CA GLU D 503 12.85 -8.34 -74.02
C GLU D 503 11.38 -8.35 -74.39
N TYR D 504 10.65 -9.29 -73.79
CA TYR D 504 9.22 -9.43 -74.04
C TYR D 504 8.58 -8.11 -73.67
N GLN D 505 8.56 -7.82 -72.37
CA GLN D 505 7.97 -6.59 -71.86
C GLN D 505 8.53 -5.35 -72.58
N ARG D 506 9.83 -5.36 -72.83
CA ARG D 506 10.52 -4.26 -73.49
C ARG D 506 10.00 -4.00 -74.89
N GLU D 507 9.53 -5.05 -75.55
CA GLU D 507 9.00 -4.91 -76.89
C GLU D 507 7.48 -4.80 -76.86
N GLY D 508 6.94 -4.75 -75.64
CA GLY D 508 5.50 -4.61 -75.44
C GLY D 508 4.60 -5.80 -75.67
N ILE D 509 5.16 -6.99 -75.52
CA ILE D 509 4.39 -8.21 -75.73
C ILE D 509 3.51 -8.48 -74.55
N GLU D 510 2.32 -9.03 -74.80
CA GLU D 510 1.40 -9.35 -73.71
C GLU D 510 2.07 -10.51 -72.99
N TRP D 511 2.84 -10.21 -71.95
CA TRP D 511 3.56 -11.25 -71.24
C TRP D 511 3.61 -11.08 -69.73
N ASN D 512 3.31 -12.16 -69.03
CA ASN D 512 3.35 -12.16 -67.57
C ASN D 512 4.56 -12.98 -67.12
N PHE D 513 5.45 -12.31 -66.39
CA PHE D 513 6.68 -12.93 -65.91
C PHE D 513 6.56 -14.29 -65.26
N ILE D 514 7.53 -15.14 -65.56
CA ILE D 514 7.57 -16.47 -65.02
C ILE D 514 8.85 -16.68 -64.24
N ASP D 515 8.72 -16.84 -62.93
CA ASP D 515 9.90 -17.07 -62.11
C ASP D 515 10.19 -18.55 -62.33
N PHE D 516 11.25 -18.84 -63.07
CA PHE D 516 11.58 -20.23 -63.34
C PHE D 516 12.37 -20.89 -62.22
N GLY D 517 12.52 -20.16 -61.12
CA GLY D 517 13.24 -20.69 -59.98
C GLY D 517 14.63 -21.24 -60.26
N LEU D 518 15.50 -20.39 -60.79
CA LEU D 518 16.86 -20.79 -61.11
C LEU D 518 17.75 -19.57 -60.92
N ASP D 519 18.33 -19.44 -59.74
CA ASP D 519 19.24 -18.33 -59.46
C ASP D 519 20.39 -18.81 -58.61
N LEU D 520 21.61 -18.51 -59.05
CA LEU D 520 22.80 -18.92 -58.32
C LEU D 520 23.46 -17.73 -57.66
N GLN D 521 22.85 -16.55 -57.79
CA GLN D 521 23.41 -15.34 -57.21
C GLN D 521 23.99 -15.59 -55.82
N PRO D 522 23.20 -16.19 -54.92
CA PRO D 522 23.66 -16.48 -53.56
C PRO D 522 25.08 -17.05 -53.49
N CYS D 523 25.24 -18.30 -53.91
CA CYS D 523 26.56 -18.94 -53.90
C CYS D 523 27.61 -18.03 -54.55
N ILE D 524 27.29 -17.51 -55.74
CA ILE D 524 28.20 -16.63 -56.42
C ILE D 524 28.62 -15.50 -55.50
N GLU D 525 27.68 -14.88 -54.81
CA GLU D 525 28.03 -13.79 -53.89
C GLU D 525 28.85 -14.32 -52.71
N LEU D 526 28.56 -15.54 -52.28
CA LEU D 526 29.25 -16.15 -51.16
C LEU D 526 30.73 -16.31 -51.46
N ILE D 527 31.11 -16.11 -52.71
CA ILE D 527 32.50 -16.27 -53.11
C ILE D 527 33.16 -14.99 -53.61
N GLU D 528 32.45 -14.23 -54.43
CA GLU D 528 33.01 -13.01 -55.06
C GLU D 528 32.50 -11.69 -54.46
N ARG D 529 31.80 -11.77 -53.34
CA ARG D 529 31.28 -10.57 -52.69
C ARG D 529 32.46 -9.75 -52.16
N PRO D 530 33.02 -8.82 -52.96
CA PRO D 530 34.16 -8.02 -52.52
C PRO D 530 33.83 -7.26 -51.28
N THR D 531 33.03 -6.22 -51.48
CA THR D 531 32.57 -5.33 -50.40
C THR D 531 31.38 -5.95 -49.67
N ASN D 532 30.85 -5.16 -48.74
CA ASN D 532 29.70 -5.55 -47.92
C ASN D 532 29.96 -6.89 -47.23
N PRO D 533 29.03 -7.84 -47.26
CA PRO D 533 29.23 -9.13 -46.63
C PRO D 533 30.44 -9.79 -47.22
N PRO D 534 31.55 -9.97 -46.47
CA PRO D 534 32.75 -10.60 -47.01
C PRO D 534 32.45 -12.00 -47.50
N GLY D 535 33.08 -12.35 -48.63
CA GLY D 535 32.92 -13.66 -49.28
C GLY D 535 34.24 -14.47 -49.20
N VAL D 536 34.14 -15.76 -49.54
CA VAL D 536 35.31 -16.63 -49.47
C VAL D 536 36.57 -16.01 -50.06
N LEU D 537 36.52 -15.65 -51.33
CA LEU D 537 37.70 -15.08 -51.95
C LEU D 537 38.24 -13.87 -51.20
N ALA D 538 37.37 -12.90 -50.91
CA ALA D 538 37.82 -11.69 -50.22
C ALA D 538 38.23 -11.93 -48.78
N LEU D 539 37.58 -12.86 -48.11
CA LEU D 539 37.95 -13.16 -46.74
C LEU D 539 39.40 -13.61 -46.78
N LEU D 540 39.74 -14.38 -47.81
CA LEU D 540 41.10 -14.89 -47.97
C LEU D 540 42.04 -13.73 -48.19
N ASP D 541 41.81 -12.98 -49.26
CA ASP D 541 42.65 -11.83 -49.59
C ASP D 541 42.91 -11.05 -48.32
N GLU D 542 41.93 -11.04 -47.42
CA GLU D 542 42.08 -10.33 -46.16
C GLU D 542 43.02 -11.16 -45.28
N GLU D 543 42.68 -12.42 -45.09
CA GLU D 543 43.48 -13.34 -44.28
C GLU D 543 44.98 -13.12 -44.47
N CYS D 544 45.45 -13.13 -45.71
CA CYS D 544 46.87 -12.92 -45.96
C CYS D 544 47.17 -11.43 -45.86
N ALA D 549 48.77 -15.76 -38.97
CA ALA D 549 47.57 -16.08 -39.79
C ALA D 549 47.66 -17.46 -40.42
N THR D 550 47.11 -18.46 -39.76
CA THR D 550 47.14 -19.80 -40.29
C THR D 550 46.07 -19.98 -41.37
N ASP D 551 46.25 -20.98 -42.23
CA ASP D 551 45.29 -21.26 -43.29
C ASP D 551 44.03 -21.64 -42.55
N THR D 552 44.23 -22.34 -41.43
CA THR D 552 43.12 -22.78 -40.59
C THR D 552 42.41 -21.56 -40.01
N SER D 553 43.20 -20.53 -39.70
CA SER D 553 42.66 -19.30 -39.18
C SER D 553 41.70 -18.75 -40.24
N PHE D 554 42.09 -18.87 -41.50
CA PHE D 554 41.25 -18.41 -42.60
C PHE D 554 39.89 -19.09 -42.50
N VAL D 555 39.90 -20.42 -42.45
CA VAL D 555 38.66 -21.18 -42.36
C VAL D 555 37.80 -20.71 -41.20
N GLU D 556 38.41 -20.51 -40.03
CA GLU D 556 37.69 -20.07 -38.84
C GLU D 556 36.91 -18.79 -39.10
N LYS D 557 37.56 -17.82 -39.75
CA LYS D 557 36.93 -16.54 -40.06
C LYS D 557 35.86 -16.70 -41.16
N LEU D 558 36.17 -17.54 -42.13
CA LEU D 558 35.26 -17.80 -43.23
C LEU D 558 33.94 -18.27 -42.67
N ILE D 559 34.03 -19.10 -41.64
CA ILE D 559 32.84 -19.64 -41.01
C ILE D 559 32.05 -18.55 -40.32
N GLN D 560 32.73 -17.79 -39.49
CA GLN D 560 32.12 -16.72 -38.69
C GLN D 560 31.43 -15.69 -39.59
N GLU D 561 31.95 -15.56 -40.79
CA GLU D 561 31.44 -14.60 -41.79
C GLU D 561 30.29 -15.20 -42.61
N GLN D 562 30.52 -16.40 -43.10
CA GLN D 562 29.52 -17.13 -43.90
C GLN D 562 28.73 -18.09 -43.01
N GLY D 563 29.42 -19.16 -42.66
CA GLY D 563 28.92 -20.21 -41.77
C GLY D 563 27.50 -20.66 -42.16
N ASN D 564 26.55 -19.84 -41.78
CA ASN D 564 25.11 -20.11 -41.99
C ASN D 564 24.72 -20.04 -43.48
N HIS D 565 25.26 -19.06 -44.16
CA HIS D 565 24.94 -18.83 -45.59
C HIS D 565 24.49 -20.12 -46.26
N ALA D 566 23.25 -20.06 -46.71
CA ALA D 566 22.54 -21.16 -47.39
C ALA D 566 23.50 -22.15 -48.05
N LYS D 567 24.29 -21.62 -48.97
CA LYS D 567 25.24 -22.43 -49.78
C LYS D 567 26.61 -22.59 -49.09
N PHE D 568 26.59 -22.72 -47.78
CA PHE D 568 27.80 -22.91 -46.99
C PHE D 568 27.58 -24.04 -45.97
N GLN D 569 28.65 -24.68 -45.52
CA GLN D 569 28.53 -25.76 -44.56
C GLN D 569 29.85 -25.98 -43.84
N LYS D 570 29.85 -25.90 -42.51
CA LYS D 570 31.09 -26.13 -41.78
C LYS D 570 31.35 -27.61 -42.08
N SER D 571 32.60 -28.05 -42.01
CA SER D 571 32.89 -29.45 -42.30
C SER D 571 32.75 -30.34 -41.06
N LYS D 577 39.91 -30.00 -40.74
CA LYS D 577 41.28 -29.89 -41.35
C LYS D 577 41.35 -28.68 -42.27
N THR D 578 40.77 -27.57 -41.83
CA THR D 578 40.75 -26.35 -42.62
C THR D 578 39.81 -26.57 -43.80
N GLU D 579 38.87 -27.50 -43.62
CA GLU D 579 37.91 -27.81 -44.65
C GLU D 579 36.56 -27.13 -44.44
N PHE D 580 35.87 -26.87 -45.55
CA PHE D 580 34.54 -26.30 -45.52
C PHE D 580 33.80 -26.79 -46.76
N CYS D 581 32.50 -26.55 -46.83
CA CYS D 581 31.73 -27.00 -47.97
C CYS D 581 30.95 -25.88 -48.60
N ILE D 582 30.93 -25.89 -49.92
CA ILE D 582 30.17 -24.92 -50.69
C ILE D 582 29.19 -25.78 -51.47
N LEU D 583 27.91 -25.39 -51.47
CA LEU D 583 26.91 -26.14 -52.20
C LEU D 583 26.79 -25.54 -53.60
N HIS D 584 27.63 -26.01 -54.52
CA HIS D 584 27.60 -25.53 -55.88
C HIS D 584 26.42 -26.11 -56.60
N TYR D 585 25.93 -25.38 -57.58
CA TYR D 585 24.78 -25.83 -58.33
C TYR D 585 25.01 -27.27 -58.77
N ALA D 586 26.22 -27.57 -59.21
CA ALA D 586 26.54 -28.90 -59.69
C ALA D 586 26.72 -29.89 -58.55
N GLY D 587 26.82 -29.39 -57.33
CA GLY D 587 26.99 -30.30 -56.20
C GLY D 587 27.71 -29.74 -54.99
N LYS D 588 27.80 -30.55 -53.94
CA LYS D 588 28.47 -30.12 -52.73
C LYS D 588 29.93 -30.49 -52.74
N VAL D 589 30.77 -29.46 -52.78
CA VAL D 589 32.20 -29.63 -52.79
C VAL D 589 32.72 -29.25 -51.41
N THR D 590 33.49 -30.14 -50.79
CA THR D 590 34.06 -29.82 -49.50
C THR D 590 35.55 -29.50 -49.74
N TYR D 591 35.87 -28.21 -49.67
CA TYR D 591 37.19 -27.72 -49.91
C TYR D 591 38.13 -27.91 -48.73
N ASN D 592 39.44 -27.81 -49.00
CA ASN D 592 40.47 -27.94 -47.99
C ASN D 592 41.40 -26.74 -48.13
N ALA D 593 41.24 -25.78 -47.23
CA ALA D 593 41.99 -24.54 -47.23
C ALA D 593 43.48 -24.64 -47.00
N SER D 594 44.00 -25.86 -46.95
CA SER D 594 45.44 -26.03 -46.74
C SER D 594 46.26 -25.29 -47.80
N ALA D 595 47.18 -24.46 -47.33
CA ALA D 595 48.07 -23.68 -48.19
C ALA D 595 47.38 -22.60 -49.00
N TRP D 596 46.08 -22.43 -48.79
CA TRP D 596 45.36 -21.41 -49.53
C TRP D 596 45.98 -20.02 -49.41
N LEU D 597 46.39 -19.63 -48.21
CA LEU D 597 46.99 -18.33 -47.99
C LEU D 597 48.19 -18.13 -48.88
N THR D 598 49.04 -19.16 -48.98
CA THR D 598 50.25 -19.12 -49.79
C THR D 598 49.88 -19.12 -51.27
N LYS D 599 48.91 -19.96 -51.60
CA LYS D 599 48.44 -20.08 -52.97
C LYS D 599 47.87 -18.77 -53.52
N ASN D 600 47.19 -18.03 -52.65
CA ASN D 600 46.59 -16.78 -53.05
C ASN D 600 47.63 -15.66 -53.18
N MET D 601 48.74 -15.80 -52.44
CA MET D 601 49.81 -14.81 -52.46
C MET D 601 50.80 -15.09 -53.59
N ASP D 602 51.08 -16.37 -53.82
CA ASP D 602 52.01 -16.78 -54.86
C ASP D 602 53.38 -16.11 -54.64
N PRO D 603 54.01 -16.41 -53.49
CA PRO D 603 55.32 -15.85 -53.12
C PRO D 603 56.49 -16.56 -53.81
N LEU D 604 57.29 -15.77 -54.53
CA LEU D 604 58.45 -16.26 -55.24
C LEU D 604 59.72 -15.80 -54.51
N ASN D 605 60.86 -16.39 -54.88
CA ASN D 605 62.12 -16.03 -54.27
C ASN D 605 62.82 -15.03 -55.16
N ASP D 606 62.39 -13.77 -55.05
CA ASP D 606 62.94 -12.66 -55.83
C ASP D 606 64.44 -12.78 -56.11
N ASN D 607 65.19 -13.39 -55.18
CA ASN D 607 66.61 -13.57 -55.36
C ASN D 607 66.84 -14.40 -56.62
N VAL D 608 66.52 -15.68 -56.55
CA VAL D 608 66.69 -16.56 -57.71
C VAL D 608 65.93 -15.94 -58.87
N THR D 609 64.76 -15.39 -58.56
CA THR D 609 63.92 -14.75 -59.56
C THR D 609 64.74 -13.77 -60.40
N SER D 610 65.56 -12.95 -59.74
CA SER D 610 66.38 -11.96 -60.44
C SER D 610 67.45 -12.65 -61.28
N LEU D 611 68.09 -13.64 -60.67
CA LEU D 611 69.13 -14.40 -61.36
C LEU D 611 68.62 -14.78 -62.74
N LEU D 612 67.41 -15.30 -62.79
CA LEU D 612 66.80 -15.71 -64.05
C LEU D 612 66.52 -14.49 -64.89
N ASN D 613 66.08 -13.43 -64.24
CA ASN D 613 65.77 -12.19 -64.96
C ASN D 613 66.94 -11.81 -65.87
N GLN D 614 68.15 -12.17 -65.45
CA GLN D 614 69.36 -11.89 -66.23
C GLN D 614 70.09 -13.19 -66.50
N SER D 615 69.38 -14.14 -67.12
CA SER D 615 69.95 -15.42 -67.43
C SER D 615 70.78 -15.30 -68.69
N SER D 616 71.88 -16.05 -68.76
CA SER D 616 72.73 -16.03 -69.93
C SER D 616 71.84 -16.44 -71.10
N ASP D 617 70.74 -17.10 -70.77
CA ASP D 617 69.79 -17.55 -71.77
C ASP D 617 68.68 -16.54 -72.00
N LYS D 618 68.52 -16.13 -73.26
CA LYS D 618 67.53 -15.14 -73.61
C LYS D 618 66.11 -15.60 -73.32
N PHE D 619 65.74 -16.79 -73.80
CA PHE D 619 64.38 -17.30 -73.57
C PHE D 619 64.05 -17.26 -72.10
N VAL D 620 64.97 -17.76 -71.27
CA VAL D 620 64.77 -17.75 -69.84
C VAL D 620 64.53 -16.31 -69.42
N ALA D 621 65.46 -15.44 -69.79
CA ALA D 621 65.35 -14.03 -69.47
C ALA D 621 63.99 -13.48 -69.91
N ASP D 622 63.57 -13.85 -71.11
CA ASP D 622 62.30 -13.41 -71.63
C ASP D 622 61.23 -13.84 -70.64
N LEU D 623 61.15 -15.15 -70.43
CA LEU D 623 60.18 -15.71 -69.51
C LEU D 623 60.12 -14.86 -68.24
N TRP D 624 61.28 -14.39 -67.79
CA TRP D 624 61.29 -13.64 -66.56
C TRP D 624 61.57 -12.16 -66.72
N LYS D 625 61.04 -11.55 -67.78
CA LYS D 625 61.24 -10.12 -68.00
C LYS D 625 60.37 -9.30 -67.03
N ARG D 656 45.83 -7.59 -56.82
CA ARG D 656 47.12 -8.05 -56.24
C ARG D 656 47.16 -9.57 -56.04
N THR D 657 46.34 -10.10 -55.14
CA THR D 657 46.33 -11.54 -54.89
C THR D 657 45.70 -12.29 -56.04
N VAL D 658 46.04 -13.57 -56.18
CA VAL D 658 45.51 -14.42 -57.24
C VAL D 658 44.00 -14.35 -57.36
N GLY D 659 43.34 -14.60 -56.24
CA GLY D 659 41.89 -14.53 -56.25
C GLY D 659 41.47 -13.27 -56.93
N GLN D 660 41.98 -12.14 -56.44
CA GLN D 660 41.65 -10.83 -57.01
C GLN D 660 41.85 -10.75 -58.50
N LEU D 661 43.03 -11.17 -58.93
CA LEU D 661 43.36 -11.14 -60.33
C LEU D 661 42.36 -11.91 -61.18
N TYR D 662 41.93 -13.06 -60.66
CA TYR D 662 40.97 -13.86 -61.39
C TYR D 662 39.66 -13.12 -61.53
N LYS D 663 39.13 -12.67 -60.40
CA LYS D 663 37.87 -11.94 -60.41
C LYS D 663 37.87 -10.96 -61.58
N GLU D 664 38.94 -10.17 -61.67
CA GLU D 664 39.09 -9.18 -62.75
C GLU D 664 38.90 -9.84 -64.10
N GLN D 665 39.78 -10.79 -64.41
CA GLN D 665 39.74 -11.52 -65.67
C GLN D 665 38.37 -12.08 -65.97
N LEU D 666 37.76 -12.69 -64.96
CA LEU D 666 36.45 -13.30 -65.12
C LEU D 666 35.43 -12.25 -65.50
N THR D 667 35.42 -11.14 -64.76
CA THR D 667 34.47 -10.08 -65.02
C THR D 667 34.67 -9.52 -66.41
N LYS D 668 35.92 -9.34 -66.82
CA LYS D 668 36.19 -8.81 -68.16
C LYS D 668 35.57 -9.76 -69.20
N LEU D 669 35.61 -11.05 -68.91
CA LEU D 669 35.07 -12.08 -69.79
C LEU D 669 33.57 -11.97 -69.80
N MET D 670 32.97 -12.17 -68.64
CA MET D 670 31.52 -12.10 -68.52
C MET D 670 31.01 -10.92 -69.31
N THR D 671 31.68 -9.79 -69.18
CA THR D 671 31.29 -8.57 -69.88
C THR D 671 31.33 -8.76 -71.39
N THR D 672 32.49 -9.20 -71.88
CA THR D 672 32.63 -9.43 -73.30
C THR D 672 31.46 -10.31 -73.75
N LEU D 673 31.23 -11.38 -72.99
CA LEU D 673 30.17 -12.32 -73.28
C LEU D 673 28.82 -11.58 -73.25
N ARG D 674 28.68 -10.66 -72.31
CA ARG D 674 27.44 -9.89 -72.17
C ARG D 674 27.12 -9.11 -73.45
N ASN D 675 28.16 -8.75 -74.20
CA ASN D 675 28.04 -7.97 -75.43
C ASN D 675 28.08 -8.83 -76.67
N THR D 676 27.64 -10.08 -76.53
CA THR D 676 27.60 -11.02 -77.64
C THR D 676 26.37 -11.93 -77.53
N ASN D 677 25.89 -12.41 -78.67
CA ASN D 677 24.74 -13.31 -78.68
C ASN D 677 25.26 -14.69 -78.29
N PRO D 678 24.88 -15.17 -77.09
CA PRO D 678 25.33 -16.48 -76.60
C PRO D 678 24.60 -17.64 -77.21
N ASN D 679 25.32 -18.75 -77.34
CA ASN D 679 24.83 -20.00 -77.88
C ASN D 679 25.40 -21.06 -76.96
N PHE D 680 24.57 -21.56 -76.05
CA PHE D 680 25.00 -22.54 -75.10
C PHE D 680 24.92 -23.92 -75.68
N VAL D 681 25.94 -24.73 -75.43
CA VAL D 681 25.95 -26.11 -75.88
C VAL D 681 26.14 -26.77 -74.55
N ARG D 682 25.15 -27.54 -74.12
CA ARG D 682 25.20 -28.19 -72.82
C ARG D 682 25.71 -29.60 -72.93
N CYS D 683 26.93 -29.82 -72.47
CA CYS D 683 27.55 -31.13 -72.53
C CYS D 683 27.26 -32.00 -71.32
N ILE D 684 26.63 -33.13 -71.60
CA ILE D 684 26.29 -34.09 -70.56
C ILE D 684 27.30 -35.21 -70.57
N ILE D 685 27.69 -35.64 -69.38
CA ILE D 685 28.63 -36.74 -69.22
C ILE D 685 27.67 -37.88 -68.96
N PRO D 686 27.80 -39.00 -69.71
CA PRO D 686 26.93 -40.17 -69.57
C PRO D 686 27.13 -41.02 -68.34
N ASN D 687 28.39 -41.29 -68.02
CA ASN D 687 28.69 -42.10 -66.86
C ASN D 687 29.98 -41.59 -66.26
N HIS D 688 30.40 -42.19 -65.17
CA HIS D 688 31.63 -41.74 -64.55
C HIS D 688 32.76 -42.74 -64.73
N GLU D 689 32.55 -43.73 -65.61
CA GLU D 689 33.55 -44.77 -65.88
C GLU D 689 34.24 -44.56 -67.22
N LYS D 690 34.23 -43.32 -67.70
CA LYS D 690 34.84 -42.99 -68.99
C LYS D 690 34.48 -44.10 -69.97
N ARG D 691 33.29 -44.64 -69.77
CA ARG D 691 32.74 -45.72 -70.57
C ARG D 691 31.79 -45.28 -71.66
N ALA D 692 31.94 -45.88 -72.83
CA ALA D 692 31.10 -45.57 -73.97
C ALA D 692 29.91 -46.51 -73.96
N GLY D 693 28.74 -45.99 -74.28
CA GLY D 693 27.57 -46.83 -74.30
C GLY D 693 26.93 -47.08 -72.94
N LYS D 694 27.37 -46.37 -71.92
CA LYS D 694 26.79 -46.56 -70.61
C LYS D 694 26.17 -45.25 -70.20
N LEU D 695 24.86 -45.13 -70.38
CA LEU D 695 24.17 -43.92 -70.00
C LEU D 695 23.58 -44.06 -68.59
N ASP D 696 24.18 -43.35 -67.62
CA ASP D 696 23.75 -43.38 -66.23
C ASP D 696 22.52 -42.48 -66.04
N ALA D 697 21.35 -43.07 -66.22
CA ALA D 697 20.07 -42.39 -66.12
C ALA D 697 20.00 -41.31 -65.04
N HIS D 698 20.54 -41.59 -63.86
CA HIS D 698 20.47 -40.59 -62.81
C HIS D 698 21.56 -39.51 -62.90
N LEU D 699 22.74 -39.88 -63.36
CA LEU D 699 23.82 -38.92 -63.51
C LEU D 699 23.37 -37.95 -64.57
N VAL D 700 22.65 -38.47 -65.56
CA VAL D 700 22.14 -37.64 -66.64
C VAL D 700 21.01 -36.76 -66.10
N LEU D 701 20.08 -37.36 -65.38
CA LEU D 701 19.00 -36.57 -64.85
C LEU D 701 19.52 -35.42 -63.98
N GLU D 702 20.46 -35.71 -63.11
CA GLU D 702 21.00 -34.69 -62.23
C GLU D 702 21.59 -33.55 -63.05
N GLN D 703 22.33 -33.90 -64.09
CA GLN D 703 22.95 -32.87 -64.92
C GLN D 703 21.87 -32.05 -65.60
N LEU D 704 20.86 -32.72 -66.14
CA LEU D 704 19.78 -32.03 -66.79
C LEU D 704 19.13 -31.05 -65.81
N ARG D 705 19.20 -31.38 -64.52
CA ARG D 705 18.60 -30.56 -63.49
C ARG D 705 19.31 -29.24 -63.23
N CYS D 706 20.58 -29.30 -62.84
CA CYS D 706 21.33 -28.09 -62.53
C CYS D 706 21.68 -27.24 -63.75
N ASN D 707 21.43 -27.77 -64.93
CA ASN D 707 21.72 -27.04 -66.15
C ASN D 707 20.51 -26.26 -66.59
N GLY D 708 19.39 -26.53 -65.94
CA GLY D 708 18.14 -25.87 -66.25
C GLY D 708 17.58 -26.28 -67.60
N VAL D 709 18.09 -27.38 -68.14
CA VAL D 709 17.65 -27.84 -69.44
C VAL D 709 16.14 -27.87 -69.61
N LEU D 710 15.42 -28.39 -68.63
CA LEU D 710 13.96 -28.46 -68.74
C LEU D 710 13.31 -27.09 -68.67
N GLU D 711 13.80 -26.24 -67.78
CA GLU D 711 13.26 -24.89 -67.63
C GLU D 711 13.63 -24.14 -68.90
N GLY D 712 14.77 -24.49 -69.47
CA GLY D 712 15.23 -23.84 -70.69
C GLY D 712 14.37 -24.23 -71.86
N ILE D 713 13.69 -25.37 -71.74
CA ILE D 713 12.82 -25.82 -72.82
C ILE D 713 11.41 -25.31 -72.56
N ARG D 714 11.04 -25.16 -71.29
CA ARG D 714 9.72 -24.65 -70.94
C ARG D 714 9.57 -23.23 -71.47
N ILE D 715 10.49 -22.36 -71.09
CA ILE D 715 10.43 -20.99 -71.53
C ILE D 715 10.42 -20.89 -73.06
N CYS D 716 11.10 -21.82 -73.75
CA CYS D 716 11.13 -21.81 -75.22
C CYS D 716 9.77 -22.18 -75.75
N ARG D 717 8.97 -22.78 -74.88
CA ARG D 717 7.63 -23.21 -75.23
C ARG D 717 6.62 -22.17 -74.78
N GLN D 718 6.61 -21.90 -73.47
CA GLN D 718 5.69 -20.93 -72.89
C GLN D 718 5.86 -19.53 -73.44
N GLY D 719 7.00 -19.26 -74.07
CA GLY D 719 7.24 -17.94 -74.61
C GLY D 719 7.32 -17.94 -76.12
N PHE D 720 8.06 -16.96 -76.68
CA PHE D 720 8.23 -16.84 -78.12
C PHE D 720 9.72 -16.67 -78.41
N PRO D 721 10.43 -17.79 -78.65
CA PRO D 721 11.86 -17.84 -78.92
C PRO D 721 12.35 -17.08 -80.14
N ASN D 722 11.74 -17.36 -81.29
CA ASN D 722 12.11 -16.67 -82.51
C ASN D 722 11.42 -15.33 -82.49
N ARG D 723 11.98 -14.37 -83.22
CA ARG D 723 11.43 -13.03 -83.29
C ARG D 723 12.15 -12.28 -84.38
N ILE D 724 11.44 -11.89 -85.44
CA ILE D 724 12.09 -11.13 -86.49
C ILE D 724 11.45 -9.76 -86.69
N VAL D 725 12.24 -8.82 -87.20
CA VAL D 725 11.74 -7.46 -87.44
C VAL D 725 10.81 -7.43 -88.64
N PHE D 726 9.80 -6.58 -88.52
CA PHE D 726 8.79 -6.44 -89.55
C PHE D 726 9.33 -6.60 -90.96
N GLN D 727 10.16 -5.67 -91.40
CA GLN D 727 10.70 -5.73 -92.74
C GLN D 727 11.20 -7.11 -93.13
N GLU D 728 12.06 -7.69 -92.29
CA GLU D 728 12.61 -9.01 -92.56
C GLU D 728 11.52 -10.06 -92.75
N PHE D 729 10.51 -10.03 -91.89
CA PHE D 729 9.43 -10.98 -92.01
C PHE D 729 8.77 -10.73 -93.35
N ARG D 730 8.57 -9.45 -93.67
CA ARG D 730 7.95 -9.06 -94.91
C ARG D 730 8.68 -9.58 -96.12
N GLN D 731 10.00 -9.34 -96.18
CA GLN D 731 10.77 -9.78 -97.33
C GLN D 731 10.94 -11.29 -97.42
N ARG D 732 11.27 -11.93 -96.30
CA ARG D 732 11.47 -13.38 -96.31
C ARG D 732 10.21 -14.17 -96.69
N TYR D 733 9.05 -13.78 -96.16
CA TYR D 733 7.81 -14.50 -96.44
C TYR D 733 6.69 -13.79 -97.20
N GLU D 734 6.96 -12.65 -97.83
CA GLU D 734 5.90 -11.97 -98.60
C GLU D 734 5.47 -12.90 -99.72
N ILE D 735 6.41 -13.72 -100.20
CA ILE D 735 6.16 -14.68 -101.27
C ILE D 735 5.08 -15.66 -100.88
N LEU D 736 4.96 -15.97 -99.58
CA LEU D 736 3.96 -16.90 -99.09
C LEU D 736 2.56 -16.27 -99.08
N ALA D 737 2.55 -14.95 -99.24
CA ALA D 737 1.31 -14.13 -99.33
C ALA D 737 1.58 -12.89 -100.19
N ALA D 738 1.86 -13.16 -101.44
CA ALA D 738 2.18 -12.14 -102.46
C ALA D 738 1.11 -11.04 -102.53
N ASN D 739 -0.14 -11.48 -102.49
CA ASN D 739 -1.30 -10.57 -102.56
C ASN D 739 -1.72 -10.14 -101.15
N ALA D 740 -0.74 -10.12 -100.26
CA ALA D 740 -0.94 -9.81 -98.84
C ALA D 740 -0.86 -8.30 -98.56
N ILE D 741 0.22 -7.70 -99.04
CA ILE D 741 0.48 -6.26 -98.81
C ILE D 741 0.03 -5.40 -99.98
N PRO D 742 -0.38 -4.15 -99.73
CA PRO D 742 -0.79 -3.26 -100.80
C PRO D 742 0.34 -3.02 -101.74
N LYS D 743 -0.01 -2.81 -103.00
CA LYS D 743 0.95 -2.52 -104.05
C LYS D 743 1.42 -1.07 -103.90
N GLY D 744 2.58 -0.93 -103.29
CA GLY D 744 3.20 0.37 -103.03
C GLY D 744 3.81 0.37 -101.64
N PHE D 745 3.64 1.49 -100.96
CA PHE D 745 4.18 1.69 -99.60
C PHE D 745 3.25 1.08 -98.55
N MET D 746 3.84 0.15 -97.82
CA MET D 746 3.18 -0.56 -96.72
C MET D 746 4.17 -0.70 -95.56
N ASP D 747 3.88 0.05 -94.51
CA ASP D 747 4.69 0.06 -93.28
C ASP D 747 4.94 -1.38 -92.82
N GLY D 748 6.16 -1.58 -92.34
CA GLY D 748 6.64 -2.88 -91.87
C GLY D 748 5.57 -3.60 -91.03
N LYS D 749 5.10 -2.90 -90.01
CA LYS D 749 4.10 -3.42 -89.06
C LYS D 749 2.79 -3.78 -89.76
N GLN D 750 2.12 -2.82 -90.38
CA GLN D 750 0.86 -3.10 -91.05
C GLN D 750 1.02 -4.14 -92.15
N ALA D 751 2.20 -4.18 -92.73
CA ALA D 751 2.48 -5.13 -93.79
C ALA D 751 2.51 -6.54 -93.21
N CYS D 752 3.20 -6.66 -92.08
CA CYS D 752 3.32 -7.94 -91.42
C CYS D 752 1.93 -8.39 -91.00
N ILE D 753 1.27 -7.50 -90.25
CA ILE D 753 -0.07 -7.75 -89.77
C ILE D 753 -0.95 -8.29 -90.91
N LEU D 754 -0.77 -7.73 -92.11
CA LEU D 754 -1.53 -8.16 -93.28
C LEU D 754 -1.18 -9.59 -93.65
N MET D 755 0.10 -9.80 -93.94
CA MET D 755 0.61 -11.11 -94.32
C MET D 755 0.20 -12.20 -93.34
N ILE D 756 0.40 -11.95 -92.05
CA ILE D 756 0.04 -12.93 -91.01
C ILE D 756 -1.41 -13.30 -91.24
N LYS D 757 -2.25 -12.28 -91.36
CA LYS D 757 -3.66 -12.53 -91.61
C LYS D 757 -3.80 -13.39 -92.87
N ALA D 758 -3.07 -13.00 -93.90
CA ALA D 758 -3.08 -13.72 -95.16
C ALA D 758 -2.66 -15.17 -94.94
N LEU D 759 -1.76 -15.40 -93.98
CA LEU D 759 -1.27 -16.74 -93.71
C LEU D 759 -2.21 -17.50 -92.79
N GLU D 760 -3.18 -16.78 -92.23
CA GLU D 760 -4.13 -17.41 -91.32
C GLU D 760 -3.38 -17.99 -90.12
N LEU D 761 -2.44 -17.22 -89.60
CA LEU D 761 -1.64 -17.64 -88.46
C LEU D 761 -2.45 -17.59 -87.17
N ASP D 762 -2.45 -18.69 -86.42
CA ASP D 762 -3.19 -18.72 -85.17
C ASP D 762 -2.54 -17.70 -84.25
N PRO D 763 -3.35 -16.76 -83.75
CA PRO D 763 -2.89 -15.70 -82.85
C PRO D 763 -2.03 -16.20 -81.70
N ASN D 764 -2.18 -17.46 -81.34
CA ASN D 764 -1.41 -17.99 -80.24
C ASN D 764 0.05 -18.16 -80.68
N LEU D 765 0.22 -18.35 -81.97
CA LEU D 765 1.52 -18.54 -82.57
C LEU D 765 2.46 -17.34 -82.58
N TYR D 766 1.95 -16.16 -82.29
CA TYR D 766 2.81 -15.00 -82.35
C TYR D 766 2.37 -13.82 -81.51
N ARG D 767 3.17 -12.76 -81.60
CA ARG D 767 2.89 -11.53 -80.89
C ARG D 767 3.56 -10.46 -81.72
N ILE D 768 2.90 -9.31 -81.87
CA ILE D 768 3.47 -8.21 -82.61
C ILE D 768 4.01 -7.24 -81.58
N GLY D 769 5.33 -7.14 -81.50
CA GLY D 769 5.95 -6.23 -80.55
C GLY D 769 6.17 -4.89 -81.22
N GLN D 770 6.87 -3.99 -80.54
CA GLN D 770 7.16 -2.66 -81.08
C GLN D 770 7.83 -2.71 -82.46
N SER D 771 8.94 -3.41 -82.54
CA SER D 771 9.74 -3.52 -83.76
C SER D 771 9.82 -4.88 -84.42
N LYS D 772 9.25 -5.89 -83.79
CA LYS D 772 9.32 -7.22 -84.39
C LYS D 772 8.20 -8.12 -83.91
N ILE D 773 7.95 -9.18 -84.68
CA ILE D 773 6.92 -10.15 -84.34
C ILE D 773 7.60 -11.30 -83.62
N PHE D 774 7.06 -11.72 -82.49
CA PHE D 774 7.64 -12.84 -81.77
C PHE D 774 6.86 -14.09 -82.17
N PHE D 775 7.58 -15.16 -82.52
CA PHE D 775 6.95 -16.38 -82.92
C PHE D 775 7.19 -17.51 -81.96
N ARG D 776 6.24 -18.44 -81.93
CA ARG D 776 6.34 -19.59 -81.06
C ARG D 776 7.40 -20.47 -81.67
N THR D 777 7.91 -21.40 -80.88
CA THR D 777 8.96 -22.31 -81.34
C THR D 777 8.55 -23.03 -82.62
N GLY D 778 9.47 -23.10 -83.57
CA GLY D 778 9.19 -23.78 -84.81
C GLY D 778 8.13 -23.20 -85.72
N VAL D 779 7.71 -21.96 -85.52
CA VAL D 779 6.70 -21.37 -86.40
C VAL D 779 7.39 -20.89 -87.67
N LEU D 780 8.41 -20.06 -87.52
CA LEU D 780 9.14 -19.57 -88.67
C LEU D 780 9.71 -20.77 -89.42
N ALA D 781 10.06 -21.81 -88.69
CA ALA D 781 10.59 -23.03 -89.28
C ALA D 781 9.62 -23.43 -90.36
N HIS D 782 8.41 -23.77 -89.97
CA HIS D 782 7.39 -24.20 -90.92
C HIS D 782 7.22 -23.18 -92.04
N LEU D 783 7.29 -21.91 -91.69
CA LEU D 783 7.15 -20.86 -92.68
C LEU D 783 8.26 -21.03 -93.69
N GLU D 784 9.47 -21.33 -93.21
CA GLU D 784 10.61 -21.54 -94.08
C GLU D 784 10.37 -22.74 -95.00
N GLU D 785 10.03 -23.87 -94.40
CA GLU D 785 9.79 -25.09 -95.16
C GLU D 785 8.75 -24.86 -96.25
N GLU D 786 7.69 -24.13 -95.91
CA GLU D 786 6.63 -23.83 -96.85
C GLU D 786 7.20 -22.93 -97.94
N ARG D 787 8.09 -22.04 -97.54
CA ARG D 787 8.74 -21.10 -98.44
C ARG D 787 9.50 -21.76 -99.59
N ASP D 788 9.94 -23.00 -99.38
CA ASP D 788 10.70 -23.72 -100.40
C ASP D 788 9.88 -24.79 -101.14
N LEU E 33 31.81 11.49 59.26
CA LEU E 33 31.38 10.10 58.85
C LEU E 33 29.87 9.96 58.72
N VAL E 34 29.43 9.30 57.65
CA VAL E 34 28.00 9.19 57.43
C VAL E 34 27.56 7.97 56.61
N TRP E 35 26.26 7.85 56.39
CA TRP E 35 25.74 6.72 55.62
C TRP E 35 25.25 7.23 54.28
N VAL E 36 25.84 6.73 53.21
CA VAL E 36 25.41 7.15 51.87
C VAL E 36 24.94 5.90 51.17
N PRO E 37 23.91 6.02 50.32
CA PRO E 37 23.40 4.85 49.61
C PRO E 37 24.48 4.10 48.84
N SER E 38 24.22 2.83 48.54
CA SER E 38 25.16 2.00 47.78
C SER E 38 24.46 0.82 47.05
N GLU E 39 25.08 0.30 46.00
CA GLU E 39 24.51 -0.81 45.23
C GLU E 39 24.83 -2.14 45.89
N LYS E 40 26.11 -2.34 46.17
CA LYS E 40 26.58 -3.58 46.79
C LYS E 40 25.89 -3.79 48.14
N HIS E 41 25.84 -2.72 48.93
CA HIS E 41 25.23 -2.76 50.25
C HIS E 41 24.26 -1.60 50.30
N GLY E 42 23.10 -1.82 50.91
CA GLY E 42 22.11 -0.78 50.96
C GLY E 42 22.72 0.60 51.17
N PHE E 43 23.65 0.67 52.13
CA PHE E 43 24.31 1.91 52.47
C PHE E 43 25.78 1.66 52.72
N GLU E 44 26.54 2.75 52.64
CA GLU E 44 27.99 2.72 52.82
C GLU E 44 28.42 3.88 53.69
N ALA E 45 29.50 3.66 54.44
CA ALA E 45 30.05 4.70 55.32
C ALA E 45 30.89 5.63 54.48
N ALA E 46 30.64 6.92 54.62
CA ALA E 46 31.36 7.92 53.86
C ALA E 46 31.43 9.17 54.70
N SER E 47 32.58 9.85 54.65
CA SER E 47 32.76 11.09 55.40
C SER E 47 32.35 12.26 54.51
N ILE E 48 31.64 13.21 55.10
CA ILE E 48 31.20 14.39 54.37
C ILE E 48 32.45 15.14 53.87
N GLU E 55 22.97 19.54 48.38
CA GLU E 55 23.84 18.40 47.96
C GLU E 55 25.11 18.32 48.83
N VAL E 56 25.67 17.13 48.90
CA VAL E 56 26.88 16.90 49.69
C VAL E 56 27.89 16.07 48.92
N THR E 57 29.17 16.33 49.18
CA THR E 57 30.22 15.58 48.50
C THR E 57 31.05 14.88 49.56
N VAL E 58 30.90 13.57 49.61
CA VAL E 58 31.60 12.73 50.57
C VAL E 58 32.62 11.86 49.87
N GLU E 59 33.29 11.00 50.63
CA GLU E 59 34.29 10.10 50.07
C GLU E 59 34.11 8.74 50.74
N LEU E 60 33.66 7.75 49.97
CA LEU E 60 33.44 6.41 50.49
C LEU E 60 34.68 5.83 51.15
N GLN E 61 34.51 5.18 52.29
CA GLN E 61 35.62 4.59 53.04
C GLN E 61 36.11 3.28 52.41
N GLU E 62 35.25 2.60 51.68
CA GLU E 62 35.64 1.35 51.04
C GLU E 62 36.37 1.66 49.74
N ASN E 63 35.61 2.06 48.72
CA ASN E 63 36.14 2.42 47.41
C ASN E 63 37.13 3.57 47.60
N GLY E 64 36.75 4.52 48.43
CA GLY E 64 37.58 5.68 48.66
C GLY E 64 37.06 6.73 47.71
N LYS E 65 36.48 6.23 46.62
CA LYS E 65 35.94 7.07 45.58
C LYS E 65 35.11 8.22 46.14
N LYS E 66 35.55 9.44 45.89
CA LYS E 66 34.82 10.60 46.36
C LYS E 66 33.56 10.72 45.49
N VAL E 67 32.41 10.90 46.13
CA VAL E 67 31.15 11.03 45.41
C VAL E 67 30.43 12.30 45.83
N THR E 68 29.48 12.72 45.01
CA THR E 68 28.72 13.93 45.30
C THR E 68 27.24 13.59 45.23
N LEU E 69 26.61 13.44 46.39
CA LEU E 69 25.20 13.11 46.40
C LEU E 69 24.35 14.12 47.14
N SER E 70 23.04 14.09 46.85
CA SER E 70 22.11 15.00 47.48
C SER E 70 22.25 14.94 48.99
N LYS E 71 21.64 15.89 49.66
CA LYS E 71 21.70 15.92 51.11
C LYS E 71 20.76 14.83 51.60
N ASP E 72 19.54 14.84 51.05
CA ASP E 72 18.52 13.87 51.42
C ASP E 72 18.91 12.42 51.26
N ASP E 73 20.05 12.17 50.60
CA ASP E 73 20.53 10.81 50.39
C ASP E 73 21.38 10.34 51.57
N ILE E 74 21.87 11.30 52.33
CA ILE E 74 22.71 11.00 53.47
C ILE E 74 21.89 10.71 54.73
N GLN E 75 22.40 9.77 55.51
CA GLN E 75 21.77 9.34 56.75
C GLN E 75 22.88 9.27 57.78
N LYS E 76 22.61 9.81 58.96
CA LYS E 76 23.61 9.84 60.02
C LYS E 76 23.96 8.50 60.61
N MET E 77 25.26 8.32 60.85
CA MET E 77 25.79 7.11 61.46
C MET E 77 25.57 7.26 62.96
N ASN E 78 25.85 6.21 63.72
CA ASN E 78 25.69 6.26 65.18
C ASN E 78 27.05 6.02 65.82
N PRO E 79 27.25 6.46 67.07
CA PRO E 79 28.55 6.24 67.71
C PRO E 79 28.86 4.74 67.84
N PRO E 80 30.14 4.39 67.92
CA PRO E 80 30.54 2.98 68.05
C PRO E 80 29.91 2.30 69.25
N LYS E 81 29.46 3.09 70.21
CA LYS E 81 28.82 2.55 71.41
C LYS E 81 27.59 1.73 71.08
N PHE E 82 27.05 1.94 69.89
CA PHE E 82 25.87 1.23 69.48
C PHE E 82 26.16 0.01 68.63
N SER E 83 27.37 -0.55 68.73
CA SER E 83 27.67 -1.73 67.93
C SER E 83 26.73 -2.87 68.34
N LYS E 84 25.89 -3.30 67.42
CA LYS E 84 24.94 -4.38 67.68
C LYS E 84 23.98 -4.16 68.85
N VAL E 85 23.26 -3.05 68.87
CA VAL E 85 22.32 -2.82 69.96
C VAL E 85 21.25 -3.91 69.89
N GLU E 86 20.85 -4.44 71.05
CA GLU E 86 19.84 -5.49 71.11
C GLU E 86 18.45 -4.92 70.83
N ASP E 87 18.26 -3.64 71.11
CA ASP E 87 16.99 -2.98 70.87
C ASP E 87 17.27 -1.70 70.11
N MET E 88 16.90 -1.70 68.84
CA MET E 88 17.17 -0.56 68.00
C MET E 88 16.39 0.67 68.37
N ALA E 89 15.46 0.56 69.30
CA ALA E 89 14.71 1.75 69.71
C ALA E 89 15.72 2.60 70.46
N GLU E 90 16.74 1.93 70.98
CA GLU E 90 17.80 2.58 71.73
C GLU E 90 18.65 3.52 70.88
N LEU E 91 18.88 3.12 69.64
CA LEU E 91 19.68 3.91 68.71
C LEU E 91 19.47 5.40 68.79
N THR E 92 20.59 6.13 68.81
CA THR E 92 20.57 7.58 68.87
C THR E 92 19.97 8.07 67.57
N CYS E 93 20.37 7.42 66.49
CA CYS E 93 19.89 7.77 65.16
C CYS E 93 19.17 6.57 64.61
N LEU E 94 17.92 6.77 64.21
CA LEU E 94 17.14 5.68 63.65
C LEU E 94 16.80 5.92 62.19
N ASN E 95 17.51 5.22 61.31
CA ASN E 95 17.30 5.36 59.87
C ASN E 95 17.63 4.02 59.22
N GLU E 96 17.07 3.82 58.03
CA GLU E 96 17.29 2.57 57.29
C GLU E 96 18.73 2.13 57.40
N ALA E 97 19.61 3.06 57.08
CA ALA E 97 21.04 2.81 57.12
C ALA E 97 21.56 2.26 58.45
N SER E 98 21.06 2.79 59.56
CA SER E 98 21.53 2.35 60.88
C SER E 98 20.94 1.03 61.29
N VAL E 99 19.68 0.82 60.95
CA VAL E 99 18.99 -0.43 61.28
C VAL E 99 19.66 -1.53 60.48
N LEU E 100 19.73 -1.34 59.17
CA LEU E 100 20.37 -2.33 58.33
C LEU E 100 21.72 -2.64 58.89
N HIS E 101 22.47 -1.61 59.25
CA HIS E 101 23.80 -1.84 59.77
C HIS E 101 23.79 -2.66 61.04
N ASN E 102 22.96 -2.25 62.00
CA ASN E 102 22.87 -2.93 63.28
C ASN E 102 22.52 -4.39 63.11
N LEU E 103 21.67 -4.67 62.14
CA LEU E 103 21.25 -6.03 61.87
C LEU E 103 22.39 -6.80 61.19
N ARG E 104 22.96 -6.24 60.12
CA ARG E 104 24.06 -6.89 59.41
C ARG E 104 25.17 -7.31 60.37
N GLU E 105 25.55 -6.40 61.27
CA GLU E 105 26.61 -6.68 62.26
C GLU E 105 26.26 -7.85 63.17
N ARG E 106 25.16 -7.74 63.91
CA ARG E 106 24.74 -8.81 64.80
C ARG E 106 24.68 -10.13 64.02
N TYR E 107 24.16 -10.05 62.80
CA TYR E 107 24.00 -11.21 61.95
C TYR E 107 25.31 -11.93 61.81
N PHE E 108 26.27 -11.31 61.14
CA PHE E 108 27.56 -11.93 60.94
C PHE E 108 28.25 -12.21 62.25
N SER E 109 27.68 -11.71 63.35
CA SER E 109 28.25 -11.92 64.67
C SER E 109 27.55 -13.12 65.29
N GLY E 110 26.64 -13.69 64.52
CA GLY E 110 25.90 -14.86 64.97
C GLY E 110 24.60 -14.56 65.68
N LEU E 111 24.31 -13.28 65.90
CA LEU E 111 23.09 -12.89 66.59
C LEU E 111 22.01 -12.62 65.57
N ILE E 112 20.98 -13.47 65.55
CA ILE E 112 19.90 -13.32 64.57
C ILE E 112 18.64 -12.67 65.13
N TYR E 113 18.57 -12.52 66.45
CA TYR E 113 17.41 -11.90 67.04
C TYR E 113 17.72 -10.48 67.51
N THR E 114 16.90 -9.51 67.13
CA THR E 114 17.13 -8.14 67.53
C THR E 114 15.81 -7.48 67.83
N TYR E 115 15.61 -7.04 69.07
CA TYR E 115 14.35 -6.39 69.41
C TYR E 115 14.34 -5.07 68.69
N SER E 116 13.19 -4.72 68.13
CA SER E 116 13.05 -3.45 67.42
C SER E 116 11.78 -2.82 67.92
N GLY E 117 11.92 -2.07 68.98
CA GLY E 117 10.77 -1.42 69.56
C GLY E 117 10.03 -2.49 70.32
N LEU E 118 8.73 -2.58 70.10
CA LEU E 118 7.95 -3.59 70.78
C LEU E 118 8.25 -4.92 70.13
N PHE E 119 8.04 -5.00 68.81
CA PHE E 119 8.28 -6.24 68.09
C PHE E 119 9.72 -6.65 68.03
N CYS E 120 9.97 -7.77 67.35
CA CYS E 120 11.30 -8.36 67.21
C CYS E 120 11.58 -8.78 65.77
N VAL E 121 12.85 -8.77 65.40
CA VAL E 121 13.24 -9.12 64.05
C VAL E 121 14.19 -10.31 64.12
N VAL E 122 14.09 -11.21 63.15
CA VAL E 122 14.95 -12.39 63.08
C VAL E 122 15.39 -12.60 61.63
N ILE E 123 16.68 -12.81 61.42
CA ILE E 123 17.18 -13.04 60.06
C ILE E 123 17.61 -14.51 59.94
N ASN E 124 17.10 -15.20 58.93
CA ASN E 124 17.42 -16.60 58.72
C ASN E 124 18.92 -16.87 58.70
N PRO E 125 19.41 -17.70 59.63
CA PRO E 125 20.85 -17.97 59.61
C PRO E 125 21.17 -18.95 58.52
N TYR E 126 20.17 -19.76 58.16
CA TYR E 126 20.35 -20.77 57.14
C TYR E 126 21.49 -21.70 57.52
N LYS E 127 21.77 -21.73 58.83
CA LYS E 127 22.81 -22.60 59.37
C LYS E 127 22.46 -22.86 60.82
N GLN E 128 22.98 -23.96 61.35
CA GLN E 128 22.72 -24.33 62.73
C GLN E 128 23.50 -23.40 63.65
N LEU E 129 22.84 -22.94 64.71
CA LEU E 129 23.49 -22.06 65.67
C LEU E 129 23.30 -22.65 67.05
N PRO E 130 24.33 -22.60 67.88
CA PRO E 130 24.28 -23.12 69.25
C PRO E 130 23.49 -22.21 70.18
N ILE E 131 22.21 -22.03 69.91
CA ILE E 131 21.40 -21.13 70.72
C ILE E 131 20.02 -21.67 71.13
N TYR E 132 19.74 -22.92 70.81
CA TYR E 132 18.45 -23.45 71.14
C TYR E 132 18.50 -24.66 72.08
N SER E 133 19.56 -24.76 72.87
CA SER E 133 19.69 -25.87 73.82
C SER E 133 18.60 -25.79 74.88
N GLU E 134 18.57 -26.77 75.79
CA GLU E 134 17.57 -26.76 76.85
C GLU E 134 18.15 -25.91 77.95
N LYS E 135 19.47 -25.93 78.03
CA LYS E 135 20.24 -25.17 79.00
C LYS E 135 19.88 -23.70 78.83
N ILE E 136 19.86 -23.28 77.57
CA ILE E 136 19.55 -21.91 77.21
C ILE E 136 18.10 -21.63 77.53
N ILE E 137 17.23 -22.62 77.36
CA ILE E 137 15.83 -22.42 77.66
C ILE E 137 15.79 -22.05 79.12
N ASP E 138 16.68 -22.67 79.90
CA ASP E 138 16.75 -22.41 81.32
C ASP E 138 17.19 -20.97 81.55
N MET E 139 18.30 -20.60 80.92
CA MET E 139 18.85 -19.26 81.05
C MET E 139 17.83 -18.19 80.78
N TYR E 140 16.81 -18.54 80.00
CA TYR E 140 15.78 -17.56 79.66
C TYR E 140 14.52 -17.66 80.49
N LYS E 141 14.43 -18.64 81.37
CA LYS E 141 13.24 -18.83 82.18
C LYS E 141 12.90 -17.62 83.02
N GLY E 142 11.66 -17.15 82.87
CA GLY E 142 11.20 -16.00 83.62
C GLY E 142 12.05 -14.75 83.52
N LYS E 143 12.86 -14.68 82.48
CA LYS E 143 13.72 -13.51 82.28
C LYS E 143 12.96 -12.36 81.63
N LYS E 144 13.30 -11.14 82.04
CA LYS E 144 12.68 -9.95 81.46
C LYS E 144 13.45 -9.64 80.19
N ARG E 145 12.74 -9.13 79.20
CA ARG E 145 13.36 -8.83 77.92
C ARG E 145 14.70 -8.14 78.05
N HIS E 146 14.76 -7.18 78.96
CA HIS E 146 16.00 -6.43 79.16
C HIS E 146 17.09 -7.19 79.91
N GLU E 147 16.75 -8.27 80.60
CA GLU E 147 17.76 -9.04 81.33
C GLU E 147 18.47 -10.08 80.48
N MET E 148 18.02 -10.27 79.25
CA MET E 148 18.61 -11.27 78.38
C MET E 148 18.62 -10.83 76.93
N PRO E 149 19.68 -11.19 76.19
CA PRO E 149 19.81 -10.84 74.78
C PRO E 149 18.56 -11.23 74.03
N PRO E 150 18.28 -10.58 72.90
CA PRO E 150 17.06 -10.96 72.19
C PRO E 150 17.06 -12.44 71.77
N HIS E 151 15.94 -13.13 72.03
CA HIS E 151 15.80 -14.54 71.67
C HIS E 151 14.33 -14.86 71.48
N ILE E 152 14.03 -15.80 70.59
CA ILE E 152 12.64 -16.18 70.35
C ILE E 152 12.09 -16.73 71.66
N TYR E 153 12.99 -17.20 72.51
CA TYR E 153 12.59 -17.75 73.80
C TYR E 153 12.03 -16.61 74.62
N ALA E 154 12.73 -15.50 74.62
CA ALA E 154 12.29 -14.35 75.37
C ALA E 154 10.88 -13.99 74.95
N ILE E 155 10.64 -14.01 73.63
CA ILE E 155 9.33 -13.67 73.10
C ILE E 155 8.31 -14.64 73.68
N ALA E 156 8.66 -15.92 73.62
CA ALA E 156 7.80 -16.97 74.15
C ALA E 156 7.52 -16.73 75.63
N ASP E 157 8.58 -16.61 76.40
CA ASP E 157 8.46 -16.39 77.83
C ASP E 157 7.71 -15.14 78.25
N THR E 158 8.10 -13.97 77.74
CA THR E 158 7.42 -12.72 78.10
C THR E 158 5.97 -12.74 77.68
N ALA E 159 5.64 -13.52 76.65
CA ALA E 159 4.26 -13.61 76.20
C ALA E 159 3.58 -14.44 77.26
N TYR E 160 4.25 -15.51 77.66
CA TYR E 160 3.75 -16.43 78.67
C TYR E 160 3.37 -15.65 79.92
N ARG E 161 4.38 -15.10 80.59
CA ARG E 161 4.15 -14.33 81.80
C ARG E 161 3.06 -13.27 81.62
N SER E 162 3.18 -12.46 80.57
CA SER E 162 2.18 -11.43 80.33
C SER E 162 0.78 -12.01 80.36
N MET E 163 0.65 -13.25 79.90
CA MET E 163 -0.64 -13.92 79.88
C MET E 163 -1.18 -14.03 81.30
N LEU E 164 -0.39 -14.65 82.17
CA LEU E 164 -0.77 -14.81 83.56
C LEU E 164 -0.89 -13.43 84.21
N GLN E 165 0.16 -12.64 84.05
CA GLN E 165 0.24 -11.28 84.59
C GLN E 165 -1.00 -10.42 84.38
N ASP E 166 -1.44 -10.29 83.14
CA ASP E 166 -2.61 -9.46 82.84
C ASP E 166 -3.86 -10.27 82.55
N ARG E 167 -3.79 -11.57 82.80
CA ARG E 167 -4.93 -12.46 82.55
C ARG E 167 -5.58 -12.17 81.20
N GLU E 168 -4.75 -11.95 80.19
CA GLU E 168 -5.20 -11.67 78.83
C GLU E 168 -4.54 -12.67 77.86
N ASP E 169 -5.36 -13.22 76.96
CA ASP E 169 -4.87 -14.19 75.99
C ASP E 169 -3.79 -13.56 75.13
N GLN E 170 -2.74 -14.31 74.88
CA GLN E 170 -1.63 -13.82 74.08
C GLN E 170 -1.52 -14.51 72.74
N SER E 171 -0.77 -13.89 71.85
CA SER E 171 -0.54 -14.44 70.52
C SER E 171 0.82 -13.96 70.01
N ILE E 172 1.61 -14.88 69.50
CA ILE E 172 2.93 -14.58 68.97
C ILE E 172 2.79 -14.79 67.47
N LEU E 173 2.84 -13.71 66.68
CA LEU E 173 2.65 -13.81 65.24
C LEU E 173 3.91 -13.66 64.44
N CYS E 174 4.33 -14.74 63.78
CA CYS E 174 5.55 -14.73 62.95
C CYS E 174 5.18 -14.28 61.55
N THR E 175 5.91 -13.28 61.06
CA THR E 175 5.68 -12.73 59.73
C THR E 175 6.90 -13.04 58.89
N GLY E 176 6.73 -13.09 57.57
CA GLY E 176 7.88 -13.33 56.73
C GLY E 176 7.62 -13.91 55.36
N GLU E 177 8.41 -13.50 54.38
CA GLU E 177 8.22 -14.03 53.06
C GLU E 177 8.62 -15.49 53.12
N SER E 178 8.16 -16.28 52.15
CA SER E 178 8.45 -17.70 52.11
C SER E 178 9.92 -17.95 52.34
N GLY E 179 10.23 -18.74 53.36
CA GLY E 179 11.62 -19.05 53.66
C GLY E 179 12.24 -18.28 54.81
N ALA E 180 11.64 -17.13 55.17
CA ALA E 180 12.12 -16.28 56.24
C ALA E 180 12.45 -17.02 57.54
N GLY E 181 11.55 -17.86 58.01
CA GLY E 181 11.85 -18.60 59.22
C GLY E 181 10.67 -18.74 60.16
N LYS E 182 9.49 -18.35 59.69
CA LYS E 182 8.27 -18.42 60.50
C LYS E 182 8.14 -19.73 61.26
N THR E 183 8.32 -20.86 60.57
CA THR E 183 8.16 -22.16 61.22
C THR E 183 9.23 -22.53 62.21
N GLU E 184 10.49 -22.39 61.82
CA GLU E 184 11.57 -22.72 62.73
C GLU E 184 11.33 -22.00 64.05
N ASN E 185 10.84 -20.77 63.94
CA ASN E 185 10.58 -19.96 65.11
C ASN E 185 9.30 -20.30 65.83
N THR E 186 8.26 -20.64 65.10
CA THR E 186 7.01 -21.02 65.75
C THR E 186 7.36 -22.26 66.54
N LYS E 187 8.11 -23.17 65.91
CA LYS E 187 8.53 -24.41 66.54
C LYS E 187 9.36 -24.18 67.80
N LYS E 188 10.10 -23.09 67.85
CA LYS E 188 10.91 -22.79 69.03
C LYS E 188 10.05 -22.28 70.20
N VAL E 189 9.00 -21.54 69.86
CA VAL E 189 8.11 -21.00 70.86
C VAL E 189 7.42 -22.17 71.53
N ILE E 190 6.93 -23.12 70.74
CA ILE E 190 6.25 -24.26 71.32
C ILE E 190 7.26 -25.08 72.15
N GLN E 191 8.47 -25.22 71.63
CA GLN E 191 9.50 -25.99 72.34
C GLN E 191 9.74 -25.42 73.73
N TYR E 192 9.81 -24.11 73.80
CA TYR E 192 10.04 -23.40 75.05
C TYR E 192 8.86 -23.59 75.99
N LEU E 193 7.68 -23.19 75.54
CA LEU E 193 6.48 -23.32 76.36
C LEU E 193 6.29 -24.71 76.92
N ALA E 194 6.53 -25.74 76.10
CA ALA E 194 6.36 -27.11 76.56
C ALA E 194 7.33 -27.47 77.69
N VAL E 195 8.49 -26.83 77.68
CA VAL E 195 9.54 -27.07 78.67
C VAL E 195 9.44 -26.25 79.95
N VAL E 196 8.43 -25.38 80.05
CA VAL E 196 8.33 -24.54 81.24
C VAL E 196 7.00 -24.66 82.00
N ALA E 197 5.92 -24.94 81.29
CA ALA E 197 4.60 -25.01 81.92
C ALA E 197 4.00 -26.41 82.06
N SER E 198 4.66 -27.41 81.51
CA SER E 198 4.15 -28.75 81.59
C SER E 198 4.43 -29.31 82.99
N GLY E 217 3.96 -36.40 81.72
CA GLY E 217 4.41 -35.28 80.84
C GLY E 217 4.12 -35.53 79.37
N GLU E 218 3.18 -36.44 79.12
CA GLU E 218 2.79 -36.82 77.77
C GLU E 218 2.45 -35.63 76.88
N LEU E 219 1.40 -34.90 77.26
CA LEU E 219 0.97 -33.75 76.48
C LEU E 219 2.15 -33.07 75.82
N GLU E 220 3.04 -32.53 76.64
CA GLU E 220 4.22 -31.86 76.11
C GLU E 220 4.90 -32.74 75.08
N LYS E 221 5.15 -34.00 75.44
CA LYS E 221 5.83 -34.92 74.53
C LYS E 221 5.11 -35.04 73.19
N GLN E 222 3.78 -35.06 73.22
CA GLN E 222 2.99 -35.16 72.00
C GLN E 222 2.91 -33.81 71.31
N LEU E 223 2.86 -32.75 72.10
CA LEU E 223 2.78 -31.40 71.60
C LEU E 223 3.94 -31.15 70.64
N LEU E 224 5.07 -31.74 70.98
CA LEU E 224 6.30 -31.61 70.17
C LEU E 224 6.32 -32.55 68.98
N GLN E 225 5.24 -33.29 68.78
CA GLN E 225 5.13 -34.21 67.66
C GLN E 225 4.14 -33.67 66.65
N ALA E 226 3.30 -32.74 67.10
CA ALA E 226 2.30 -32.15 66.22
C ALA E 226 2.90 -31.76 64.87
N ASN E 227 3.83 -30.81 64.86
CA ASN E 227 4.43 -30.37 63.60
C ASN E 227 5.15 -31.47 62.86
N PRO E 228 6.07 -32.17 63.52
CA PRO E 228 6.76 -33.23 62.80
C PRO E 228 5.76 -34.09 61.98
N ILE E 229 4.55 -34.27 62.51
CA ILE E 229 3.52 -35.05 61.81
C ILE E 229 2.89 -34.18 60.73
N LEU E 230 2.39 -33.02 61.14
CA LEU E 230 1.76 -32.11 60.21
C LEU E 230 2.66 -31.76 59.04
N GLU E 231 3.90 -31.37 59.34
CA GLU E 231 4.87 -31.02 58.29
C GLU E 231 5.00 -32.12 57.23
N ALA E 232 5.02 -33.37 57.67
CA ALA E 232 5.17 -34.51 56.79
C ALA E 232 4.08 -34.62 55.75
N PHE E 233 2.87 -34.19 56.08
CA PHE E 233 1.76 -34.29 55.14
C PHE E 233 1.41 -32.98 54.46
N GLY E 234 1.77 -31.87 55.09
CA GLY E 234 1.46 -30.55 54.53
C GLY E 234 2.62 -29.68 54.05
N ASN E 235 3.85 -30.13 54.24
CA ASN E 235 5.02 -29.38 53.80
C ASN E 235 5.55 -30.00 52.51
N ALA E 236 6.31 -29.23 51.74
CA ALA E 236 6.88 -29.72 50.51
C ALA E 236 7.99 -28.81 50.07
N LYS E 237 8.89 -29.32 49.24
CA LYS E 237 9.99 -28.52 48.76
C LYS E 237 9.55 -27.64 47.60
N THR E 238 9.64 -26.32 47.80
CA THR E 238 9.31 -25.35 46.77
C THR E 238 10.64 -24.70 46.41
N VAL E 239 10.67 -23.95 45.33
CA VAL E 239 11.91 -23.31 44.95
C VAL E 239 12.35 -22.34 46.03
N LYS E 240 11.38 -21.82 46.78
CA LYS E 240 11.66 -20.85 47.84
C LYS E 240 12.09 -21.51 49.11
N ASN E 241 11.53 -22.68 49.39
CA ASN E 241 11.86 -23.36 50.63
C ASN E 241 11.78 -24.86 50.46
N ASP E 242 12.73 -25.56 51.07
CA ASP E 242 12.76 -27.01 50.99
C ASP E 242 11.75 -27.68 51.90
N ASN E 243 11.50 -27.06 53.03
CA ASN E 243 10.56 -27.59 54.00
C ASN E 243 9.46 -26.55 54.12
N SER E 244 8.85 -26.24 52.97
CA SER E 244 7.80 -25.24 52.95
C SER E 244 6.42 -25.70 53.37
N SER E 245 5.84 -24.97 54.32
CA SER E 245 4.49 -25.22 54.80
C SER E 245 3.59 -24.80 53.66
N ARG E 246 2.79 -25.74 53.17
CA ARG E 246 1.90 -25.42 52.08
C ARG E 246 0.53 -25.26 52.66
N PHE E 247 0.49 -24.71 53.88
CA PHE E 247 -0.76 -24.46 54.57
C PHE E 247 -0.47 -23.56 55.76
N GLY E 248 -1.38 -22.64 56.06
CA GLY E 248 -1.19 -21.78 57.21
C GLY E 248 -1.57 -22.57 58.45
N LYS E 249 -1.18 -22.10 59.63
CA LYS E 249 -1.52 -22.81 60.85
C LYS E 249 -1.45 -21.95 62.10
N PHE E 250 -2.51 -22.00 62.89
CA PHE E 250 -2.59 -21.25 64.15
C PHE E 250 -2.59 -22.27 65.29
N ILE E 251 -1.50 -22.39 66.02
CA ILE E 251 -1.45 -23.33 67.13
C ILE E 251 -1.83 -22.58 68.40
N ARG E 252 -2.87 -23.06 69.06
CA ARG E 252 -3.36 -22.42 70.28
C ARG E 252 -3.14 -23.29 71.49
N ILE E 253 -2.23 -22.88 72.37
CA ILE E 253 -1.93 -23.65 73.58
C ILE E 253 -2.75 -23.17 74.78
N ASN E 254 -3.47 -24.11 75.41
CA ASN E 254 -4.32 -23.82 76.55
C ASN E 254 -3.63 -24.09 77.88
N PHE E 255 -3.72 -23.14 78.81
CA PHE E 255 -3.11 -23.29 80.14
C PHE E 255 -4.17 -23.11 81.19
N ASP E 256 -3.90 -23.58 82.40
CA ASP E 256 -4.86 -23.40 83.49
C ASP E 256 -4.49 -22.07 84.17
N VAL E 257 -5.29 -21.68 85.14
CA VAL E 257 -5.05 -20.42 85.85
C VAL E 257 -3.72 -20.43 86.57
N THR E 258 -3.17 -21.62 86.75
CA THR E 258 -1.88 -21.77 87.42
C THR E 258 -0.77 -21.42 86.45
N GLY E 259 -1.02 -21.63 85.16
CA GLY E 259 -0.02 -21.34 84.15
C GLY E 259 0.50 -22.58 83.44
N TYR E 260 0.07 -23.75 83.92
CA TYR E 260 0.50 -25.01 83.33
C TYR E 260 -0.30 -25.37 82.06
N ILE E 261 0.38 -25.95 81.07
CA ILE E 261 -0.29 -26.32 79.82
C ILE E 261 -1.37 -27.34 80.11
N VAL E 262 -2.50 -27.17 79.46
CA VAL E 262 -3.64 -28.04 79.67
C VAL E 262 -4.10 -28.72 78.38
N GLY E 263 -4.23 -27.93 77.32
CA GLY E 263 -4.66 -28.47 76.06
C GLY E 263 -3.80 -27.91 74.95
N ALA E 264 -4.29 -28.00 73.72
CA ALA E 264 -3.58 -27.50 72.57
C ALA E 264 -4.45 -27.88 71.37
N ASN E 265 -4.74 -26.91 70.52
CA ASN E 265 -5.58 -27.15 69.34
C ASN E 265 -5.00 -26.46 68.11
N ILE E 266 -4.66 -27.23 67.09
CA ILE E 266 -4.09 -26.69 65.86
C ILE E 266 -5.10 -26.49 64.74
N GLU E 267 -5.18 -25.28 64.22
CA GLU E 267 -6.11 -24.95 63.14
C GLU E 267 -5.26 -24.61 61.93
N THR E 268 -5.54 -25.28 60.82
CA THR E 268 -4.78 -25.05 59.59
C THR E 268 -5.61 -24.36 58.50
N TYR E 269 -4.91 -23.63 57.62
CA TYR E 269 -5.56 -22.91 56.54
C TYR E 269 -4.89 -23.16 55.18
N LEU E 270 -5.74 -23.08 54.17
CA LEU E 270 -5.39 -23.19 52.73
C LEU E 270 -4.27 -24.22 52.44
N LEU E 271 -4.63 -25.50 52.46
CA LEU E 271 -3.67 -26.57 52.08
C LEU E 271 -3.65 -26.63 50.54
N GLU E 272 -2.46 -26.56 49.97
CA GLU E 272 -2.24 -26.59 48.53
C GLU E 272 -2.44 -28.00 47.95
N LYS E 273 -3.70 -28.45 47.87
CA LYS E 273 -4.02 -29.78 47.35
C LYS E 273 -3.41 -30.03 45.99
N SER E 274 -3.44 -29.00 45.18
CA SER E 274 -2.93 -29.06 43.83
C SER E 274 -1.59 -29.74 43.76
N ARG E 275 -0.71 -29.40 44.69
CA ARG E 275 0.64 -29.95 44.75
C ARG E 275 0.65 -31.47 44.76
N ALA E 276 -0.45 -32.07 45.21
CA ALA E 276 -0.57 -33.51 45.27
C ALA E 276 -0.43 -34.15 43.89
N ILE E 277 -0.83 -33.43 42.84
CA ILE E 277 -0.78 -34.00 41.49
C ILE E 277 0.17 -33.39 40.46
N ARG E 278 0.95 -32.37 40.85
CA ARG E 278 1.86 -31.73 39.92
C ARG E 278 2.76 -30.75 40.63
N GLN E 279 4.01 -30.65 40.19
CA GLN E 279 4.97 -29.71 40.77
C GLN E 279 5.87 -29.19 39.67
N ALA E 280 6.23 -27.92 39.77
CA ALA E 280 7.10 -27.29 38.77
C ALA E 280 8.53 -27.77 38.96
N LYS E 281 9.41 -27.33 38.08
CA LYS E 281 10.81 -27.73 38.14
C LYS E 281 11.43 -27.66 39.53
N ASP E 282 12.33 -28.60 39.80
CA ASP E 282 13.07 -28.68 41.05
C ASP E 282 12.16 -28.59 42.26
N GLU E 283 10.90 -28.92 42.04
CA GLU E 283 9.93 -28.89 43.11
C GLU E 283 9.45 -30.29 43.31
N ARG E 284 9.08 -30.59 44.55
CA ARG E 284 8.55 -31.90 44.84
C ARG E 284 7.26 -31.76 45.65
N THR E 285 6.46 -32.82 45.70
CA THR E 285 5.19 -32.78 46.42
C THR E 285 5.37 -32.95 47.93
N PHE E 286 4.28 -33.22 48.63
CA PHE E 286 4.32 -33.38 50.07
C PHE E 286 5.29 -34.45 50.53
N HIS E 287 6.18 -34.09 51.45
CA HIS E 287 7.19 -34.99 51.95
C HIS E 287 6.74 -36.43 52.14
N ILE E 288 5.59 -36.61 52.78
CA ILE E 288 5.11 -37.95 53.07
C ILE E 288 5.16 -38.90 51.89
N PHE E 289 4.94 -38.41 50.68
CA PHE E 289 5.00 -39.29 49.53
C PHE E 289 6.41 -39.83 49.36
N TYR E 290 7.38 -38.93 49.36
CA TYR E 290 8.78 -39.33 49.22
C TYR E 290 9.24 -40.16 50.39
N TYR E 291 8.69 -39.90 51.57
CA TYR E 291 9.04 -40.64 52.77
C TYR E 291 8.61 -42.09 52.62
N LEU E 292 7.31 -42.30 52.45
CA LEU E 292 6.73 -43.65 52.30
C LEU E 292 7.40 -44.43 51.19
N ILE E 293 7.42 -43.86 50.00
CA ILE E 293 8.03 -44.52 48.86
C ILE E 293 9.49 -44.87 49.12
N ALA E 294 10.18 -44.05 49.89
CA ALA E 294 11.57 -44.31 50.15
C ALA E 294 11.89 -45.11 51.40
N GLY E 295 10.97 -45.17 52.35
CA GLY E 295 11.30 -45.88 53.58
C GLY E 295 10.38 -46.99 54.05
N ALA E 296 9.42 -47.35 53.21
CA ALA E 296 8.48 -48.41 53.56
C ALA E 296 9.13 -49.78 53.58
N SER E 297 8.82 -50.56 54.61
CA SER E 297 9.37 -51.91 54.75
C SER E 297 8.93 -52.72 53.55
N GLU E 298 9.73 -53.70 53.15
CA GLU E 298 9.39 -54.53 51.99
C GLU E 298 8.00 -55.11 52.05
N GLN E 299 7.54 -55.42 53.27
CA GLN E 299 6.22 -55.99 53.45
C GLN E 299 5.13 -54.95 53.27
N MET E 300 5.48 -53.68 53.51
CA MET E 300 4.53 -52.58 53.37
C MET E 300 4.58 -52.17 51.91
N ARG E 301 5.78 -52.23 51.37
CA ARG E 301 6.03 -51.88 49.98
C ARG E 301 5.00 -52.57 49.09
N ASN E 302 4.85 -53.87 49.31
CA ASN E 302 3.92 -54.65 48.50
C ASN E 302 2.55 -54.80 49.16
N ASP E 303 2.43 -54.29 50.37
CA ASP E 303 1.16 -54.35 51.10
C ASP E 303 0.32 -53.17 50.61
N LEU E 304 1.02 -52.09 50.29
CA LEU E 304 0.42 -50.85 49.82
C LEU E 304 0.49 -50.83 48.30
N LEU E 305 1.17 -51.83 47.74
CA LEU E 305 1.34 -51.96 46.29
C LEU E 305 2.08 -50.74 45.75
N LEU E 306 3.05 -50.28 46.53
CA LEU E 306 3.88 -49.11 46.23
C LEU E 306 4.82 -49.38 45.07
N GLU E 307 5.18 -48.31 44.38
CA GLU E 307 6.08 -48.37 43.24
C GLU E 307 7.33 -47.55 43.51
N GLY E 308 7.99 -47.15 42.43
CA GLY E 308 9.20 -46.37 42.53
C GLY E 308 8.92 -44.92 42.23
N PHE E 309 9.89 -44.06 42.53
CA PHE E 309 9.74 -42.63 42.32
C PHE E 309 9.43 -42.27 40.88
N ASN E 310 9.81 -43.12 39.94
CA ASN E 310 9.53 -42.83 38.53
C ASN E 310 8.45 -43.74 37.95
N ASN E 311 7.68 -44.37 38.83
CA ASN E 311 6.60 -45.23 38.42
C ASN E 311 5.29 -44.48 38.68
N TYR E 312 5.44 -43.33 39.33
CA TYR E 312 4.32 -42.48 39.71
C TYR E 312 4.32 -41.18 38.95
N THR E 313 3.22 -40.90 38.27
CA THR E 313 3.12 -39.68 37.47
C THR E 313 2.80 -38.42 38.26
N PHE E 314 2.28 -38.61 39.47
CA PHE E 314 1.95 -37.46 40.29
C PHE E 314 3.25 -36.93 40.90
N LEU E 315 4.31 -37.70 40.72
CA LEU E 315 5.64 -37.32 41.21
C LEU E 315 6.39 -36.68 40.05
N SER E 316 5.82 -35.58 39.56
CA SER E 316 6.35 -34.77 38.46
C SER E 316 7.84 -35.01 38.23
N ASN E 317 8.65 -34.23 38.96
CA ASN E 317 10.12 -34.29 38.89
C ASN E 317 10.65 -35.47 39.70
N GLY E 318 10.24 -36.67 39.32
CA GLY E 318 10.66 -37.88 40.01
C GLY E 318 11.09 -37.65 41.46
N HIS E 319 12.24 -38.22 41.80
CA HIS E 319 12.80 -38.09 43.12
C HIS E 319 13.79 -36.93 43.16
N VAL E 320 13.38 -35.86 43.83
CA VAL E 320 14.18 -34.65 43.98
C VAL E 320 14.76 -34.66 45.39
N PRO E 321 16.03 -35.00 45.53
CA PRO E 321 16.66 -35.05 46.85
C PRO E 321 16.64 -33.71 47.55
N ILE E 322 16.45 -33.76 48.87
CA ILE E 322 16.44 -32.58 49.73
C ILE E 322 17.87 -32.36 50.23
N PRO E 323 18.20 -31.16 50.71
CA PRO E 323 19.55 -30.91 51.20
C PRO E 323 20.03 -31.89 52.27
N ALA E 324 19.76 -31.57 53.53
CA ALA E 324 20.19 -32.39 54.67
C ALA E 324 19.07 -33.24 55.24
N GLN E 325 18.42 -34.00 54.38
CA GLN E 325 17.32 -34.88 54.79
C GLN E 325 17.42 -36.21 54.05
N GLN E 326 17.00 -37.26 54.74
CA GLN E 326 17.00 -38.62 54.21
C GLN E 326 15.59 -39.21 54.36
N ASP E 327 14.86 -39.20 53.25
CA ASP E 327 13.49 -39.71 53.18
C ASP E 327 13.26 -40.94 54.07
N ASP E 328 14.07 -41.97 53.88
CA ASP E 328 13.98 -43.17 54.68
C ASP E 328 14.05 -42.84 56.16
N GLU E 329 14.89 -41.87 56.51
CA GLU E 329 15.05 -41.45 57.89
C GLU E 329 13.80 -40.75 58.36
N MET E 330 13.40 -39.75 57.60
CA MET E 330 12.21 -38.98 57.91
C MET E 330 10.98 -39.88 58.05
N PHE E 331 10.97 -40.98 57.33
CA PHE E 331 9.82 -41.87 57.38
C PHE E 331 9.70 -42.50 58.78
N GLN E 332 10.82 -42.95 59.32
CA GLN E 332 10.85 -43.57 60.65
C GLN E 332 10.61 -42.48 61.67
N GLU E 333 11.06 -41.28 61.34
CA GLU E 333 10.91 -40.12 62.20
C GLU E 333 9.43 -39.80 62.29
N THR E 334 8.74 -39.91 61.15
CA THR E 334 7.32 -39.62 61.09
C THR E 334 6.55 -40.69 61.85
N LEU E 335 6.84 -41.93 61.54
CA LEU E 335 6.16 -43.03 62.20
C LEU E 335 6.40 -42.94 63.71
N GLU E 336 7.58 -42.49 64.11
CA GLU E 336 7.93 -42.37 65.51
C GLU E 336 7.03 -41.34 66.19
N ALA E 337 6.85 -40.22 65.52
CA ALA E 337 6.05 -39.13 66.03
C ALA E 337 4.59 -39.48 66.01
N MET E 338 4.16 -40.19 64.97
CA MET E 338 2.77 -40.59 64.87
C MET E 338 2.52 -41.50 66.06
N THR E 339 3.49 -42.39 66.29
CA THR E 339 3.45 -43.33 67.38
C THR E 339 3.24 -42.55 68.68
N ILE E 340 4.16 -41.64 68.96
CA ILE E 340 4.11 -40.80 70.14
C ILE E 340 2.81 -40.01 70.22
N MET E 341 2.35 -39.53 69.07
CA MET E 341 1.12 -38.77 69.03
C MET E 341 -0.04 -39.67 69.47
N GLY E 342 0.19 -40.99 69.41
CA GLY E 342 -0.83 -41.94 69.80
C GLY E 342 -1.54 -42.68 68.69
N PHE E 343 -0.99 -42.61 67.48
CA PHE E 343 -1.60 -43.28 66.34
C PHE E 343 -1.34 -44.78 66.45
N THR E 344 -2.38 -45.58 66.24
CA THR E 344 -2.25 -47.03 66.31
C THR E 344 -1.57 -47.49 65.04
N GLU E 345 -0.92 -48.64 65.10
CA GLU E 345 -0.23 -49.18 63.93
C GLU E 345 -1.17 -49.23 62.73
N GLU E 346 -2.44 -49.54 62.98
CA GLU E 346 -3.43 -49.62 61.91
C GLU E 346 -3.85 -48.23 61.44
N GLU E 347 -3.80 -47.25 62.33
CA GLU E 347 -4.16 -45.88 61.96
C GLU E 347 -3.05 -45.41 61.00
N GLN E 348 -1.81 -45.73 61.34
CA GLN E 348 -0.66 -45.36 60.53
C GLN E 348 -0.62 -46.06 59.19
N THR E 349 -0.94 -47.35 59.15
CA THR E 349 -0.91 -48.06 57.88
C THR E 349 -2.10 -47.62 57.03
N SER E 350 -3.18 -47.22 57.69
CA SER E 350 -4.36 -46.80 56.96
C SER E 350 -4.06 -45.45 56.31
N ILE E 351 -3.33 -44.62 57.04
CA ILE E 351 -2.94 -43.29 56.55
C ILE E 351 -1.99 -43.48 55.36
N LEU E 352 -0.95 -44.30 55.55
CA LEU E 352 0.01 -44.56 54.50
C LEU E 352 -0.68 -45.22 53.30
N ARG E 353 -1.73 -45.99 53.56
CA ARG E 353 -2.45 -46.63 52.47
C ARG E 353 -3.16 -45.58 51.63
N VAL E 354 -3.72 -44.56 52.29
CA VAL E 354 -4.40 -43.49 51.57
C VAL E 354 -3.38 -42.70 50.77
N VAL E 355 -2.19 -42.53 51.31
CA VAL E 355 -1.18 -41.79 50.58
C VAL E 355 -0.87 -42.54 49.30
N SER E 356 -0.76 -43.86 49.41
CA SER E 356 -0.46 -44.68 48.24
C SER E 356 -1.53 -44.59 47.17
N SER E 357 -2.80 -44.64 47.60
CA SER E 357 -3.92 -44.58 46.68
C SER E 357 -3.90 -43.26 45.91
N VAL E 358 -3.54 -42.19 46.61
CA VAL E 358 -3.46 -40.88 45.98
C VAL E 358 -2.41 -40.90 44.89
N LEU E 359 -1.36 -41.69 45.08
CA LEU E 359 -0.32 -41.76 44.04
C LEU E 359 -0.80 -42.64 42.90
N GLN E 360 -1.45 -43.75 43.23
CA GLN E 360 -1.95 -44.68 42.21
C GLN E 360 -3.00 -44.03 41.34
N LEU E 361 -3.77 -43.11 41.92
CA LEU E 361 -4.80 -42.43 41.15
C LEU E 361 -4.12 -41.77 39.97
N GLY E 362 -2.96 -41.18 40.22
CA GLY E 362 -2.25 -40.52 39.16
C GLY E 362 -1.87 -41.44 38.01
N ASN E 363 -1.68 -42.73 38.30
CA ASN E 363 -1.28 -43.68 37.26
C ASN E 363 -2.39 -44.10 36.32
N ILE E 364 -3.64 -43.87 36.71
CA ILE E 364 -4.77 -44.23 35.84
C ILE E 364 -4.62 -43.49 34.52
N VAL E 365 -4.93 -44.12 33.40
CA VAL E 365 -4.81 -43.46 32.09
C VAL E 365 -6.03 -43.64 31.22
N PHE E 366 -6.48 -42.55 30.63
CA PHE E 366 -7.64 -42.60 29.75
C PHE E 366 -7.24 -42.33 28.31
N LYS E 367 -7.99 -42.88 27.37
CA LYS E 367 -7.68 -42.69 25.96
C LYS E 367 -8.87 -42.09 25.23
N LYS E 368 -8.59 -41.41 24.13
CA LYS E 368 -9.63 -40.77 23.34
C LYS E 368 -10.24 -41.74 22.34
N GLU E 369 -11.00 -41.19 21.41
CA GLU E 369 -11.67 -41.98 20.36
C GLU E 369 -12.64 -41.10 19.54
N GLN E 374 -15.70 -40.31 23.31
CA GLN E 374 -15.48 -40.42 24.79
C GLN E 374 -14.07 -40.88 25.11
N ALA E 375 -13.88 -41.33 26.35
CA ALA E 375 -12.58 -41.78 26.80
C ALA E 375 -12.71 -43.15 27.41
N SER E 376 -11.69 -43.97 27.21
CA SER E 376 -11.69 -45.31 27.75
C SER E 376 -10.30 -45.69 28.24
N MET E 377 -10.24 -46.24 29.45
CA MET E 377 -8.96 -46.65 30.00
C MET E 377 -8.71 -48.08 29.59
N PRO E 378 -7.84 -48.29 28.60
CA PRO E 378 -7.55 -49.65 28.16
C PRO E 378 -6.91 -50.44 29.30
N ASP E 379 -6.00 -49.79 30.02
CA ASP E 379 -5.32 -50.43 31.14
C ASP E 379 -5.96 -49.95 32.43
N ASN E 380 -6.60 -50.89 33.12
CA ASN E 380 -7.27 -50.61 34.38
C ASN E 380 -6.42 -50.97 35.59
N THR E 381 -5.25 -51.57 35.36
CA THR E 381 -4.37 -51.97 36.45
C THR E 381 -4.42 -50.96 37.56
N ALA E 382 -3.97 -49.75 37.26
CA ALA E 382 -3.97 -48.68 38.23
C ALA E 382 -5.35 -48.56 38.86
N ALA E 383 -6.38 -48.49 38.02
CA ALA E 383 -7.75 -48.37 38.50
C ALA E 383 -8.03 -49.52 39.46
N GLN E 384 -7.41 -50.67 39.20
CA GLN E 384 -7.57 -51.84 40.05
C GLN E 384 -6.91 -51.62 41.39
N LYS E 385 -5.64 -51.25 41.36
CA LYS E 385 -4.90 -51.01 42.58
C LYS E 385 -5.55 -49.96 43.45
N VAL E 386 -5.94 -48.85 42.82
CA VAL E 386 -6.59 -47.75 43.53
C VAL E 386 -7.79 -48.26 44.29
N CYS E 387 -8.65 -49.02 43.62
CA CYS E 387 -9.83 -49.56 44.25
C CYS E 387 -9.46 -50.56 45.34
N HIS E 388 -8.41 -51.33 45.09
CA HIS E 388 -7.97 -52.29 46.07
C HIS E 388 -7.60 -51.56 47.35
N LEU E 389 -6.94 -50.43 47.20
CA LEU E 389 -6.51 -49.62 48.33
C LEU E 389 -7.61 -48.75 48.91
N MET E 390 -8.70 -48.59 48.19
CA MET E 390 -9.80 -47.76 48.67
C MET E 390 -11.04 -48.54 49.14
N GLY E 391 -11.07 -49.86 48.92
CA GLY E 391 -12.23 -50.64 49.32
C GLY E 391 -13.42 -50.29 48.42
N ILE E 392 -13.13 -50.17 47.13
CA ILE E 392 -14.10 -49.81 46.13
C ILE E 392 -14.13 -50.88 45.03
N ASN E 393 -15.18 -50.89 44.21
CA ASN E 393 -15.31 -51.86 43.12
C ASN E 393 -14.77 -51.33 41.79
N VAL E 394 -13.73 -51.98 41.29
CA VAL E 394 -13.10 -51.58 40.04
C VAL E 394 -14.07 -51.20 38.93
N THR E 395 -15.14 -51.98 38.78
CA THR E 395 -16.10 -51.72 37.71
C THR E 395 -17.04 -50.59 38.05
N ASP E 396 -17.36 -50.45 39.33
CA ASP E 396 -18.24 -49.38 39.77
C ASP E 396 -17.48 -48.08 39.68
N PHE E 397 -16.19 -48.16 39.99
CA PHE E 397 -15.31 -47.01 39.93
C PHE E 397 -15.14 -46.63 38.47
N THR E 398 -14.61 -47.55 37.67
CA THR E 398 -14.40 -47.28 36.25
C THR E 398 -15.65 -46.65 35.60
N ARG E 399 -16.83 -47.12 36.00
CA ARG E 399 -18.10 -46.62 35.44
C ARG E 399 -18.38 -45.20 35.87
N SER E 400 -18.28 -44.96 37.17
CA SER E 400 -18.52 -43.65 37.75
C SER E 400 -17.53 -42.61 37.22
N ILE E 401 -16.34 -43.06 36.86
CA ILE E 401 -15.32 -42.17 36.34
C ILE E 401 -15.55 -41.92 34.85
N LEU E 402 -15.72 -42.99 34.09
CA LEU E 402 -15.90 -42.88 32.66
C LEU E 402 -17.29 -42.47 32.23
N THR E 403 -18.28 -42.62 33.10
CA THR E 403 -19.66 -42.24 32.75
C THR E 403 -20.56 -42.18 33.97
N PRO E 404 -20.60 -41.02 34.64
CA PRO E 404 -21.44 -40.84 35.83
C PRO E 404 -22.89 -40.56 35.47
N LYS E 415 -24.15 -39.46 31.34
CA LYS E 415 -23.18 -38.37 31.07
C LYS E 415 -21.81 -38.91 30.64
N ALA E 416 -21.48 -38.69 29.38
CA ALA E 416 -20.20 -39.16 28.84
C ALA E 416 -19.03 -38.26 29.23
N GLN E 417 -17.90 -38.89 29.50
CA GLN E 417 -16.68 -38.19 29.88
C GLN E 417 -15.60 -38.39 28.82
N THR E 418 -14.89 -37.32 28.51
CA THR E 418 -13.81 -37.38 27.54
C THR E 418 -12.52 -37.50 28.33
N LYS E 419 -11.43 -37.83 27.65
CA LYS E 419 -10.15 -37.96 28.32
C LYS E 419 -10.02 -36.74 29.19
N GLU E 420 -10.01 -35.58 28.54
CA GLU E 420 -9.89 -34.30 29.23
C GLU E 420 -10.68 -34.24 30.53
N GLN E 421 -11.93 -34.68 30.50
CA GLN E 421 -12.77 -34.62 31.70
C GLN E 421 -12.62 -35.82 32.63
N ALA E 422 -12.11 -36.91 32.08
CA ALA E 422 -11.91 -38.10 32.88
C ALA E 422 -10.68 -37.81 33.70
N ASP E 423 -9.68 -37.23 33.06
CA ASP E 423 -8.41 -36.89 33.72
C ASP E 423 -8.73 -35.95 34.88
N PHE E 424 -9.52 -34.92 34.59
CA PHE E 424 -9.89 -33.95 35.60
C PHE E 424 -10.43 -34.61 36.85
N ALA E 425 -11.51 -35.34 36.68
CA ALA E 425 -12.18 -36.02 37.78
C ALA E 425 -11.20 -36.77 38.66
N ILE E 426 -10.33 -37.55 38.04
CA ILE E 426 -9.35 -38.34 38.78
C ILE E 426 -8.48 -37.42 39.61
N GLU E 427 -7.96 -36.35 39.00
CA GLU E 427 -7.13 -35.36 39.71
C GLU E 427 -7.91 -34.79 40.88
N ALA E 428 -9.09 -34.28 40.55
CA ALA E 428 -10.00 -33.71 41.54
C ALA E 428 -10.15 -34.63 42.73
N LEU E 429 -10.26 -35.93 42.46
CA LEU E 429 -10.40 -36.90 43.52
C LEU E 429 -9.11 -36.96 44.29
N ALA E 430 -7.98 -37.05 43.58
CA ALA E 430 -6.68 -37.12 44.20
C ALA E 430 -6.55 -36.02 45.25
N LYS E 431 -6.64 -34.80 44.79
CA LYS E 431 -6.54 -33.66 45.67
C LYS E 431 -7.54 -33.74 46.81
N ALA E 432 -8.79 -34.05 46.50
CA ALA E 432 -9.82 -34.12 47.54
C ALA E 432 -9.48 -35.19 48.57
N LYS E 433 -8.95 -36.32 48.09
CA LYS E 433 -8.59 -37.43 48.95
C LYS E 433 -7.46 -37.01 49.87
N PHE E 434 -6.52 -36.24 49.34
CA PHE E 434 -5.41 -35.80 50.15
C PHE E 434 -5.86 -34.75 51.15
N GLU E 435 -6.59 -33.74 50.68
CA GLU E 435 -7.09 -32.69 51.56
C GLU E 435 -7.79 -33.26 52.81
N ARG E 436 -8.52 -34.36 52.62
CA ARG E 436 -9.25 -35.00 53.71
C ARG E 436 -8.32 -35.81 54.61
N LEU E 437 -7.34 -36.49 54.01
CA LEU E 437 -6.41 -37.27 54.80
C LEU E 437 -5.69 -36.30 55.72
N PHE E 438 -5.43 -35.09 55.23
CA PHE E 438 -4.75 -34.09 56.03
C PHE E 438 -5.72 -33.64 57.14
N ARG E 439 -6.89 -33.14 56.74
CA ARG E 439 -7.90 -32.67 57.69
C ARG E 439 -8.12 -33.71 58.79
N TRP E 440 -8.04 -34.99 58.40
CA TRP E 440 -8.23 -36.10 59.33
C TRP E 440 -7.08 -36.18 60.28
N ILE E 441 -5.87 -36.32 59.73
CA ILE E 441 -4.69 -36.42 60.55
C ILE E 441 -4.69 -35.25 61.51
N LEU E 442 -5.02 -34.06 61.00
CA LEU E 442 -5.04 -32.90 61.87
C LEU E 442 -6.02 -33.13 63.00
N THR E 443 -7.24 -33.51 62.62
CA THR E 443 -8.31 -33.78 63.57
C THR E 443 -7.87 -34.76 64.66
N ARG E 444 -7.25 -35.84 64.21
CA ARG E 444 -6.78 -36.85 65.11
C ARG E 444 -5.74 -36.28 66.07
N VAL E 445 -4.86 -35.46 65.51
CA VAL E 445 -3.82 -34.81 66.31
C VAL E 445 -4.46 -33.93 67.36
N ASN E 446 -5.55 -33.25 66.99
CA ASN E 446 -6.25 -32.37 67.92
C ASN E 446 -6.97 -33.13 69.04
N LYS E 447 -7.39 -34.36 68.76
CA LYS E 447 -8.07 -35.19 69.74
C LYS E 447 -7.05 -35.55 70.79
N ALA E 448 -5.88 -35.95 70.32
CA ALA E 448 -4.78 -36.35 71.20
C ALA E 448 -4.19 -35.18 72.01
N LEU E 449 -4.27 -33.98 71.45
CA LEU E 449 -3.73 -32.80 72.11
C LEU E 449 -4.73 -32.15 73.06
N ASP E 450 -6.00 -32.54 72.93
CA ASP E 450 -7.06 -32.02 73.77
C ASP E 450 -7.67 -33.14 74.63
N ALA E 457 -8.52 -21.94 80.64
CA ALA E 457 -8.22 -20.67 81.40
C ALA E 457 -7.63 -19.57 80.52
N SER E 458 -6.45 -19.83 79.97
CA SER E 458 -5.78 -18.85 79.12
C SER E 458 -5.09 -19.59 77.98
N PHE E 459 -5.06 -18.96 76.80
CA PHE E 459 -4.43 -19.59 75.64
C PHE E 459 -3.40 -18.68 75.04
N LEU E 460 -2.39 -19.28 74.42
CA LEU E 460 -1.31 -18.55 73.75
C LEU E 460 -1.29 -18.97 72.29
N GLY E 461 -1.92 -18.17 71.43
CA GLY E 461 -1.93 -18.50 70.02
C GLY E 461 -0.58 -18.24 69.38
N ILE E 462 -0.24 -19.03 68.37
CA ILE E 462 1.02 -18.88 67.64
C ILE E 462 0.63 -19.04 66.20
N LEU E 463 0.93 -18.05 65.38
CA LEU E 463 0.51 -18.09 63.99
C LEU E 463 1.61 -18.18 62.93
N ASP E 464 1.69 -19.35 62.29
CA ASP E 464 2.66 -19.61 61.24
C ASP E 464 1.88 -19.76 59.90
N ILE E 465 1.57 -18.63 59.28
CA ILE E 465 0.87 -18.65 58.02
C ILE E 465 1.81 -19.01 56.87
N ALA E 466 1.24 -19.25 55.69
CA ALA E 466 2.08 -19.56 54.54
C ALA E 466 2.59 -18.19 54.14
N GLY E 467 3.88 -18.12 53.99
CA GLY E 467 4.54 -16.87 53.66
C GLY E 467 4.39 -16.44 52.22
N PHE E 468 4.38 -15.12 52.06
CA PHE E 468 4.27 -14.49 50.76
C PHE E 468 5.21 -15.14 49.77
N GLU E 469 4.67 -15.51 48.63
CA GLU E 469 5.50 -16.11 47.62
C GLU E 469 5.10 -15.66 46.24
N ILE E 470 6.11 -15.55 45.38
CA ILE E 470 5.90 -15.18 43.99
C ILE E 470 6.62 -16.22 43.14
N PHE E 471 5.90 -17.26 42.76
CA PHE E 471 6.48 -18.32 41.95
C PHE E 471 6.40 -17.88 40.49
N GLU E 472 7.06 -18.65 39.61
CA GLU E 472 7.05 -18.34 38.17
C GLU E 472 5.62 -18.23 37.67
N ILE E 473 4.79 -19.15 38.12
CA ILE E 473 3.38 -19.17 37.76
C ILE E 473 2.57 -19.13 39.05
N ASN E 474 1.86 -18.03 39.28
CA ASN E 474 1.08 -17.89 40.50
C ASN E 474 -0.39 -18.13 40.28
N SER E 475 -0.90 -19.19 40.87
CA SER E 475 -2.32 -19.53 40.75
C SER E 475 -3.16 -19.03 41.90
N PHE E 476 -4.40 -19.48 41.92
CA PHE E 476 -5.36 -19.10 42.94
C PHE E 476 -4.81 -19.35 44.34
N GLU E 477 -3.99 -20.38 44.50
CA GLU E 477 -3.42 -20.72 45.80
C GLU E 477 -2.56 -19.57 46.30
N GLN E 478 -1.67 -19.12 45.43
CA GLN E 478 -0.79 -18.01 45.76
C GLN E 478 -1.57 -16.74 46.09
N LEU E 479 -2.67 -16.49 45.38
CA LEU E 479 -3.46 -15.29 45.67
C LEU E 479 -3.93 -15.32 47.11
N CYS E 480 -4.50 -16.44 47.51
CA CYS E 480 -4.98 -16.58 48.88
C CYS E 480 -3.84 -16.44 49.89
N ILE E 481 -2.74 -17.15 49.65
CA ILE E 481 -1.59 -17.11 50.55
C ILE E 481 -1.08 -15.69 50.73
N ASN E 482 -0.79 -15.01 49.61
CA ASN E 482 -0.30 -13.64 49.64
C ASN E 482 -1.34 -12.68 50.22
N TYR E 483 -2.61 -12.96 49.98
CA TYR E 483 -3.69 -12.13 50.51
C TYR E 483 -3.65 -12.17 52.03
N THR E 484 -3.45 -13.37 52.55
CA THR E 484 -3.38 -13.56 53.98
C THR E 484 -2.16 -12.84 54.52
N ASN E 485 -1.08 -12.84 53.77
CA ASN E 485 0.13 -12.17 54.22
C ASN E 485 -0.14 -10.67 54.29
N GLU E 486 -0.88 -10.16 53.32
CA GLU E 486 -1.23 -8.75 53.27
C GLU E 486 -2.11 -8.47 54.48
N LYS E 487 -3.03 -9.38 54.77
CA LYS E 487 -3.93 -9.22 55.89
C LYS E 487 -3.16 -9.18 57.21
N LEU E 488 -2.12 -10.00 57.32
CA LEU E 488 -1.33 -10.04 58.54
C LEU E 488 -0.49 -8.79 58.71
N GLN E 489 0.12 -8.32 57.62
CA GLN E 489 0.96 -7.12 57.71
C GLN E 489 0.08 -5.98 58.16
N GLN E 490 -1.14 -5.93 57.64
CA GLN E 490 -2.07 -4.89 57.99
C GLN E 490 -2.33 -4.96 59.49
N LEU E 491 -2.61 -6.16 60.01
CA LEU E 491 -2.86 -6.33 61.44
C LEU E 491 -1.73 -5.71 62.20
N PHE E 492 -0.52 -5.84 61.68
CA PHE E 492 0.64 -5.27 62.34
C PHE E 492 0.46 -3.75 62.32
N ASN E 493 0.39 -3.19 61.12
CA ASN E 493 0.19 -1.77 60.96
C ASN E 493 -0.87 -1.25 61.90
N HIS E 494 -2.03 -1.88 61.92
CA HIS E 494 -3.13 -1.44 62.77
C HIS E 494 -2.75 -1.35 64.23
N THR E 495 -2.31 -2.49 64.74
CA THR E 495 -1.88 -2.59 66.10
C THR E 495 -0.79 -1.56 66.38
N MET E 496 0.35 -1.74 65.74
CA MET E 496 1.50 -0.85 65.93
C MET E 496 1.22 0.64 65.88
N PHE E 497 0.49 1.07 64.86
CA PHE E 497 0.23 2.47 64.66
C PHE E 497 -1.15 3.01 65.01
N ILE E 498 -2.22 2.31 64.67
CA ILE E 498 -3.54 2.83 65.00
C ILE E 498 -3.87 2.58 66.46
N LEU E 499 -4.06 1.32 66.82
CA LEU E 499 -4.39 0.97 68.19
C LEU E 499 -3.48 1.68 69.21
N GLU E 500 -2.19 1.78 68.89
CA GLU E 500 -1.24 2.44 69.79
C GLU E 500 -1.78 3.81 70.17
N GLN E 501 -1.83 4.67 69.18
CA GLN E 501 -2.31 6.02 69.38
C GLN E 501 -3.73 6.08 69.97
N GLU E 502 -4.62 5.18 69.52
CA GLU E 502 -5.99 5.17 70.03
C GLU E 502 -6.00 5.09 71.55
N GLU E 503 -5.18 4.21 72.10
CA GLU E 503 -5.09 4.02 73.54
C GLU E 503 -4.56 5.29 74.21
N TYR E 504 -3.70 6.00 73.48
CA TYR E 504 -3.11 7.23 73.99
C TYR E 504 -4.27 8.17 74.32
N GLN E 505 -4.92 8.66 73.29
CA GLN E 505 -6.04 9.57 73.44
C GLN E 505 -7.10 9.03 74.42
N ARG E 506 -7.37 7.74 74.32
CA ARG E 506 -8.36 7.08 75.15
C ARG E 506 -8.00 7.16 76.64
N GLU E 507 -6.71 7.20 76.95
CA GLU E 507 -6.28 7.27 78.33
C GLU E 507 -5.99 8.73 78.72
N GLY E 508 -6.27 9.63 77.78
CA GLY E 508 -6.09 11.06 78.00
C GLY E 508 -4.67 11.62 77.97
N ILE E 509 -3.78 10.96 77.25
CA ILE E 509 -2.41 11.40 77.15
C ILE E 509 -2.29 12.58 76.20
N GLU E 510 -1.39 13.51 76.51
CA GLU E 510 -1.19 14.66 75.65
C GLU E 510 -0.53 14.07 74.41
N TRP E 511 -1.35 13.75 73.41
CA TRP E 511 -0.82 13.14 72.20
C TRP E 511 -1.45 13.59 70.90
N ASN E 512 -0.61 13.93 69.93
CA ASN E 512 -1.09 14.36 68.63
C ASN E 512 -0.81 13.25 67.63
N PHE E 513 -1.88 12.76 67.01
CA PHE E 513 -1.79 11.66 66.06
C PHE E 513 -0.73 11.76 64.99
N ILE E 514 -0.13 10.62 64.70
CA ILE E 514 0.90 10.55 63.68
C ILE E 514 0.51 9.57 62.59
N ASP E 515 0.27 10.09 61.40
CA ASP E 515 -0.08 9.22 60.31
C ASP E 515 1.25 8.63 59.88
N PHE E 516 1.48 7.36 60.17
CA PHE E 516 2.74 6.73 59.80
C PHE E 516 2.77 6.24 58.36
N GLY E 517 1.74 6.58 57.60
CA GLY E 517 1.67 6.19 56.20
C GLY E 517 1.89 4.72 55.91
N LEU E 518 1.05 3.87 56.51
CA LEU E 518 1.14 2.43 56.30
C LEU E 518 -0.28 1.86 56.38
N ASP E 519 -0.92 1.71 55.24
CA ASP E 519 -2.26 1.15 55.21
C ASP E 519 -2.41 0.28 53.98
N LEU E 520 -2.86 -0.96 54.20
CA LEU E 520 -3.04 -1.89 53.10
C LEU E 520 -4.50 -2.11 52.81
N GLN E 521 -5.36 -1.40 53.52
CA GLN E 521 -6.80 -1.54 53.31
C GLN E 521 -7.15 -1.67 51.83
N PRO E 522 -6.68 -0.73 50.99
CA PRO E 522 -6.97 -0.77 49.56
C PRO E 522 -6.86 -2.17 48.96
N CYS E 523 -5.63 -2.64 48.80
CA CYS E 523 -5.39 -3.97 48.25
C CYS E 523 -6.29 -5.03 48.91
N ILE E 524 -6.32 -5.02 50.24
CA ILE E 524 -7.15 -5.96 50.96
C ILE E 524 -8.60 -5.88 50.47
N GLU E 525 -9.14 -4.67 50.31
CA GLU E 525 -10.51 -4.52 49.82
C GLU E 525 -10.62 -4.98 48.38
N LEU E 526 -9.55 -4.76 47.60
CA LEU E 526 -9.53 -5.15 46.19
C LEU E 526 -9.66 -6.66 46.03
N ILE E 527 -9.58 -7.39 47.14
CA ILE E 527 -9.67 -8.83 47.11
C ILE E 527 -10.85 -9.39 47.87
N GLU E 528 -11.08 -8.88 49.08
CA GLU E 528 -12.15 -9.38 49.95
C GLU E 528 -13.40 -8.53 50.02
N ARG E 529 -13.52 -7.51 49.17
CA ARG E 529 -14.68 -6.64 49.18
C ARG E 529 -15.89 -7.45 48.72
N PRO E 530 -16.63 -8.04 49.66
CA PRO E 530 -17.80 -8.85 49.30
C PRO E 530 -18.82 -8.02 48.55
N THR E 531 -19.50 -7.17 49.32
CA THR E 531 -20.52 -6.28 48.79
C THR E 531 -19.89 -5.01 48.19
N ASN E 532 -20.74 -4.08 47.80
CA ASN E 532 -20.32 -2.81 47.22
C ASN E 532 -19.38 -3.07 46.03
N PRO E 533 -18.27 -2.32 45.94
CA PRO E 533 -17.34 -2.54 44.81
C PRO E 533 -16.87 -3.98 44.82
N PRO E 534 -17.26 -4.78 43.82
CA PRO E 534 -16.84 -6.18 43.75
C PRO E 534 -15.32 -6.32 43.74
N GLY E 535 -14.83 -7.32 44.47
CA GLY E 535 -13.39 -7.59 44.57
C GLY E 535 -13.02 -8.90 43.90
N VAL E 536 -11.71 -9.13 43.70
CA VAL E 536 -11.25 -10.35 43.02
C VAL E 536 -11.96 -11.61 43.48
N LEU E 537 -11.87 -11.92 44.76
CA LEU E 537 -12.51 -13.13 45.26
C LEU E 537 -14.01 -13.20 44.93
N ALA E 538 -14.75 -12.13 45.24
CA ALA E 538 -16.18 -12.11 44.97
C ALA E 538 -16.53 -12.08 43.50
N LEU E 539 -15.72 -11.41 42.70
CA LEU E 539 -15.97 -11.36 41.28
C LEU E 539 -15.93 -12.80 40.77
N LEU E 540 -14.99 -13.57 41.30
CA LEU E 540 -14.85 -14.98 40.92
C LEU E 540 -16.10 -15.75 41.35
N ASP E 541 -16.37 -15.75 42.64
CA ASP E 541 -17.53 -16.45 43.18
C ASP E 541 -18.71 -16.16 42.28
N GLU E 542 -18.74 -14.96 41.71
CA GLU E 542 -19.81 -14.56 40.81
C GLU E 542 -19.60 -15.28 39.49
N GLU E 543 -18.41 -15.12 38.92
CA GLU E 543 -18.04 -15.75 37.66
C GLU E 543 -18.59 -17.16 37.55
N CYS E 544 -18.33 -18.02 38.55
CA CYS E 544 -18.84 -19.39 38.50
C CYS E 544 -20.29 -19.41 38.92
N ALA E 549 -18.96 -19.39 30.73
CA ALA E 549 -18.08 -18.59 31.64
C ALA E 549 -16.64 -19.10 31.64
N THR E 550 -15.79 -18.52 30.80
CA THR E 550 -14.41 -18.96 30.75
C THR E 550 -13.62 -18.33 31.91
N ASP E 551 -12.49 -18.94 32.26
CA ASP E 551 -11.64 -18.41 33.33
C ASP E 551 -11.18 -17.05 32.84
N THR E 552 -10.95 -16.99 31.53
CA THR E 552 -10.52 -15.76 30.89
C THR E 552 -11.63 -14.72 30.99
N SER E 553 -12.87 -15.18 30.91
CA SER E 553 -14.01 -14.29 31.04
C SER E 553 -13.90 -13.67 32.42
N PHE E 554 -13.50 -14.47 33.41
CA PHE E 554 -13.36 -13.96 34.77
C PHE E 554 -12.42 -12.78 34.75
N VAL E 555 -11.23 -12.99 34.21
CA VAL E 555 -10.23 -11.93 34.14
C VAL E 555 -10.78 -10.66 33.50
N GLU E 556 -11.50 -10.83 32.39
CA GLU E 556 -12.08 -9.68 31.67
C GLU E 556 -12.96 -8.84 32.58
N LYS E 557 -13.83 -9.50 33.36
CA LYS E 557 -14.74 -8.79 34.27
C LYS E 557 -13.96 -8.19 35.44
N LEU E 558 -12.97 -8.93 35.92
CA LEU E 558 -12.15 -8.47 37.03
C LEU E 558 -11.54 -7.14 36.67
N ILE E 559 -11.12 -7.03 35.41
CA ILE E 559 -10.51 -5.80 34.92
C ILE E 559 -11.52 -4.67 34.91
N GLN E 560 -12.66 -4.92 34.30
CA GLN E 560 -13.71 -3.92 34.16
C GLN E 560 -14.18 -3.41 35.52
N GLU E 561 -14.06 -4.26 36.53
CA GLU E 561 -14.48 -3.93 37.88
C GLU E 561 -13.38 -3.22 38.67
N GLN E 562 -12.17 -3.77 38.59
CA GLN E 562 -11.00 -3.22 39.27
C GLN E 562 -10.20 -2.37 38.28
N GLY E 563 -9.51 -3.09 37.40
CA GLY E 563 -8.69 -2.47 36.37
C GLY E 563 -7.80 -1.35 36.86
N ASN E 564 -8.41 -0.19 37.07
CA ASN E 564 -7.72 1.02 37.51
C ASN E 564 -7.20 0.92 38.95
N HIS E 565 -8.04 0.35 39.83
CA HIS E 565 -7.69 0.22 41.24
C HIS E 565 -6.19 0.24 41.47
N ALA E 566 -5.76 1.24 42.22
CA ALA E 566 -4.37 1.47 42.56
C ALA E 566 -3.52 0.21 42.54
N LYS E 567 -3.90 -0.75 43.37
CA LYS E 567 -3.19 -2.02 43.54
C LYS E 567 -3.59 -3.09 42.53
N PHE E 568 -3.88 -2.66 41.30
CA PHE E 568 -4.28 -3.57 40.23
C PHE E 568 -3.52 -3.19 38.97
N GLN E 569 -3.38 -4.15 38.06
CA GLN E 569 -2.66 -3.91 36.81
C GLN E 569 -3.06 -4.96 35.78
N LYS E 570 -3.55 -4.52 34.62
CA LYS E 570 -3.88 -5.47 33.56
C LYS E 570 -2.51 -6.05 33.21
N SER E 571 -2.48 -7.27 32.68
CA SER E 571 -1.19 -7.86 32.33
C SER E 571 -0.73 -7.48 30.93
N LYS E 577 -3.05 -13.99 29.04
CA LYS E 577 -3.32 -15.45 29.28
C LYS E 577 -4.15 -15.63 30.56
N THR E 578 -5.15 -14.76 30.74
CA THR E 578 -6.00 -14.78 31.92
C THR E 578 -5.19 -14.30 33.11
N GLU E 579 -4.15 -13.53 32.83
CA GLU E 579 -3.28 -13.01 33.87
C GLU E 579 -3.61 -11.60 34.24
N PHE E 580 -3.32 -11.26 35.49
CA PHE E 580 -3.49 -9.92 36.02
C PHE E 580 -2.44 -9.70 37.12
N CYS E 581 -2.30 -8.47 37.58
CA CYS E 581 -1.32 -8.18 38.61
C CYS E 581 -1.93 -7.48 39.80
N ILE E 582 -1.51 -7.91 40.98
CA ILE E 582 -1.94 -7.29 42.22
C ILE E 582 -0.65 -6.77 42.86
N LEU E 583 -0.66 -5.52 43.29
CA LEU E 583 0.52 -4.94 43.91
C LEU E 583 0.46 -5.17 45.40
N HIS E 584 0.94 -6.32 45.83
CA HIS E 584 0.93 -6.67 47.25
C HIS E 584 2.00 -5.88 47.94
N TYR E 585 1.77 -5.62 49.21
CA TYR E 585 2.74 -4.87 50.00
C TYR E 585 4.14 -5.46 49.81
N ALA E 586 4.23 -6.78 49.79
CA ALA E 586 5.51 -7.45 49.63
C ALA E 586 6.00 -7.41 48.20
N GLY E 587 5.13 -7.05 47.26
CA GLY E 587 5.55 -7.00 45.88
C GLY E 587 4.46 -7.19 44.83
N LYS E 588 4.84 -7.06 43.55
CA LYS E 588 3.89 -7.21 42.47
C LYS E 588 3.85 -8.63 42.00
N VAL E 589 2.70 -9.26 42.21
CA VAL E 589 2.47 -10.64 41.81
C VAL E 589 1.54 -10.64 40.61
N THR E 590 1.95 -11.29 39.52
CA THR E 590 1.10 -11.34 38.34
C THR E 590 0.51 -12.74 38.32
N TYR E 591 -0.77 -12.80 38.68
CA TYR E 591 -1.50 -14.05 38.75
C TYR E 591 -1.96 -14.57 37.38
N ASN E 592 -2.32 -15.84 37.34
CA ASN E 592 -2.81 -16.52 36.15
C ASN E 592 -4.10 -17.23 36.54
N ALA E 593 -5.20 -16.65 36.13
CA ALA E 593 -6.55 -17.16 36.44
C ALA E 593 -6.92 -18.48 35.83
N SER E 594 -5.98 -19.14 35.17
CA SER E 594 -6.26 -20.44 34.55
C SER E 594 -6.80 -21.42 35.57
N ALA E 595 -7.97 -21.99 35.26
CA ALA E 595 -8.63 -22.98 36.12
C ALA E 595 -9.18 -22.42 37.43
N TRP E 596 -9.07 -21.12 37.62
CA TRP E 596 -9.56 -20.52 38.83
C TRP E 596 -11.03 -20.83 39.11
N LEU E 597 -11.86 -20.77 38.08
CA LEU E 597 -13.29 -21.03 38.23
C LEU E 597 -13.53 -22.43 38.82
N THR E 598 -12.78 -23.39 38.30
CA THR E 598 -12.86 -24.79 38.74
C THR E 598 -12.31 -24.92 40.16
N LYS E 599 -11.17 -24.26 40.38
CA LYS E 599 -10.50 -24.27 41.67
C LYS E 599 -11.37 -23.71 42.78
N ASN E 600 -12.13 -22.67 42.46
CA ASN E 600 -13.00 -22.03 43.45
C ASN E 600 -14.25 -22.86 43.72
N MET E 601 -14.64 -23.69 42.74
CA MET E 601 -15.82 -24.54 42.87
C MET E 601 -15.50 -25.86 43.54
N ASP E 602 -14.33 -26.41 43.20
CA ASP E 602 -13.88 -27.69 43.74
C ASP E 602 -14.93 -28.77 43.46
N PRO E 603 -15.18 -29.06 42.18
CA PRO E 603 -16.14 -30.07 41.74
C PRO E 603 -15.60 -31.49 41.80
N LEU E 604 -16.30 -32.33 42.55
CA LEU E 604 -15.94 -33.73 42.72
C LEU E 604 -16.93 -34.61 41.95
N ASN E 605 -16.58 -35.87 41.77
CA ASN E 605 -17.45 -36.80 41.06
C ASN E 605 -18.27 -37.59 42.06
N ASP E 606 -19.33 -36.95 42.55
CA ASP E 606 -20.25 -37.53 43.52
C ASP E 606 -20.45 -39.04 43.37
N ASN E 607 -20.38 -39.53 42.13
CA ASN E 607 -20.55 -40.96 41.87
C ASN E 607 -19.48 -41.71 42.63
N VAL E 608 -18.23 -41.60 42.16
CA VAL E 608 -17.11 -42.26 42.81
C VAL E 608 -17.09 -41.82 44.26
N THR E 609 -17.38 -40.54 44.47
CA THR E 609 -17.42 -39.98 45.82
C THR E 609 -18.27 -40.86 46.74
N SER E 610 -19.44 -41.26 46.26
CA SER E 610 -20.33 -42.09 47.07
C SER E 610 -19.73 -43.47 47.29
N LEU E 611 -19.19 -44.04 46.22
CA LEU E 611 -18.56 -45.34 46.29
C LEU E 611 -17.67 -45.38 47.52
N LEU E 612 -16.83 -44.36 47.65
CA LEU E 612 -15.91 -44.26 48.77
C LEU E 612 -16.69 -44.08 50.06
N ASN E 613 -17.74 -43.27 49.98
CA ASN E 613 -18.55 -43.03 51.17
C ASN E 613 -18.91 -44.35 51.84
N GLN E 614 -19.05 -45.40 51.04
CA GLN E 614 -19.38 -46.73 51.55
C GLN E 614 -18.29 -47.72 51.13
N SER E 615 -17.07 -47.40 51.48
CA SER E 615 -15.94 -48.26 51.15
C SER E 615 -15.88 -49.41 52.10
N SER E 616 -15.47 -50.57 51.60
CA SER E 616 -15.35 -51.74 52.45
C SER E 616 -14.36 -51.36 53.56
N ASP E 617 -13.56 -50.32 53.29
CA ASP E 617 -12.59 -49.83 54.24
C ASP E 617 -13.14 -48.72 55.09
N LYS E 618 -13.09 -48.91 56.40
CA LYS E 618 -13.60 -47.91 57.34
C LYS E 618 -12.89 -46.56 57.25
N PHE E 619 -11.57 -46.57 57.34
CA PHE E 619 -10.82 -45.32 57.26
C PHE E 619 -11.24 -44.54 56.03
N VAL E 620 -11.29 -45.23 54.89
CA VAL E 620 -11.69 -44.57 53.67
C VAL E 620 -13.05 -43.95 53.91
N ALA E 621 -13.98 -44.80 54.33
CA ALA E 621 -15.34 -44.37 54.61
C ALA E 621 -15.35 -43.15 55.54
N ASP E 622 -14.50 -43.21 56.55
CA ASP E 622 -14.41 -42.13 57.50
C ASP E 622 -14.04 -40.89 56.71
N LEU E 623 -12.90 -40.95 56.03
CA LEU E 623 -12.42 -39.85 55.22
C LEU E 623 -13.55 -39.24 54.42
N TRP E 624 -14.43 -40.09 53.92
CA TRP E 624 -15.53 -39.58 53.12
C TRP E 624 -16.92 -39.67 53.78
N LYS E 625 -16.99 -39.42 55.08
CA LYS E 625 -18.26 -39.45 55.78
C LYS E 625 -19.10 -38.20 55.43
N ARG E 656 -19.96 -21.04 50.49
CA ARG E 656 -20.07 -22.14 49.48
C ARG E 656 -18.76 -22.36 48.71
N THR E 657 -18.35 -21.39 47.91
CA THR E 657 -17.11 -21.54 47.15
C THR E 657 -15.87 -21.45 48.05
N VAL E 658 -14.77 -22.02 47.57
CA VAL E 658 -13.52 -22.01 48.32
C VAL E 658 -13.17 -20.63 48.82
N GLY E 659 -13.10 -19.68 47.89
CA GLY E 659 -12.78 -18.31 48.27
C GLY E 659 -13.61 -17.92 49.46
N GLN E 660 -14.93 -18.07 49.34
CA GLN E 660 -15.85 -17.72 50.42
C GLN E 660 -15.50 -18.39 51.73
N LEU E 661 -15.29 -19.70 51.67
CA LEU E 661 -14.96 -20.46 52.85
C LEU E 661 -13.74 -19.93 53.55
N TYR E 662 -12.73 -19.54 52.77
CA TYR E 662 -11.51 -19.00 53.35
C TYR E 662 -11.79 -17.70 54.08
N LYS E 663 -12.41 -16.76 53.38
CA LYS E 663 -12.76 -15.46 53.96
C LYS E 663 -13.29 -15.69 55.37
N GLU E 664 -14.25 -16.60 55.51
CA GLU E 664 -14.86 -16.92 56.79
C GLU E 664 -13.78 -17.31 57.80
N GLN E 665 -13.04 -18.37 57.49
CA GLN E 665 -11.99 -18.86 58.36
C GLN E 665 -11.01 -17.76 58.74
N LEU E 666 -10.60 -16.99 57.76
CA LEU E 666 -9.65 -15.91 57.98
C LEU E 666 -10.21 -14.91 58.98
N THR E 667 -11.43 -14.45 58.73
CA THR E 667 -12.07 -13.49 59.61
C THR E 667 -12.19 -14.04 61.02
N LYS E 668 -12.58 -15.32 61.15
CA LYS E 668 -12.72 -15.91 62.47
C LYS E 668 -11.36 -15.81 63.19
N LEU E 669 -10.29 -15.97 62.41
CA LEU E 669 -8.93 -15.92 62.95
C LEU E 669 -8.61 -14.50 63.36
N MET E 670 -8.64 -13.60 62.40
CA MET E 670 -8.34 -12.20 62.68
C MET E 670 -9.04 -11.76 63.97
N THR E 671 -10.30 -12.16 64.11
CA THR E 671 -11.08 -11.83 65.30
C THR E 671 -10.45 -12.41 66.56
N THR E 672 -10.20 -13.71 66.56
CA THR E 672 -9.56 -14.36 67.70
C THR E 672 -8.30 -13.57 68.04
N LEU E 673 -7.51 -13.26 67.02
CA LEU E 673 -6.29 -12.51 67.17
C LEU E 673 -6.61 -11.13 67.74
N ARG E 674 -7.72 -10.55 67.29
CA ARG E 674 -8.13 -9.24 67.76
C ARG E 674 -8.36 -9.23 69.28
N ASN E 675 -8.74 -10.39 69.81
CA ASN E 675 -9.01 -10.54 71.24
C ASN E 675 -7.85 -11.11 72.02
N THR E 676 -6.64 -10.86 71.55
CA THR E 676 -5.42 -11.33 72.19
C THR E 676 -4.31 -10.29 72.05
N ASN E 677 -3.38 -10.29 73.00
CA ASN E 677 -2.26 -9.35 72.95
C ASN E 677 -1.26 -9.93 71.94
N PRO E 678 -1.10 -9.27 70.76
CA PRO E 678 -0.17 -9.75 69.73
C PRO E 678 1.27 -9.47 70.00
N ASN E 679 2.11 -10.36 69.51
CA ASN E 679 3.55 -10.26 69.66
C ASN E 679 4.08 -10.68 68.31
N PHE E 680 4.47 -9.69 67.51
CA PHE E 680 4.97 -9.95 66.18
C PHE E 680 6.46 -10.29 66.20
N VAL E 681 6.84 -11.29 65.42
CA VAL E 681 8.22 -11.67 65.28
C VAL E 681 8.36 -11.51 63.78
N ARG E 682 9.19 -10.58 63.36
CA ARG E 682 9.34 -10.32 61.94
C ARG E 682 10.53 -11.06 61.38
N CYS E 683 10.24 -12.07 60.57
CA CYS E 683 11.28 -12.88 59.98
C CYS E 683 11.77 -12.36 58.65
N ILE E 684 13.06 -12.04 58.61
CA ILE E 684 13.70 -11.54 57.42
C ILE E 684 14.45 -12.68 56.75
N ILE E 685 14.36 -12.73 55.43
CA ILE E 685 15.06 -13.73 54.64
C ILE E 685 16.30 -12.94 54.22
N PRO E 686 17.51 -13.50 54.42
CA PRO E 686 18.76 -12.81 54.07
C PRO E 686 19.08 -12.75 52.59
N ASN E 687 18.90 -13.86 51.89
CA ASN E 687 19.19 -13.92 50.48
C ASN E 687 18.18 -14.83 49.83
N HIS E 688 18.28 -14.98 48.53
CA HIS E 688 17.34 -15.85 47.84
C HIS E 688 18.01 -17.13 47.35
N GLU E 689 19.24 -17.37 47.82
CA GLU E 689 20.00 -18.55 47.42
C GLU E 689 20.06 -19.59 48.53
N LYS E 690 19.09 -19.53 49.43
CA LYS E 690 19.03 -20.47 50.55
C LYS E 690 20.46 -20.62 51.11
N ARG E 691 21.20 -19.52 51.00
CA ARG E 691 22.58 -19.46 51.45
C ARG E 691 22.79 -18.83 52.80
N ALA E 692 23.66 -19.46 53.58
CA ALA E 692 23.97 -19.00 54.92
C ALA E 692 25.13 -18.05 54.84
N GLY E 693 25.05 -16.96 55.61
CA GLY E 693 26.15 -16.02 55.59
C GLY E 693 26.13 -15.04 54.45
N LYS E 694 25.05 -14.99 53.70
CA LYS E 694 24.96 -14.06 52.60
C LYS E 694 23.79 -13.13 52.87
N LEU E 695 24.08 -11.95 53.41
CA LEU E 695 23.03 -11.00 53.69
C LEU E 695 22.89 -10.01 52.52
N ASP E 696 21.79 -10.14 51.78
CA ASP E 696 21.49 -9.30 50.62
C ASP E 696 20.94 -7.94 51.09
N ALA E 697 21.85 -7.00 51.32
CA ALA E 697 21.55 -5.67 51.79
C ALA E 697 20.24 -5.09 51.26
N HIS E 698 19.97 -5.25 49.98
CA HIS E 698 18.74 -4.70 49.43
C HIS E 698 17.49 -5.55 49.66
N LEU E 699 17.66 -6.87 49.63
CA LEU E 699 16.52 -7.75 49.87
C LEU E 699 16.10 -7.49 51.30
N VAL E 700 17.09 -7.26 52.16
CA VAL E 700 16.81 -6.99 53.56
C VAL E 700 16.12 -5.63 53.68
N LEU E 701 16.70 -4.62 53.06
CA LEU E 701 16.10 -3.30 53.14
C LEU E 701 14.65 -3.32 52.66
N GLU E 702 14.40 -3.97 51.54
CA GLU E 702 13.06 -4.02 51.03
C GLU E 702 12.11 -4.66 52.04
N GLN E 703 12.56 -5.74 52.67
CA GLN E 703 11.72 -6.42 53.66
C GLN E 703 11.48 -5.49 54.82
N LEU E 704 12.54 -4.86 55.30
CA LEU E 704 12.40 -3.92 56.40
C LEU E 704 11.38 -2.84 56.05
N ARG E 705 11.26 -2.55 54.77
CA ARG E 705 10.33 -1.52 54.31
C ARG E 705 8.85 -1.91 54.40
N CYS E 706 8.44 -2.96 53.71
CA CYS E 706 7.04 -3.36 53.73
C CYS E 706 6.55 -3.94 55.05
N ASN E 707 7.49 -4.20 55.97
CA ASN E 707 7.10 -4.75 57.26
C ASN E 707 6.87 -3.63 58.25
N GLY E 708 7.21 -2.42 57.83
CA GLY E 708 7.04 -1.25 58.67
C GLY E 708 7.97 -1.24 59.86
N VAL E 709 9.02 -2.05 59.79
CA VAL E 709 9.99 -2.13 60.89
C VAL E 709 10.47 -0.78 61.39
N LEU E 710 10.83 0.13 60.48
CA LEU E 710 11.31 1.44 60.91
C LEU E 710 10.21 2.28 61.52
N GLU E 711 9.01 2.25 60.93
CA GLU E 711 7.89 3.02 61.45
C GLU E 711 7.52 2.38 62.78
N GLY E 712 7.73 1.07 62.87
CA GLY E 712 7.40 0.37 64.08
C GLY E 712 8.33 0.75 65.21
N ILE E 713 9.51 1.23 64.83
CA ILE E 713 10.47 1.63 65.84
C ILE E 713 10.29 3.09 66.15
N ARG E 714 9.85 3.89 65.16
CA ARG E 714 9.65 5.32 65.36
C ARG E 714 8.57 5.53 66.40
N ILE E 715 7.41 4.92 66.18
CA ILE E 715 6.32 5.05 67.11
C ILE E 715 6.72 4.59 68.51
N CYS E 716 7.59 3.58 68.61
CA CYS E 716 8.03 3.08 69.93
C CYS E 716 8.91 4.09 70.59
N ARG E 717 9.39 5.03 69.77
CA ARG E 717 10.25 6.10 70.24
C ARG E 717 9.43 7.37 70.47
N GLN E 718 8.78 7.84 69.41
CA GLN E 718 7.96 9.04 69.47
C GLN E 718 6.81 8.93 70.46
N GLY E 719 6.45 7.72 70.84
CA GLY E 719 5.36 7.54 71.78
C GLY E 719 5.79 6.97 73.11
N PHE E 720 4.89 6.26 73.77
CA PHE E 720 5.17 5.66 75.08
C PHE E 720 4.71 4.20 75.02
N PRO E 721 5.62 3.28 74.65
CA PRO E 721 5.37 1.85 74.53
C PRO E 721 4.93 1.13 75.82
N ASN E 722 5.72 1.28 76.87
CA ASN E 722 5.38 0.65 78.13
C ASN E 722 4.32 1.51 78.78
N ARG E 723 3.55 0.92 79.66
CA ARG E 723 2.49 1.62 80.37
C ARG E 723 1.92 0.72 81.47
N ILE E 724 2.10 1.11 82.73
CA ILE E 724 1.58 0.28 83.80
C ILE E 724 0.57 1.04 84.64
N VAL E 725 -0.33 0.30 85.27
CA VAL E 725 -1.35 0.91 86.11
C VAL E 725 -0.76 1.40 87.42
N PHE E 726 -1.30 2.51 87.88
CA PHE E 726 -0.82 3.14 89.09
C PHE E 726 -0.36 2.16 90.16
N GLN E 727 -1.30 1.40 90.71
CA GLN E 727 -0.96 0.44 91.75
C GLN E 727 0.29 -0.37 91.46
N GLU E 728 0.31 -1.01 90.29
CA GLU E 728 1.45 -1.82 89.89
C GLU E 728 2.75 -1.01 89.92
N PHE E 729 2.71 0.21 89.41
CA PHE E 729 3.90 1.04 89.42
C PHE E 729 4.29 1.26 90.87
N ARG E 730 3.28 1.54 91.68
CA ARG E 730 3.46 1.79 93.10
C ARG E 730 4.13 0.62 93.82
N GLN E 731 3.59 -0.59 93.65
CA GLN E 731 4.15 -1.75 94.33
C GLN E 731 5.52 -2.19 93.79
N ARG E 732 5.65 -2.25 92.47
CA ARG E 732 6.91 -2.66 91.85
C ARG E 732 8.08 -1.74 92.22
N TYR E 733 7.85 -0.42 92.16
CA TYR E 733 8.92 0.53 92.45
C TYR E 733 8.83 1.45 93.66
N GLU E 734 7.92 1.16 94.58
CA GLU E 734 7.82 2.01 95.77
C GLU E 734 9.14 1.91 96.54
N ILE E 735 9.80 0.74 96.43
CA ILE E 735 11.07 0.49 97.10
C ILE E 735 12.15 1.47 96.63
N LEU E 736 12.04 1.94 95.38
CA LEU E 736 13.00 2.88 94.82
C LEU E 736 12.78 4.28 95.39
N ALA E 737 11.63 4.46 96.03
CA ALA E 737 11.25 5.72 96.69
C ALA E 737 10.34 5.39 97.86
N ALA E 738 10.91 4.69 98.84
CA ALA E 738 10.21 4.25 100.06
C ALA E 738 9.53 5.40 100.79
N ASN E 739 10.25 6.51 100.91
CA ASN E 739 9.76 7.71 101.58
C ASN E 739 9.03 8.61 100.58
N ALA E 740 8.47 7.99 99.56
CA ALA E 740 7.76 8.69 98.49
C ALA E 740 6.29 8.93 98.80
N ILE E 741 5.60 7.87 99.16
CA ILE E 741 4.17 7.94 99.45
C ILE E 741 3.90 8.13 100.93
N PRO E 742 2.76 8.77 101.25
CA PRO E 742 2.38 8.99 102.65
C PRO E 742 2.16 7.65 103.33
N LYS E 743 2.49 7.61 104.63
CA LYS E 743 2.30 6.42 105.44
C LYS E 743 0.81 6.27 105.73
N GLY E 744 0.17 5.39 104.96
CA GLY E 744 -1.24 5.14 105.08
C GLY E 744 -1.87 5.02 103.70
N PHE E 745 -3.07 5.57 103.57
CA PHE E 745 -3.80 5.53 102.30
C PHE E 745 -3.32 6.62 101.34
N MET E 746 -2.85 6.17 100.17
CA MET E 746 -2.38 7.03 99.10
C MET E 746 -2.90 6.47 97.76
N ASP E 747 -3.85 7.20 97.18
CA ASP E 747 -4.46 6.81 95.91
C ASP E 747 -3.37 6.48 94.89
N GLY E 748 -3.65 5.46 94.07
CA GLY E 748 -2.72 5.02 93.05
C GLY E 748 -2.07 6.16 92.27
N LYS E 749 -2.91 7.04 91.73
CA LYS E 749 -2.46 8.18 90.95
C LYS E 749 -1.54 9.15 91.71
N GLN E 750 -2.04 9.71 92.80
CA GLN E 750 -1.27 10.62 93.63
C GLN E 750 -0.02 9.94 94.18
N ALA E 751 -0.12 8.63 94.41
CA ALA E 751 1.02 7.88 94.93
C ALA E 751 2.10 7.81 93.86
N CYS E 752 1.68 7.49 92.65
CA CYS E 752 2.60 7.39 91.53
C CYS E 752 3.24 8.75 91.32
N ILE E 753 2.38 9.75 91.16
CA ILE E 753 2.81 11.11 90.96
C ILE E 753 3.90 11.49 91.98
N LEU E 754 3.71 11.02 93.22
CA LEU E 754 4.66 11.30 94.28
C LEU E 754 5.99 10.62 93.98
N MET E 755 5.93 9.29 93.84
CA MET E 755 7.11 8.48 93.55
C MET E 755 7.92 8.99 92.36
N ILE E 756 7.22 9.26 91.26
CA ILE E 756 7.88 9.76 90.07
C ILE E 756 8.69 10.98 90.49
N LYS E 757 8.03 11.91 91.18
CA LYS E 757 8.70 13.12 91.64
C LYS E 757 9.90 12.69 92.47
N ALA E 758 9.67 11.74 93.38
CA ALA E 758 10.73 11.23 94.22
C ALA E 758 11.88 10.68 93.37
N LEU E 759 11.54 10.10 92.21
CA LEU E 759 12.54 9.51 91.33
C LEU E 759 13.21 10.55 90.46
N GLU E 760 12.64 11.75 90.45
CA GLU E 760 13.18 12.84 89.64
C GLU E 760 13.13 12.44 88.18
N LEU E 761 12.00 11.85 87.78
CA LEU E 761 11.80 11.41 86.40
C LEU E 761 11.57 12.58 85.46
N ASP E 762 12.36 12.64 84.39
CA ASP E 762 12.17 13.72 83.44
C ASP E 762 10.78 13.57 82.86
N PRO E 763 9.97 14.63 82.96
CA PRO E 763 8.60 14.68 82.46
C PRO E 763 8.46 14.19 81.02
N ASN E 764 9.54 14.23 80.26
CA ASN E 764 9.47 13.78 78.88
C ASN E 764 9.36 12.25 78.86
N LEU E 765 9.91 11.64 79.89
CA LEU E 765 9.93 10.19 80.02
C LEU E 765 8.60 9.52 80.27
N TYR E 766 7.56 10.29 80.57
CA TYR E 766 6.29 9.63 80.86
C TYR E 766 5.07 10.51 80.66
N ARG E 767 3.92 9.93 80.94
CA ARG E 767 2.64 10.61 80.85
C ARG E 767 1.73 9.90 81.83
N ILE E 768 0.91 10.66 82.55
CA ILE E 768 0.01 10.08 83.50
C ILE E 768 -1.33 10.05 82.80
N GLY E 769 -1.81 8.86 82.47
CA GLY E 769 -3.09 8.74 81.83
C GLY E 769 -4.16 8.51 82.89
N GLN E 770 -5.38 8.22 82.45
CA GLN E 770 -6.49 7.98 83.37
C GLN E 770 -6.19 6.91 84.42
N SER E 771 -5.83 5.72 83.96
CA SER E 771 -5.57 4.58 84.82
C SER E 771 -4.14 4.08 84.87
N LYS E 772 -3.27 4.66 84.06
CA LYS E 772 -1.88 4.19 84.07
C LYS E 772 -0.91 5.24 83.59
N ILE E 773 0.37 5.05 83.92
CA ILE E 773 1.41 5.97 83.49
C ILE E 773 2.04 5.37 82.25
N PHE E 774 2.21 6.17 81.21
CA PHE E 774 2.85 5.68 79.99
C PHE E 774 4.32 6.06 80.06
N PHE E 775 5.21 5.10 79.80
CA PHE E 775 6.62 5.37 79.86
C PHE E 775 7.29 5.29 78.51
N ARG E 776 8.37 6.02 78.36
CA ARG E 776 9.10 6.00 77.10
C ARG E 776 9.81 4.66 77.08
N THR E 777 10.28 4.29 75.90
CA THR E 777 10.98 3.03 75.72
C THR E 777 12.14 2.91 76.70
N GLY E 778 12.28 1.73 77.28
CA GLY E 778 13.37 1.48 78.19
C GLY E 778 13.41 2.27 79.48
N VAL E 779 12.31 2.92 79.88
CA VAL E 779 12.32 3.67 81.14
C VAL E 779 12.10 2.70 82.29
N LEU E 780 11.03 1.93 82.22
CA LEU E 780 10.76 0.95 83.27
C LEU E 780 11.92 -0.01 83.34
N ALA E 781 12.54 -0.26 82.18
CA ALA E 781 13.69 -1.15 82.13
C ALA E 781 14.68 -0.67 83.18
N HIS E 782 15.19 0.55 83.00
CA HIS E 782 16.16 1.13 83.92
C HIS E 782 15.63 1.09 85.36
N LEU E 783 14.33 1.33 85.50
CA LEU E 783 13.72 1.31 86.82
C LEU E 783 13.90 -0.08 87.41
N GLU E 784 13.71 -1.09 86.56
CA GLU E 784 13.87 -2.47 87.01
C GLU E 784 15.30 -2.73 87.41
N GLU E 785 16.24 -2.43 86.52
CA GLU E 785 17.66 -2.63 86.79
C GLU E 785 18.06 -1.98 88.11
N GLU E 786 17.57 -0.76 88.33
CA GLU E 786 17.88 -0.02 89.54
C GLU E 786 17.25 -0.75 90.72
N ARG E 787 16.07 -1.31 90.47
CA ARG E 787 15.32 -2.03 91.48
C ARG E 787 16.09 -3.23 92.07
N ASP E 788 17.03 -3.79 91.31
CA ASP E 788 17.82 -4.95 91.77
C ASP E 788 19.24 -4.59 92.21
N LEU F 33 6.03 3.69 19.01
CA LEU F 33 4.90 4.69 19.00
C LEU F 33 5.30 6.06 18.47
N VAL F 34 4.45 6.63 17.63
CA VAL F 34 4.81 7.91 17.04
C VAL F 34 3.63 8.78 16.60
N TRP F 35 3.93 9.94 16.05
CA TRP F 35 2.88 10.85 15.59
C TRP F 35 2.86 10.87 14.06
N VAL F 36 1.74 10.49 13.48
CA VAL F 36 1.63 10.52 12.04
C VAL F 36 0.47 11.44 11.74
N PRO F 37 0.55 12.18 10.61
CA PRO F 37 -0.53 13.10 10.25
C PRO F 37 -1.90 12.43 10.14
N SER F 38 -2.96 13.22 10.26
CA SER F 38 -4.33 12.72 10.17
C SER F 38 -5.31 13.81 9.75
N GLU F 39 -6.45 13.41 9.20
CA GLU F 39 -7.49 14.34 8.74
C GLU F 39 -8.39 14.77 9.90
N LYS F 40 -8.92 13.78 10.62
CA LYS F 40 -9.79 14.05 11.75
C LYS F 40 -9.08 14.89 12.80
N HIS F 41 -7.84 14.50 13.09
CA HIS F 41 -7.02 15.21 14.07
C HIS F 41 -5.71 15.51 13.40
N GLY F 42 -5.16 16.69 13.65
CA GLY F 42 -3.92 17.06 13.00
C GLY F 42 -2.96 15.90 12.90
N PHE F 43 -2.81 15.16 14.00
CA PHE F 43 -1.92 14.02 14.06
C PHE F 43 -2.55 12.89 14.83
N GLU F 44 -2.01 11.69 14.62
CA GLU F 44 -2.49 10.48 15.24
C GLU F 44 -1.33 9.64 15.74
N ALA F 45 -1.58 8.90 16.81
CA ALA F 45 -0.56 8.04 17.39
C ALA F 45 -0.53 6.77 16.56
N ALA F 46 0.68 6.38 16.14
CA ALA F 46 0.86 5.19 15.34
C ALA F 46 2.22 4.60 15.66
N SER F 47 2.28 3.28 15.76
CA SER F 47 3.55 2.62 16.03
C SER F 47 4.24 2.32 14.72
N ILE F 48 5.55 2.52 14.67
CA ILE F 48 6.33 2.25 13.47
C ILE F 48 6.24 0.76 13.15
N GLU F 55 10.87 6.27 3.80
CA GLU F 55 9.43 5.98 4.11
C GLU F 55 9.28 5.03 5.29
N VAL F 56 8.13 5.12 5.97
CA VAL F 56 7.85 4.29 7.12
C VAL F 56 6.45 3.71 7.05
N THR F 57 6.29 2.51 7.58
CA THR F 57 4.98 1.88 7.58
C THR F 57 4.58 1.61 9.02
N VAL F 58 3.59 2.38 9.49
CA VAL F 58 3.11 2.28 10.84
C VAL F 58 1.70 1.72 10.85
N GLU F 59 1.11 1.65 12.04
CA GLU F 59 -0.25 1.16 12.19
C GLU F 59 -0.96 2.06 13.20
N LEU F 60 -1.95 2.81 12.73
CA LEU F 60 -2.70 3.71 13.60
C LEU F 60 -3.33 2.97 14.79
N GLN F 61 -3.26 3.58 15.97
CA GLN F 61 -3.82 2.98 17.16
C GLN F 61 -5.34 3.09 17.23
N GLU F 62 -5.89 4.10 16.55
CA GLU F 62 -7.34 4.29 16.55
C GLU F 62 -7.97 3.34 15.52
N ASN F 63 -7.81 3.71 14.25
CA ASN F 63 -8.34 2.92 13.15
C ASN F 63 -7.72 1.54 13.20
N GLY F 64 -6.43 1.50 13.50
CA GLY F 64 -5.72 0.24 13.55
C GLY F 64 -5.11 0.08 12.17
N LYS F 65 -5.79 0.71 11.21
CA LYS F 65 -5.37 0.67 9.82
C LYS F 65 -3.88 0.91 9.64
N LYS F 66 -3.19 -0.10 9.13
CA LYS F 66 -1.76 0.04 8.89
C LYS F 66 -1.59 0.96 7.70
N VAL F 67 -0.71 1.95 7.84
CA VAL F 67 -0.46 2.91 6.76
C VAL F 67 1.04 2.96 6.46
N THR F 68 1.37 3.50 5.29
CA THR F 68 2.77 3.61 4.88
C THR F 68 3.03 5.05 4.46
N LEU F 69 3.65 5.82 5.34
CA LEU F 69 3.93 7.22 5.03
C LEU F 69 5.40 7.56 5.06
N SER F 70 5.73 8.66 4.41
CA SER F 70 7.12 9.11 4.34
C SER F 70 7.71 9.21 5.73
N LYS F 71 9.03 9.35 5.80
CA LYS F 71 9.70 9.45 7.09
C LYS F 71 9.41 10.83 7.61
N ASP F 72 9.64 11.82 6.76
CA ASP F 72 9.43 13.23 7.10
C ASP F 72 8.02 13.55 7.61
N ASP F 73 7.09 12.62 7.47
CA ASP F 73 5.71 12.84 7.93
C ASP F 73 5.57 12.46 9.39
N ILE F 74 6.50 11.65 9.87
CA ILE F 74 6.48 11.19 11.24
C ILE F 74 7.11 12.19 12.21
N GLN F 75 6.52 12.28 13.39
CA GLN F 75 6.99 13.17 14.42
C GLN F 75 6.98 12.36 15.71
N LYS F 76 8.06 12.48 16.48
CA LYS F 76 8.20 11.73 17.71
C LYS F 76 7.24 12.13 18.82
N MET F 77 6.72 11.11 19.51
CA MET F 77 5.82 11.28 20.63
C MET F 77 6.71 11.56 21.83
N ASN F 78 6.13 11.91 22.96
CA ASN F 78 6.90 12.19 24.17
C ASN F 78 6.47 11.20 25.24
N PRO F 79 7.32 10.96 26.26
CA PRO F 79 6.94 10.01 27.32
C PRO F 79 5.69 10.46 28.06
N PRO F 80 4.95 9.52 28.65
CA PRO F 80 3.73 9.87 29.39
C PRO F 80 3.96 10.89 30.49
N LYS F 81 5.22 11.02 30.91
CA LYS F 81 5.57 11.95 31.96
C LYS F 81 5.23 13.38 31.57
N PHE F 82 5.06 13.61 30.29
CA PHE F 82 4.75 14.95 29.80
C PHE F 82 3.27 15.18 29.57
N SER F 83 2.42 14.42 30.24
CA SER F 83 0.98 14.63 30.05
C SER F 83 0.63 16.03 30.54
N LYS F 84 0.17 16.87 29.61
CA LYS F 84 -0.21 18.25 29.94
C LYS F 84 0.87 19.10 30.61
N VAL F 85 2.05 19.21 30.00
CA VAL F 85 3.10 20.03 30.58
C VAL F 85 2.59 21.47 30.58
N GLU F 86 2.88 22.20 31.65
CA GLU F 86 2.45 23.60 31.76
C GLU F 86 3.30 24.51 30.87
N ASP F 87 4.53 24.10 30.63
CA ASP F 87 5.42 24.85 29.77
C ASP F 87 5.99 23.91 28.73
N MET F 88 5.53 24.08 27.49
CA MET F 88 5.96 23.22 26.41
C MET F 88 7.43 23.35 26.02
N ALA F 89 8.14 24.31 26.62
CA ALA F 89 9.56 24.45 26.33
C ALA F 89 10.20 23.23 27.01
N GLU F 90 9.51 22.73 28.03
CA GLU F 90 9.97 21.58 28.78
C GLU F 90 10.01 20.29 27.96
N LEU F 91 9.02 20.14 27.09
CA LEU F 91 8.91 18.95 26.25
C LEU F 91 10.24 18.42 25.74
N THR F 92 10.40 17.11 25.83
CA THR F 92 11.60 16.44 25.36
C THR F 92 11.61 16.56 23.85
N CYS F 93 10.44 16.40 23.26
CA CYS F 93 10.29 16.51 21.82
C CYS F 93 9.35 17.66 21.54
N LEU F 94 9.80 18.60 20.72
CA LEU F 94 8.97 19.75 20.38
C LEU F 94 8.63 19.75 18.91
N ASN F 95 7.40 19.36 18.59
CA ASN F 95 6.94 19.33 17.22
C ASN F 95 5.44 19.61 17.20
N GLU F 96 4.94 20.07 16.05
CA GLU F 96 3.51 20.40 15.91
C GLU F 96 2.67 19.36 16.62
N ALA F 97 2.90 18.10 16.28
CA ALA F 97 2.17 16.99 16.85
C ALA F 97 2.15 16.96 18.39
N SER F 98 3.29 17.26 19.02
CA SER F 98 3.39 17.22 20.47
C SER F 98 2.73 18.41 21.13
N VAL F 99 2.87 19.57 20.50
CA VAL F 99 2.29 20.79 21.02
C VAL F 99 0.79 20.65 20.89
N LEU F 100 0.32 20.35 19.69
CA LEU F 100 -1.11 20.19 19.51
C LEU F 100 -1.64 19.22 20.56
N HIS F 101 -0.92 18.12 20.75
CA HIS F 101 -1.39 17.14 21.71
C HIS F 101 -1.45 17.68 23.12
N ASN F 102 -0.36 18.30 23.54
CA ASN F 102 -0.28 18.85 24.87
C ASN F 102 -1.39 19.83 25.15
N LEU F 103 -1.74 20.60 24.12
CA LEU F 103 -2.80 21.59 24.24
C LEU F 103 -4.15 20.88 24.29
N ARG F 104 -4.40 19.99 23.33
CA ARG F 104 -5.66 19.26 23.27
C ARG F 104 -5.98 18.62 24.61
N GLU F 105 -4.99 17.95 25.20
CA GLU F 105 -5.18 17.29 26.48
C GLU F 105 -5.58 18.26 27.58
N ARG F 106 -4.73 19.25 27.85
CA ARG F 106 -5.02 20.22 28.89
C ARG F 106 -6.39 20.83 28.64
N TYR F 107 -6.69 21.07 27.38
CA TYR F 107 -7.96 21.68 27.02
C TYR F 107 -9.12 20.88 27.56
N PHE F 108 -9.27 19.68 27.07
CA PHE F 108 -10.35 18.81 27.50
C PHE F 108 -10.22 18.47 28.98
N SER F 109 -9.11 18.87 29.58
CA SER F 109 -8.88 18.64 31.00
C SER F 109 -9.29 19.90 31.75
N GLY F 110 -9.77 20.88 30.98
CA GLY F 110 -10.21 22.13 31.57
C GLY F 110 -9.15 23.19 31.69
N LEU F 111 -7.91 22.85 31.34
CA LEU F 111 -6.82 23.81 31.42
C LEU F 111 -6.68 24.50 30.09
N ILE F 112 -6.96 25.80 30.06
CA ILE F 112 -6.87 26.56 28.81
C ILE F 112 -5.63 27.41 28.66
N TYR F 113 -4.86 27.55 29.74
CA TYR F 113 -3.64 28.35 29.69
C TYR F 113 -2.41 27.45 29.68
N THR F 114 -1.51 27.65 28.74
CA THR F 114 -0.31 26.82 28.69
C THR F 114 0.86 27.68 28.30
N TYR F 115 1.85 27.79 29.17
CA TYR F 115 3.01 28.60 28.87
C TYR F 115 3.74 27.89 27.76
N SER F 116 4.20 28.66 26.78
CA SER F 116 4.94 28.09 25.65
C SER F 116 6.18 28.96 25.46
N GLY F 117 7.23 28.61 26.19
CA GLY F 117 8.45 29.36 26.11
C GLY F 117 8.22 30.60 26.93
N LEU F 118 8.54 31.76 26.36
CA LEU F 118 8.34 32.99 27.08
C LEU F 118 6.85 33.31 27.08
N PHE F 119 6.26 33.38 25.88
CA PHE F 119 4.86 33.71 25.76
C PHE F 119 3.95 32.63 26.31
N CYS F 120 2.65 32.87 26.18
CA CYS F 120 1.60 31.97 26.67
C CYS F 120 0.51 31.75 25.64
N VAL F 121 -0.14 30.60 25.70
CA VAL F 121 -1.21 30.26 24.74
C VAL F 121 -2.48 30.02 25.53
N VAL F 122 -3.62 30.43 24.96
CA VAL F 122 -4.93 30.27 25.59
C VAL F 122 -5.95 29.82 24.55
N ILE F 123 -6.70 28.77 24.83
CA ILE F 123 -7.69 28.30 23.88
C ILE F 123 -9.09 28.62 24.44
N ASN F 124 -9.90 29.27 23.63
CA ASN F 124 -11.23 29.64 24.05
C ASN F 124 -12.04 28.47 24.58
N PRO F 125 -12.45 28.52 25.87
CA PRO F 125 -13.25 27.40 26.40
C PRO F 125 -14.68 27.48 25.88
N TYR F 126 -15.12 28.69 25.54
CA TYR F 126 -16.46 28.91 25.05
C TYR F 126 -17.46 28.41 26.09
N LYS F 127 -16.99 28.33 27.34
CA LYS F 127 -17.82 27.90 28.44
C LYS F 127 -17.22 28.48 29.71
N GLN F 128 -18.07 28.63 30.72
CA GLN F 128 -17.63 29.18 31.98
C GLN F 128 -16.76 28.16 32.71
N LEU F 129 -15.65 28.63 33.26
CA LEU F 129 -14.75 27.76 34.00
C LEU F 129 -14.49 28.36 35.37
N PRO F 130 -14.47 27.53 36.41
CA PRO F 130 -14.24 27.98 37.78
C PRO F 130 -12.79 28.33 38.02
N ILE F 131 -12.29 29.34 37.31
CA ILE F 131 -10.89 29.72 37.46
C ILE F 131 -10.62 31.20 37.57
N TYR F 132 -11.66 32.02 37.67
CA TYR F 132 -11.43 33.46 37.74
C TYR F 132 -11.97 34.09 39.00
N SER F 133 -12.08 33.31 40.08
CA SER F 133 -12.59 33.83 41.34
C SER F 133 -11.64 34.88 41.90
N GLU F 134 -12.01 35.47 43.03
CA GLU F 134 -11.13 36.46 43.65
C GLU F 134 -10.15 35.66 44.51
N LYS F 135 -10.64 34.53 45.00
CA LYS F 135 -9.88 33.62 45.84
C LYS F 135 -8.66 33.19 45.05
N ILE F 136 -8.89 32.86 43.78
CA ILE F 136 -7.83 32.44 42.89
C ILE F 136 -6.88 33.60 42.60
N ILE F 137 -7.43 34.81 42.54
CA ILE F 137 -6.58 35.95 42.29
C ILE F 137 -5.62 35.99 43.45
N ASP F 138 -6.10 35.60 44.62
CA ASP F 138 -5.26 35.58 45.81
C ASP F 138 -4.18 34.54 45.64
N MET F 139 -4.59 33.33 45.30
CA MET F 139 -3.68 32.21 45.11
C MET F 139 -2.55 32.55 44.17
N TYR F 140 -2.80 33.52 43.30
CA TYR F 140 -1.78 33.90 42.34
C TYR F 140 -1.00 35.15 42.70
N LYS F 141 -1.36 35.80 43.80
CA LYS F 141 -0.67 37.02 44.21
C LYS F 141 0.83 36.84 44.41
N GLY F 142 1.60 37.67 43.73
CA GLY F 142 3.04 37.61 43.83
C GLY F 142 3.66 36.25 43.56
N LYS F 143 2.94 35.39 42.86
CA LYS F 143 3.44 34.07 42.54
C LYS F 143 4.36 34.08 41.31
N LYS F 144 5.40 33.25 41.36
CA LYS F 144 6.33 33.14 40.24
C LYS F 144 5.71 32.18 39.24
N ARG F 145 5.92 32.43 37.97
CA ARG F 145 5.34 31.61 36.92
C ARG F 145 5.43 30.13 37.20
N HIS F 146 6.60 29.72 37.67
CA HIS F 146 6.83 28.30 37.97
C HIS F 146 6.14 27.81 39.23
N GLU F 147 5.72 28.71 40.12
CA GLU F 147 5.06 28.29 41.35
C GLU F 147 3.56 28.08 41.20
N MET F 148 3.02 28.44 40.04
CA MET F 148 1.60 28.29 39.83
C MET F 148 1.28 27.90 38.39
N PRO F 149 0.26 27.05 38.20
CA PRO F 149 -0.15 26.60 36.87
C PRO F 149 -0.35 27.80 35.98
N PRO F 150 -0.25 27.61 34.66
CA PRO F 150 -0.43 28.77 33.78
C PRO F 150 -1.78 29.44 33.92
N HIS F 151 -1.79 30.76 34.03
CA HIS F 151 -3.03 31.51 34.17
C HIS F 151 -2.81 32.92 33.66
N ILE F 152 -3.85 33.54 33.13
CA ILE F 152 -3.74 34.91 32.64
C ILE F 152 -3.42 35.82 33.82
N TYR F 153 -3.72 35.37 35.02
CA TYR F 153 -3.43 36.11 36.24
C TYR F 153 -1.92 36.16 36.38
N ALA F 154 -1.28 35.00 36.20
CA ALA F 154 0.17 34.91 36.31
C ALA F 154 0.80 35.93 35.36
N ILE F 155 0.29 35.98 34.13
CA ILE F 155 0.81 36.90 33.13
C ILE F 155 0.67 38.33 33.67
N ALA F 156 -0.51 38.64 34.17
CA ALA F 156 -0.78 39.95 34.71
C ALA F 156 0.20 40.23 35.86
N ASP F 157 0.24 39.33 36.84
CA ASP F 157 1.11 39.50 38.00
C ASP F 157 2.59 39.63 37.69
N THR F 158 3.14 38.68 36.94
CA THR F 158 4.56 38.68 36.59
C THR F 158 4.94 39.90 35.77
N ALA F 159 3.96 40.45 35.05
CA ALA F 159 4.21 41.65 34.25
C ALA F 159 4.28 42.78 35.27
N TYR F 160 3.36 42.73 36.23
CA TYR F 160 3.29 43.72 37.29
C TYR F 160 4.62 43.81 38.00
N ARG F 161 4.98 42.75 38.71
CA ARG F 161 6.24 42.71 39.43
C ARG F 161 7.42 43.15 38.56
N SER F 162 7.56 42.52 37.39
CA SER F 162 8.65 42.86 36.47
C SER F 162 8.72 44.37 36.28
N MET F 163 7.57 45.03 36.26
CA MET F 163 7.53 46.46 36.08
C MET F 163 8.29 47.12 37.20
N LEU F 164 7.88 46.84 38.43
CA LEU F 164 8.55 47.42 39.60
C LEU F 164 10.01 46.94 39.66
N GLN F 165 10.16 45.63 39.56
CA GLN F 165 11.47 44.97 39.59
C GLN F 165 12.54 45.61 38.70
N ASP F 166 12.25 45.78 37.42
CA ASP F 166 13.21 46.37 36.49
C ASP F 166 12.91 47.82 36.14
N ARG F 167 11.96 48.42 36.84
CA ARG F 167 11.57 49.80 36.58
C ARG F 167 11.43 50.06 35.08
N GLU F 168 10.80 49.12 34.37
CA GLU F 168 10.57 49.23 32.93
C GLU F 168 9.09 49.03 32.65
N ASP F 169 8.53 49.90 31.80
CA ASP F 169 7.12 49.84 31.44
C ASP F 169 6.83 48.50 30.79
N GLN F 170 5.70 47.91 31.18
CA GLN F 170 5.31 46.62 30.65
C GLN F 170 4.09 46.70 29.74
N SER F 171 3.89 45.66 28.97
CA SER F 171 2.76 45.58 28.07
C SER F 171 2.40 44.11 27.88
N ILE F 172 1.11 43.82 28.00
CA ILE F 172 0.60 42.47 27.83
C ILE F 172 -0.17 42.54 26.51
N LEU F 173 0.29 41.85 25.47
CA LEU F 173 -0.39 41.89 24.18
C LEU F 173 -1.13 40.61 23.83
N CYS F 174 -2.46 40.70 23.74
CA CYS F 174 -3.28 39.56 23.38
C CYS F 174 -3.42 39.49 21.88
N THR F 175 -3.11 38.32 21.32
CA THR F 175 -3.20 38.11 19.88
C THR F 175 -4.28 37.07 19.62
N GLY F 176 -4.85 37.10 18.44
CA GLY F 176 -5.88 36.12 18.13
C GLY F 176 -6.89 36.49 17.07
N GLU F 177 -7.31 35.50 16.29
CA GLU F 177 -8.29 35.75 15.26
C GLU F 177 -9.59 36.11 15.96
N SER F 178 -10.47 36.78 15.23
CA SER F 178 -11.74 37.19 15.79
C SER F 178 -12.41 36.06 16.55
N GLY F 179 -12.69 36.29 17.83
CA GLY F 179 -13.33 35.29 18.67
C GLY F 179 -12.39 34.52 19.60
N ALA F 180 -11.09 34.54 19.31
CA ALA F 180 -10.10 33.82 20.09
C ALA F 180 -10.21 34.04 21.59
N GLY F 181 -10.35 35.28 22.02
CA GLY F 181 -10.48 35.50 23.45
C GLY F 181 -9.70 36.71 23.97
N LYS F 182 -9.17 37.49 23.04
CA LYS F 182 -8.40 38.67 23.40
C LYS F 182 -9.04 39.51 24.50
N THR F 183 -10.32 39.84 24.34
CA THR F 183 -11.00 40.67 25.33
C THR F 183 -11.26 39.99 26.67
N GLU F 184 -11.82 38.78 26.67
CA GLU F 184 -12.08 38.11 27.92
C GLU F 184 -10.80 38.12 28.75
N ASN F 185 -9.67 37.97 28.07
CA ASN F 185 -8.38 37.92 28.73
C ASN F 185 -7.84 39.27 29.09
N THR F 186 -8.06 40.25 28.23
CA THR F 186 -7.60 41.58 28.56
C THR F 186 -8.35 41.97 29.82
N LYS F 187 -9.66 41.70 29.82
CA LYS F 187 -10.51 42.03 30.95
C LYS F 187 -10.07 41.35 32.24
N LYS F 188 -9.45 40.17 32.13
CA LYS F 188 -8.98 39.45 33.32
C LYS F 188 -7.71 40.08 33.87
N VAL F 189 -6.88 40.61 32.98
CA VAL F 189 -5.64 41.26 33.38
C VAL F 189 -6.00 42.48 34.17
N ILE F 190 -6.94 43.27 33.67
CA ILE F 190 -7.33 44.46 34.39
C ILE F 190 -8.00 44.09 35.70
N GLN F 191 -8.80 43.02 35.69
CA GLN F 191 -9.49 42.58 36.90
C GLN F 191 -8.48 42.26 38.00
N TYR F 192 -7.42 41.58 37.61
CA TYR F 192 -6.38 41.17 38.53
C TYR F 192 -5.66 42.40 39.07
N LEU F 193 -5.09 43.18 38.16
CA LEU F 193 -4.36 44.39 38.56
C LEU F 193 -5.16 45.30 39.51
N ALA F 194 -6.44 45.50 39.22
CA ALA F 194 -7.25 46.37 40.06
C ALA F 194 -7.39 45.79 41.47
N VAL F 195 -7.32 44.46 41.58
CA VAL F 195 -7.48 43.79 42.88
C VAL F 195 -6.18 43.63 43.68
N VAL F 196 -5.07 44.10 43.14
CA VAL F 196 -3.80 43.93 43.85
C VAL F 196 -3.04 45.22 44.16
N ALA F 197 -3.18 46.21 43.29
CA ALA F 197 -2.44 47.46 43.47
C ALA F 197 -3.27 48.67 43.91
N SER F 198 -4.58 48.50 43.99
CA SER F 198 -5.42 49.61 44.39
C SER F 198 -5.33 49.81 45.89
N GLY F 217 -11.41 53.46 47.15
CA GLY F 217 -11.09 52.42 46.12
C GLY F 217 -11.87 52.63 44.83
N GLU F 218 -12.34 53.86 44.64
CA GLU F 218 -13.13 54.23 43.46
C GLU F 218 -12.45 53.86 42.15
N LEU F 219 -11.29 54.47 41.87
CA LEU F 219 -10.56 54.21 40.63
C LEU F 219 -10.76 52.77 40.19
N GLU F 220 -10.30 51.84 41.01
CA GLU F 220 -10.44 50.43 40.68
C GLU F 220 -11.89 50.13 40.30
N LYS F 221 -12.83 50.56 41.13
CA LYS F 221 -14.25 50.32 40.88
C LYS F 221 -14.68 50.84 39.51
N GLN F 222 -14.16 52.00 39.14
CA GLN F 222 -14.51 52.60 37.85
C GLN F 222 -13.71 51.94 36.74
N LEU F 223 -12.48 51.56 37.06
CA LEU F 223 -11.61 50.94 36.09
C LEU F 223 -12.30 49.71 35.53
N LEU F 224 -13.05 49.04 36.40
CA LEU F 224 -13.76 47.83 36.01
C LEU F 224 -15.08 48.11 35.27
N GLN F 225 -15.36 49.39 35.04
CA GLN F 225 -16.59 49.79 34.34
C GLN F 225 -16.25 50.29 32.95
N ALA F 226 -14.96 50.61 32.75
CA ALA F 226 -14.50 51.10 31.46
C ALA F 226 -15.04 50.25 30.31
N ASN F 227 -14.64 48.98 30.26
CA ASN F 227 -15.08 48.11 29.18
C ASN F 227 -16.59 47.93 29.16
N PRO F 228 -17.20 47.55 30.29
CA PRO F 228 -18.65 47.39 30.25
C PRO F 228 -19.31 48.54 29.52
N ILE F 229 -18.75 49.74 29.65
CA ILE F 229 -19.29 50.92 28.98
C ILE F 229 -18.88 50.94 27.54
N LEU F 230 -17.57 50.84 27.32
CA LEU F 230 -17.04 50.86 25.98
C LEU F 230 -17.62 49.77 25.11
N GLU F 231 -17.65 48.54 25.62
CA GLU F 231 -18.20 47.42 24.88
C GLU F 231 -19.63 47.73 24.38
N ALA F 232 -20.42 48.38 25.24
CA ALA F 232 -21.80 48.72 24.93
C ALA F 232 -21.98 49.59 23.71
N PHE F 233 -21.01 50.45 23.44
CA PHE F 233 -21.11 51.35 22.30
C PHE F 233 -20.22 50.91 21.12
N GLY F 234 -19.19 50.12 21.40
CA GLY F 234 -18.27 49.72 20.36
C GLY F 234 -18.22 48.25 19.99
N ASN F 235 -18.98 47.42 20.71
CA ASN F 235 -19.02 45.99 20.40
C ASN F 235 -20.33 45.67 19.65
N ALA F 236 -20.35 44.54 18.96
CA ALA F 236 -21.55 44.14 18.23
C ALA F 236 -21.42 42.69 17.87
N LYS F 237 -22.56 42.06 17.58
CA LYS F 237 -22.57 40.66 17.21
C LYS F 237 -22.21 40.48 15.73
N THR F 238 -21.09 39.81 15.47
CA THR F 238 -20.65 39.51 14.12
C THR F 238 -20.79 38.00 13.99
N VAL F 239 -20.71 37.49 12.77
CA VAL F 239 -20.85 36.05 12.59
C VAL F 239 -19.73 35.33 13.33
N LYS F 240 -18.60 36.01 13.50
CA LYS F 240 -17.46 35.43 14.16
C LYS F 240 -17.58 35.51 15.67
N ASN F 241 -18.15 36.60 16.15
CA ASN F 241 -18.25 36.77 17.59
C ASN F 241 -19.50 37.55 17.94
N ASP F 242 -20.16 37.15 19.03
CA ASP F 242 -21.38 37.80 19.48
C ASP F 242 -21.11 39.09 20.22
N ASN F 243 -19.98 39.14 20.90
CA ASN F 243 -19.62 40.33 21.64
C ASN F 243 -18.33 40.81 21.03
N SER F 244 -18.36 41.06 19.72
CA SER F 244 -17.16 41.49 19.03
C SER F 244 -16.82 42.95 19.13
N SER F 245 -15.58 43.21 19.53
CA SER F 245 -15.03 44.55 19.63
C SER F 245 -14.87 45.02 18.20
N ARG F 246 -15.55 46.10 17.85
CA ARG F 246 -15.45 46.61 16.50
C ARG F 246 -14.51 47.79 16.52
N PHE F 247 -13.52 47.69 17.40
CA PHE F 247 -12.53 48.74 17.53
C PHE F 247 -11.37 48.21 18.36
N GLY F 248 -10.15 48.57 17.99
CA GLY F 248 -9.01 48.12 18.77
C GLY F 248 -8.91 48.97 20.01
N LYS F 249 -8.12 48.54 21.00
CA LYS F 249 -8.00 49.33 22.22
C LYS F 249 -6.75 49.00 23.04
N PHE F 250 -6.03 50.04 23.42
CA PHE F 250 -4.83 49.88 24.23
C PHE F 250 -5.13 50.50 25.58
N ILE F 251 -5.30 49.69 26.62
CA ILE F 251 -5.56 50.23 27.95
C ILE F 251 -4.24 50.36 28.67
N ARG F 252 -3.91 51.56 29.12
CA ARG F 252 -2.66 51.80 29.81
C ARG F 252 -2.90 52.19 31.26
N ILE F 253 -2.50 51.31 32.17
CA ILE F 253 -2.67 51.55 33.61
C ILE F 253 -1.43 52.18 34.23
N ASN F 254 -1.62 53.32 34.89
CA ASN F 254 -0.54 54.05 35.53
C ASN F 254 -0.40 53.74 37.01
N PHE F 255 0.83 53.47 37.44
CA PHE F 255 1.08 53.16 38.85
C PHE F 255 2.12 54.13 39.40
N ASP F 256 2.19 54.25 40.72
CA ASP F 256 3.20 55.10 41.33
C ASP F 256 4.43 54.24 41.56
N VAL F 257 5.49 54.85 42.04
CA VAL F 257 6.74 54.12 42.29
C VAL F 257 6.54 53.04 43.34
N THR F 258 5.46 53.16 44.10
CA THR F 258 5.14 52.18 45.13
C THR F 258 4.54 50.92 44.52
N GLY F 259 3.90 51.10 43.36
CA GLY F 259 3.28 49.98 42.67
C GLY F 259 1.77 50.07 42.65
N TYR F 260 1.22 51.03 43.36
CA TYR F 260 -0.22 51.20 43.43
C TYR F 260 -0.80 51.92 42.19
N ILE F 261 -1.97 51.48 41.73
CA ILE F 261 -2.58 52.10 40.57
C ILE F 261 -2.85 53.55 40.85
N VAL F 262 -2.58 54.39 39.87
CA VAL F 262 -2.77 55.83 40.01
C VAL F 262 -3.71 56.42 38.96
N GLY F 263 -3.51 56.02 37.70
CA GLY F 263 -4.36 56.51 36.65
C GLY F 263 -4.73 55.38 35.74
N ALA F 264 -5.20 55.71 34.54
CA ALA F 264 -5.60 54.73 33.56
C ALA F 264 -6.12 55.52 32.37
N ASN F 265 -5.61 55.20 31.18
CA ASN F 265 -6.03 55.89 29.97
C ASN F 265 -6.25 54.90 28.83
N ILE F 266 -7.47 54.88 28.30
CA ILE F 266 -7.82 53.98 27.20
C ILE F 266 -7.81 54.67 25.84
N GLU F 267 -7.03 54.10 24.93
CA GLU F 267 -6.92 54.63 23.57
C GLU F 267 -7.54 53.58 22.64
N THR F 268 -8.47 54.02 21.80
CA THR F 268 -9.14 53.11 20.88
C THR F 268 -8.79 53.38 19.42
N TYR F 269 -8.85 52.33 18.61
CA TYR F 269 -8.53 52.38 17.20
C TYR F 269 -9.63 51.77 16.30
N LEU F 270 -9.68 52.35 15.11
CA LEU F 270 -10.57 51.94 13.99
C LEU F 270 -11.95 51.44 14.45
N LEU F 271 -12.83 52.37 14.79
CA LEU F 271 -14.23 52.01 15.15
C LEU F 271 -15.01 51.84 13.84
N GLU F 272 -15.65 50.69 13.69
CA GLU F 272 -16.43 50.36 12.50
C GLU F 272 -17.74 51.16 12.40
N LYS F 273 -17.65 52.46 12.13
CA LYS F 273 -18.83 53.32 12.04
C LYS F 273 -19.89 52.75 11.12
N SER F 274 -19.44 52.19 10.00
CA SER F 274 -20.32 51.60 9.00
C SER F 274 -21.43 50.74 9.58
N ARG F 275 -21.07 49.92 10.55
CA ARG F 275 -22.00 49.01 11.21
C ARG F 275 -23.20 49.75 11.77
N ALA F 276 -23.05 51.03 12.05
CA ALA F 276 -24.13 51.84 12.60
C ALA F 276 -25.31 51.85 11.65
N ILE F 277 -25.06 51.75 10.34
CA ILE F 277 -26.16 51.83 9.37
C ILE F 277 -26.52 50.60 8.54
N ARG F 278 -25.83 49.49 8.77
CA ARG F 278 -26.10 48.27 8.02
C ARG F 278 -25.33 47.08 8.58
N GLN F 279 -25.94 45.91 8.55
CA GLN F 279 -25.29 44.69 9.01
C GLN F 279 -25.71 43.50 8.14
N ALA F 280 -24.76 42.61 7.89
CA ALA F 280 -25.04 41.46 7.06
C ALA F 280 -25.88 40.47 7.87
N LYS F 281 -26.27 39.38 7.21
CA LYS F 281 -27.10 38.36 7.83
C LYS F 281 -26.63 37.94 9.21
N ASP F 282 -27.61 37.64 10.06
CA ASP F 282 -27.37 37.18 11.44
C ASP F 282 -26.41 38.06 12.19
N GLU F 283 -26.30 39.29 11.73
CA GLU F 283 -25.41 40.24 12.35
C GLU F 283 -26.27 41.34 12.88
N ARG F 284 -25.80 41.98 13.94
CA ARG F 284 -26.52 43.10 14.49
C ARG F 284 -25.54 44.24 14.75
N THR F 285 -26.06 45.46 14.95
CA THR F 285 -25.22 46.62 15.16
C THR F 285 -24.73 46.71 16.61
N PHE F 286 -24.18 47.87 16.98
CA PHE F 286 -23.66 48.07 18.32
C PHE F 286 -24.70 47.81 19.38
N HIS F 287 -24.35 46.95 20.33
CA HIS F 287 -25.22 46.56 21.43
C HIS F 287 -26.11 47.68 21.97
N ILE F 288 -25.51 48.84 22.25
CA ILE F 288 -26.27 49.95 22.82
C ILE F 288 -27.58 50.22 22.14
N PHE F 289 -27.66 50.03 20.83
CA PHE F 289 -28.91 50.28 20.15
C PHE F 289 -29.96 49.29 20.64
N TYR F 290 -29.63 48.01 20.61
CA TYR F 290 -30.55 46.97 21.05
C TYR F 290 -30.86 47.12 22.54
N TYR F 291 -29.89 47.61 23.31
CA TYR F 291 -30.06 47.79 24.73
C TYR F 291 -31.11 48.85 25.00
N LEU F 292 -30.86 50.06 24.51
CA LEU F 292 -31.78 51.17 24.70
C LEU F 292 -33.21 50.83 24.20
N ILE F 293 -33.31 50.41 22.94
CA ILE F 293 -34.59 50.08 22.35
C ILE F 293 -35.31 49.03 23.17
N ALA F 294 -34.56 48.11 23.78
CA ALA F 294 -35.19 47.05 24.54
C ALA F 294 -35.35 47.29 26.03
N GLY F 295 -34.61 48.23 26.60
CA GLY F 295 -34.71 48.42 28.04
C GLY F 295 -35.05 49.80 28.57
N ALA F 296 -35.37 50.72 27.66
CA ALA F 296 -35.70 52.08 28.06
C ALA F 296 -37.04 52.15 28.77
N SER F 297 -37.07 52.93 29.85
CA SER F 297 -38.30 53.11 30.61
C SER F 297 -39.34 53.76 29.70
N GLU F 298 -40.62 53.49 29.94
CA GLU F 298 -41.68 54.05 29.11
C GLU F 298 -41.58 55.56 28.95
N GLN F 299 -41.09 56.23 29.98
CA GLN F 299 -40.97 57.69 29.94
C GLN F 299 -39.80 58.12 29.08
N MET F 300 -38.80 57.24 28.95
CA MET F 300 -37.63 57.53 28.12
C MET F 300 -37.99 57.10 26.71
N ARG F 301 -38.75 56.02 26.62
CA ARG F 301 -39.21 55.47 25.35
C ARG F 301 -39.78 56.58 24.49
N ASN F 302 -40.64 57.38 25.11
CA ASN F 302 -41.29 58.46 24.38
C ASN F 302 -40.59 59.79 24.58
N ASP F 303 -39.57 59.80 25.43
CA ASP F 303 -38.80 61.01 25.69
C ASP F 303 -37.75 61.14 24.58
N LEU F 304 -37.29 59.98 24.12
CA LEU F 304 -36.29 59.85 23.07
C LEU F 304 -37.01 59.60 21.75
N LEU F 305 -38.33 59.43 21.83
CA LEU F 305 -39.15 59.18 20.66
C LEU F 305 -38.68 57.89 19.99
N LEU F 306 -38.36 56.90 20.84
CA LEU F 306 -37.89 55.57 20.43
C LEU F 306 -38.99 54.73 19.80
N GLU F 307 -38.59 53.83 18.90
CA GLU F 307 -39.50 52.96 18.21
C GLU F 307 -39.20 51.51 18.55
N GLY F 308 -39.62 50.62 17.66
CA GLY F 308 -39.40 49.21 17.85
C GLY F 308 -38.27 48.72 16.98
N PHE F 309 -37.82 47.51 17.22
CA PHE F 309 -36.73 46.93 16.47
C PHE F 309 -36.97 46.85 14.97
N ASN F 310 -38.24 46.82 14.56
CA ASN F 310 -38.54 46.77 13.14
C ASN F 310 -39.13 48.08 12.62
N ASN F 311 -38.94 49.14 13.39
CA ASN F 311 -39.41 50.46 12.99
C ASN F 311 -38.18 51.27 12.55
N TYR F 312 -37.02 50.66 12.76
CA TYR F 312 -35.72 51.24 12.44
C TYR F 312 -35.03 50.52 11.28
N THR F 313 -34.71 51.25 10.23
CA THR F 313 -34.08 50.65 9.08
C THR F 313 -32.59 50.43 9.24
N PHE F 314 -31.99 51.13 10.20
CA PHE F 314 -30.56 50.98 10.41
C PHE F 314 -30.33 49.68 11.16
N LEU F 315 -31.43 49.09 11.63
CA LEU F 315 -31.41 47.81 12.33
C LEU F 315 -31.71 46.71 11.33
N SER F 316 -30.83 46.62 10.34
CA SER F 316 -30.89 45.64 9.25
C SER F 316 -31.75 44.45 9.59
N ASN F 317 -31.12 43.45 10.20
CA ASN F 317 -31.76 42.20 10.60
C ASN F 317 -32.53 42.38 11.90
N GLY F 318 -33.51 43.28 11.87
CA GLY F 318 -34.33 43.58 13.03
C GLY F 318 -33.64 43.26 14.35
N HIS F 319 -34.38 42.59 15.22
CA HIS F 319 -33.88 42.17 16.51
C HIS F 319 -33.30 40.76 16.45
N VAL F 320 -31.98 40.68 16.52
CA VAL F 320 -31.26 39.41 16.47
C VAL F 320 -30.86 39.08 17.90
N PRO F 321 -31.57 38.17 18.55
CA PRO F 321 -31.22 37.80 19.93
C PRO F 321 -29.82 37.24 20.07
N ILE F 322 -29.18 37.59 21.18
CA ILE F 322 -27.82 37.13 21.51
C ILE F 322 -27.96 35.83 22.32
N PRO F 323 -26.89 35.03 22.43
CA PRO F 323 -26.98 33.78 23.19
C PRO F 323 -27.47 33.96 24.61
N ALA F 324 -26.52 34.20 25.53
CA ALA F 324 -26.83 34.34 26.95
C ALA F 324 -26.85 35.78 27.42
N GLN F 325 -27.60 36.62 26.71
CA GLN F 325 -27.70 38.03 27.06
C GLN F 325 -29.12 38.51 26.92
N GLN F 326 -29.48 39.46 27.78
CA GLN F 326 -30.81 40.06 27.78
C GLN F 326 -30.69 41.57 27.68
N ASP F 327 -30.89 42.08 26.47
CA ASP F 327 -30.82 43.51 26.15
C ASP F 327 -31.31 44.39 27.29
N ASP F 328 -32.53 44.15 27.75
CA ASP F 328 -33.11 44.92 28.85
C ASP F 328 -32.17 44.87 30.07
N GLU F 329 -31.57 43.71 30.30
CA GLU F 329 -30.65 43.53 31.43
C GLU F 329 -29.40 44.34 31.20
N MET F 330 -28.77 44.11 30.06
CA MET F 330 -27.55 44.81 29.70
C MET F 330 -27.74 46.32 29.76
N PHE F 331 -28.96 46.79 29.49
CA PHE F 331 -29.23 48.22 29.51
C PHE F 331 -29.05 48.78 30.92
N GLN F 332 -29.58 48.07 31.91
CA GLN F 332 -29.48 48.51 33.30
C GLN F 332 -28.05 48.31 33.74
N GLU F 333 -27.42 47.30 33.15
CA GLU F 333 -26.02 46.98 33.44
C GLU F 333 -25.15 48.12 32.95
N THR F 334 -25.48 48.63 31.78
CA THR F 334 -24.75 49.72 31.17
C THR F 334 -24.96 50.99 31.96
N LEU F 335 -26.21 51.31 32.23
CA LEU F 335 -26.53 52.51 32.99
C LEU F 335 -25.87 52.44 34.38
N GLU F 336 -25.77 51.23 34.93
CA GLU F 336 -25.16 51.03 36.24
C GLU F 336 -23.68 51.40 36.20
N ALA F 337 -23.01 50.94 35.15
CA ALA F 337 -21.59 51.17 34.97
C ALA F 337 -21.32 52.62 34.62
N MET F 338 -22.19 53.22 33.81
CA MET F 338 -22.01 54.60 33.44
C MET F 338 -22.14 55.37 34.73
N THR F 339 -23.11 54.98 35.52
CA THR F 339 -23.36 55.61 36.81
C THR F 339 -22.08 55.57 37.63
N ILE F 340 -21.56 54.36 37.84
CA ILE F 340 -20.32 54.14 38.59
C ILE F 340 -19.17 54.90 37.97
N MET F 341 -19.13 54.95 36.64
CA MET F 341 -18.07 55.66 35.93
C MET F 341 -18.14 57.13 36.29
N GLY F 342 -19.31 57.56 36.76
CA GLY F 342 -19.47 58.96 37.13
C GLY F 342 -20.31 59.81 36.18
N PHE F 343 -21.03 59.15 35.26
CA PHE F 343 -21.86 59.87 34.33
C PHE F 343 -23.11 60.38 35.04
N THR F 344 -23.45 61.64 34.80
CA THR F 344 -24.64 62.22 35.41
C THR F 344 -25.87 61.72 34.67
N GLU F 345 -27.01 61.69 35.35
CA GLU F 345 -28.23 61.22 34.72
C GLU F 345 -28.45 61.93 33.38
N GLU F 346 -28.11 63.21 33.32
CA GLU F 346 -28.29 64.00 32.09
C GLU F 346 -27.22 63.63 31.07
N GLU F 347 -26.05 63.22 31.52
CA GLU F 347 -24.99 62.81 30.60
C GLU F 347 -25.47 61.52 29.93
N GLN F 348 -26.05 60.63 30.74
CA GLN F 348 -26.55 59.37 30.23
C GLN F 348 -27.76 59.53 29.31
N THR F 349 -28.69 60.41 29.65
CA THR F 349 -29.86 60.58 28.79
C THR F 349 -29.44 61.31 27.52
N SER F 350 -28.40 62.13 27.61
CA SER F 350 -27.94 62.86 26.45
C SER F 350 -27.27 61.89 25.49
N ILE F 351 -26.55 60.92 26.05
CA ILE F 351 -25.87 59.90 25.25
C ILE F 351 -26.93 59.03 24.58
N LEU F 352 -27.89 58.56 25.38
CA LEU F 352 -28.96 57.72 24.84
C LEU F 352 -29.77 58.48 23.80
N ARG F 353 -29.88 59.79 23.97
CA ARG F 353 -30.62 60.62 23.03
C ARG F 353 -29.89 60.64 21.68
N VAL F 354 -28.56 60.71 21.72
CA VAL F 354 -27.78 60.71 20.50
C VAL F 354 -27.89 59.37 19.83
N VAL F 355 -27.94 58.31 20.63
CA VAL F 355 -28.07 56.98 20.05
C VAL F 355 -29.37 56.95 19.27
N SER F 356 -30.43 57.49 19.87
CA SER F 356 -31.74 57.50 19.25
C SER F 356 -31.74 58.27 17.94
N SER F 357 -31.09 59.43 17.94
CA SER F 357 -31.04 60.25 16.74
C SER F 357 -30.35 59.51 15.60
N VAL F 358 -29.31 58.76 15.95
CA VAL F 358 -28.59 58.01 14.95
C VAL F 358 -29.53 56.97 14.32
N LEU F 359 -30.48 56.44 15.09
CA LEU F 359 -31.41 55.46 14.54
C LEU F 359 -32.45 56.16 13.69
N GLN F 360 -32.96 57.29 14.17
CA GLN F 360 -33.97 58.04 13.44
C GLN F 360 -33.44 58.56 12.12
N LEU F 361 -32.15 58.86 12.07
CA LEU F 361 -31.57 59.35 10.84
C LEU F 361 -31.86 58.31 9.77
N GLY F 362 -31.69 57.04 10.15
CA GLY F 362 -31.93 55.96 9.22
C GLY F 362 -33.33 55.94 8.65
N ASN F 363 -34.28 56.44 9.42
CA ASN F 363 -35.67 56.46 8.96
C ASN F 363 -36.04 57.53 7.95
N ILE F 364 -35.21 58.54 7.81
CA ILE F 364 -35.49 59.59 6.82
C ILE F 364 -35.54 58.92 5.44
N VAL F 365 -36.45 59.38 4.58
CA VAL F 365 -36.57 58.80 3.24
C VAL F 365 -36.65 59.85 2.14
N PHE F 366 -35.87 59.64 1.09
CA PHE F 366 -35.84 60.56 -0.02
C PHE F 366 -36.46 59.92 -1.26
N LYS F 367 -37.04 60.73 -2.13
CA LYS F 367 -37.65 60.23 -3.35
C LYS F 367 -37.06 60.90 -4.58
N LYS F 368 -37.13 60.18 -5.70
CA LYS F 368 -36.60 60.68 -6.94
C LYS F 368 -37.60 61.58 -7.69
N GLU F 369 -37.27 61.88 -8.94
CA GLU F 369 -38.12 62.72 -9.80
C GLU F 369 -37.42 63.04 -11.14
N GLN F 374 -33.89 65.77 -9.05
CA GLN F 374 -33.38 65.78 -7.64
C GLN F 374 -34.13 64.80 -6.74
N ALA F 375 -34.00 64.98 -5.44
CA ALA F 375 -34.65 64.10 -4.49
C ALA F 375 -35.42 64.95 -3.52
N SER F 376 -36.56 64.43 -3.07
CA SER F 376 -37.41 65.13 -2.13
C SER F 376 -38.01 64.18 -1.12
N MET F 377 -37.92 64.53 0.16
CA MET F 377 -38.46 63.68 1.22
C MET F 377 -39.89 64.12 1.45
N PRO F 378 -40.86 63.35 0.93
CA PRO F 378 -42.27 63.70 1.10
C PRO F 378 -42.63 63.64 2.57
N ASP F 379 -42.13 62.62 3.26
CA ASP F 379 -42.39 62.48 4.69
C ASP F 379 -41.18 62.96 5.48
N ASN F 380 -41.37 64.05 6.23
CA ASN F 380 -40.31 64.64 7.01
C ASN F 380 -40.36 64.22 8.47
N THR F 381 -41.40 63.47 8.84
CA THR F 381 -41.55 63.04 10.22
C THR F 381 -40.20 62.70 10.83
N ALA F 382 -39.53 61.70 10.27
CA ALA F 382 -38.22 61.30 10.75
C ALA F 382 -37.29 62.51 10.81
N ALA F 383 -37.24 63.27 9.73
CA ALA F 383 -36.40 64.46 9.69
C ALA F 383 -36.78 65.35 10.87
N GLN F 384 -38.05 65.34 11.23
CA GLN F 384 -38.53 66.16 12.34
C GLN F 384 -37.99 65.64 13.66
N LYS F 385 -38.21 64.35 13.92
CA LYS F 385 -37.74 63.73 15.16
C LYS F 385 -36.24 63.89 15.31
N VAL F 386 -35.50 63.61 14.25
CA VAL F 386 -34.04 63.72 14.25
C VAL F 386 -33.64 65.11 14.72
N CYS F 387 -34.23 66.14 14.12
CA CYS F 387 -33.92 67.51 14.51
C CYS F 387 -34.37 67.79 15.94
N HIS F 388 -35.49 67.22 16.34
CA HIS F 388 -35.97 67.42 17.69
C HIS F 388 -34.92 66.88 18.66
N LEU F 389 -34.35 65.74 18.32
CA LEU F 389 -33.36 65.11 19.17
C LEU F 389 -31.96 65.71 19.03
N MET F 390 -31.77 66.52 17.99
CA MET F 390 -30.48 67.13 17.76
C MET F 390 -30.40 68.64 18.05
N GLY F 391 -31.53 69.27 18.35
CA GLY F 391 -31.53 70.70 18.61
C GLY F 391 -31.22 71.45 17.33
N ILE F 392 -31.82 70.98 16.25
CA ILE F 392 -31.63 71.53 14.92
C ILE F 392 -33.00 71.93 14.33
N ASN F 393 -32.97 72.74 13.28
CA ASN F 393 -34.20 73.20 12.65
C ASN F 393 -34.58 72.34 11.46
N VAL F 394 -35.73 71.70 11.56
CA VAL F 394 -36.22 70.82 10.50
C VAL F 394 -36.07 71.37 9.09
N THR F 395 -36.36 72.65 8.88
CA THR F 395 -36.28 73.22 7.55
C THR F 395 -34.86 73.54 7.16
N ASP F 396 -34.03 73.92 8.14
CA ASP F 396 -32.64 74.22 7.86
C ASP F 396 -31.93 72.91 7.57
N PHE F 397 -32.35 71.87 8.28
CA PHE F 397 -31.78 70.55 8.11
C PHE F 397 -32.20 70.05 6.74
N THR F 398 -33.51 69.94 6.52
CA THR F 398 -34.02 69.48 5.23
C THR F 398 -33.35 70.18 4.05
N ARG F 399 -33.09 71.48 4.18
CA ARG F 399 -32.46 72.27 3.11
C ARG F 399 -31.01 71.87 2.91
N SER F 400 -30.25 71.82 4.01
CA SER F 400 -28.84 71.47 3.98
C SER F 400 -28.65 70.05 3.44
N ILE F 401 -29.62 69.20 3.65
CA ILE F 401 -29.54 67.82 3.20
C ILE F 401 -29.93 67.71 1.75
N LEU F 402 -31.07 68.30 1.40
CA LEU F 402 -31.57 68.23 0.05
C LEU F 402 -30.91 69.19 -0.94
N THR F 403 -30.25 70.24 -0.43
CA THR F 403 -29.59 71.23 -1.29
C THR F 403 -28.62 72.12 -0.54
N PRO F 404 -27.38 71.65 -0.37
CA PRO F 404 -26.38 72.45 0.34
C PRO F 404 -25.77 73.55 -0.53
N LYS F 415 -26.32 73.64 -4.90
CA LYS F 415 -25.93 72.23 -5.23
C LYS F 415 -27.08 71.27 -4.98
N ALA F 416 -27.62 70.72 -6.07
CA ALA F 416 -28.74 69.80 -5.98
C ALA F 416 -28.29 68.39 -5.59
N GLN F 417 -29.11 67.73 -4.78
CA GLN F 417 -28.83 66.38 -4.32
C GLN F 417 -29.87 65.41 -4.84
N THR F 418 -29.43 64.25 -5.27
CA THR F 418 -30.33 63.22 -5.79
C THR F 418 -30.56 62.25 -4.64
N LYS F 419 -31.56 61.37 -4.78
CA LYS F 419 -31.83 60.39 -3.73
C LYS F 419 -30.50 59.76 -3.35
N GLU F 420 -29.85 59.13 -4.34
CA GLU F 420 -28.57 58.49 -4.15
C GLU F 420 -27.63 59.31 -3.27
N GLN F 421 -27.51 60.61 -3.54
CA GLN F 421 -26.60 61.44 -2.77
C GLN F 421 -27.18 61.96 -1.49
N ALA F 422 -28.51 61.99 -1.42
CA ALA F 422 -29.18 62.48 -0.22
C ALA F 422 -29.04 61.37 0.81
N ASP F 423 -29.24 60.15 0.34
CA ASP F 423 -29.14 58.97 1.19
C ASP F 423 -27.73 58.92 1.77
N PHE F 424 -26.74 59.07 0.90
CA PHE F 424 -25.35 59.03 1.33
C PHE F 424 -25.10 59.98 2.51
N ALA F 425 -25.36 61.26 2.27
CA ALA F 425 -25.16 62.29 3.27
C ALA F 425 -25.72 61.92 4.62
N ILE F 426 -26.97 61.44 4.62
CA ILE F 426 -27.63 61.03 5.84
C ILE F 426 -26.88 59.92 6.54
N GLU F 427 -26.49 58.89 5.79
CA GLU F 427 -25.70 57.79 6.35
C GLU F 427 -24.39 58.35 6.92
N ALA F 428 -23.67 59.10 6.09
CA ALA F 428 -22.40 59.71 6.47
C ALA F 428 -22.54 60.42 7.80
N LEU F 429 -23.66 61.10 7.98
CA LEU F 429 -23.90 61.83 9.22
C LEU F 429 -24.09 60.83 10.34
N ALA F 430 -24.91 59.82 10.09
CA ALA F 430 -25.18 58.77 11.07
C ALA F 430 -23.86 58.27 11.61
N LYS F 431 -23.05 57.69 10.73
CA LYS F 431 -21.75 57.17 11.14
C LYS F 431 -20.89 58.21 11.85
N ALA F 432 -20.84 59.41 11.28
CA ALA F 432 -20.02 60.45 11.91
C ALA F 432 -20.54 60.77 13.32
N LYS F 433 -21.87 60.82 13.46
CA LYS F 433 -22.51 61.12 14.75
C LYS F 433 -22.17 60.06 15.74
N PHE F 434 -22.15 58.81 15.28
CA PHE F 434 -21.84 57.72 16.18
C PHE F 434 -20.38 57.71 16.57
N GLU F 435 -19.52 57.82 15.56
CA GLU F 435 -18.08 57.85 15.80
C GLU F 435 -17.71 58.88 16.89
N ARG F 436 -18.40 60.01 16.89
CA ARG F 436 -18.15 61.07 17.85
C ARG F 436 -18.73 60.75 19.21
N LEU F 437 -19.91 60.17 19.23
CA LEU F 437 -20.52 59.84 20.50
C LEU F 437 -19.59 58.85 21.18
N PHE F 438 -18.94 58.00 20.38
CA PHE F 438 -18.03 57.02 20.95
C PHE F 438 -16.80 57.76 21.48
N ARG F 439 -16.14 58.50 20.59
CA ARG F 439 -14.94 59.26 20.94
C ARG F 439 -15.17 60.09 22.22
N TRP F 440 -16.40 60.58 22.37
CA TRP F 440 -16.80 61.38 23.53
C TRP F 440 -16.88 60.52 24.76
N ILE F 441 -17.70 59.48 24.69
CA ILE F 441 -17.85 58.57 25.80
C ILE F 441 -16.47 58.13 26.25
N LEU F 442 -15.64 57.77 25.29
CA LEU F 442 -14.29 57.35 25.61
C LEU F 442 -13.57 58.45 26.37
N THR F 443 -13.58 59.64 25.79
CA THR F 443 -12.96 60.81 26.39
C THR F 443 -13.43 61.02 27.83
N ARG F 444 -14.74 60.98 28.03
CA ARG F 444 -15.31 61.16 29.34
C ARG F 444 -14.81 60.07 30.28
N VAL F 445 -14.74 58.83 29.77
CA VAL F 445 -14.26 57.72 30.56
C VAL F 445 -12.81 57.99 30.98
N ASN F 446 -12.03 58.57 30.07
CA ASN F 446 -10.63 58.85 30.36
C ASN F 446 -10.46 59.95 31.41
N LYS F 447 -11.41 60.88 31.47
CA LYS F 447 -11.35 61.98 32.42
C LYS F 447 -11.54 61.39 33.79
N ALA F 448 -12.53 60.50 33.90
CA ALA F 448 -12.86 59.85 35.15
C ALA F 448 -11.78 58.88 35.60
N LEU F 449 -11.05 58.30 34.64
CA LEU F 449 -10.01 57.34 34.97
C LEU F 449 -8.69 58.01 35.27
N ASP F 450 -8.58 59.28 34.89
CA ASP F 450 -7.36 60.06 35.14
C ASP F 450 -7.62 61.21 36.09
N ALA F 457 4.45 57.26 37.14
CA ALA F 457 5.69 56.49 37.47
C ALA F 457 5.96 55.34 36.48
N SER F 458 5.05 54.37 36.45
CA SER F 458 5.19 53.23 35.57
C SER F 458 3.80 52.86 35.03
N PHE F 459 3.75 52.40 33.79
CA PHE F 459 2.48 52.01 33.17
C PHE F 459 2.53 50.61 32.64
N LEU F 460 1.37 49.95 32.64
CA LEU F 460 1.26 48.59 32.13
C LEU F 460 0.27 48.60 30.98
N GLY F 461 0.74 48.66 29.74
CA GLY F 461 -0.17 48.66 28.61
C GLY F 461 -0.78 47.28 28.39
N ILE F 462 -2.02 47.26 27.90
CA ILE F 462 -2.70 46.01 27.60
C ILE F 462 -3.34 46.28 26.26
N LEU F 463 -3.04 45.44 25.28
CA LEU F 463 -3.55 45.66 23.93
C LEU F 463 -4.53 44.64 23.37
N ASP F 464 -5.79 45.06 23.26
CA ASP F 464 -6.87 44.23 22.73
C ASP F 464 -7.30 44.81 21.37
N ILE F 465 -6.57 44.47 20.32
CA ILE F 465 -6.90 44.95 18.98
C ILE F 465 -8.08 44.16 18.42
N ALA F 466 -8.63 44.63 17.29
CA ALA F 466 -9.72 43.91 16.66
C ALA F 466 -9.00 42.77 15.95
N GLY F 467 -9.49 41.57 16.18
CA GLY F 467 -8.89 40.37 15.64
C GLY F 467 -9.13 40.13 14.19
N PHE F 468 -8.15 39.50 13.56
CA PHE F 468 -8.18 39.15 12.16
C PHE F 468 -9.51 38.54 11.84
N GLU F 469 -10.14 39.04 10.78
CA GLU F 469 -11.41 38.50 10.37
C GLU F 469 -11.53 38.47 8.85
N ILE F 470 -12.22 37.45 8.38
CA ILE F 470 -12.46 37.30 6.98
C ILE F 470 -13.96 37.09 6.83
N PHE F 471 -14.70 38.17 6.62
CA PHE F 471 -16.14 38.08 6.47
C PHE F 471 -16.45 37.76 5.00
N GLU F 472 -17.71 37.42 4.71
CA GLU F 472 -18.12 37.11 3.33
C GLU F 472 -17.72 38.25 2.40
N ILE F 473 -17.92 39.48 2.87
CA ILE F 473 -17.57 40.67 2.11
C ILE F 473 -16.63 41.50 2.98
N ASN F 474 -15.38 41.62 2.59
CA ASN F 474 -14.41 42.37 3.37
C ASN F 474 -14.14 43.73 2.80
N SER F 475 -14.52 44.77 3.54
CA SER F 475 -14.33 46.13 3.09
C SER F 475 -13.07 46.76 3.66
N PHE F 476 -12.95 48.08 3.46
CA PHE F 476 -11.80 48.83 3.92
C PHE F 476 -11.57 48.66 5.42
N GLU F 477 -12.65 48.44 6.17
CA GLU F 477 -12.53 48.26 7.61
C GLU F 477 -11.72 47.01 7.90
N GLN F 478 -12.09 45.92 7.24
CA GLN F 478 -11.39 44.66 7.42
C GLN F 478 -9.91 44.78 7.02
N LEU F 479 -9.61 45.52 5.95
CA LEU F 479 -8.23 45.66 5.55
C LEU F 479 -7.42 46.25 6.70
N CYS F 480 -7.90 47.34 7.27
CA CYS F 480 -7.19 47.97 8.38
C CYS F 480 -7.05 47.04 9.57
N ILE F 481 -8.16 46.39 9.93
CA ILE F 481 -8.15 45.47 11.06
C ILE F 481 -7.11 44.38 10.86
N ASN F 482 -7.20 43.67 9.74
CA ASN F 482 -6.27 42.59 9.44
C ASN F 482 -4.84 43.09 9.28
N TYR F 483 -4.69 44.31 8.78
CA TYR F 483 -3.36 44.91 8.62
C TYR F 483 -2.72 45.08 10.00
N THR F 484 -3.53 45.53 10.94
CA THR F 484 -3.05 45.72 12.30
C THR F 484 -2.68 44.38 12.92
N ASN F 485 -3.44 43.34 12.57
CA ASN F 485 -3.17 42.04 13.11
C ASN F 485 -1.83 41.55 12.55
N GLU F 486 -1.59 41.84 11.27
CA GLU F 486 -0.33 41.47 10.62
C GLU F 486 0.78 42.23 11.33
N LYS F 487 0.53 43.50 11.61
CA LYS F 487 1.51 44.32 12.26
C LYS F 487 1.88 43.77 13.65
N LEU F 488 0.87 43.28 14.36
CA LEU F 488 1.09 42.76 15.70
C LEU F 488 1.84 41.45 15.65
N GLN F 489 1.49 40.57 14.72
CA GLN F 489 2.17 39.28 14.63
C GLN F 489 3.63 39.55 14.37
N GLN F 490 3.90 40.53 13.50
CA GLN F 490 5.26 40.90 13.15
C GLN F 490 5.99 41.33 14.40
N LEU F 491 5.36 42.20 15.20
CA LEU F 491 5.98 42.66 16.46
C LEU F 491 6.39 41.46 17.28
N PHE F 492 5.57 40.41 17.23
CA PHE F 492 5.89 39.20 17.96
C PHE F 492 7.16 38.66 17.33
N ASN F 493 7.09 38.29 16.06
CA ASN F 493 8.26 37.76 15.36
C ASN F 493 9.54 38.54 15.67
N HIS F 494 9.48 39.85 15.52
CA HIS F 494 10.65 40.71 15.78
C HIS F 494 11.23 40.51 17.17
N THR F 495 10.39 40.72 18.17
CA THR F 495 10.78 40.55 19.55
C THR F 495 11.31 39.12 19.77
N MET F 496 10.43 38.14 19.61
CA MET F 496 10.78 36.75 19.83
C MET F 496 12.06 36.27 19.17
N PHE F 497 12.21 36.61 17.90
CA PHE F 497 13.35 36.13 17.15
C PHE F 497 14.48 37.09 16.85
N ILE F 498 14.17 38.30 16.42
CA ILE F 498 15.25 39.24 16.13
C ILE F 498 15.84 39.81 17.40
N LEU F 499 15.07 40.61 18.12
CA LEU F 499 15.52 41.22 19.36
C LEU F 499 16.20 40.23 20.28
N GLU F 500 15.65 39.02 20.35
CA GLU F 500 16.23 37.99 21.21
C GLU F 500 17.70 37.86 20.89
N GLN F 501 17.97 37.36 19.69
CA GLN F 501 19.33 37.15 19.23
C GLN F 501 20.18 38.42 19.27
N GLU F 502 19.59 39.57 18.94
CA GLU F 502 20.33 40.84 18.96
C GLU F 502 20.98 41.06 20.32
N GLU F 503 20.22 40.81 21.38
CA GLU F 503 20.69 40.99 22.75
C GLU F 503 21.81 39.99 23.05
N TYR F 504 21.73 38.82 22.44
CA TYR F 504 22.74 37.79 22.64
C TYR F 504 24.07 38.38 22.24
N GLN F 505 24.23 38.60 20.94
CA GLN F 505 25.46 39.16 20.40
C GLN F 505 25.86 40.44 21.13
N ARG F 506 24.87 41.28 21.41
CA ARG F 506 25.09 42.55 22.09
C ARG F 506 25.72 42.39 23.46
N GLU F 507 25.42 41.27 24.12
CA GLU F 507 25.97 41.02 25.45
C GLU F 507 27.20 40.12 25.36
N GLY F 508 27.61 39.82 24.13
CA GLY F 508 28.79 39.00 23.92
C GLY F 508 28.66 37.50 24.13
N ILE F 509 27.46 36.95 23.98
CA ILE F 509 27.25 35.51 24.16
C ILE F 509 27.72 34.76 22.93
N GLU F 510 28.27 33.57 23.14
CA GLU F 510 28.71 32.74 22.03
C GLU F 510 27.42 32.31 21.35
N TRP F 511 26.99 33.08 20.33
CA TRP F 511 25.74 32.75 19.66
C TRP F 511 25.76 32.93 18.15
N ASN F 512 25.26 31.92 17.44
CA ASN F 512 25.19 31.98 15.98
C ASN F 512 23.73 32.18 15.58
N PHE F 513 23.47 33.28 14.88
CA PHE F 513 22.13 33.64 14.45
C PHE F 513 21.31 32.53 13.81
N ILE F 514 20.02 32.51 14.15
CA ILE F 514 19.10 31.54 13.61
C ILE F 514 17.99 32.24 12.87
N ASP F 515 17.94 32.05 11.56
CA ASP F 515 16.88 32.65 10.80
C ASP F 515 15.70 31.72 11.05
N PHE F 516 14.72 32.17 11.82
CA PHE F 516 13.56 31.33 12.11
C PHE F 516 12.49 31.37 11.03
N GLY F 517 12.83 32.03 9.92
CA GLY F 517 11.90 32.12 8.81
C GLY F 517 10.50 32.60 9.15
N LEU F 518 10.42 33.79 9.71
CA LEU F 518 9.15 34.38 10.07
C LEU F 518 9.25 35.89 9.89
N ASP F 519 8.85 36.38 8.73
CA ASP F 519 8.89 37.82 8.48
C ASP F 519 7.68 38.23 7.66
N LEU F 520 6.97 39.23 8.15
CA LEU F 520 5.78 39.71 7.47
C LEU F 520 6.03 41.06 6.83
N GLN F 521 7.26 41.56 6.95
CA GLN F 521 7.59 42.86 6.36
C GLN F 521 6.96 43.06 4.99
N PRO F 522 7.14 42.09 4.07
CA PRO F 522 6.56 42.20 2.72
C PRO F 522 5.12 42.71 2.74
N CYS F 523 4.20 41.86 3.15
CA CYS F 523 2.78 42.23 3.20
C CYS F 523 2.61 43.58 3.87
N ILE F 524 3.23 43.76 5.02
CA ILE F 524 3.12 45.01 5.74
C ILE F 524 3.49 46.16 4.82
N GLU F 525 4.59 46.03 4.10
CA GLU F 525 5.01 47.10 3.18
C GLU F 525 4.01 47.25 2.04
N LEU F 526 3.44 46.13 1.61
CA LEU F 526 2.48 46.14 0.52
C LEU F 526 1.26 46.96 0.88
N ILE F 527 1.15 47.36 2.15
CA ILE F 527 0.00 48.14 2.59
C ILE F 527 0.34 49.54 3.10
N GLU F 528 1.40 49.62 3.92
CA GLU F 528 1.80 50.88 4.53
C GLU F 528 3.00 51.58 3.89
N ARG F 529 3.47 51.08 2.75
CA ARG F 529 4.63 51.68 2.07
C ARG F 529 4.23 53.06 1.58
N PRO F 530 4.47 54.09 2.39
CA PRO F 530 4.11 55.46 1.98
C PRO F 530 4.82 55.87 0.70
N THR F 531 6.11 56.13 0.87
CA THR F 531 6.97 56.54 -0.22
C THR F 531 7.45 55.31 -0.99
N ASN F 532 8.35 55.56 -1.94
CA ASN F 532 8.94 54.52 -2.76
C ASN F 532 7.84 53.69 -3.44
N PRO F 533 7.96 52.35 -3.45
CA PRO F 533 6.92 51.53 -4.09
C PRO F 533 5.58 51.79 -3.40
N PRO F 534 4.63 52.42 -4.11
CA PRO F 534 3.32 52.72 -3.53
C PRO F 534 2.62 51.45 -3.04
N GLY F 535 1.95 51.58 -1.89
CA GLY F 535 1.23 50.48 -1.27
C GLY F 535 -0.27 50.70 -1.28
N VAL F 536 -1.04 49.66 -0.95
CA VAL F 536 -2.49 49.76 -0.97
C VAL F 536 -3.01 51.05 -0.33
N LEU F 537 -2.71 51.26 0.94
CA LEU F 537 -3.21 52.45 1.62
C LEU F 537 -2.85 53.72 0.89
N ALA F 538 -1.58 53.90 0.54
CA ALA F 538 -1.15 55.11 -0.14
C ALA F 538 -1.68 55.24 -1.55
N LEU F 539 -1.81 54.12 -2.25
CA LEU F 539 -2.32 54.15 -3.61
C LEU F 539 -3.71 54.77 -3.52
N LEU F 540 -4.46 54.38 -2.50
CA LEU F 540 -5.80 54.89 -2.28
C LEU F 540 -5.76 56.38 -2.02
N ASP F 541 -5.05 56.77 -0.95
CA ASP F 541 -4.92 58.18 -0.59
C ASP F 541 -4.65 58.97 -1.87
N GLU F 542 -3.93 58.36 -2.80
CA GLU F 542 -3.62 58.99 -4.07
C GLU F 542 -4.89 59.00 -4.90
N GLU F 543 -5.48 57.82 -5.09
CA GLU F 543 -6.70 57.66 -5.86
C GLU F 543 -7.69 58.80 -5.63
N CYS F 544 -8.00 59.10 -4.38
CA CYS F 544 -8.92 60.19 -4.10
C CYS F 544 -8.18 61.53 -4.17
N ALA F 549 -12.44 59.41 -10.99
CA ALA F 549 -11.71 58.36 -10.21
C ALA F 549 -12.68 57.37 -9.56
N THR F 550 -12.92 56.25 -10.24
CA THR F 550 -13.82 55.23 -9.70
C THR F 550 -13.10 54.38 -8.68
N ASP F 551 -13.85 53.74 -7.77
CA ASP F 551 -13.26 52.87 -6.75
C ASP F 551 -12.58 51.77 -7.52
N THR F 552 -13.21 51.39 -8.63
CA THR F 552 -12.69 50.35 -9.50
C THR F 552 -11.38 50.85 -10.10
N SER F 553 -11.33 52.13 -10.40
CA SER F 553 -10.12 52.72 -10.96
C SER F 553 -9.01 52.48 -9.94
N PHE F 554 -9.34 52.61 -8.66
CA PHE F 554 -8.38 52.40 -7.59
C PHE F 554 -7.81 51.00 -7.73
N VAL F 555 -8.68 50.01 -7.77
CA VAL F 555 -8.24 48.63 -7.91
C VAL F 555 -7.30 48.42 -9.09
N GLU F 556 -7.67 48.99 -10.25
CA GLU F 556 -6.85 48.86 -11.46
C GLU F 556 -5.41 49.33 -11.23
N LYS F 557 -5.25 50.48 -10.59
CA LYS F 557 -3.93 51.04 -10.32
C LYS F 557 -3.22 50.21 -9.26
N LEU F 558 -3.96 49.77 -8.26
CA LEU F 558 -3.40 48.97 -7.18
C LEU F 558 -2.73 47.76 -7.78
N ILE F 559 -3.37 47.21 -8.80
CA ILE F 559 -2.84 46.03 -9.48
C ILE F 559 -1.55 46.36 -10.23
N GLN F 560 -1.61 47.39 -11.03
CA GLN F 560 -0.47 47.81 -11.83
C GLN F 560 0.74 48.12 -10.96
N GLU F 561 0.49 48.55 -9.73
CA GLU F 561 1.52 48.91 -8.78
C GLU F 561 2.03 47.70 -8.00
N GLN F 562 1.08 46.91 -7.50
CA GLN F 562 1.39 45.70 -6.74
C GLN F 562 1.31 44.49 -7.64
N GLY F 563 0.07 44.12 -7.95
CA GLY F 563 -0.21 43.00 -8.82
C GLY F 563 0.57 41.74 -8.52
N ASN F 564 1.83 41.74 -8.93
CA ASN F 564 2.73 40.61 -8.75
C ASN F 564 3.12 40.38 -7.30
N HIS F 565 3.38 41.47 -6.58
CA HIS F 565 3.80 41.39 -5.19
C HIS F 565 3.34 40.10 -4.51
N ALA F 566 4.33 39.33 -4.08
CA ALA F 566 4.15 38.05 -3.42
C ALA F 566 2.81 37.92 -2.73
N LYS F 567 2.57 38.82 -1.78
CA LYS F 567 1.35 38.82 -0.96
C LYS F 567 0.19 39.58 -1.59
N PHE F 568 0.07 39.49 -2.91
CA PHE F 568 -1.00 40.14 -3.67
C PHE F 568 -1.58 39.15 -4.67
N GLN F 569 -2.81 39.38 -5.08
CA GLN F 569 -3.46 38.50 -6.03
C GLN F 569 -4.63 39.21 -6.69
N LYS F 570 -4.63 39.30 -8.03
CA LYS F 570 -5.74 39.93 -8.72
C LYS F 570 -6.89 38.98 -8.41
N SER F 571 -8.13 39.47 -8.43
CA SER F 571 -9.25 38.59 -8.11
C SER F 571 -9.75 37.84 -9.34
N LYS F 577 -14.97 42.79 -9.42
CA LYS F 577 -15.91 43.75 -8.77
C LYS F 577 -15.15 44.69 -7.84
N THR F 578 -14.01 45.16 -8.31
CA THR F 578 -13.16 46.06 -7.54
C THR F 578 -12.54 45.26 -6.40
N GLU F 579 -12.45 43.95 -6.59
CA GLU F 579 -11.89 43.07 -5.59
C GLU F 579 -10.44 42.71 -5.86
N PHE F 580 -9.73 42.43 -4.78
CA PHE F 580 -8.35 41.99 -4.87
C PHE F 580 -8.07 41.12 -3.66
N CYS F 581 -6.93 40.44 -3.63
CA CYS F 581 -6.59 39.57 -2.52
C CYS F 581 -5.25 39.90 -1.90
N ILE F 582 -5.21 39.87 -0.59
CA ILE F 582 -3.97 40.10 0.15
C ILE F 582 -3.76 38.79 0.92
N LEU F 583 -2.55 38.26 0.86
CA LEU F 583 -2.26 37.01 1.58
C LEU F 583 -1.72 37.38 2.94
N HIS F 584 -2.63 37.56 3.89
CA HIS F 584 -2.25 37.90 5.24
C HIS F 584 -1.71 36.67 5.92
N TYR F 585 -0.84 36.88 6.89
CA TYR F 585 -0.25 35.78 7.61
C TYR F 585 -1.34 34.82 8.08
N ALA F 586 -2.44 35.38 8.54
CA ALA F 586 -3.56 34.57 9.05
C ALA F 586 -4.35 33.95 7.94
N GLY F 587 -4.16 34.43 6.71
CA GLY F 587 -4.92 33.87 5.60
C GLY F 587 -5.15 34.79 4.42
N LYS F 588 -5.77 34.25 3.38
CA LYS F 588 -6.03 35.03 2.17
C LYS F 588 -7.38 35.70 2.24
N VAL F 589 -7.32 37.02 2.30
CA VAL F 589 -8.52 37.83 2.37
C VAL F 589 -8.71 38.50 1.00
N THR F 590 -9.89 38.34 0.42
CA THR F 590 -10.16 38.96 -0.85
C THR F 590 -11.07 40.15 -0.56
N TYR F 591 -10.47 41.33 -0.62
CA TYR F 591 -11.16 42.57 -0.34
C TYR F 591 -12.03 43.05 -1.50
N ASN F 592 -12.92 43.99 -1.19
CA ASN F 592 -13.82 44.59 -2.17
C ASN F 592 -13.73 46.10 -1.99
N ALA F 593 -13.02 46.75 -2.91
CA ALA F 593 -12.77 48.19 -2.88
C ALA F 593 -13.98 49.09 -3.07
N SER F 594 -15.17 48.51 -3.11
CA SER F 594 -16.39 49.31 -3.27
C SER F 594 -16.49 50.38 -2.19
N ALA F 595 -16.65 51.62 -2.62
CA ALA F 595 -16.80 52.77 -1.72
C ALA F 595 -15.55 53.13 -0.96
N TRP F 596 -14.46 52.43 -1.22
CA TRP F 596 -13.23 52.71 -0.51
C TRP F 596 -12.80 54.16 -0.60
N LEU F 597 -12.89 54.74 -1.80
CA LEU F 597 -12.49 56.12 -2.00
C LEU F 597 -13.24 57.07 -1.07
N THR F 598 -14.55 56.81 -0.93
CA THR F 598 -15.44 57.62 -0.08
C THR F 598 -15.10 57.35 1.38
N LYS F 599 -14.88 56.08 1.68
CA LYS F 599 -14.56 55.64 3.02
C LYS F 599 -13.26 56.25 3.54
N ASN F 600 -12.29 56.39 2.64
CA ASN F 600 -10.99 56.95 3.03
C ASN F 600 -11.05 58.46 3.18
N MET F 601 -12.01 59.09 2.49
CA MET F 601 -12.18 60.54 2.53
C MET F 601 -13.06 60.96 3.70
N ASP F 602 -14.12 60.19 3.94
CA ASP F 602 -15.06 60.46 5.02
C ASP F 602 -15.68 61.85 4.84
N PRO F 603 -16.40 62.05 3.73
CA PRO F 603 -17.06 63.32 3.40
C PRO F 603 -18.38 63.55 4.12
N LEU F 604 -18.43 64.64 4.86
CA LEU F 604 -19.61 65.02 5.61
C LEU F 604 -20.29 66.21 4.92
N ASN F 605 -21.51 66.51 5.34
CA ASN F 605 -22.26 67.62 4.76
C ASN F 605 -22.10 68.84 5.68
N ASP F 606 -20.96 69.52 5.55
CA ASP F 606 -20.62 70.70 6.34
C ASP F 606 -21.82 71.58 6.68
N ASN F 607 -22.81 71.60 5.77
CA ASN F 607 -24.02 72.38 6.00
C ASN F 607 -24.67 71.90 7.29
N VAL F 608 -25.29 70.72 7.21
CA VAL F 608 -25.94 70.14 8.38
C VAL F 608 -24.93 70.10 9.51
N THR F 609 -23.70 69.77 9.15
CA THR F 609 -22.61 69.69 10.11
C THR F 609 -22.55 70.96 10.96
N SER F 610 -22.68 72.11 10.30
CA SER F 610 -22.64 73.38 11.03
C SER F 610 -23.87 73.54 11.91
N LEU F 611 -25.02 73.20 11.35
CA LEU F 611 -26.28 73.28 12.07
C LEU F 611 -26.09 72.66 13.46
N LEU F 612 -25.51 71.47 13.48
CA LEU F 612 -25.27 70.75 14.70
C LEU F 612 -24.22 71.48 15.52
N ASN F 613 -23.22 72.02 14.84
CA ASN F 613 -22.18 72.75 15.54
C ASN F 613 -22.79 73.79 16.49
N GLN F 614 -23.95 74.30 16.11
CA GLN F 614 -24.66 75.28 16.93
C GLN F 614 -26.06 74.76 17.23
N SER F 615 -26.12 73.59 17.85
CA SER F 615 -27.38 72.97 18.21
C SER F 615 -27.87 73.57 19.51
N SER F 616 -29.19 73.72 19.60
CA SER F 616 -29.79 74.27 20.81
C SER F 616 -29.34 73.36 21.94
N ASP F 617 -28.94 72.15 21.59
CA ASP F 617 -28.48 71.17 22.55
C ASP F 617 -26.98 71.22 22.71
N LYS F 618 -26.54 71.42 23.95
CA LYS F 618 -25.13 71.51 24.26
C LYS F 618 -24.37 70.22 23.94
N PHE F 619 -24.85 69.08 24.41
CA PHE F 619 -24.17 67.81 24.14
C PHE F 619 -23.95 67.64 22.67
N VAL F 620 -24.99 67.88 21.89
CA VAL F 620 -24.88 67.77 20.44
C VAL F 620 -23.75 68.71 20.01
N ALA F 621 -23.88 69.98 20.39
CA ALA F 621 -22.89 70.99 20.04
C ALA F 621 -21.50 70.51 20.43
N ASP F 622 -21.38 69.94 21.63
CA ASP F 622 -20.11 69.44 22.11
C ASP F 622 -19.62 68.43 21.10
N LEU F 623 -20.43 67.39 20.88
CA LEU F 623 -20.09 66.34 19.92
C LEU F 623 -19.54 66.94 18.64
N TRP F 624 -20.10 68.07 18.22
CA TRP F 624 -19.64 68.67 16.98
C TRP F 624 -18.90 69.99 17.15
N LYS F 625 -18.07 70.08 18.19
CA LYS F 625 -17.29 71.29 18.42
C LYS F 625 -16.13 71.38 17.41
N ARG F 656 -4.31 63.35 6.70
CA ARG F 656 -5.61 63.86 6.16
C ARG F 656 -6.66 62.74 5.96
N THR F 657 -6.40 61.80 5.05
CA THR F 657 -7.35 60.70 4.81
C THR F 657 -7.32 59.68 5.95
N VAL F 658 -8.42 58.94 6.07
CA VAL F 658 -8.54 57.93 7.13
C VAL F 658 -7.35 57.01 7.20
N GLY F 659 -7.03 56.39 6.07
CA GLY F 659 -5.90 55.50 6.04
C GLY F 659 -4.71 56.19 6.68
N GLN F 660 -4.39 57.39 6.22
CA GLN F 660 -3.26 58.14 6.75
C GLN F 660 -3.34 58.30 8.26
N LEU F 661 -4.50 58.76 8.73
CA LEU F 661 -4.69 58.99 10.15
C LEU F 661 -4.40 57.73 10.95
N TYR F 662 -4.84 56.59 10.43
CA TYR F 662 -4.60 55.33 11.12
C TYR F 662 -3.12 55.04 11.21
N LYS F 663 -2.44 55.05 10.07
CA LYS F 663 -1.01 54.80 10.03
C LYS F 663 -0.34 55.53 11.17
N GLU F 664 -0.65 56.82 11.31
CA GLU F 664 -0.08 57.63 12.38
C GLU F 664 -0.33 57.00 13.76
N GLN F 665 -1.60 56.84 14.08
CA GLN F 665 -2.01 56.26 15.36
C GLN F 665 -1.34 54.92 15.61
N LEU F 666 -1.30 54.08 14.58
CA LEU F 666 -0.69 52.76 14.69
C LEU F 666 0.78 52.89 15.04
N THR F 667 1.49 53.72 14.29
CA THR F 667 2.91 53.91 14.52
C THR F 667 3.18 54.46 15.91
N LYS F 668 2.37 55.40 16.35
CA LYS F 668 2.54 55.96 17.68
C LYS F 668 2.42 54.81 18.71
N LEU F 669 1.52 53.87 18.42
CA LEU F 669 1.29 52.71 19.29
C LEU F 669 2.49 51.80 19.27
N MET F 670 2.80 51.28 18.06
CA MET F 670 3.94 50.38 17.90
C MET F 670 5.15 50.91 18.67
N THR F 671 5.37 52.22 18.55
CA THR F 671 6.50 52.88 19.23
C THR F 671 6.36 52.73 20.76
N THR F 672 5.22 53.15 21.30
CA THR F 672 4.98 53.04 22.73
C THR F 672 5.29 51.61 23.14
N LEU F 673 4.75 50.68 22.36
CA LEU F 673 4.95 49.26 22.62
C LEU F 673 6.44 48.94 22.55
N ARG F 674 7.14 49.57 21.60
CA ARG F 674 8.57 49.35 21.41
C ARG F 674 9.35 49.72 22.68
N ASN F 675 8.81 50.67 23.44
CA ASN F 675 9.45 51.13 24.66
C ASN F 675 8.90 50.49 25.91
N THR F 676 8.43 49.26 25.77
CA THR F 676 7.88 48.49 26.90
C THR F 676 8.22 47.01 26.74
N ASN F 677 8.30 46.30 27.87
CA ASN F 677 8.59 44.88 27.85
C ASN F 677 7.28 44.18 27.47
N PRO F 678 7.21 43.61 26.26
CA PRO F 678 6.00 42.92 25.81
C PRO F 678 5.81 41.54 26.39
N ASN F 679 4.55 41.18 26.55
CA ASN F 679 4.14 39.89 27.09
C ASN F 679 2.98 39.48 26.20
N PHE F 680 3.26 38.59 25.27
CA PHE F 680 2.27 38.12 24.34
C PHE F 680 1.43 37.01 24.94
N VAL F 681 0.12 37.09 24.73
CA VAL F 681 -0.78 36.05 25.18
C VAL F 681 -1.39 35.69 23.85
N ARG F 682 -1.13 34.45 23.40
CA ARG F 682 -1.65 34.01 22.12
C ARG F 682 -2.95 33.27 22.27
N CYS F 683 -4.03 33.90 21.83
CA CYS F 683 -5.34 33.32 21.93
C CYS F 683 -5.72 32.50 20.72
N ILE F 684 -5.98 31.21 20.96
CA ILE F 684 -6.37 30.28 19.93
C ILE F 684 -7.86 30.09 19.99
N ILE F 685 -8.48 30.05 18.81
CA ILE F 685 -9.91 29.83 18.69
C ILE F 685 -9.96 28.31 18.42
N PRO F 686 -10.77 27.56 19.18
CA PRO F 686 -10.88 26.12 19.01
C PRO F 686 -11.62 25.64 17.79
N ASN F 687 -12.75 26.25 17.52
CA ASN F 687 -13.55 25.85 16.38
C ASN F 687 -14.19 27.09 15.80
N HIS F 688 -14.96 26.92 14.74
CA HIS F 688 -15.62 28.07 14.16
C HIS F 688 -17.12 28.06 14.40
N GLU F 689 -17.58 27.17 15.27
CA GLU F 689 -18.99 27.02 15.58
C GLU F 689 -19.35 27.58 16.95
N LYS F 690 -18.52 28.53 17.42
CA LYS F 690 -18.74 29.15 18.72
C LYS F 690 -19.14 28.05 19.70
N ARG F 691 -18.57 26.86 19.46
CA ARG F 691 -18.85 25.67 20.25
C ARG F 691 -17.81 25.36 21.29
N ALA F 692 -18.29 25.00 22.47
CA ALA F 692 -17.42 24.67 23.57
C ALA F 692 -17.13 23.19 23.53
N GLY F 693 -15.89 22.81 23.82
CA GLY F 693 -15.54 21.40 23.81
C GLY F 693 -15.29 20.80 22.43
N LYS F 694 -15.19 21.65 21.42
CA LYS F 694 -14.91 21.14 20.09
C LYS F 694 -13.60 21.74 19.64
N LEU F 695 -12.52 20.97 19.78
CA LEU F 695 -11.21 21.47 19.37
C LEU F 695 -10.92 21.01 17.94
N ASP F 696 -10.93 21.95 17.01
CA ASP F 696 -10.65 21.69 15.60
C ASP F 696 -9.15 21.58 15.36
N ALA F 697 -8.64 20.37 15.52
CA ALA F 697 -7.22 20.04 15.36
C ALA F 697 -6.50 20.84 14.28
N HIS F 698 -7.13 20.99 13.12
CA HIS F 698 -6.47 21.72 12.05
C HIS F 698 -6.58 23.23 12.15
N LEU F 699 -7.71 23.72 12.65
CA LEU F 699 -7.89 25.15 12.82
C LEU F 699 -6.86 25.56 13.85
N VAL F 700 -6.66 24.71 14.85
CA VAL F 700 -5.69 25.00 15.90
C VAL F 700 -4.26 24.94 15.31
N LEU F 701 -3.96 23.87 14.58
CA LEU F 701 -2.64 23.76 13.99
C LEU F 701 -2.32 24.97 13.13
N GLU F 702 -3.27 25.38 12.30
CA GLU F 702 -3.03 26.52 11.43
C GLU F 702 -2.72 27.76 12.26
N GLN F 703 -3.47 27.97 13.34
CA GLN F 703 -3.25 29.13 14.19
C GLN F 703 -1.88 29.05 14.82
N LEU F 704 -1.55 27.87 15.35
CA LEU F 704 -0.24 27.67 15.94
C LEU F 704 0.87 28.00 14.91
N ARG F 705 0.56 27.81 13.63
CA ARG F 705 1.52 28.06 12.57
C ARG F 705 1.85 29.53 12.31
N CYS F 706 0.83 30.32 11.97
CA CYS F 706 1.04 31.74 11.68
C CYS F 706 1.37 32.58 12.90
N ASN F 707 1.22 32.01 14.09
CA ASN F 707 1.53 32.74 15.32
C ASN F 707 2.98 32.52 15.71
N GLY F 708 3.63 31.61 15.00
CA GLY F 708 5.02 31.29 15.27
C GLY F 708 5.20 30.60 16.60
N VAL F 709 4.12 30.05 17.17
CA VAL F 709 4.19 29.40 18.48
C VAL F 709 5.31 28.37 18.59
N LEU F 710 5.50 27.54 17.58
CA LEU F 710 6.56 26.54 17.63
C LEU F 710 7.96 27.14 17.53
N GLU F 711 8.12 28.13 16.66
CA GLU F 711 9.39 28.81 16.48
C GLU F 711 9.64 29.60 17.75
N GLY F 712 8.57 30.08 18.37
CA GLY F 712 8.70 30.84 19.58
C GLY F 712 9.12 29.96 20.73
N ILE F 713 8.90 28.66 20.59
CA ILE F 713 9.28 27.74 21.65
C ILE F 713 10.68 27.22 21.33
N ARG F 714 11.02 27.11 20.04
CA ARG F 714 12.34 26.62 19.66
C ARG F 714 13.40 27.59 20.19
N ILE F 715 13.25 28.85 19.85
CA ILE F 715 14.20 29.85 20.29
C ILE F 715 14.34 29.89 21.81
N CYS F 716 13.24 29.63 22.51
CA CYS F 716 13.27 29.64 23.98
C CYS F 716 14.06 28.45 24.46
N ARG F 717 14.23 27.48 23.57
CA ARG F 717 14.97 26.28 23.89
C ARG F 717 16.40 26.42 23.38
N GLN F 718 16.54 26.62 22.07
CA GLN F 718 17.85 26.77 21.43
C GLN F 718 18.67 27.94 21.99
N GLY F 719 18.00 28.86 22.67
CA GLY F 719 18.71 30.01 23.21
C GLY F 719 18.71 30.05 24.72
N PHE F 720 18.79 31.26 25.28
CA PHE F 720 18.79 31.44 26.73
C PHE F 720 17.77 32.54 27.06
N PRO F 721 16.52 32.15 27.34
CA PRO F 721 15.39 33.04 27.67
C PRO F 721 15.56 33.90 28.90
N ASN F 722 15.89 33.27 30.01
CA ASN F 722 16.11 34.01 31.25
C ASN F 722 17.51 34.58 31.20
N ARG F 723 17.72 35.65 31.95
CA ARG F 723 19.01 36.32 31.98
C ARG F 723 19.00 37.35 33.09
N ILE F 724 19.82 37.16 34.12
CA ILE F 724 19.87 38.13 35.20
C ILE F 724 21.26 38.75 35.39
N VAL F 725 21.28 39.96 35.91
CA VAL F 725 22.54 40.66 36.12
C VAL F 725 23.30 40.03 37.26
N PHE F 726 24.62 40.03 37.11
CA PHE F 726 25.51 39.44 38.10
C PHE F 726 25.04 39.64 39.54
N GLN F 727 25.02 40.88 40.01
CA GLN F 727 24.61 41.18 41.38
C GLN F 727 23.35 40.45 41.79
N GLU F 728 22.29 40.60 41.00
CA GLU F 728 21.01 39.97 41.28
C GLU F 728 21.17 38.46 41.41
N PHE F 729 21.93 37.85 40.51
CA PHE F 729 22.13 36.41 40.60
C PHE F 729 22.83 36.13 41.91
N ARG F 730 23.83 36.94 42.23
CA ARG F 730 24.61 36.81 43.45
C ARG F 730 23.76 36.89 44.71
N GLN F 731 22.91 37.92 44.81
CA GLN F 731 22.07 38.08 46.00
C GLN F 731 20.97 37.04 46.10
N ARG F 732 20.26 36.80 45.00
CA ARG F 732 19.17 35.84 45.00
C ARG F 732 19.61 34.42 45.36
N TYR F 733 20.71 33.96 44.78
CA TYR F 733 21.17 32.60 45.03
C TYR F 733 22.53 32.39 45.74
N GLU F 734 23.08 33.42 46.36
CA GLU F 734 24.34 33.23 47.07
C GLU F 734 24.10 32.22 48.19
N ILE F 735 22.88 32.21 48.71
CA ILE F 735 22.49 31.31 49.78
C ILE F 735 22.64 29.85 49.35
N LEU F 736 22.50 29.58 48.06
CA LEU F 736 22.62 28.22 47.55
C LEU F 736 24.09 27.81 47.48
N ALA F 737 24.98 28.79 47.63
CA ALA F 737 26.43 28.57 47.64
C ALA F 737 27.06 29.64 48.53
N ALA F 738 26.72 29.59 49.82
CA ALA F 738 27.20 30.55 50.82
C ALA F 738 28.72 30.70 50.84
N ASN F 739 29.38 29.55 50.74
CA ASN F 739 30.85 29.48 50.75
C ASN F 739 31.40 29.57 49.31
N ALA F 740 30.65 30.26 48.47
CA ALA F 740 31.00 30.41 47.06
C ALA F 740 31.89 31.60 46.80
N ILE F 741 31.45 32.76 47.29
CA ILE F 741 32.17 33.99 47.09
C ILE F 741 33.13 34.31 48.24
N PRO F 742 34.23 35.01 47.94
CA PRO F 742 35.20 35.39 48.97
C PRO F 742 34.52 36.31 49.97
N LYS F 743 34.97 36.21 51.22
CA LYS F 743 34.45 37.04 52.29
C LYS F 743 35.01 38.45 52.12
N GLY F 744 34.20 39.33 51.54
CA GLY F 744 34.61 40.70 51.28
C GLY F 744 34.13 41.13 49.93
N PHE F 745 34.95 41.89 49.24
CA PHE F 745 34.61 42.40 47.93
C PHE F 745 34.86 41.36 46.86
N MET F 746 33.79 41.05 46.14
CA MET F 746 33.81 40.10 45.03
C MET F 746 32.97 40.66 43.88
N ASP F 747 33.66 41.06 42.82
CA ASP F 747 32.98 41.62 41.66
C ASP F 747 31.80 40.73 41.22
N GLY F 748 30.73 41.38 40.76
CA GLY F 748 29.55 40.67 40.33
C GLY F 748 29.86 39.47 39.45
N LYS F 749 30.61 39.71 38.38
CA LYS F 749 30.98 38.66 37.42
C LYS F 749 31.76 37.50 38.02
N GLN F 750 32.91 37.79 38.63
CA GLN F 750 33.73 36.76 39.27
C GLN F 750 32.97 36.06 40.39
N ALA F 751 32.08 36.80 41.04
CA ALA F 751 31.28 36.24 42.14
C ALA F 751 30.30 35.23 41.57
N CYS F 752 29.65 35.59 40.46
CA CYS F 752 28.71 34.71 39.82
C CYS F 752 29.46 33.48 39.35
N ILE F 753 30.51 33.73 38.57
CA ILE F 753 31.35 32.67 38.03
C ILE F 753 31.71 31.69 39.12
N LEU F 754 31.97 32.20 40.33
CA LEU F 754 32.32 31.35 41.46
C LEU F 754 31.13 30.50 41.86
N MET F 755 30.03 31.17 42.19
CA MET F 755 28.79 30.51 42.61
C MET F 755 28.35 29.45 41.63
N ILE F 756 28.32 29.79 40.34
CA ILE F 756 27.92 28.83 39.30
C ILE F 756 28.78 27.60 39.47
N LYS F 757 30.09 27.79 39.56
CA LYS F 757 31.01 26.67 39.75
C LYS F 757 30.60 25.92 41.01
N ALA F 758 30.33 26.68 42.07
CA ALA F 758 29.91 26.10 43.33
C ALA F 758 28.64 25.28 43.15
N LEU F 759 27.77 25.71 42.24
CA LEU F 759 26.51 25.02 42.00
C LEU F 759 26.69 23.85 41.05
N GLU F 760 27.87 23.77 40.42
CA GLU F 760 28.16 22.69 39.48
C GLU F 760 27.18 22.77 38.31
N LEU F 761 26.95 23.97 37.82
CA LEU F 761 26.03 24.19 36.71
C LEU F 761 26.64 23.72 35.40
N ASP F 762 25.90 22.90 34.66
CA ASP F 762 26.41 22.43 33.38
C ASP F 762 26.56 23.65 32.48
N PRO F 763 27.75 23.84 31.93
CA PRO F 763 28.08 24.94 31.05
C PRO F 763 27.08 25.16 29.94
N ASN F 764 26.35 24.11 29.59
CA ASN F 764 25.38 24.24 28.52
C ASN F 764 24.18 25.05 29.00
N LEU F 765 23.96 24.99 30.30
CA LEU F 765 22.86 25.68 30.94
C LEU F 765 22.96 27.19 30.98
N TYR F 766 24.12 27.77 30.65
CA TYR F 766 24.23 29.21 30.74
C TYR F 766 25.31 29.83 29.88
N ARG F 767 25.40 31.16 29.99
CA ARG F 767 26.40 31.91 29.28
C ARG F 767 26.60 33.15 30.13
N ILE F 768 27.85 33.60 30.23
CA ILE F 768 28.14 34.79 31.00
C ILE F 768 28.33 35.89 29.97
N GLY F 769 27.40 36.84 29.95
CA GLY F 769 27.50 37.95 29.03
C GLY F 769 28.22 39.10 29.70
N GLN F 770 28.27 40.25 29.03
CA GLN F 770 28.93 41.44 29.56
C GLN F 770 28.45 41.80 30.97
N SER F 771 27.15 42.00 31.10
CA SER F 771 26.53 42.41 32.35
C SER F 771 25.62 41.42 33.02
N LYS F 772 25.33 40.30 32.39
CA LYS F 772 24.43 39.33 33.00
C LYS F 772 24.69 37.92 32.50
N ILE F 773 24.18 36.94 33.25
CA ILE F 773 24.33 35.54 32.86
C ILE F 773 23.04 35.12 32.16
N PHE F 774 23.15 34.46 31.01
CA PHE F 774 21.97 34.02 30.32
C PHE F 774 21.74 32.58 30.72
N PHE F 775 20.51 32.23 31.09
CA PHE F 775 20.20 30.85 31.48
C PHE F 775 19.26 30.18 30.52
N ARG F 776 19.37 28.87 30.46
CA ARG F 776 18.50 28.09 29.61
C ARG F 776 17.14 28.11 30.26
N THR F 777 16.12 27.75 29.51
CA THR F 777 14.77 27.74 30.01
C THR F 777 14.66 26.89 31.27
N GLY F 778 13.93 27.42 32.25
CA GLY F 778 13.73 26.70 33.49
C GLY F 778 14.94 26.42 34.36
N VAL F 779 16.07 27.09 34.14
CA VAL F 779 17.23 26.84 34.99
C VAL F 779 17.05 27.65 36.28
N LEU F 780 16.83 28.95 36.15
CA LEU F 780 16.64 29.78 37.33
C LEU F 780 15.45 29.22 38.09
N ALA F 781 14.48 28.69 37.36
CA ALA F 781 13.30 28.10 38.00
C ALA F 781 13.78 27.14 39.06
N HIS F 782 14.48 26.09 38.63
CA HIS F 782 15.00 25.08 39.55
C HIS F 782 15.84 25.72 40.66
N LEU F 783 16.62 26.74 40.30
CA LEU F 783 17.45 27.41 41.28
C LEU F 783 16.51 27.98 42.34
N GLU F 784 15.39 28.55 41.89
CA GLU F 784 14.42 29.14 42.80
C GLU F 784 13.85 28.06 43.70
N GLU F 785 13.33 27.00 43.10
CA GLU F 785 12.75 25.92 43.87
C GLU F 785 13.72 25.41 44.93
N GLU F 786 14.98 25.26 44.54
CA GLU F 786 16.00 24.77 45.46
C GLU F 786 16.20 25.81 46.55
N ARG F 787 16.08 27.07 46.16
CA ARG F 787 16.25 28.19 47.08
C ARG F 787 15.28 28.16 48.25
N ASP F 788 14.13 27.52 48.08
CA ASP F 788 13.12 27.45 49.13
C ASP F 788 13.07 26.10 49.85
MG MG G . 36.12 25.60 -33.40
AL ALF H . 34.00 26.51 -35.94
F1 ALF H . 32.44 25.65 -36.19
F2 ALF H . 35.52 27.42 -35.66
F3 ALF H . 33.47 27.71 -37.12
F4 ALF H . 34.50 25.29 -34.68
PB ADP I . 33.21 26.79 -32.91
O1B ADP I . 31.90 26.06 -33.07
O2B ADP I . 34.28 25.81 -32.54
O3B ADP I . 33.60 27.51 -34.17
PA ADP I . 33.92 28.62 -30.72
O1A ADP I . 34.34 27.67 -29.64
O2A ADP I . 35.13 29.17 -31.43
O3A ADP I . 32.97 27.88 -31.77
O5' ADP I . 33.17 29.85 -30.07
C5' ADP I . 33.64 31.11 -30.59
C4' ADP I . 33.58 32.28 -29.61
O4' ADP I . 32.46 32.18 -28.68
C3' ADP I . 34.85 32.49 -28.80
O3' ADP I . 35.80 33.26 -29.58
C2' ADP I . 34.30 33.06 -27.47
O2' ADP I . 34.33 34.50 -27.36
C1' ADP I . 32.87 32.51 -27.41
N9 ADP I . 32.70 31.35 -26.52
C8 ADP I . 32.00 30.21 -26.75
N7 ADP I . 31.60 29.59 -25.62
C5 ADP I . 32.21 30.33 -24.61
C6 ADP I . 32.24 30.14 -23.20
N6 ADP I . 31.62 29.15 -22.55
N1 ADP I . 32.94 31.07 -22.49
C2 ADP I . 33.55 32.09 -23.16
N3 ADP I . 33.58 32.35 -24.44
C4 ADP I . 32.93 31.38 -25.15
MG MG J . -57.80 -0.16 41.47
AL ALF K . -57.14 0.94 44.65
F1 ALF K . -55.78 2.07 44.98
F2 ALF K . -58.54 -0.14 44.34
F3 ALF K . -57.68 1.19 46.31
F4 ALF K . -56.60 0.74 42.93
PB ADP L . -58.04 2.89 42.37
O1B ADP L . -56.91 3.86 42.58
O2B ADP L . -57.63 1.88 41.35
O3B ADP L . -58.44 2.20 43.64
PA ADP L . -60.58 3.48 40.99
O1A ADP L . -60.19 3.33 39.54
O2A ADP L . -61.25 2.23 41.48
O3A ADP L . -59.28 3.78 41.88
O5' ADP L . -61.63 4.66 41.13
C5' ADP L . -62.75 4.29 41.95
C4' ADP L . -64.07 4.95 41.58
O4' ADP L . -63.88 6.30 41.06
C3' ADP L . -64.93 4.17 40.61
O3' ADP L . -65.70 3.18 41.31
C2' ADP L . -65.65 5.30 39.83
O2' ADP L . -66.98 5.61 40.30
C1' ADP L . -64.70 6.51 39.97
N9 ADP L . -63.88 6.77 38.79
C8 ADP L . -62.56 7.08 38.73
N7 ADP L . -62.22 7.76 37.62
C5 ADP L . -63.37 7.75 36.86
C6 ADP L . -63.65 8.25 35.55
N6 ADP L . -62.76 8.85 34.77
N1 ADP L . -64.93 8.08 35.10
C2 ADP L . -65.84 7.47 35.92
N3 ADP L . -65.69 7.00 37.13
C4 ADP L . -64.40 7.10 37.53
MG MG M . -9.90 -15.80 -14.89
AL ALF N . -8.18 -17.28 -12.31
F1 ALF N . -7.87 -19.05 -12.30
F2 ALF N . -8.41 -15.50 -12.35
F3 ALF N . -7.08 -17.12 -10.95
F4 ALF N . -9.27 -17.44 -13.76
PB ADP O . -7.09 -17.25 -15.26
O1B ADP O . -6.83 -18.73 -15.30
O2B ADP O . -8.47 -16.97 -15.76
O3B ADP O . -6.93 -16.70 -13.87
PA ADP O . -5.87 -15.24 -17.03
O1A ADP O . -6.73 -15.34 -18.25
O2A ADP O . -6.30 -14.08 -16.18
O3A ADP O . -5.96 -16.59 -16.16
O5' ADP O . -4.36 -14.96 -17.45
C5' ADP O . -3.77 -13.91 -16.70
C4' ADP O . -2.72 -13.08 -17.43
O4' ADP O . -1.97 -13.86 -18.40
C3' ADP O . -3.26 -11.85 -18.11
O3' ADP O . -3.37 -10.76 -17.18
C2' ADP O . -2.30 -11.72 -19.33
O2' ADP O . -1.22 -10.79 -19.17
C1' ADP O . -1.81 -13.14 -19.57
N9 ADP O . -2.48 -13.85 -20.67
C8 ADP O . -2.93 -15.14 -20.68
N7 ADP O . -3.02 -15.66 -21.93
C5 ADP O . -2.71 -14.58 -22.75
C6 ADP O . -2.69 -14.46 -24.16
N6 ADP O . -2.98 -15.44 -25.03
N1 ADP O . -2.34 -13.24 -24.66
C2 ADP O . -2.03 -12.24 -23.78
N3 ADP O . -2.01 -12.26 -22.47
C4 ADP O . -2.44 -13.45 -21.99
MG MG P . 38.41 -29.29 -71.77
AL ALF Q . 37.56 -30.06 -68.53
F1 ALF Q . 35.99 -29.53 -67.83
F2 ALF Q . 39.11 -30.66 -69.23
F3 ALF Q . 37.81 -31.06 -67.10
F4 ALF Q . 37.28 -29.07 -70.03
PB ADP R . 35.94 -31.15 -70.99
O1B ADP R . 34.61 -30.71 -70.46
O2B ADP R . 36.53 -30.07 -71.84
O3B ADP R . 36.91 -31.49 -69.88
PA ADP R . 36.40 -33.22 -73.03
O1A ADP R . 36.15 -32.45 -74.31
O2A ADP R . 37.86 -33.33 -72.76
O3A ADP R . 35.68 -32.49 -71.81
O5' ADP R . 35.84 -34.70 -73.20
C5' ADP R . 36.78 -35.68 -72.75
C4' ADP R . 36.74 -37.01 -73.48
O4' ADP R . 35.40 -37.37 -73.93
C3' ADP R . 37.69 -37.12 -74.66
O3' ADP R . 39.01 -37.49 -74.19
C2' ADP R . 36.91 -38.07 -75.61
O2' ADP R . 37.31 -39.46 -75.55
C1' ADP R . 35.45 -37.87 -75.21
N9 ADP R . 34.69 -37.00 -76.11
C8 ADP R . 33.81 -36.01 -75.79
N7 ADP R . 32.91 -35.75 -76.76
C5 ADP R . 33.33 -36.54 -77.82
C6 ADP R . 32.85 -36.66 -79.15
N6 ADP R . 31.81 -35.99 -79.65
N1 ADP R . 33.51 -37.56 -79.94
C2 ADP R . 34.57 -38.25 -79.42
N3 ADP R . 35.08 -38.21 -78.22
C4 ADP R . 34.46 -37.26 -77.46
MG MG S . 6.40 -22.54 57.46
AL ALF T . 6.39 -20.85 54.35
F1 ALF T . 6.11 -19.11 54.34
F2 ALF T . 6.73 -22.57 54.38
F3 ALF T . 6.85 -20.79 52.66
F4 ALF T . 5.94 -20.91 56.10
PB ADP U . 8.85 -20.23 56.66
O1B ADP U . 8.56 -18.77 56.65
O2B ADP U . 7.97 -20.96 57.65
O3B ADP U . 8.75 -20.82 55.32
PA ADP U . 11.09 -21.73 57.57
O1A ADP U . 10.86 -21.80 59.03
O2A ADP U . 10.62 -22.96 56.91
O3A ADP U . 10.31 -20.47 57.02
O5' ADP U . 12.64 -21.55 57.30
C5' ADP U . 13.14 -22.36 56.25
C4' ADP U . 14.58 -22.81 56.40
O4' ADP U . 15.36 -21.75 57.00
C3' ADP U . 14.75 -24.02 57.22
O3' ADP U . 14.56 -25.21 56.42
C2' ADP U . 16.13 -23.78 57.89
O2' ADP U . 17.28 -24.37 57.22
C1' ADP U . 16.25 -22.26 57.93
N9 ADP U . 15.94 -21.69 59.26
C8 ADP U . 15.20 -20.59 59.56
N7 ADP U . 15.43 -20.07 60.77
C5 ADP U . 16.39 -20.92 61.29
C6 ADP U . 17.06 -20.92 62.54
N6 ADP U . 16.84 -20.02 63.49
N1 ADP U . 17.97 -21.93 62.74
C2 ADP U . 18.19 -22.84 61.77
N3 ADP U . 17.61 -22.93 60.57
C4 ADP U . 16.71 -21.93 60.38
MG MG V . -12.39 41.90 21.61
AL ALF W . -12.45 40.75 18.25
F1 ALF W . -10.97 40.13 17.55
F2 ALF W . -13.96 41.30 18.98
F3 ALF W . -13.33 40.15 16.90
F4 ALF W . -11.54 41.34 19.67
PB ADP X . -11.82 38.63 20.86
O1B ADP X . -10.56 38.19 20.19
O2B ADP X . -11.61 39.85 21.71
O3B ADP X . -12.88 38.86 19.87
PA ADP X . -13.45 37.49 22.88
O1A ADP X . -12.79 37.89 24.13
O2A ADP X . -14.57 38.43 22.60
O3A ADP X . -12.40 37.50 21.72
O5' ADP X . -14.01 36.01 23.07
C5' ADP X . -15.37 35.83 22.56
C4' ADP X . -16.19 34.82 23.30
O4' ADP X . -15.35 33.72 23.71
C3' ADP X . -16.86 35.35 24.52
O3' ADP X . -18.09 36.00 24.16
C2' ADP X . -16.88 34.12 25.47
O2' ADP X . -18.10 33.32 25.48
C1' ADP X . -15.68 33.28 24.99
N9 ADP X . -14.51 33.40 25.85
C8 ADP X . -13.21 33.58 25.49
N7 ADP X . -12.33 33.27 26.45
C5 ADP X . -13.14 32.90 27.50
C6 ADP X . -12.82 32.46 28.83
N6 ADP X . -11.56 32.32 29.30
N1 ADP X . -13.89 32.16 29.66
C2 ADP X . -15.16 32.29 29.19
N3 ADP X . -15.56 32.69 27.95
C4 ADP X . -14.48 32.99 27.16
#